data_7QOZ
#
_entry.id   7QOZ
#
_cell.length_a   80.481
_cell.length_b   84.802
_cell.length_c   113.459
_cell.angle_alpha   97.600
_cell.angle_beta   100.440
_cell.angle_gamma   110.080
#
_symmetry.space_group_name_H-M   'P 1'
#
loop_
_entity.id
_entity.type
_entity.pdbx_description
1 polymer 'Malate dehydrogenase'
2 non-polymer NICOTINAMIDE-ADENINE-DINUCLEOTIDE
3 non-polymer GLYCEROL
4 water water
#
_entity_poly.entity_id   1
_entity_poly.type   'polypeptide(L)'
_entity_poly.pdbx_seq_one_letter_code
;MAHHHHHHMVNVAVIGAAGGIGQSLSLLLLRELPFGSTLSLYDVVGAPGVAADLSHIDRAGITVKHAAGKLPPVPRDPAL
TELAEGVDVFVIVAGVPRKPGMTRDDLFNVNAGIVMDLVLTCASVSPNACFCIVTNPVNSTTPIAAQTLRKIGVYNKNKL
LGVSLLDGLRATRFINNARHPLVVPYVPVVGGHSDVTIVPLYSQIPGPLPDESTLKEIRKRVQVAGTEVVKAKAGRGSAT
LSMAEAGARFTMHVVKALMGLDTPMVYAYVDTDGEHECPFLAMPVVLGKNGIERRLPIGPITTVEKEMLEEAVGVVKKNI
AKGETFARSKL
;
_entity_poly.pdbx_strand_id   A,B,C,D,E,F,G,H
#
loop_
_chem_comp.id
_chem_comp.type
_chem_comp.name
_chem_comp.formula
GOL non-polymer GLYCEROL 'C3 H8 O3'
NAD non-polymer NICOTINAMIDE-ADENINE-DINUCLEOTIDE 'C21 H27 N7 O14 P2'
#
# COMPACT_ATOMS: atom_id res chain seq x y z
N MET A 9 -2.09 2.64 20.44
CA MET A 9 -0.64 2.68 20.68
C MET A 9 -0.19 4.02 21.28
N VAL A 10 -0.52 5.16 20.68
CA VAL A 10 -0.32 6.43 21.42
C VAL A 10 -1.62 7.24 21.38
N ASN A 11 -1.92 7.91 22.46
CA ASN A 11 -3.06 8.87 22.50
C ASN A 11 -2.45 10.24 22.83
N VAL A 12 -2.52 11.16 21.90
CA VAL A 12 -1.97 12.54 22.05
C VAL A 12 -3.12 13.51 22.27
N ALA A 13 -3.09 14.26 23.35
CA ALA A 13 -4.12 15.29 23.62
C ALA A 13 -3.59 16.70 23.36
N VAL A 14 -4.33 17.44 22.60
CA VAL A 14 -3.99 18.87 22.36
C VAL A 14 -4.95 19.66 23.22
N ILE A 15 -4.44 20.34 24.21
CA ILE A 15 -5.23 21.07 25.21
C ILE A 15 -5.21 22.54 24.82
N GLY A 16 -6.33 23.09 24.35
CA GLY A 16 -6.34 24.38 23.63
C GLY A 16 -6.40 24.21 22.12
N ALA A 17 -7.07 23.15 21.66
CA ALA A 17 -7.03 22.74 20.25
C ALA A 17 -7.75 23.69 19.31
N ALA A 18 -8.61 24.61 19.78
CA ALA A 18 -9.35 25.50 18.83
C ALA A 18 -8.62 26.82 18.67
N GLY A 19 -7.44 26.98 19.30
CA GLY A 19 -6.67 28.21 19.18
C GLY A 19 -5.91 28.36 17.87
N GLY A 20 -5.30 29.51 17.71
CA GLY A 20 -4.46 29.82 16.51
C GLY A 20 -3.37 28.77 16.36
N ILE A 21 -2.65 28.47 17.44
CA ILE A 21 -1.66 27.38 17.39
C ILE A 21 -2.39 26.02 17.37
N GLY A 22 -3.36 25.82 18.24
CA GLY A 22 -3.96 24.50 18.46
C GLY A 22 -4.45 23.94 17.13
N GLN A 23 -5.14 24.73 16.30
CA GLN A 23 -5.86 24.17 15.12
C GLN A 23 -4.83 23.71 14.10
N SER A 24 -3.79 24.50 13.83
CA SER A 24 -2.78 24.07 12.83
C SER A 24 -1.92 22.93 13.39
N LEU A 25 -1.57 22.96 14.68
CA LEU A 25 -0.80 21.89 15.34
C LEU A 25 -1.61 20.59 15.26
N SER A 26 -2.91 20.67 15.49
CA SER A 26 -3.78 19.44 15.45
C SER A 26 -3.79 18.86 14.03
N LEU A 27 -3.91 19.72 13.02
CA LEU A 27 -3.85 19.31 11.61
C LEU A 27 -2.52 18.61 11.34
N LEU A 28 -1.39 19.13 11.82
CA LEU A 28 -0.12 18.52 11.47
C LEU A 28 -0.06 17.14 12.13
N LEU A 29 -0.50 17.03 13.37
CA LEU A 29 -0.43 15.75 14.13
C LEU A 29 -1.37 14.76 13.43
N LEU A 30 -2.52 15.22 13.00
CA LEU A 30 -3.43 14.30 12.26
C LEU A 30 -2.73 13.72 11.04
N ARG A 31 -1.99 14.53 10.32
CA ARG A 31 -1.21 14.09 9.16
C ARG A 31 -0.04 13.18 9.52
N GLU A 32 0.63 13.39 10.62
CA GLU A 32 1.94 12.76 10.90
C GLU A 32 1.86 11.66 11.98
N LEU A 33 0.85 11.62 12.83
CA LEU A 33 0.84 10.55 13.90
C LEU A 33 0.90 9.16 13.27
N PRO A 34 1.56 8.18 13.92
CA PRO A 34 1.52 6.78 13.44
C PRO A 34 0.09 6.22 13.37
N PHE A 35 -0.12 5.46 12.30
CA PHE A 35 -1.32 4.59 12.16
C PHE A 35 -1.53 3.85 13.49
N GLY A 36 -2.76 3.85 13.99
CA GLY A 36 -3.15 3.22 15.25
C GLY A 36 -3.27 4.21 16.39
N SER A 37 -2.88 5.47 16.21
CA SER A 37 -2.89 6.51 17.28
C SER A 37 -4.30 7.09 17.44
N THR A 38 -4.49 7.80 18.54
CA THR A 38 -5.65 8.63 18.82
C THR A 38 -5.17 10.08 18.98
N LEU A 39 -5.98 11.01 18.49
CA LEU A 39 -5.76 12.44 18.64
C LEU A 39 -6.94 12.97 19.43
N SER A 40 -6.68 13.43 20.63
CA SER A 40 -7.73 13.91 21.56
C SER A 40 -7.75 15.43 21.57
N LEU A 41 -8.89 16.04 21.32
CA LEU A 41 -8.92 17.53 21.22
C LEU A 41 -9.77 18.12 22.35
N TYR A 42 -9.23 19.07 23.08
CA TYR A 42 -9.98 19.77 24.15
C TYR A 42 -9.84 21.29 24.02
N ASP A 43 -10.95 21.98 24.16
CA ASP A 43 -10.98 23.46 24.30
C ASP A 43 -12.23 23.84 25.10
N VAL A 44 -12.19 25.03 25.66
CA VAL A 44 -13.43 25.62 26.25
C VAL A 44 -14.28 26.26 25.16
N VAL A 45 -13.74 26.52 24.00
CA VAL A 45 -14.61 26.98 22.90
C VAL A 45 -14.18 26.28 21.59
N GLY A 46 -15.13 25.88 20.76
CA GLY A 46 -14.89 25.50 19.35
C GLY A 46 -14.35 24.10 19.19
N ALA A 47 -14.21 23.31 20.27
CA ALA A 47 -13.64 21.95 20.23
C ALA A 47 -14.45 21.05 19.29
N PRO A 48 -15.79 21.03 19.40
CA PRO A 48 -16.58 20.18 18.50
C PRO A 48 -16.38 20.49 17.01
N GLY A 49 -16.30 21.77 16.67
CA GLY A 49 -16.13 22.20 15.31
C GLY A 49 -14.81 21.72 14.75
N VAL A 50 -13.77 21.90 15.53
CA VAL A 50 -12.44 21.50 15.08
C VAL A 50 -12.41 20.01 14.84
N ALA A 51 -12.94 19.25 15.80
CA ALA A 51 -12.89 17.79 15.73
C ALA A 51 -13.69 17.34 14.51
N ALA A 52 -14.84 17.95 14.27
CA ALA A 52 -15.69 17.61 13.12
C ALA A 52 -14.91 17.86 11.82
N ASP A 53 -14.31 19.04 11.70
CA ASP A 53 -13.46 19.42 10.56
C ASP A 53 -12.34 18.37 10.38
N LEU A 54 -11.50 18.14 11.41
CA LEU A 54 -10.39 17.18 11.27
C LEU A 54 -10.86 15.73 11.01
N SER A 55 -11.98 15.30 11.60
CA SER A 55 -12.49 13.93 11.44
C SER A 55 -12.80 13.63 9.96
N HIS A 56 -12.93 14.61 9.06
CA HIS A 56 -13.32 14.38 7.63
C HIS A 56 -12.10 14.04 6.78
N ILE A 57 -10.91 14.24 7.34
CA ILE A 57 -9.67 13.92 6.62
C ILE A 57 -9.52 12.40 6.51
N ASP A 58 -9.12 11.93 5.33
CA ASP A 58 -9.03 10.50 4.97
C ASP A 58 -7.76 9.83 5.56
N ARG A 59 -7.42 10.13 6.81
CA ARG A 59 -6.27 9.45 7.43
C ARG A 59 -6.76 8.14 8.06
N ALA A 60 -6.49 7.03 7.39
CA ALA A 60 -6.88 5.73 7.98
C ALA A 60 -6.08 5.47 9.26
N GLY A 61 -6.73 4.81 10.19
CA GLY A 61 -6.13 4.32 11.43
C GLY A 61 -5.86 5.42 12.45
N ILE A 62 -6.40 6.63 12.27
CA ILE A 62 -6.33 7.72 13.28
C ILE A 62 -7.73 7.96 13.80
N THR A 63 -7.92 7.82 15.12
CA THR A 63 -9.19 8.11 15.81
C THR A 63 -9.12 9.54 16.34
N VAL A 64 -10.12 10.34 16.04
CA VAL A 64 -10.22 11.73 16.50
C VAL A 64 -11.26 11.79 17.61
N LYS A 65 -10.85 12.18 18.76
CA LYS A 65 -11.78 12.33 19.93
C LYS A 65 -11.77 13.77 20.37
N HIS A 66 -12.86 14.21 20.98
CA HIS A 66 -12.85 15.56 21.55
C HIS A 66 -13.68 15.62 22.82
N ALA A 67 -13.52 16.73 23.52
CA ALA A 67 -14.37 17.14 24.65
C ALA A 67 -14.42 18.65 24.65
N ALA A 68 -15.57 19.22 24.99
CA ALA A 68 -15.81 20.67 25.12
C ALA A 68 -15.85 20.98 26.61
N GLY A 69 -15.02 21.90 27.11
CA GLY A 69 -15.13 22.35 28.50
C GLY A 69 -16.29 23.30 28.67
N LYS A 70 -16.59 23.69 29.90
CA LYS A 70 -17.66 24.68 30.19
C LYS A 70 -17.12 26.08 30.00
N LEU A 71 -18.02 26.99 29.65
CA LEU A 71 -17.82 28.46 29.61
C LEU A 71 -18.84 29.02 30.58
N PRO A 72 -18.46 29.87 31.54
CA PRO A 72 -17.06 30.23 31.77
C PRO A 72 -16.21 29.04 32.23
N PRO A 73 -14.87 29.11 32.07
CA PRO A 73 -13.99 27.99 32.42
C PRO A 73 -14.13 27.64 33.89
N VAL A 74 -14.30 26.36 34.20
CA VAL A 74 -14.46 25.89 35.59
C VAL A 74 -13.21 25.11 35.95
N PRO A 75 -12.78 25.18 37.23
CA PRO A 75 -11.66 24.36 37.68
C PRO A 75 -11.98 22.87 37.47
N ARG A 76 -10.98 22.09 37.10
CA ARG A 76 -11.01 20.62 37.13
C ARG A 76 -12.19 20.12 36.29
N ASP A 77 -12.30 20.62 35.06
CA ASP A 77 -13.48 20.38 34.19
C ASP A 77 -13.66 18.88 34.03
N PRO A 78 -14.84 18.31 34.38
CA PRO A 78 -15.06 16.87 34.22
C PRO A 78 -14.97 16.37 32.76
N ALA A 79 -15.23 17.22 31.77
CA ALA A 79 -15.10 16.81 30.32
C ALA A 79 -13.61 16.58 30.02
N LEU A 80 -12.75 17.42 30.60
CA LEU A 80 -11.31 17.17 30.51
C LEU A 80 -10.89 15.92 31.27
N THR A 81 -11.35 15.75 32.52
CA THR A 81 -11.00 14.56 33.32
C THR A 81 -11.28 13.31 32.50
N GLU A 82 -12.40 13.27 31.81
CA GLU A 82 -12.79 12.09 31.03
C GLU A 82 -11.86 11.93 29.81
N LEU A 83 -11.60 13.00 29.06
CA LEU A 83 -10.73 12.92 27.84
C LEU A 83 -9.31 12.50 28.20
N ALA A 84 -8.85 12.89 29.39
CA ALA A 84 -7.46 12.72 29.87
C ALA A 84 -7.19 11.24 30.15
N GLU A 85 -8.21 10.40 30.35
CA GLU A 85 -7.97 8.93 30.58
C GLU A 85 -7.26 8.28 29.38
N GLY A 86 -6.16 7.59 29.61
CA GLY A 86 -5.40 6.82 28.61
C GLY A 86 -4.52 7.73 27.70
N VAL A 87 -4.31 8.98 28.07
CA VAL A 87 -3.46 9.91 27.27
C VAL A 87 -1.98 9.71 27.62
N ASP A 88 -1.12 9.67 26.61
CA ASP A 88 0.34 9.43 26.72
C ASP A 88 1.08 10.76 26.71
N VAL A 89 0.56 11.72 25.97
CA VAL A 89 1.23 13.01 25.69
C VAL A 89 0.17 14.11 25.76
N PHE A 90 0.37 15.10 26.64
CA PHE A 90 -0.48 16.29 26.69
C PHE A 90 0.34 17.43 26.10
N VAL A 91 -0.25 18.03 25.05
CA VAL A 91 0.33 19.28 24.48
C VAL A 91 -0.46 20.47 24.99
N ILE A 92 0.11 21.27 25.89
CA ILE A 92 -0.64 22.39 26.54
C ILE A 92 -0.37 23.67 25.72
N VAL A 93 -1.33 24.04 24.91
CA VAL A 93 -1.23 25.20 23.98
C VAL A 93 -2.38 26.15 24.31
N ALA A 94 -3.02 25.99 25.43
CA ALA A 94 -4.12 26.85 25.87
C ALA A 94 -3.48 28.10 26.44
N GLY A 95 -4.15 29.23 26.37
CA GLY A 95 -3.58 30.41 27.01
C GLY A 95 -4.24 31.63 26.45
N VAL A 96 -3.76 32.76 26.87
CA VAL A 96 -4.28 34.07 26.40
C VAL A 96 -3.06 34.80 25.88
N PRO A 97 -2.89 34.92 24.56
CA PRO A 97 -1.66 35.55 24.08
C PRO A 97 -1.61 37.07 24.30
N ARG A 98 -2.76 37.70 24.36
CA ARG A 98 -2.86 39.16 24.49
C ARG A 98 -4.29 39.54 24.84
N LYS A 99 -4.47 40.67 25.51
CA LYS A 99 -5.83 41.17 25.73
C LYS A 99 -5.69 42.65 25.94
N PRO A 100 -6.35 43.52 25.17
CA PRO A 100 -6.25 44.97 25.36
C PRO A 100 -6.54 45.31 26.84
N GLY A 101 -5.73 46.15 27.48
CA GLY A 101 -5.91 46.55 28.89
C GLY A 101 -5.10 45.67 29.83
N MET A 102 -4.55 44.53 29.36
CA MET A 102 -3.70 43.63 30.18
C MET A 102 -2.22 43.81 29.85
N THR A 103 -1.39 43.98 30.88
CA THR A 103 0.09 44.03 30.78
C THR A 103 0.67 42.63 30.67
N ARG A 104 1.99 42.56 30.51
CA ARG A 104 2.78 41.30 30.57
C ARG A 104 2.54 40.63 31.95
N ASP A 105 2.49 41.38 33.03
CA ASP A 105 2.29 40.81 34.40
C ASP A 105 0.88 40.20 34.52
N ASP A 106 -0.18 40.90 34.08
CA ASP A 106 -1.56 40.40 34.10
C ASP A 106 -1.63 39.07 33.31
N LEU A 107 -1.00 39.03 32.15
CA LEU A 107 -1.04 37.82 31.27
C LEU A 107 -0.28 36.67 31.87
N PHE A 108 0.82 36.94 32.59
CA PHE A 108 1.56 35.93 33.36
C PHE A 108 0.59 35.23 34.32
N ASN A 109 -0.21 35.99 35.09
CA ASN A 109 -1.11 35.43 36.12
C ASN A 109 -2.20 34.58 35.48
N VAL A 110 -2.74 35.10 34.40
CA VAL A 110 -3.80 34.40 33.61
C VAL A 110 -3.25 33.07 33.05
N ASN A 111 -2.15 33.11 32.34
CA ASN A 111 -1.55 31.89 31.72
C ASN A 111 -1.03 30.91 32.80
N ALA A 112 -0.43 31.39 33.89
CA ALA A 112 -0.04 30.56 35.04
C ALA A 112 -1.24 29.80 35.59
N GLY A 113 -2.36 30.48 35.75
CA GLY A 113 -3.59 29.91 36.28
C GLY A 113 -4.07 28.83 35.37
N ILE A 114 -4.07 29.11 34.07
CA ILE A 114 -4.55 28.13 33.06
C ILE A 114 -3.69 26.88 33.14
N VAL A 115 -2.36 27.05 33.14
CA VAL A 115 -1.43 25.91 33.09
C VAL A 115 -1.66 25.09 34.40
N MET A 116 -1.74 25.74 35.57
CA MET A 116 -1.92 24.98 36.82
C MET A 116 -3.20 24.16 36.79
N ASP A 117 -4.28 24.78 36.37
CA ASP A 117 -5.57 24.06 36.37
C ASP A 117 -5.49 22.88 35.40
N LEU A 118 -4.95 23.10 34.21
CA LEU A 118 -4.99 22.04 33.16
C LEU A 118 -4.03 20.91 33.57
N VAL A 119 -2.86 21.24 34.10
CA VAL A 119 -1.90 20.17 34.47
C VAL A 119 -2.44 19.35 35.65
N LEU A 120 -3.09 19.98 36.61
CA LEU A 120 -3.71 19.25 37.72
C LEU A 120 -4.82 18.33 37.22
N THR A 121 -5.68 18.83 36.33
CA THR A 121 -6.81 18.03 35.82
C THR A 121 -6.26 16.78 35.12
N CYS A 122 -5.29 16.97 34.24
CA CYS A 122 -4.77 15.93 33.34
C CYS A 122 -3.94 14.91 34.14
N ALA A 123 -2.99 15.37 34.95
CA ALA A 123 -2.05 14.55 35.70
C ALA A 123 -2.79 13.78 36.82
N SER A 124 -3.93 14.26 37.30
CA SER A 124 -4.74 13.52 38.32
C SER A 124 -5.32 12.25 37.71
N VAL A 125 -5.54 12.22 36.38
CA VAL A 125 -6.05 11.05 35.65
C VAL A 125 -4.87 10.28 35.03
N SER A 126 -3.93 10.98 34.39
CA SER A 126 -2.83 10.32 33.64
C SER A 126 -1.47 10.79 34.14
N PRO A 127 -1.05 10.33 35.36
CA PRO A 127 0.17 10.79 36.00
C PRO A 127 1.44 10.37 35.26
N ASN A 128 1.37 9.34 34.42
CA ASN A 128 2.59 8.90 33.74
C ASN A 128 2.70 9.50 32.35
N ALA A 129 1.81 10.39 31.93
CA ALA A 129 1.89 11.06 30.61
C ALA A 129 3.10 11.97 30.56
N CYS A 130 3.55 12.28 29.33
CA CYS A 130 4.49 13.39 29.07
C CYS A 130 3.67 14.69 28.95
N PHE A 131 4.19 15.78 29.50
CA PHE A 131 3.56 17.12 29.40
C PHE A 131 4.49 18.03 28.60
N CYS A 132 4.05 18.45 27.43
CA CYS A 132 4.76 19.44 26.59
C CYS A 132 4.12 20.79 26.82
N ILE A 133 4.84 21.70 27.43
CA ILE A 133 4.26 23.02 27.74
C ILE A 133 4.61 24.01 26.62
N VAL A 134 3.62 24.50 25.93
CA VAL A 134 3.79 25.56 24.87
C VAL A 134 3.42 26.94 25.44
N THR A 135 2.42 26.97 26.31
CA THR A 135 1.85 28.21 26.92
C THR A 135 2.99 29.08 27.41
N ASN A 136 3.07 30.33 26.94
CA ASN A 136 4.07 31.30 27.47
C ASN A 136 3.62 31.94 28.76
N PRO A 137 4.58 32.52 29.54
CA PRO A 137 6.00 32.41 29.26
C PRO A 137 6.64 31.09 29.75
N VAL A 138 7.24 30.34 28.83
CA VAL A 138 7.73 28.95 29.04
C VAL A 138 8.73 28.91 30.21
N ASN A 139 9.49 29.97 30.39
CA ASN A 139 10.52 29.96 31.46
C ASN A 139 9.85 29.81 32.87
N SER A 140 8.59 30.26 33.02
CA SER A 140 7.80 30.25 34.27
C SER A 140 6.73 29.18 34.24
N THR A 141 6.10 28.95 33.11
CA THR A 141 4.98 27.97 33.07
C THR A 141 5.52 26.56 33.25
N THR A 142 6.75 26.26 32.80
CA THR A 142 7.32 24.90 32.97
C THR A 142 7.51 24.60 34.46
N PRO A 143 8.21 25.45 35.24
CA PRO A 143 8.29 25.25 36.69
C PRO A 143 6.95 25.29 37.42
N ILE A 144 5.97 26.09 36.96
CA ILE A 144 4.61 26.09 37.55
C ILE A 144 4.01 24.68 37.34
N ALA A 145 4.19 24.09 36.16
CA ALA A 145 3.73 22.72 35.85
C ALA A 145 4.42 21.77 36.83
N ALA A 146 5.73 21.95 37.07
CA ALA A 146 6.50 21.03 37.94
C ALA A 146 5.93 21.14 39.38
N GLN A 147 5.60 22.32 39.80
CA GLN A 147 5.13 22.56 41.21
C GLN A 147 3.76 21.94 41.38
N THR A 148 2.96 22.01 40.33
CA THR A 148 1.61 21.39 40.28
C THR A 148 1.73 19.89 40.42
N LEU A 149 2.60 19.25 39.61
CA LEU A 149 2.79 17.80 39.61
C LEU A 149 3.29 17.39 41.02
N ARG A 150 4.18 18.18 41.62
CA ARG A 150 4.70 17.86 42.97
C ARG A 150 3.58 17.93 44.00
N LYS A 151 2.66 18.86 43.84
CA LYS A 151 1.55 19.06 44.80
C LYS A 151 0.69 17.79 44.81
N ILE A 152 0.49 17.12 43.68
CA ILE A 152 -0.30 15.85 43.69
C ILE A 152 0.62 14.64 43.82
N GLY A 153 1.91 14.82 44.02
CA GLY A 153 2.82 13.71 44.32
C GLY A 153 3.21 12.87 43.12
N VAL A 154 3.15 13.42 41.89
CA VAL A 154 3.42 12.59 40.68
C VAL A 154 4.46 13.27 39.81
N TYR A 155 5.30 14.16 40.34
CA TYR A 155 6.25 14.83 39.43
C TYR A 155 7.34 13.84 38.94
N ASN A 156 7.38 13.61 37.62
CA ASN A 156 8.52 12.91 36.98
C ASN A 156 9.30 13.96 36.17
N LYS A 157 10.47 14.34 36.68
CA LYS A 157 11.41 15.28 36.04
C LYS A 157 11.75 14.87 34.59
N ASN A 158 11.45 13.63 34.17
CA ASN A 158 11.86 13.19 32.79
C ASN A 158 10.69 13.29 31.83
N LYS A 159 9.52 13.70 32.30
CA LYS A 159 8.27 13.70 31.53
C LYS A 159 7.71 15.09 31.37
N LEU A 160 8.42 16.12 31.81
CA LEU A 160 7.95 17.50 31.68
C LEU A 160 8.87 18.24 30.71
N LEU A 161 8.33 18.74 29.61
CA LEU A 161 9.16 19.41 28.56
C LEU A 161 8.58 20.79 28.22
N GLY A 162 9.38 21.84 28.44
CA GLY A 162 9.04 23.18 27.97
C GLY A 162 9.46 23.29 26.49
N VAL A 163 8.53 23.69 25.65
CA VAL A 163 8.77 23.58 24.18
C VAL A 163 9.40 24.88 23.69
N SER A 164 10.69 24.83 23.45
CA SER A 164 11.54 25.96 23.06
C SER A 164 12.03 25.85 21.62
N LEU A 165 11.66 24.79 20.91
CA LEU A 165 12.12 24.50 19.52
C LEU A 165 11.90 25.67 18.55
N LEU A 166 10.90 26.55 18.71
CA LEU A 166 10.71 27.66 17.75
C LEU A 166 11.97 28.55 17.70
N ASP A 167 12.73 28.63 18.79
CA ASP A 167 14.00 29.39 18.75
C ASP A 167 14.98 28.72 17.81
N GLY A 168 15.10 27.41 17.89
CA GLY A 168 15.97 26.63 17.02
C GLY A 168 15.52 26.75 15.59
N LEU A 169 14.22 26.64 15.27
CA LEU A 169 13.80 26.83 13.87
C LEU A 169 14.27 28.19 13.32
N ARG A 170 14.06 29.25 14.07
CA ARG A 170 14.46 30.63 13.73
C ARG A 170 15.97 30.72 13.57
N ALA A 171 16.74 30.20 14.51
CA ALA A 171 18.22 30.25 14.45
C ALA A 171 18.76 29.52 13.19
N THR A 172 18.16 28.38 12.85
CA THR A 172 18.51 27.58 11.66
C THR A 172 18.12 28.38 10.41
N ARG A 173 16.87 28.80 10.26
CA ARG A 173 16.48 29.63 9.13
C ARG A 173 17.40 30.83 8.94
N PHE A 174 17.74 31.55 10.00
CA PHE A 174 18.47 32.82 9.76
C PHE A 174 19.93 32.51 9.34
N ILE A 175 20.50 31.43 9.83
CA ILE A 175 21.94 31.11 9.53
C ILE A 175 21.98 30.47 8.15
N ASN A 176 20.95 29.69 7.79
CA ASN A 176 20.92 29.11 6.43
C ASN A 176 20.72 30.27 5.41
N ASN A 177 19.90 31.28 5.71
CA ASN A 177 19.70 32.46 4.81
C ASN A 177 21.02 33.18 4.61
N ALA A 178 21.81 33.22 5.67
CA ALA A 178 23.12 33.93 5.62
C ALA A 178 24.15 33.11 4.87
N ARG A 179 24.16 31.78 4.99
CA ARG A 179 25.28 30.94 4.48
C ARG A 179 24.97 30.21 3.16
N HIS A 180 23.78 30.32 2.60
CA HIS A 180 23.39 29.55 1.40
C HIS A 180 24.52 29.61 0.36
N PRO A 181 24.90 28.51 -0.32
CA PRO A 181 24.10 27.24 -0.31
C PRO A 181 24.48 26.21 0.77
N LEU A 182 25.30 26.59 1.73
CA LEU A 182 25.67 25.71 2.86
C LEU A 182 24.50 25.67 3.82
N VAL A 183 23.99 24.48 4.10
CA VAL A 183 22.73 24.32 4.87
C VAL A 183 23.02 23.47 6.09
N VAL A 184 22.47 23.82 7.25
CA VAL A 184 22.44 22.88 8.38
C VAL A 184 21.01 22.55 8.76
N PRO A 185 20.77 21.38 9.42
CA PRO A 185 19.40 21.00 9.77
C PRO A 185 18.97 21.57 11.12
N TYR A 186 19.85 22.08 12.00
CA TYR A 186 19.43 22.54 13.33
C TYR A 186 20.58 23.39 13.85
N VAL A 187 20.28 24.17 14.85
CA VAL A 187 21.28 24.98 15.58
C VAL A 187 20.96 24.83 17.07
N PRO A 188 21.94 24.51 17.92
CA PRO A 188 21.74 24.48 19.39
C PRO A 188 21.32 25.85 19.92
N VAL A 189 20.25 25.88 20.68
CA VAL A 189 19.75 27.10 21.34
C VAL A 189 19.56 26.74 22.80
N VAL A 190 20.23 27.46 23.71
CA VAL A 190 20.20 27.08 25.14
C VAL A 190 19.87 28.31 25.97
N GLY A 191 19.71 28.10 27.27
CA GLY A 191 19.32 29.16 28.20
C GLY A 191 17.85 29.11 28.42
N GLY A 192 17.16 30.13 28.02
CA GLY A 192 15.70 30.15 28.21
C GLY A 192 15.01 30.43 26.90
N HIS A 193 13.76 30.82 26.99
CA HIS A 193 12.88 30.87 25.82
C HIS A 193 12.33 32.26 25.61
N SER A 194 12.89 33.34 26.16
CA SER A 194 12.35 34.66 25.80
C SER A 194 13.53 35.62 25.60
N ASP A 195 13.36 36.71 24.87
CA ASP A 195 14.31 37.84 24.71
C ASP A 195 15.75 37.50 25.11
N VAL A 196 16.20 38.12 26.22
CA VAL A 196 17.61 38.07 26.70
C VAL A 196 18.01 36.63 27.09
N THR A 197 17.08 35.71 27.39
CA THR A 197 17.45 34.33 27.84
C THR A 197 17.76 33.38 26.66
N ILE A 198 17.37 33.73 25.42
CA ILE A 198 17.67 32.90 24.21
C ILE A 198 19.16 33.03 23.85
N VAL A 199 19.88 31.92 23.84
CA VAL A 199 21.30 31.90 23.46
C VAL A 199 21.52 30.88 22.37
N PRO A 200 21.51 31.31 21.10
CA PRO A 200 21.89 30.41 20.00
C PRO A 200 23.40 30.14 20.05
N LEU A 201 23.83 28.93 19.80
CA LEU A 201 25.24 28.53 19.84
C LEU A 201 25.70 28.22 18.41
N TYR A 202 25.88 29.25 17.59
CA TYR A 202 26.36 29.10 16.19
C TYR A 202 27.76 28.51 16.12
N SER A 203 28.58 28.69 17.16
CA SER A 203 29.93 28.06 17.18
C SER A 203 29.89 26.51 17.09
N GLN A 204 28.75 25.88 17.31
CA GLN A 204 28.59 24.42 17.49
C GLN A 204 27.99 23.83 16.19
N ILE A 205 27.82 24.60 15.15
CA ILE A 205 27.34 24.04 13.88
C ILE A 205 28.52 23.90 12.94
N PRO A 206 28.44 22.99 11.98
CA PRO A 206 29.49 22.84 10.98
C PRO A 206 29.71 24.03 10.01
N GLY A 207 30.95 24.15 9.53
CA GLY A 207 31.28 25.03 8.39
C GLY A 207 31.68 26.42 8.85
N PRO A 208 32.26 27.28 7.99
CA PRO A 208 32.65 28.64 8.39
C PRO A 208 31.44 29.56 8.64
N LEU A 209 31.53 30.33 9.69
CA LEU A 209 30.49 31.30 10.10
C LEU A 209 30.72 32.66 9.45
N PRO A 210 29.72 33.56 9.47
CA PRO A 210 29.96 34.93 9.03
C PRO A 210 30.78 35.66 10.11
N ASP A 211 31.12 36.91 9.85
CA ASP A 211 31.89 37.74 10.81
C ASP A 211 31.12 37.90 12.12
N GLU A 212 31.83 38.18 13.20
CA GLU A 212 31.16 38.23 14.51
C GLU A 212 30.23 39.44 14.52
N SER A 213 30.53 40.45 13.72
CA SER A 213 29.60 41.59 13.70
C SER A 213 28.29 41.13 13.04
N THR A 214 28.35 40.30 12.02
CA THR A 214 27.12 39.74 11.43
C THR A 214 26.44 38.75 12.40
N LEU A 215 27.19 37.86 13.05
CA LEU A 215 26.62 36.89 13.99
C LEU A 215 25.88 37.66 15.09
N LYS A 216 26.43 38.78 15.61
CA LYS A 216 25.77 39.52 16.69
C LYS A 216 24.37 39.93 16.27
N GLU A 217 24.23 40.33 15.01
CA GLU A 217 22.96 40.77 14.43
C GLU A 217 22.02 39.56 14.33
N ILE A 218 22.52 38.44 13.84
CA ILE A 218 21.68 37.21 13.69
C ILE A 218 21.19 36.74 15.08
N ARG A 219 22.07 36.60 16.05
CA ARG A 219 21.71 36.17 17.41
C ARG A 219 20.63 37.13 17.98
N LYS A 220 20.80 38.44 17.78
CA LYS A 220 19.84 39.43 18.27
C LYS A 220 18.51 39.16 17.59
N ARG A 221 18.52 38.90 16.29
CA ARG A 221 17.28 38.69 15.54
C ARG A 221 16.53 37.46 16.10
N VAL A 222 17.22 36.40 16.44
CA VAL A 222 16.57 35.22 17.11
C VAL A 222 15.92 35.72 18.37
N GLN A 223 16.64 36.47 19.21
CA GLN A 223 16.08 36.93 20.48
C GLN A 223 14.77 37.70 20.28
N VAL A 224 14.67 38.60 19.32
CA VAL A 224 13.47 39.49 19.23
C VAL A 224 12.58 39.04 18.08
N ALA A 225 12.79 37.85 17.54
CA ALA A 225 12.01 37.36 16.38
C ALA A 225 10.51 37.32 16.68
N GLY A 226 10.10 36.93 17.89
CA GLY A 226 8.66 36.98 18.20
C GLY A 226 8.03 38.37 17.96
N THR A 227 8.76 39.43 18.32
CA THR A 227 8.33 40.85 18.20
C THR A 227 8.24 41.21 16.73
N GLU A 228 9.10 40.64 15.87
CA GLU A 228 9.02 40.90 14.44
C GLU A 228 7.64 40.45 13.93
N VAL A 229 7.13 39.29 14.40
CA VAL A 229 5.80 38.80 13.91
C VAL A 229 4.66 39.66 14.52
N VAL A 230 4.75 39.99 15.79
CA VAL A 230 3.75 40.87 16.45
C VAL A 230 3.63 42.18 15.64
N LYS A 231 4.76 42.82 15.34
CA LYS A 231 4.82 44.08 14.54
C LYS A 231 4.19 43.86 13.15
N ALA A 232 4.53 42.79 12.43
CA ALA A 232 3.94 42.52 11.11
C ALA A 232 2.44 42.32 11.24
N LYS A 233 1.93 41.85 12.39
CA LYS A 233 0.47 41.63 12.62
C LYS A 233 -0.15 42.85 13.33
N ALA A 234 0.51 44.00 13.29
CA ALA A 234 0.02 45.32 13.77
C ALA A 234 -0.27 45.28 15.26
N GLY A 235 0.48 44.52 16.07
CA GLY A 235 0.26 44.43 17.52
C GLY A 235 -0.95 43.62 17.92
N ARG A 236 -1.61 42.94 16.98
CA ARG A 236 -2.88 42.27 17.24
C ARG A 236 -2.75 40.76 17.01
N GLY A 237 -1.56 40.26 16.76
CA GLY A 237 -1.38 38.82 16.62
C GLY A 237 0.03 38.45 16.99
N SER A 238 0.36 37.17 16.91
CA SER A 238 1.70 36.69 17.27
C SER A 238 1.96 35.44 16.41
N ALA A 239 3.08 34.77 16.60
CA ALA A 239 3.41 33.57 15.77
C ALA A 239 2.48 32.43 16.09
N THR A 240 1.85 31.88 15.05
CA THR A 240 0.88 30.77 15.20
C THR A 240 1.31 29.66 14.26
N LEU A 241 1.61 29.98 13.02
CA LEU A 241 1.89 28.91 12.05
C LEU A 241 3.27 28.30 12.31
N SER A 242 4.28 29.10 12.62
CA SER A 242 5.65 28.63 12.95
C SER A 242 5.68 27.88 14.31
N MET A 243 4.84 28.22 15.27
CA MET A 243 4.72 27.47 16.53
C MET A 243 3.97 26.16 16.27
N ALA A 244 2.99 26.11 15.39
CA ALA A 244 2.35 24.84 15.06
C ALA A 244 3.40 23.90 14.48
N GLU A 245 4.25 24.41 13.59
CA GLU A 245 5.32 23.59 12.97
C GLU A 245 6.27 23.09 14.06
N ALA A 246 6.81 24.01 14.88
CA ALA A 246 7.71 23.61 15.98
C ALA A 246 7.00 22.64 16.93
N GLY A 247 5.77 22.97 17.33
CA GLY A 247 5.02 22.12 18.28
C GLY A 247 4.81 20.73 17.74
N ALA A 248 4.41 20.63 16.47
CA ALA A 248 4.10 19.31 15.88
C ALA A 248 5.40 18.49 15.79
N ARG A 249 6.45 19.13 15.30
CA ARG A 249 7.72 18.42 15.22
C ARG A 249 8.14 17.91 16.61
N PHE A 250 8.14 18.75 17.62
CA PHE A 250 8.60 18.34 18.94
C PHE A 250 7.68 17.24 19.48
N THR A 251 6.36 17.34 19.30
CA THR A 251 5.41 16.32 19.77
C THR A 251 5.78 15.03 19.07
N MET A 252 6.08 15.06 17.79
CA MET A 252 6.38 13.78 17.06
C MET A 252 7.70 13.15 17.52
N HIS A 253 8.71 13.91 17.89
CA HIS A 253 9.89 13.37 18.60
C HIS A 253 9.47 12.70 19.91
N VAL A 254 8.56 13.29 20.68
CA VAL A 254 8.17 12.67 21.96
C VAL A 254 7.39 11.40 21.70
N VAL A 255 6.46 11.42 20.75
CA VAL A 255 5.70 10.22 20.34
C VAL A 255 6.63 9.10 19.85
N LYS A 256 7.56 9.39 18.96
CA LYS A 256 8.42 8.30 18.45
C LYS A 256 9.32 7.79 19.56
N ALA A 257 9.80 8.65 20.44
CA ALA A 257 10.63 8.21 21.57
C ALA A 257 9.79 7.27 22.45
N LEU A 258 8.55 7.62 22.77
CA LEU A 258 7.70 6.77 23.64
C LEU A 258 7.46 5.42 22.96
N MET A 259 7.24 5.42 21.67
CA MET A 259 6.94 4.20 20.88
C MET A 259 8.20 3.35 20.59
N GLY A 260 9.39 3.80 20.96
CA GLY A 260 10.63 3.09 20.63
C GLY A 260 10.98 3.18 19.16
N LEU A 261 10.43 4.15 18.42
CA LEU A 261 10.68 4.32 16.98
C LEU A 261 11.73 5.40 16.70
N ASP A 262 12.32 6.02 17.71
CA ASP A 262 13.51 6.87 17.58
C ASP A 262 14.06 7.09 18.97
N THR A 263 15.30 7.53 19.05
CA THR A 263 15.83 8.11 20.32
C THR A 263 16.40 9.45 19.94
N PRO A 264 15.57 10.48 19.68
CA PRO A 264 16.08 11.75 19.11
C PRO A 264 16.74 12.65 20.14
N MET A 265 17.72 13.41 19.68
CA MET A 265 18.37 14.49 20.44
C MET A 265 17.62 15.78 20.14
N VAL A 266 17.06 16.43 21.16
CA VAL A 266 16.27 17.70 21.01
C VAL A 266 16.70 18.71 22.05
N TYR A 267 16.42 19.96 21.78
CA TYR A 267 16.63 21.07 22.73
C TYR A 267 15.25 21.35 23.31
N ALA A 268 15.14 21.37 24.63
CA ALA A 268 13.91 21.67 25.35
C ALA A 268 14.26 22.33 26.68
N TYR A 269 13.28 23.03 27.24
CA TYR A 269 13.42 23.71 28.53
C TYR A 269 12.99 22.73 29.59
N VAL A 270 13.95 22.14 30.25
CA VAL A 270 13.68 20.98 31.13
C VAL A 270 14.26 21.20 32.52
N ASP A 271 13.79 20.39 33.47
CA ASP A 271 14.44 20.22 34.80
C ASP A 271 15.87 19.72 34.60
N THR A 272 16.87 20.41 35.11
CA THR A 272 18.29 20.11 34.86
C THR A 272 18.77 18.94 35.74
N ASP A 273 17.95 18.57 36.72
CA ASP A 273 18.18 17.39 37.60
C ASP A 273 19.64 17.38 38.12
N GLY A 274 20.16 18.51 38.61
CA GLY A 274 21.50 18.61 39.23
C GLY A 274 22.66 18.76 38.23
N GLU A 275 22.42 18.77 36.92
CA GLU A 275 23.49 18.87 35.90
C GLU A 275 23.82 20.32 35.59
N HIS A 276 23.11 21.30 36.16
CA HIS A 276 23.39 22.75 35.99
C HIS A 276 22.96 23.45 37.28
N GLU A 277 23.58 24.59 37.62
CA GLU A 277 23.20 25.46 38.79
C GLU A 277 21.75 25.92 38.65
N CYS A 278 21.38 26.31 37.45
CA CYS A 278 20.01 26.77 37.12
C CYS A 278 19.07 25.57 37.10
N PRO A 279 17.95 25.54 37.86
CA PRO A 279 17.13 24.31 38.00
C PRO A 279 16.31 23.91 36.77
N PHE A 280 16.02 24.84 35.86
CA PHE A 280 15.39 24.55 34.54
C PHE A 280 16.18 25.33 33.50
N LEU A 281 16.44 24.69 32.37
CA LEU A 281 17.23 25.35 31.30
C LEU A 281 16.89 24.66 29.98
N ALA A 282 16.96 25.44 28.89
CA ALA A 282 16.90 24.95 27.51
C ALA A 282 18.27 24.33 27.26
N MET A 283 18.26 23.01 27.11
CA MET A 283 19.50 22.22 26.98
C MET A 283 19.25 21.00 26.11
N PRO A 284 20.31 20.34 25.64
CA PRO A 284 20.17 19.16 24.80
C PRO A 284 19.82 17.93 25.67
N VAL A 285 18.85 17.16 25.22
CA VAL A 285 18.48 15.88 25.87
C VAL A 285 18.26 14.85 24.76
N VAL A 286 18.38 13.60 25.15
CA VAL A 286 17.90 12.44 24.37
C VAL A 286 16.63 11.93 24.98
N LEU A 287 15.61 11.69 24.13
CA LEU A 287 14.33 11.14 24.54
C LEU A 287 14.29 9.63 24.29
N GLY A 288 13.60 8.93 25.16
CA GLY A 288 13.41 7.48 25.00
C GLY A 288 12.06 7.07 25.49
N LYS A 289 11.91 5.78 25.79
CA LYS A 289 10.61 5.16 26.10
C LYS A 289 10.05 5.74 27.39
N ASN A 290 10.90 6.28 28.26
CA ASN A 290 10.44 6.86 29.55
C ASN A 290 10.59 8.38 29.60
N GLY A 291 10.54 9.03 28.43
CA GLY A 291 10.79 10.47 28.31
C GLY A 291 12.28 10.75 28.28
N ILE A 292 12.77 11.76 28.99
CA ILE A 292 14.22 12.13 28.93
C ILE A 292 15.03 10.89 29.37
N GLU A 293 15.92 10.41 28.52
CA GLU A 293 16.83 9.27 28.79
C GLU A 293 18.21 9.80 29.18
N ARG A 294 18.65 10.91 28.62
CA ARG A 294 20.01 11.46 28.89
C ARG A 294 19.95 12.99 28.84
N ARG A 295 20.58 13.66 29.80
CA ARG A 295 20.84 15.12 29.76
C ARG A 295 22.26 15.29 29.27
N LEU A 296 22.46 15.99 28.15
CA LEU A 296 23.79 16.21 27.57
C LEU A 296 24.34 17.53 28.12
N PRO A 297 25.65 17.64 28.18
CA PRO A 297 26.27 18.93 28.51
C PRO A 297 25.99 19.95 27.40
N ILE A 298 25.92 21.23 27.77
CA ILE A 298 25.85 22.34 26.77
C ILE A 298 26.96 22.14 25.74
N GLY A 299 28.19 21.76 26.18
CA GLY A 299 29.36 21.55 25.31
C GLY A 299 30.24 22.81 25.16
N PRO A 300 31.34 22.77 24.38
CA PRO A 300 32.23 23.93 24.26
C PRO A 300 31.51 25.13 23.60
N ILE A 301 31.70 26.32 24.18
CA ILE A 301 31.15 27.61 23.67
C ILE A 301 32.23 28.68 23.61
N THR A 302 32.06 29.70 22.77
CA THR A 302 33.06 30.80 22.69
C THR A 302 32.92 31.72 23.91
N THR A 303 33.88 32.60 24.20
CA THR A 303 33.72 33.59 25.29
C THR A 303 32.45 34.47 25.06
N VAL A 304 32.14 34.89 23.82
CA VAL A 304 30.93 35.75 23.58
C VAL A 304 29.67 34.97 24.00
N GLU A 305 29.61 33.70 23.63
CA GLU A 305 28.42 32.87 23.99
C GLU A 305 28.40 32.62 25.49
N LYS A 306 29.59 32.46 26.10
CA LYS A 306 29.65 32.23 27.56
C LYS A 306 29.04 33.45 28.29
N GLU A 307 29.39 34.66 27.82
CA GLU A 307 28.93 35.96 28.40
C GLU A 307 27.40 36.06 28.24
N MET A 308 26.89 35.69 27.06
CA MET A 308 25.41 35.70 26.84
C MET A 308 24.75 34.68 27.78
N LEU A 309 25.29 33.49 27.93
CA LEU A 309 24.71 32.41 28.76
C LEU A 309 24.72 32.86 30.24
N GLU A 310 25.78 33.52 30.72
CA GLU A 310 25.82 33.98 32.13
C GLU A 310 24.71 34.98 32.37
N GLU A 311 24.52 35.92 31.46
CA GLU A 311 23.46 36.93 31.56
C GLU A 311 22.10 36.24 31.53
N ALA A 312 21.91 35.35 30.57
CA ALA A 312 20.65 34.62 30.42
C ALA A 312 20.29 33.84 31.70
N VAL A 313 21.23 33.08 32.26
CA VAL A 313 20.95 32.20 33.43
C VAL A 313 20.47 33.07 34.61
N GLY A 314 21.01 34.30 34.77
CA GLY A 314 20.64 35.17 35.92
C GLY A 314 19.17 35.50 35.83
N VAL A 315 18.71 35.79 34.60
CA VAL A 315 17.27 36.05 34.28
C VAL A 315 16.43 34.78 34.43
N VAL A 316 16.86 33.67 33.88
CA VAL A 316 16.03 32.43 33.93
C VAL A 316 15.78 32.09 35.42
N LYS A 317 16.77 32.26 36.28
CA LYS A 317 16.66 31.95 37.71
C LYS A 317 15.55 32.79 38.35
N LYS A 318 15.41 34.06 38.03
CA LYS A 318 14.31 34.89 38.54
C LYS A 318 12.98 34.46 37.91
N ASN A 319 12.98 34.14 36.62
CA ASN A 319 11.77 33.63 35.94
C ASN A 319 11.23 32.37 36.66
N ILE A 320 12.08 31.42 36.98
CA ILE A 320 11.73 30.17 37.67
C ILE A 320 11.12 30.52 39.03
N ALA A 321 11.77 31.41 39.75
CA ALA A 321 11.36 31.77 41.14
C ALA A 321 9.95 32.37 41.07
N LYS A 322 9.77 33.27 40.11
CA LYS A 322 8.48 33.94 39.94
C LYS A 322 7.36 32.91 39.67
N GLY A 323 7.65 31.92 38.81
CA GLY A 323 6.69 30.84 38.54
C GLY A 323 6.40 30.00 39.81
N GLU A 324 7.43 29.56 40.53
CA GLU A 324 7.29 28.69 41.75
C GLU A 324 6.52 29.47 42.83
N THR A 325 6.74 30.76 42.95
CA THR A 325 6.05 31.66 43.97
C THR A 325 4.56 31.81 43.65
N PHE A 326 4.20 32.06 42.40
CA PHE A 326 2.79 32.02 41.94
C PHE A 326 2.20 30.65 42.34
N ALA A 327 2.84 29.56 41.94
CA ALA A 327 2.30 28.20 42.13
C ALA A 327 2.09 27.98 43.63
N ARG A 328 3.04 28.29 44.47
CA ARG A 328 2.90 27.95 45.91
C ARG A 328 1.80 28.84 46.51
N SER A 329 1.58 30.05 46.03
CA SER A 329 0.53 30.94 46.58
C SER A 329 -0.86 30.37 46.26
N LYS A 330 -1.02 29.59 45.18
CA LYS A 330 -2.34 29.17 44.66
C LYS A 330 -2.58 27.67 44.91
N LEU A 331 -1.55 26.82 44.97
CA LEU A 331 -1.67 25.36 45.22
C LEU A 331 -2.17 25.15 46.65
N MET B 9 14.30 14.26 -16.34
CA MET B 9 15.36 15.14 -16.84
C MET B 9 16.76 14.58 -16.52
N VAL B 10 16.98 13.67 -15.56
CA VAL B 10 18.37 13.17 -15.32
C VAL B 10 18.54 11.76 -15.91
N ASN B 11 19.68 11.49 -16.53
CA ASN B 11 20.05 10.15 -17.09
C ASN B 11 21.31 9.74 -16.35
N VAL B 12 21.21 8.76 -15.46
CA VAL B 12 22.31 8.24 -14.65
C VAL B 12 22.72 6.88 -15.27
N ALA B 13 24.00 6.68 -15.51
CA ALA B 13 24.50 5.46 -16.10
C ALA B 13 25.34 4.77 -15.04
N VAL B 14 25.04 3.50 -14.87
CA VAL B 14 25.84 2.61 -14.00
C VAL B 14 26.70 1.77 -14.92
N ILE B 15 28.02 2.00 -14.84
CA ILE B 15 29.03 1.35 -15.70
C ILE B 15 29.67 0.27 -14.86
N GLY B 16 29.32 -0.99 -15.17
CA GLY B 16 29.57 -2.17 -14.33
C GLY B 16 28.32 -2.66 -13.63
N ALA B 17 27.17 -2.53 -14.26
CA ALA B 17 25.87 -2.67 -13.61
C ALA B 17 25.58 -4.12 -13.22
N ALA B 18 26.27 -5.12 -13.79
CA ALA B 18 26.00 -6.55 -13.49
C ALA B 18 26.88 -7.06 -12.35
N GLY B 19 27.74 -6.24 -11.77
CA GLY B 19 28.65 -6.65 -10.70
C GLY B 19 27.97 -6.69 -9.34
N GLY B 20 28.70 -7.14 -8.33
CA GLY B 20 28.14 -7.31 -7.00
C GLY B 20 27.66 -5.97 -6.48
N ILE B 21 28.43 -4.89 -6.62
CA ILE B 21 27.90 -3.54 -6.28
C ILE B 21 26.86 -3.11 -7.33
N GLY B 22 27.14 -3.26 -8.62
CA GLY B 22 26.32 -2.55 -9.61
C GLY B 22 24.91 -3.08 -9.65
N GLN B 23 24.64 -4.37 -9.34
CA GLN B 23 23.24 -4.89 -9.36
C GLN B 23 22.40 -4.26 -8.20
N SER B 24 22.91 -4.26 -7.00
CA SER B 24 22.18 -3.72 -5.84
C SER B 24 22.12 -2.18 -5.99
N LEU B 25 23.21 -1.55 -6.39
CA LEU B 25 23.21 -0.09 -6.67
C LEU B 25 22.12 0.25 -7.69
N SER B 26 22.00 -0.49 -8.80
CA SER B 26 20.96 -0.23 -9.84
C SER B 26 19.57 -0.42 -9.27
N LEU B 27 19.33 -1.43 -8.41
CA LEU B 27 18.05 -1.56 -7.75
C LEU B 27 17.74 -0.37 -6.87
N LEU B 28 18.70 0.14 -6.10
CA LEU B 28 18.37 1.25 -5.21
C LEU B 28 18.10 2.51 -6.03
N LEU B 29 18.81 2.69 -7.13
CA LEU B 29 18.59 3.89 -8.02
C LEU B 29 17.23 3.78 -8.67
N LEU B 30 16.88 2.59 -9.12
CA LEU B 30 15.54 2.40 -9.74
C LEU B 30 14.47 2.81 -8.73
N ARG B 31 14.65 2.47 -7.44
CA ARG B 31 13.68 2.83 -6.39
C ARG B 31 13.68 4.33 -6.11
N GLU B 32 14.84 4.97 -6.07
CA GLU B 32 15.01 6.34 -5.46
C GLU B 32 15.07 7.44 -6.51
N LEU B 33 15.40 7.16 -7.75
CA LEU B 33 15.54 8.27 -8.76
C LEU B 33 14.24 9.02 -8.92
N PRO B 34 14.29 10.35 -9.16
CA PRO B 34 13.07 11.11 -9.37
C PRO B 34 12.30 10.55 -10.55
N PHE B 35 10.98 10.59 -10.43
CA PHE B 35 10.05 10.30 -11.56
C PHE B 35 10.47 11.17 -12.75
N GLY B 36 10.67 10.55 -13.91
CA GLY B 36 11.06 11.20 -15.15
C GLY B 36 12.50 10.90 -15.49
N SER B 37 13.25 10.27 -14.61
CA SER B 37 14.67 9.97 -14.85
C SER B 37 14.80 8.79 -15.79
N THR B 38 16.02 8.58 -16.26
CA THR B 38 16.45 7.39 -17.05
C THR B 38 17.56 6.74 -16.27
N LEU B 39 17.52 5.40 -16.19
CA LEU B 39 18.61 4.60 -15.59
C LEU B 39 19.22 3.83 -16.75
N SER B 40 20.49 4.07 -17.06
CA SER B 40 21.21 3.43 -18.17
C SER B 40 22.18 2.41 -17.57
N LEU B 41 22.13 1.17 -18.02
CA LEU B 41 22.97 0.10 -17.43
C LEU B 41 23.96 -0.43 -18.50
N TYR B 42 25.23 -0.52 -18.15
CA TYR B 42 26.25 -1.04 -19.05
C TYR B 42 27.12 -2.05 -18.33
N ASP B 43 27.40 -3.12 -19.03
CA ASP B 43 28.43 -4.08 -18.56
C ASP B 43 28.93 -4.87 -19.79
N VAL B 44 30.10 -5.46 -19.69
CA VAL B 44 30.69 -6.36 -20.74
C VAL B 44 30.02 -7.74 -20.60
N VAL B 45 29.40 -8.06 -19.47
CA VAL B 45 28.63 -9.33 -19.33
C VAL B 45 27.46 -9.10 -18.35
N GLY B 46 26.29 -9.64 -18.66
CA GLY B 46 25.12 -9.69 -17.77
C GLY B 46 24.21 -8.46 -17.88
N ALA B 47 24.49 -7.44 -18.70
CA ALA B 47 23.68 -6.19 -18.63
C ALA B 47 22.25 -6.40 -19.14
N PRO B 48 22.04 -7.17 -20.22
CA PRO B 48 20.67 -7.47 -20.66
C PRO B 48 19.83 -8.15 -19.56
N GLY B 49 20.47 -9.06 -18.83
CA GLY B 49 19.82 -9.76 -17.72
C GLY B 49 19.42 -8.81 -16.57
N VAL B 50 20.32 -7.97 -16.12
CA VAL B 50 19.98 -7.00 -15.05
C VAL B 50 18.87 -6.07 -15.53
N ALA B 51 18.94 -5.61 -16.77
CA ALA B 51 17.99 -4.63 -17.29
C ALA B 51 16.63 -5.33 -17.40
N ALA B 52 16.58 -6.58 -17.85
CA ALA B 52 15.28 -7.33 -17.96
C ALA B 52 14.70 -7.49 -16.53
N ASP B 53 15.55 -7.84 -15.58
CA ASP B 53 15.14 -8.05 -14.16
C ASP B 53 14.58 -6.73 -13.61
N LEU B 54 15.31 -5.61 -13.68
CA LEU B 54 14.86 -4.30 -13.13
C LEU B 54 13.64 -3.77 -13.86
N SER B 55 13.53 -4.04 -15.16
CA SER B 55 12.45 -3.46 -15.99
C SER B 55 11.11 -4.05 -15.58
N HIS B 56 11.05 -5.15 -14.82
CA HIS B 56 9.77 -5.73 -14.38
C HIS B 56 9.25 -5.08 -13.09
N ILE B 57 10.03 -4.27 -12.40
CA ILE B 57 9.57 -3.62 -11.16
C ILE B 57 8.56 -2.55 -11.55
N ASP B 58 7.53 -2.37 -10.76
CA ASP B 58 6.43 -1.43 -11.03
C ASP B 58 6.75 0.01 -10.60
N ARG B 59 7.92 0.52 -10.99
CA ARG B 59 8.29 1.94 -10.78
C ARG B 59 7.83 2.76 -12.00
N ALA B 60 6.80 3.56 -11.79
CA ALA B 60 6.31 4.52 -12.77
C ALA B 60 7.32 5.65 -12.98
N GLY B 61 7.42 6.06 -14.23
CA GLY B 61 8.21 7.24 -14.59
C GLY B 61 9.71 7.01 -14.69
N ILE B 62 10.23 5.78 -14.53
CA ILE B 62 11.68 5.53 -14.74
C ILE B 62 11.86 4.74 -16.06
N THR B 63 12.65 5.25 -16.98
CA THR B 63 13.02 4.52 -18.21
C THR B 63 14.27 3.71 -17.90
N VAL B 64 14.29 2.42 -18.18
CA VAL B 64 15.50 1.56 -18.01
C VAL B 64 16.10 1.29 -19.40
N LYS B 65 17.34 1.62 -19.59
CA LYS B 65 18.03 1.38 -20.87
C LYS B 65 19.23 0.53 -20.55
N HIS B 66 19.72 -0.23 -21.50
CA HIS B 66 21.00 -0.92 -21.33
C HIS B 66 21.75 -1.04 -22.66
N ALA B 67 22.99 -1.38 -22.51
CA ALA B 67 23.91 -1.78 -23.58
C ALA B 67 24.83 -2.86 -23.04
N ALA B 68 25.26 -3.74 -23.91
CA ALA B 68 26.20 -4.84 -23.60
C ALA B 68 27.45 -4.59 -24.39
N GLY B 69 28.59 -4.51 -23.73
CA GLY B 69 29.88 -4.51 -24.41
C GLY B 69 30.25 -5.86 -24.94
N LYS B 70 31.25 -5.86 -25.80
CA LYS B 70 31.82 -7.09 -26.40
C LYS B 70 32.55 -7.86 -25.32
N LEU B 71 32.61 -9.19 -25.44
CA LEU B 71 33.55 -10.05 -24.68
C LEU B 71 34.40 -10.80 -25.71
N PRO B 72 35.75 -10.86 -25.59
CA PRO B 72 36.50 -10.15 -24.55
C PRO B 72 36.41 -8.65 -24.74
N PRO B 73 36.72 -7.84 -23.71
CA PRO B 73 36.46 -6.41 -23.76
C PRO B 73 37.33 -5.74 -24.82
N VAL B 74 36.81 -4.72 -25.49
CA VAL B 74 37.55 -3.89 -26.46
C VAL B 74 37.57 -2.46 -25.93
N PRO B 75 38.63 -1.68 -26.23
CA PRO B 75 38.61 -0.26 -25.90
C PRO B 75 37.54 0.44 -26.75
N ARG B 76 37.01 1.56 -26.22
CA ARG B 76 36.10 2.48 -26.92
C ARG B 76 34.96 1.64 -27.49
N ASP B 77 34.36 0.79 -26.66
CA ASP B 77 33.26 -0.09 -27.08
C ASP B 77 32.15 0.76 -27.70
N PRO B 78 31.71 0.48 -28.97
CA PRO B 78 30.67 1.31 -29.61
C PRO B 78 29.30 1.27 -28.91
N ALA B 79 28.98 0.18 -28.22
CA ALA B 79 27.75 0.04 -27.40
C ALA B 79 27.79 1.09 -26.27
N LEU B 80 28.93 1.33 -25.66
CA LEU B 80 29.03 2.32 -24.57
C LEU B 80 28.97 3.71 -25.16
N THR B 81 29.62 3.91 -26.32
CA THR B 81 29.56 5.17 -27.05
C THR B 81 28.11 5.58 -27.27
N GLU B 82 27.26 4.70 -27.76
CA GLU B 82 25.86 5.06 -27.97
C GLU B 82 25.11 5.25 -26.62
N LEU B 83 25.32 4.37 -25.63
CA LEU B 83 24.59 4.45 -24.34
C LEU B 83 24.96 5.77 -23.63
N ALA B 84 26.21 6.23 -23.79
CA ALA B 84 26.71 7.43 -23.10
C ALA B 84 26.05 8.70 -23.62
N GLU B 85 25.35 8.66 -24.75
CA GLU B 85 24.74 9.91 -25.27
C GLU B 85 23.62 10.39 -24.31
N GLY B 86 23.64 11.68 -23.95
CA GLY B 86 22.68 12.31 -23.06
C GLY B 86 22.82 11.92 -21.59
N VAL B 87 23.94 11.34 -21.14
CA VAL B 87 24.07 10.94 -19.72
C VAL B 87 24.54 12.15 -18.87
N ASP B 88 23.98 12.32 -17.68
CA ASP B 88 24.30 13.42 -16.77
C ASP B 88 25.28 13.00 -15.71
N VAL B 89 25.23 11.73 -15.30
CA VAL B 89 26.04 11.21 -14.19
C VAL B 89 26.46 9.82 -14.64
N PHE B 90 27.74 9.55 -14.55
CA PHE B 90 28.29 8.20 -14.82
C PHE B 90 28.76 7.69 -13.49
N VAL B 91 28.26 6.52 -13.10
CA VAL B 91 28.74 5.85 -11.88
C VAL B 91 29.68 4.74 -12.31
N ILE B 92 30.98 4.84 -12.01
CA ILE B 92 31.97 3.87 -12.51
C ILE B 92 32.16 2.86 -11.38
N VAL B 93 31.57 1.69 -11.56
CA VAL B 93 31.62 0.57 -10.56
C VAL B 93 32.15 -0.71 -11.22
N ALA B 94 32.91 -0.59 -12.29
CA ALA B 94 33.54 -1.71 -12.99
C ALA B 94 34.77 -2.26 -12.25
N GLY B 95 35.18 -3.47 -12.56
CA GLY B 95 36.44 -3.97 -11.97
C GLY B 95 36.64 -5.41 -12.39
N VAL B 96 37.88 -5.88 -12.28
CA VAL B 96 38.15 -7.33 -12.52
C VAL B 96 38.88 -7.87 -11.27
N PRO B 97 38.58 -9.12 -10.88
CA PRO B 97 39.14 -9.72 -9.68
C PRO B 97 40.59 -10.17 -9.92
N ARG B 98 41.39 -10.13 -8.85
CA ARG B 98 42.71 -10.79 -8.79
C ARG B 98 42.50 -12.32 -8.89
N LYS B 99 42.90 -12.92 -10.01
CA LYS B 99 43.08 -14.40 -10.14
C LYS B 99 44.53 -14.77 -9.76
N PRO B 100 44.81 -15.98 -9.22
CA PRO B 100 46.20 -16.44 -9.03
C PRO B 100 47.12 -16.32 -10.28
N GLY B 101 48.36 -15.88 -10.06
CA GLY B 101 49.32 -15.45 -11.10
C GLY B 101 49.50 -13.94 -11.16
N MET B 102 48.43 -13.19 -10.84
CA MET B 102 48.41 -11.70 -10.89
C MET B 102 49.02 -11.11 -9.61
N THR B 103 50.01 -10.22 -9.74
CA THR B 103 50.56 -9.46 -8.57
C THR B 103 49.49 -8.44 -8.10
N ARG B 104 49.74 -7.77 -6.98
CA ARG B 104 48.99 -6.55 -6.57
C ARG B 104 49.12 -5.48 -7.69
N ASP B 105 50.24 -5.45 -8.42
CA ASP B 105 50.43 -4.46 -9.52
C ASP B 105 49.74 -4.88 -10.83
N ASP B 106 49.55 -6.19 -11.03
CA ASP B 106 48.74 -6.69 -12.16
C ASP B 106 47.27 -6.32 -11.89
N LEU B 107 46.79 -6.47 -10.65
CA LEU B 107 45.44 -6.03 -10.23
C LEU B 107 45.26 -4.54 -10.53
N PHE B 108 46.14 -3.70 -9.97
CA PHE B 108 46.07 -2.23 -10.06
C PHE B 108 46.09 -1.89 -11.53
N ASN B 109 46.99 -2.48 -12.34
CA ASN B 109 47.17 -2.08 -13.77
C ASN B 109 45.91 -2.39 -14.56
N VAL B 110 45.28 -3.55 -14.30
CA VAL B 110 44.05 -3.96 -15.07
C VAL B 110 42.87 -3.04 -14.69
N ASN B 111 42.59 -2.78 -13.42
CA ASN B 111 41.51 -1.85 -13.02
C ASN B 111 41.81 -0.39 -13.46
N ALA B 112 43.04 0.07 -13.30
CA ALA B 112 43.37 1.45 -13.69
C ALA B 112 43.12 1.62 -15.17
N GLY B 113 43.40 0.60 -15.99
CA GLY B 113 43.21 0.67 -17.45
C GLY B 113 41.74 0.60 -17.80
N ILE B 114 40.97 -0.12 -16.98
CA ILE B 114 39.49 -0.12 -17.19
C ILE B 114 38.95 1.28 -16.90
N VAL B 115 39.32 1.92 -15.78
CA VAL B 115 38.84 3.29 -15.45
C VAL B 115 39.20 4.24 -16.62
N MET B 116 40.42 4.20 -17.08
CA MET B 116 40.89 5.09 -18.17
C MET B 116 40.04 4.93 -19.43
N ASP B 117 39.89 3.70 -19.89
CA ASP B 117 39.11 3.37 -21.11
C ASP B 117 37.66 3.79 -20.93
N LEU B 118 37.05 3.47 -19.79
CA LEU B 118 35.62 3.86 -19.60
C LEU B 118 35.47 5.37 -19.57
N VAL B 119 36.34 6.08 -18.85
CA VAL B 119 36.20 7.54 -18.76
C VAL B 119 36.42 8.12 -20.17
N LEU B 120 37.39 7.59 -20.93
CA LEU B 120 37.68 8.13 -22.30
C LEU B 120 36.41 8.00 -23.14
N THR B 121 35.82 6.82 -23.10
CA THR B 121 34.71 6.45 -24.01
C THR B 121 33.48 7.30 -23.68
N CYS B 122 33.14 7.40 -22.39
CA CYS B 122 31.97 8.14 -21.89
C CYS B 122 32.17 9.64 -22.10
N ALA B 123 33.34 10.18 -21.70
CA ALA B 123 33.57 11.65 -21.73
C ALA B 123 33.77 12.15 -23.15
N SER B 124 34.11 11.31 -24.12
CA SER B 124 34.19 11.71 -25.55
C SER B 124 32.79 12.04 -26.06
N VAL B 125 31.73 11.47 -25.46
CA VAL B 125 30.33 11.70 -25.92
C VAL B 125 29.63 12.70 -25.00
N SER B 126 29.83 12.58 -23.68
CA SER B 126 29.13 13.40 -22.66
C SER B 126 30.18 14.06 -21.78
N PRO B 127 30.87 15.06 -22.31
CA PRO B 127 31.95 15.72 -21.58
C PRO B 127 31.42 16.53 -20.40
N ASN B 128 30.15 16.91 -20.40
CA ASN B 128 29.66 17.75 -19.28
C ASN B 128 28.99 16.90 -18.18
N ALA B 129 29.11 15.58 -18.25
CA ALA B 129 28.62 14.68 -17.15
C ALA B 129 29.41 14.84 -15.85
N CYS B 130 28.80 14.47 -14.72
CA CYS B 130 29.51 14.17 -13.49
C CYS B 130 30.05 12.75 -13.56
N PHE B 131 31.29 12.54 -13.14
CA PHE B 131 31.87 11.20 -13.00
C PHE B 131 32.05 10.89 -11.51
N CYS B 132 31.42 9.80 -11.09
CA CYS B 132 31.48 9.30 -9.71
C CYS B 132 32.29 8.02 -9.74
N ILE B 133 33.49 8.06 -9.20
CA ILE B 133 34.44 6.92 -9.31
C ILE B 133 34.27 6.05 -8.06
N VAL B 134 33.76 4.85 -8.25
CA VAL B 134 33.71 3.82 -7.16
C VAL B 134 34.83 2.81 -7.28
N THR B 135 35.24 2.47 -8.50
CA THR B 135 36.32 1.53 -8.79
C THR B 135 37.55 1.85 -7.92
N ASN B 136 38.09 0.84 -7.25
CA ASN B 136 39.25 0.99 -6.33
C ASN B 136 40.55 0.79 -7.09
N PRO B 137 41.72 1.27 -6.56
CA PRO B 137 41.78 2.14 -5.38
C PRO B 137 41.44 3.62 -5.67
N VAL B 138 40.36 4.13 -5.01
CA VAL B 138 39.83 5.50 -5.29
C VAL B 138 40.96 6.56 -5.20
N ASN B 139 41.82 6.46 -4.22
CA ASN B 139 42.94 7.45 -4.10
C ASN B 139 43.71 7.64 -5.43
N SER B 140 43.89 6.55 -6.21
CA SER B 140 44.59 6.52 -7.51
C SER B 140 43.66 6.65 -8.71
N THR B 141 42.48 6.05 -8.66
CA THR B 141 41.61 5.96 -9.86
C THR B 141 40.97 7.32 -10.11
N THR B 142 40.75 8.09 -9.03
CA THR B 142 40.22 9.46 -9.20
C THR B 142 41.18 10.34 -10.01
N PRO B 143 42.45 10.46 -9.60
CA PRO B 143 43.44 11.17 -10.40
C PRO B 143 43.74 10.59 -11.79
N ILE B 144 43.60 9.30 -12.01
CA ILE B 144 43.59 8.68 -13.36
C ILE B 144 42.43 9.20 -14.22
N ALA B 145 41.21 9.22 -13.69
CA ALA B 145 40.07 9.81 -14.40
C ALA B 145 40.38 11.25 -14.76
N ALA B 146 41.00 12.00 -13.85
CA ALA B 146 41.30 13.44 -14.10
C ALA B 146 42.29 13.57 -15.26
N GLN B 147 43.35 12.78 -15.25
CA GLN B 147 44.36 12.80 -16.35
C GLN B 147 43.72 12.43 -17.68
N THR B 148 42.84 11.48 -17.64
CA THR B 148 42.12 11.03 -18.85
C THR B 148 41.26 12.15 -19.44
N LEU B 149 40.43 12.79 -18.63
CA LEU B 149 39.60 13.95 -19.02
C LEU B 149 40.52 15.11 -19.51
N ARG B 150 41.67 15.36 -18.87
CA ARG B 150 42.62 16.43 -19.33
C ARG B 150 43.16 16.11 -20.74
N LYS B 151 43.48 14.85 -21.04
CA LYS B 151 43.98 14.44 -22.38
C LYS B 151 42.99 14.79 -23.49
N ILE B 152 41.69 14.59 -23.31
CA ILE B 152 40.71 15.00 -24.35
C ILE B 152 40.27 16.44 -24.15
N GLY B 153 40.85 17.18 -23.19
CA GLY B 153 40.57 18.62 -23.07
C GLY B 153 39.24 18.95 -22.43
N VAL B 154 38.63 18.09 -21.58
CA VAL B 154 37.30 18.43 -20.99
C VAL B 154 37.29 18.25 -19.47
N TYR B 155 38.41 18.31 -18.81
CA TYR B 155 38.47 18.12 -17.35
C TYR B 155 37.76 19.30 -16.69
N ASN B 156 36.74 19.00 -15.90
CA ASN B 156 36.05 19.96 -15.01
C ASN B 156 36.29 19.47 -13.57
N LYS B 157 37.22 20.10 -12.85
CA LYS B 157 37.50 19.80 -11.43
C LYS B 157 36.23 19.75 -10.52
N ASN B 158 35.12 20.36 -10.88
CA ASN B 158 33.88 20.42 -10.06
C ASN B 158 32.94 19.24 -10.38
N LYS B 159 33.29 18.41 -11.36
CA LYS B 159 32.39 17.32 -11.82
C LYS B 159 33.05 15.97 -11.74
N LEU B 160 34.18 15.84 -11.08
CA LEU B 160 34.81 14.52 -10.83
C LEU B 160 34.76 14.25 -9.32
N LEU B 161 34.16 13.12 -8.92
CA LEU B 161 33.94 12.83 -7.49
C LEU B 161 34.38 11.40 -7.21
N GLY B 162 35.44 11.24 -6.42
CA GLY B 162 35.77 9.93 -5.82
C GLY B 162 34.84 9.57 -4.68
N VAL B 163 34.16 8.43 -4.76
CA VAL B 163 33.10 8.13 -3.77
C VAL B 163 33.76 7.45 -2.56
N SER B 164 33.87 8.20 -1.48
CA SER B 164 34.49 7.84 -0.20
C SER B 164 33.45 7.75 0.91
N LEU B 165 32.13 7.82 0.60
CA LEU B 165 31.05 7.93 1.62
C LEU B 165 30.93 6.62 2.41
N LEU B 166 31.34 5.47 1.89
CA LEU B 166 31.30 4.25 2.71
C LEU B 166 32.07 4.42 4.03
N ASP B 167 33.08 5.24 4.06
CA ASP B 167 33.85 5.46 5.28
C ASP B 167 33.01 6.26 6.27
N GLY B 168 32.24 7.25 5.78
CA GLY B 168 31.28 7.99 6.60
C GLY B 168 30.21 7.05 7.17
N LEU B 169 29.59 6.18 6.35
CA LEU B 169 28.57 5.24 6.88
C LEU B 169 29.19 4.48 8.04
N ARG B 170 30.38 3.91 7.84
CA ARG B 170 30.97 3.05 8.86
C ARG B 170 31.28 3.90 10.12
N ALA B 171 31.83 5.08 9.97
CA ALA B 171 32.25 5.95 11.11
C ALA B 171 31.02 6.34 11.93
N THR B 172 29.90 6.51 11.24
CA THR B 172 28.62 6.90 11.81
C THR B 172 28.09 5.64 12.55
N ARG B 173 27.96 4.52 11.86
CA ARG B 173 27.44 3.26 12.50
C ARG B 173 28.22 2.98 13.79
N PHE B 174 29.54 3.05 13.73
CA PHE B 174 30.40 2.64 14.87
C PHE B 174 30.23 3.58 16.05
N ILE B 175 30.18 4.89 15.80
CA ILE B 175 30.01 5.84 16.93
C ILE B 175 28.58 5.77 17.47
N ASN B 176 27.58 5.55 16.62
CA ASN B 176 26.20 5.37 17.08
C ASN B 176 26.08 4.08 17.92
N ASN B 177 26.71 3.00 17.51
CA ASN B 177 26.70 1.73 18.29
C ASN B 177 27.31 2.00 19.68
N ALA B 178 28.31 2.85 19.77
CA ALA B 178 29.05 3.07 21.03
C ALA B 178 28.28 4.04 21.94
N ARG B 179 27.59 5.06 21.39
CA ARG B 179 26.96 6.14 22.15
C ARG B 179 25.45 5.91 22.39
N HIS B 180 24.86 4.87 21.85
CA HIS B 180 23.39 4.61 21.96
CA HIS B 180 23.40 4.61 21.96
C HIS B 180 22.96 4.92 23.40
N PRO B 181 21.87 5.70 23.62
CA PRO B 181 20.95 6.15 22.58
C PRO B 181 21.20 7.49 21.85
N LEU B 182 22.37 8.09 22.06
CA LEU B 182 22.75 9.33 21.33
C LEU B 182 23.08 8.96 19.88
N VAL B 183 22.36 9.52 18.92
CA VAL B 183 22.50 9.21 17.47
C VAL B 183 23.03 10.48 16.78
N VAL B 184 23.96 10.32 15.86
CA VAL B 184 24.26 11.39 14.85
C VAL B 184 24.01 10.89 13.46
N PRO B 185 23.65 11.78 12.51
CA PRO B 185 23.37 11.36 11.14
C PRO B 185 24.61 11.17 10.30
N TYR B 186 25.82 11.68 10.67
CA TYR B 186 26.97 11.58 9.77
C TYR B 186 28.16 11.93 10.64
N VAL B 187 29.28 11.51 10.21
CA VAL B 187 30.62 11.82 10.80
C VAL B 187 31.49 12.34 9.67
N PRO B 188 32.17 13.51 9.79
CA PRO B 188 33.22 13.93 8.86
C PRO B 188 34.38 12.90 8.78
N VAL B 189 34.74 12.51 7.58
CA VAL B 189 35.85 11.58 7.27
C VAL B 189 36.68 12.24 6.17
N VAL B 190 37.98 12.50 6.45
CA VAL B 190 38.84 13.23 5.50
C VAL B 190 40.12 12.46 5.24
N GLY B 191 40.88 12.94 4.27
CA GLY B 191 42.14 12.28 3.93
C GLY B 191 42.02 11.55 2.62
N GLY B 192 42.09 10.21 2.66
CA GLY B 192 41.84 9.40 1.48
C GLY B 192 40.87 8.32 1.86
N HIS B 193 40.84 7.30 1.06
CA HIS B 193 39.77 6.32 1.13
C HIS B 193 40.37 4.94 1.36
N SER B 194 41.55 4.76 1.96
CA SER B 194 42.04 3.37 2.18
C SER B 194 42.90 3.35 3.44
N ASP B 195 42.82 2.27 4.23
CA ASP B 195 43.68 1.97 5.41
C ASP B 195 44.05 3.24 6.21
N VAL B 196 45.33 3.56 6.23
CA VAL B 196 45.84 4.66 7.10
C VAL B 196 45.44 6.05 6.52
N THR B 197 44.95 6.15 5.26
CA THR B 197 44.61 7.47 4.69
C THR B 197 43.27 7.94 5.26
N ILE B 198 42.50 7.07 5.89
CA ILE B 198 41.13 7.38 6.34
C ILE B 198 41.17 8.06 7.71
N VAL B 199 40.63 9.27 7.82
CA VAL B 199 40.67 10.01 9.10
C VAL B 199 39.27 10.46 9.47
N PRO B 200 38.59 9.72 10.36
CA PRO B 200 37.32 10.11 10.95
C PRO B 200 37.56 11.23 11.93
N LEU B 201 36.75 12.28 11.92
CA LEU B 201 36.92 13.43 12.84
C LEU B 201 35.80 13.46 13.86
N TYR B 202 35.84 12.57 14.83
CA TYR B 202 34.81 12.48 15.90
C TYR B 202 34.77 13.72 16.77
N SER B 203 35.81 14.53 16.79
CA SER B 203 35.83 15.82 17.53
C SER B 203 34.80 16.78 16.91
N GLN B 204 34.35 16.57 15.66
CA GLN B 204 33.45 17.53 14.98
C GLN B 204 31.97 17.09 15.02
N ILE B 205 31.63 16.04 15.76
CA ILE B 205 30.21 15.65 15.92
C ILE B 205 29.68 16.11 17.26
N PRO B 206 28.38 16.31 17.38
CA PRO B 206 27.85 16.77 18.65
C PRO B 206 27.88 15.71 19.76
N GLY B 207 27.94 16.17 21.02
CA GLY B 207 27.72 15.36 22.22
C GLY B 207 29.01 14.79 22.77
N PRO B 208 28.99 14.34 24.04
CA PRO B 208 30.20 13.84 24.68
C PRO B 208 30.64 12.57 23.95
N LEU B 209 31.95 12.42 23.80
CA LEU B 209 32.55 11.25 23.13
C LEU B 209 32.86 10.16 24.16
N PRO B 210 33.01 8.90 23.73
CA PRO B 210 33.56 7.85 24.58
C PRO B 210 35.01 8.20 24.98
N ASP B 211 35.55 7.47 25.96
CA ASP B 211 36.96 7.63 26.40
C ASP B 211 37.94 7.36 25.26
N GLU B 212 39.20 7.77 25.46
CA GLU B 212 40.21 7.73 24.39
C GLU B 212 40.40 6.28 23.95
N SER B 213 40.31 5.29 24.86
CA SER B 213 40.62 3.90 24.45
C SER B 213 39.51 3.41 23.50
N THR B 214 38.28 3.77 23.80
CA THR B 214 37.13 3.44 22.93
C THR B 214 37.31 4.15 21.58
N LEU B 215 37.54 5.47 21.56
CA LEU B 215 37.74 6.25 20.32
C LEU B 215 38.88 5.63 19.50
N LYS B 216 39.96 5.24 20.15
CA LYS B 216 41.12 4.70 19.40
C LYS B 216 40.69 3.46 18.62
N GLU B 217 39.95 2.57 19.26
CA GLU B 217 39.53 1.29 18.67
C GLU B 217 38.55 1.57 17.51
N ILE B 218 37.67 2.55 17.69
CA ILE B 218 36.65 2.88 16.67
C ILE B 218 37.37 3.50 15.47
N ARG B 219 38.30 4.41 15.68
CA ARG B 219 39.06 5.04 14.56
C ARG B 219 39.78 3.95 13.77
N LYS B 220 40.39 3.03 14.50
CA LYS B 220 41.15 1.93 13.88
C LYS B 220 40.13 1.08 13.10
N ARG B 221 39.01 0.77 13.71
CA ARG B 221 37.96 -0.04 13.03
C ARG B 221 37.53 0.61 11.69
N VAL B 222 37.37 1.92 11.63
CA VAL B 222 37.00 2.62 10.37
C VAL B 222 38.09 2.40 9.33
N GLN B 223 39.32 2.46 9.76
CA GLN B 223 40.50 2.31 8.88
C GLN B 223 40.54 0.90 8.32
N VAL B 224 40.31 -0.13 9.13
CA VAL B 224 40.51 -1.52 8.66
C VAL B 224 39.17 -2.16 8.34
N ALA B 225 38.08 -1.38 8.24
CA ALA B 225 36.73 -1.97 8.01
C ALA B 225 36.67 -2.76 6.70
N GLY B 226 37.30 -2.26 5.61
CA GLY B 226 37.33 -2.97 4.29
C GLY B 226 37.89 -4.40 4.49
N THR B 227 38.98 -4.54 5.23
CA THR B 227 39.65 -5.82 5.54
C THR B 227 38.80 -6.72 6.44
N GLU B 228 38.13 -6.17 7.46
CA GLU B 228 37.14 -6.88 8.33
C GLU B 228 36.13 -7.56 7.41
N VAL B 229 35.60 -6.85 6.40
CA VAL B 229 34.57 -7.47 5.50
C VAL B 229 35.24 -8.54 4.62
N VAL B 230 36.42 -8.27 4.04
CA VAL B 230 37.11 -9.26 3.16
C VAL B 230 37.31 -10.55 3.95
N LYS B 231 37.80 -10.43 5.17
CA LYS B 231 37.99 -11.63 6.05
C LYS B 231 36.67 -12.35 6.30
N ALA B 232 35.63 -11.63 6.71
CA ALA B 232 34.32 -12.23 6.99
C ALA B 232 33.79 -12.96 5.71
N LYS B 233 33.99 -12.39 4.50
CA LYS B 233 33.49 -12.95 3.25
C LYS B 233 34.32 -14.19 2.85
N ALA B 234 35.51 -14.36 3.43
CA ALA B 234 36.31 -15.60 3.45
C ALA B 234 36.45 -16.09 2.01
N GLY B 235 36.82 -15.20 1.10
CA GLY B 235 37.09 -15.50 -0.32
C GLY B 235 36.04 -14.93 -1.29
N ARG B 236 34.87 -14.50 -0.84
CA ARG B 236 33.85 -13.87 -1.73
C ARG B 236 34.22 -12.39 -2.01
N GLY B 237 35.27 -11.82 -1.42
CA GLY B 237 35.77 -10.48 -1.82
C GLY B 237 35.35 -9.35 -0.89
N SER B 238 35.28 -8.11 -1.40
CA SER B 238 35.08 -6.90 -0.59
C SER B 238 33.59 -6.63 -0.37
N ALA B 239 33.27 -5.58 0.37
CA ALA B 239 31.90 -5.06 0.60
C ALA B 239 31.13 -4.82 -0.71
N THR B 240 29.86 -5.26 -0.78
CA THR B 240 29.01 -5.05 -1.96
C THR B 240 27.73 -4.32 -1.55
N LEU B 241 27.04 -4.79 -0.53
CA LEU B 241 25.68 -4.27 -0.18
C LEU B 241 25.81 -2.92 0.51
N SER B 242 26.85 -2.71 1.33
CA SER B 242 27.00 -1.43 2.01
C SER B 242 27.59 -0.42 1.01
N MET B 243 28.40 -0.85 0.03
CA MET B 243 28.88 0.06 -1.05
C MET B 243 27.69 0.38 -1.99
N ALA B 244 26.75 -0.53 -2.26
CA ALA B 244 25.54 -0.16 -3.03
C ALA B 244 24.78 0.94 -2.28
N GLU B 245 24.67 0.82 -0.97
CA GLU B 245 23.94 1.81 -0.14
C GLU B 245 24.64 3.17 -0.22
N ALA B 246 25.94 3.19 0.05
CA ALA B 246 26.72 4.45 0.02
C ALA B 246 26.70 5.03 -1.38
N GLY B 247 26.87 4.21 -2.41
CA GLY B 247 26.94 4.65 -3.79
C GLY B 247 25.60 5.21 -4.18
N ALA B 248 24.50 4.59 -3.76
CA ALA B 248 23.17 5.09 -4.17
C ALA B 248 22.90 6.40 -3.49
N ARG B 249 23.28 6.49 -2.22
CA ARG B 249 23.00 7.71 -1.44
C ARG B 249 23.84 8.86 -2.10
N PHE B 250 25.11 8.63 -2.38
CA PHE B 250 26.00 9.66 -3.00
C PHE B 250 25.43 10.10 -4.34
N THR B 251 25.07 9.14 -5.21
CA THR B 251 24.52 9.42 -6.55
C THR B 251 23.27 10.30 -6.39
N MET B 252 22.42 9.99 -5.43
CA MET B 252 21.17 10.73 -5.20
C MET B 252 21.48 12.15 -4.71
N HIS B 253 22.54 12.38 -3.94
CA HIS B 253 22.95 13.78 -3.61
C HIS B 253 23.37 14.54 -4.90
N VAL B 254 24.12 13.90 -5.77
CA VAL B 254 24.58 14.50 -7.05
C VAL B 254 23.36 14.77 -7.91
N VAL B 255 22.47 13.82 -8.03
CA VAL B 255 21.25 13.99 -8.81
C VAL B 255 20.42 15.18 -8.30
N LYS B 256 20.11 15.20 -7.01
CA LYS B 256 19.26 16.30 -6.52
C LYS B 256 20.00 17.62 -6.78
N ALA B 257 21.30 17.70 -6.51
CA ALA B 257 22.10 18.92 -6.69
C ALA B 257 22.02 19.40 -8.15
N LEU B 258 22.25 18.53 -9.15
CA LEU B 258 22.08 18.88 -10.59
C LEU B 258 20.68 19.34 -10.89
N MET B 259 19.66 18.79 -10.24
CA MET B 259 18.26 19.16 -10.60
C MET B 259 17.83 20.43 -9.86
N GLY B 260 18.65 20.97 -8.94
CA GLY B 260 18.19 22.12 -8.14
C GLY B 260 17.29 21.72 -6.99
N LEU B 261 17.24 20.44 -6.63
CA LEU B 261 16.35 19.91 -5.56
C LEU B 261 17.06 19.83 -4.20
N ASP B 262 18.32 20.20 -4.09
CA ASP B 262 19.08 20.25 -2.81
C ASP B 262 20.42 20.90 -3.09
N THR B 263 21.08 21.40 -2.06
CA THR B 263 22.47 21.85 -2.10
C THR B 263 23.20 21.12 -0.98
N PRO B 264 23.43 19.79 -1.12
CA PRO B 264 23.87 18.97 0.01
C PRO B 264 25.36 19.20 0.36
N MET B 265 25.72 19.23 1.64
CA MET B 265 27.15 19.13 2.02
C MET B 265 27.50 17.63 2.08
N VAL B 266 28.53 17.19 1.36
CA VAL B 266 29.00 15.78 1.31
C VAL B 266 30.49 15.74 1.52
N TYR B 267 30.96 14.62 1.90
CA TYR B 267 32.43 14.33 1.94
C TYR B 267 32.77 13.45 0.73
N ALA B 268 33.71 13.87 -0.09
CA ALA B 268 34.12 13.12 -1.27
C ALA B 268 35.59 13.39 -1.54
N TYR B 269 36.21 12.47 -2.27
CA TYR B 269 37.63 12.55 -2.68
C TYR B 269 37.71 13.35 -3.98
N VAL B 270 38.16 14.59 -3.88
CA VAL B 270 37.98 15.63 -4.93
C VAL B 270 39.29 16.35 -5.18
N ASP B 271 39.42 16.87 -6.39
CA ASP B 271 40.44 17.89 -6.72
C ASP B 271 40.34 19.01 -5.66
N THR B 272 41.44 19.36 -4.96
CA THR B 272 41.37 20.36 -3.90
C THR B 272 41.42 21.77 -4.51
N ASP B 273 41.77 21.92 -5.79
CA ASP B 273 41.71 23.22 -6.52
C ASP B 273 42.51 24.30 -5.78
N GLY B 274 43.70 23.98 -5.31
CA GLY B 274 44.59 24.90 -4.56
C GLY B 274 44.16 25.14 -3.12
N GLU B 275 43.18 24.45 -2.57
CA GLU B 275 42.79 24.67 -1.15
C GLU B 275 43.72 23.86 -0.23
N HIS B 276 44.45 22.88 -0.74
CA HIS B 276 45.41 22.08 0.05
C HIS B 276 46.62 21.81 -0.82
N GLU B 277 47.76 21.53 -0.20
CA GLU B 277 49.01 21.15 -0.92
C GLU B 277 48.72 19.83 -1.62
N CYS B 278 48.02 18.92 -0.94
CA CYS B 278 47.68 17.59 -1.48
C CYS B 278 46.64 17.85 -2.59
N PRO B 279 46.87 17.45 -3.86
CA PRO B 279 45.97 17.82 -4.96
C PRO B 279 44.57 17.17 -5.02
N PHE B 280 44.42 15.99 -4.43
CA PHE B 280 43.15 15.25 -4.24
C PHE B 280 43.09 14.89 -2.76
N LEU B 281 41.93 15.10 -2.18
CA LEU B 281 41.67 14.79 -0.75
C LEU B 281 40.19 14.51 -0.58
N ALA B 282 39.86 13.69 0.41
CA ALA B 282 38.48 13.53 0.89
C ALA B 282 38.23 14.73 1.78
N MET B 283 37.29 15.54 1.42
CA MET B 283 37.06 16.81 2.13
C MET B 283 35.59 17.18 1.99
N PRO B 284 35.09 18.11 2.81
CA PRO B 284 33.74 18.58 2.69
C PRO B 284 33.52 19.53 1.51
N VAL B 285 32.46 19.29 0.74
CA VAL B 285 32.05 20.16 -0.39
C VAL B 285 30.55 20.37 -0.33
N VAL B 286 30.11 21.46 -0.93
CA VAL B 286 28.66 21.61 -1.20
C VAL B 286 28.45 21.38 -2.68
N LEU B 287 27.41 20.61 -3.04
CA LEU B 287 27.04 20.36 -4.45
C LEU B 287 25.89 21.28 -4.87
N GLY B 288 25.92 21.68 -6.12
CA GLY B 288 24.88 22.49 -6.76
C GLY B 288 24.75 22.11 -8.21
N LYS B 289 24.16 22.99 -8.94
CA LYS B 289 23.65 22.69 -10.30
C LYS B 289 24.84 22.41 -11.25
N ASN B 290 26.05 22.83 -10.89
CA ASN B 290 27.22 22.58 -11.75
C ASN B 290 28.23 21.67 -11.07
N GLY B 291 27.79 20.80 -10.15
CA GLY B 291 28.74 19.94 -9.43
C GLY B 291 29.23 20.65 -8.19
N ILE B 292 30.49 20.53 -7.88
CA ILE B 292 31.00 21.17 -6.66
C ILE B 292 30.79 22.69 -6.75
N GLU B 293 30.11 23.26 -5.76
CA GLU B 293 29.77 24.69 -5.71
C GLU B 293 30.70 25.34 -4.72
N ARG B 294 31.07 24.65 -3.65
CA ARG B 294 31.94 25.27 -2.63
C ARG B 294 32.80 24.18 -2.01
N ARG B 295 34.08 24.46 -1.79
CA ARG B 295 34.99 23.51 -1.09
C ARG B 295 35.14 24.07 0.33
N LEU B 296 34.83 23.32 1.37
CA LEU B 296 34.80 23.88 2.72
C LEU B 296 36.12 23.57 3.40
N PRO B 297 36.53 24.32 4.43
CA PRO B 297 37.74 23.95 5.17
C PRO B 297 37.50 22.63 5.92
N ILE B 298 38.56 21.88 6.19
CA ILE B 298 38.48 20.64 7.03
C ILE B 298 37.91 21.08 8.38
N GLY B 299 38.27 22.28 8.86
CA GLY B 299 37.79 22.83 10.15
C GLY B 299 38.69 22.38 11.31
N PRO B 300 38.37 22.80 12.54
CA PRO B 300 39.27 22.60 13.67
C PRO B 300 39.33 21.12 14.04
N ILE B 301 40.55 20.63 14.33
CA ILE B 301 40.77 19.21 14.72
C ILE B 301 41.65 19.10 15.97
N THR B 302 41.57 17.96 16.63
CA THR B 302 42.37 17.65 17.84
C THR B 302 43.79 17.28 17.42
N THR B 303 44.72 17.29 18.38
CA THR B 303 46.14 16.95 18.04
C THR B 303 46.25 15.50 17.55
N VAL B 304 45.49 14.57 18.12
CA VAL B 304 45.54 13.17 17.60
C VAL B 304 45.02 13.15 16.16
N GLU B 305 43.94 13.85 15.83
CA GLU B 305 43.43 13.86 14.42
C GLU B 305 44.45 14.55 13.50
N LYS B 306 45.17 15.56 14.01
CA LYS B 306 46.14 16.31 13.17
C LYS B 306 47.32 15.38 12.86
N GLU B 307 47.72 14.57 13.83
CA GLU B 307 48.80 13.55 13.66
C GLU B 307 48.35 12.51 12.62
N MET B 308 47.10 12.05 12.72
CA MET B 308 46.55 11.04 11.77
C MET B 308 46.48 11.65 10.38
N LEU B 309 45.99 12.86 10.25
CA LEU B 309 45.86 13.52 8.93
C LEU B 309 47.23 13.76 8.29
N GLU B 310 48.24 14.12 9.10
CA GLU B 310 49.59 14.36 8.51
C GLU B 310 50.14 13.06 7.94
N GLU B 311 50.06 11.94 8.66
CA GLU B 311 50.49 10.63 8.12
C GLU B 311 49.66 10.33 6.86
N ALA B 312 48.37 10.57 6.94
CA ALA B 312 47.42 10.21 5.87
C ALA B 312 47.81 10.93 4.58
N VAL B 313 48.10 12.22 4.71
CA VAL B 313 48.37 13.11 3.54
C VAL B 313 49.65 12.65 2.82
N GLY B 314 50.66 12.24 3.59
CA GLY B 314 51.92 11.65 3.06
C GLY B 314 51.64 10.48 2.14
N VAL B 315 50.77 9.58 2.58
CA VAL B 315 50.46 8.39 1.74
C VAL B 315 49.50 8.75 0.63
N VAL B 316 48.53 9.63 0.82
CA VAL B 316 47.61 10.04 -0.30
C VAL B 316 48.43 10.63 -1.48
N LYS B 317 49.44 11.46 -1.19
CA LYS B 317 50.27 12.05 -2.27
C LYS B 317 50.96 10.95 -3.10
N LYS B 318 51.41 9.88 -2.48
CA LYS B 318 52.08 8.77 -3.19
C LYS B 318 51.01 8.04 -4.05
N ASN B 319 49.84 7.79 -3.47
CA ASN B 319 48.73 7.12 -4.19
C ASN B 319 48.33 7.94 -5.42
N ILE B 320 48.20 9.26 -5.28
CA ILE B 320 47.92 10.13 -6.44
C ILE B 320 49.00 9.92 -7.50
N ALA B 321 50.28 10.05 -7.14
CA ALA B 321 51.42 9.96 -8.08
C ALA B 321 51.36 8.60 -8.79
N LYS B 322 51.03 7.55 -8.01
CA LYS B 322 50.88 6.19 -8.59
C LYS B 322 49.83 6.19 -9.69
N GLY B 323 48.74 6.93 -9.56
CA GLY B 323 47.70 6.99 -10.61
C GLY B 323 48.13 7.83 -11.81
N GLU B 324 48.66 9.00 -11.54
CA GLU B 324 49.10 9.94 -12.58
C GLU B 324 50.19 9.28 -13.45
N THR B 325 51.18 8.64 -12.80
CA THR B 325 52.28 7.94 -13.49
C THR B 325 51.68 6.85 -14.38
N PHE B 326 50.74 6.09 -13.88
CA PHE B 326 50.10 5.07 -14.73
C PHE B 326 49.46 5.78 -15.93
N ALA B 327 48.60 6.79 -15.67
CA ALA B 327 47.80 7.41 -16.75
C ALA B 327 48.73 8.08 -17.80
N ARG B 328 49.71 8.84 -17.37
CA ARG B 328 50.59 9.58 -18.33
C ARG B 328 51.36 8.57 -19.20
N SER B 329 51.71 7.40 -18.69
CA SER B 329 52.38 6.32 -19.46
C SER B 329 51.41 5.72 -20.51
N LYS B 330 50.10 5.73 -20.30
CA LYS B 330 49.15 5.09 -21.25
C LYS B 330 48.47 6.16 -22.09
N LEU B 331 48.36 7.40 -21.63
CA LEU B 331 47.54 8.41 -22.34
C LEU B 331 48.36 8.88 -23.53
N MET C 9 12.17 26.75 -9.69
CA MET C 9 11.42 25.48 -9.66
C MET C 9 9.97 25.80 -10.00
N VAL C 10 9.14 26.17 -9.02
CA VAL C 10 7.72 26.60 -9.22
C VAL C 10 7.53 27.82 -8.30
N ASN C 11 6.61 28.68 -8.68
CA ASN C 11 6.13 29.80 -7.83
C ASN C 11 4.64 29.59 -7.67
N VAL C 12 4.21 29.25 -6.45
CA VAL C 12 2.80 29.00 -6.11
C VAL C 12 2.29 30.18 -5.31
N ALA C 13 1.18 30.73 -5.74
CA ALA C 13 0.59 31.93 -5.09
C ALA C 13 -0.71 31.50 -4.42
N VAL C 14 -0.83 31.78 -3.15
CA VAL C 14 -2.08 31.62 -2.38
C VAL C 14 -2.79 32.98 -2.29
N ILE C 15 -3.95 33.09 -2.90
CA ILE C 15 -4.73 34.35 -3.00
C ILE C 15 -5.86 34.21 -1.97
N GLY C 16 -5.74 34.97 -0.90
CA GLY C 16 -6.52 34.84 0.35
C GLY C 16 -5.74 34.13 1.42
N ALA C 17 -4.44 34.38 1.49
CA ALA C 17 -3.51 33.62 2.35
C ALA C 17 -3.78 33.84 3.84
N ALA C 18 -4.48 34.87 4.27
CA ALA C 18 -4.58 35.14 5.73
C ALA C 18 -5.86 34.53 6.29
N GLY C 19 -6.65 33.93 5.41
CA GLY C 19 -7.94 33.29 5.67
C GLY C 19 -7.87 32.04 6.54
N GLY C 20 -9.03 31.58 6.91
CA GLY C 20 -9.18 30.30 7.64
C GLY C 20 -8.48 29.19 6.87
N ILE C 21 -8.85 28.97 5.62
CA ILE C 21 -8.17 27.93 4.83
C ILE C 21 -6.79 28.42 4.45
N GLY C 22 -6.66 29.68 4.02
CA GLY C 22 -5.40 30.13 3.43
C GLY C 22 -4.22 30.08 4.40
N GLN C 23 -4.36 30.32 5.72
CA GLN C 23 -3.20 30.19 6.64
C GLN C 23 -2.70 28.74 6.74
N SER C 24 -3.56 27.81 7.01
CA SER C 24 -3.15 26.39 7.15
C SER C 24 -2.74 25.87 5.76
N LEU C 25 -3.40 26.21 4.68
CA LEU C 25 -2.94 25.75 3.35
C LEU C 25 -1.49 26.23 3.13
N SER C 26 -1.26 27.50 3.40
CA SER C 26 0.06 28.13 3.19
C SER C 26 1.10 27.37 4.04
N LEU C 27 0.80 26.94 5.28
CA LEU C 27 1.76 26.19 6.10
C LEU C 27 2.04 24.83 5.46
N LEU C 28 1.03 24.10 5.01
CA LEU C 28 1.27 22.76 4.40
C LEU C 28 2.08 22.97 3.12
N LEU C 29 1.89 24.05 2.37
CA LEU C 29 2.68 24.21 1.11
C LEU C 29 4.13 24.55 1.44
N LEU C 30 4.31 25.32 2.51
CA LEU C 30 5.68 25.65 2.95
C LEU C 30 6.40 24.33 3.28
N ARG C 31 5.74 23.38 3.94
CA ARG C 31 6.36 22.13 4.34
C ARG C 31 6.61 21.24 3.10
N GLU C 32 5.73 21.22 2.11
CA GLU C 32 5.73 20.16 1.06
C GLU C 32 6.31 20.63 -0.27
N LEU C 33 6.33 21.93 -0.58
CA LEU C 33 6.86 22.39 -1.90
C LEU C 33 8.27 21.92 -2.12
N PRO C 34 8.64 21.55 -3.37
CA PRO C 34 10.01 21.09 -3.58
C PRO C 34 11.01 22.24 -3.29
N PHE C 35 12.17 21.85 -2.79
CA PHE C 35 13.32 22.74 -2.58
C PHE C 35 13.51 23.50 -3.89
N GLY C 36 13.75 24.79 -3.79
CA GLY C 36 13.93 25.65 -4.96
C GLY C 36 12.68 26.47 -5.29
N SER C 37 11.54 26.14 -4.70
CA SER C 37 10.25 26.79 -4.99
C SER C 37 10.10 28.14 -4.25
N THR C 38 9.13 28.90 -4.71
CA THR C 38 8.66 30.16 -4.11
C THR C 38 7.21 30.02 -3.70
N LEU C 39 6.89 30.47 -2.49
CA LEU C 39 5.49 30.54 -2.01
C LEU C 39 5.13 32.02 -1.94
N SER C 40 4.14 32.45 -2.70
CA SER C 40 3.74 33.87 -2.81
C SER C 40 2.40 34.04 -2.08
N LEU C 41 2.28 34.98 -1.15
CA LEU C 41 1.08 35.08 -0.27
C LEU C 41 0.44 36.44 -0.54
N TYR C 42 -0.83 36.48 -0.84
CA TYR C 42 -1.57 37.74 -1.04
C TYR C 42 -2.85 37.72 -0.24
N ASP C 43 -3.15 38.84 0.37
CA ASP C 43 -4.47 39.05 0.99
C ASP C 43 -4.71 40.56 1.12
N VAL C 44 -5.96 40.98 1.29
CA VAL C 44 -6.24 42.45 1.52
C VAL C 44 -6.02 42.78 3.00
N VAL C 45 -5.90 41.77 3.87
CA VAL C 45 -5.62 41.95 5.31
C VAL C 45 -4.79 40.77 5.77
N GLY C 46 -3.78 41.02 6.57
CA GLY C 46 -3.05 39.97 7.27
C GLY C 46 -1.88 39.36 6.49
N ALA C 47 -1.60 39.74 5.24
CA ALA C 47 -0.61 38.99 4.45
C ALA C 47 0.79 39.21 5.03
N PRO C 48 1.19 40.41 5.46
CA PRO C 48 2.53 40.55 6.02
C PRO C 48 2.77 39.66 7.22
N GLY C 49 1.77 39.57 8.09
CA GLY C 49 1.83 38.77 9.33
C GLY C 49 2.00 37.31 9.02
N VAL C 50 1.23 36.80 8.06
CA VAL C 50 1.34 35.37 7.63
C VAL C 50 2.73 35.12 7.08
N ALA C 51 3.20 35.96 6.19
CA ALA C 51 4.51 35.79 5.54
C ALA C 51 5.62 35.86 6.60
N ALA C 52 5.51 36.74 7.59
CA ALA C 52 6.58 36.91 8.61
C ALA C 52 6.64 35.61 9.48
N ASP C 53 5.49 35.13 9.86
CA ASP C 53 5.32 33.85 10.65
C ASP C 53 5.91 32.67 9.83
N LEU C 54 5.50 32.43 8.57
CA LEU C 54 6.02 31.32 7.75
C LEU C 54 7.51 31.44 7.43
N SER C 55 8.03 32.66 7.29
CA SER C 55 9.43 32.91 6.93
C SER C 55 10.38 32.48 8.04
N HIS C 56 9.90 32.21 9.27
CA HIS C 56 10.75 31.82 10.41
C HIS C 56 10.95 30.31 10.40
N ILE C 57 10.19 29.55 9.61
CA ILE C 57 10.33 28.08 9.56
C ILE C 57 11.62 27.74 8.82
N ASP C 58 12.36 26.77 9.32
CA ASP C 58 13.70 26.35 8.83
C ASP C 58 13.58 25.47 7.56
N ARG C 59 12.74 25.84 6.60
CA ARG C 59 12.68 25.09 5.33
C ARG C 59 13.74 25.63 4.37
N ALA C 60 14.85 24.94 4.19
CA ALA C 60 15.89 25.49 3.30
C ALA C 60 15.37 25.43 1.86
N GLY C 61 15.71 26.39 1.03
CA GLY C 61 15.47 26.43 -0.43
C GLY C 61 14.06 26.90 -0.80
N ILE C 62 13.27 27.40 0.17
CA ILE C 62 11.90 27.95 -0.08
C ILE C 62 11.99 29.45 0.16
N THR C 63 11.62 30.21 -0.84
CA THR C 63 11.50 31.67 -0.81
C THR C 63 10.07 32.02 -0.48
N VAL C 64 9.85 32.82 0.55
CA VAL C 64 8.49 33.28 0.91
C VAL C 64 8.37 34.73 0.43
N LYS C 65 7.38 35.04 -0.39
CA LYS C 65 7.11 36.42 -0.85
C LYS C 65 5.71 36.78 -0.45
N HIS C 66 5.40 38.06 -0.29
CA HIS C 66 4.00 38.47 -0.08
C HIS C 66 3.71 39.85 -0.61
N ALA C 67 2.43 40.16 -0.74
CA ALA C 67 1.95 41.51 -1.02
C ALA C 67 0.67 41.69 -0.27
N ALA C 68 0.42 42.90 0.13
CA ALA C 68 -0.79 43.34 0.83
C ALA C 68 -1.62 44.19 -0.12
N GLY C 69 -2.89 43.86 -0.27
CA GLY C 69 -3.87 44.65 -1.04
C GLY C 69 -4.33 45.85 -0.25
N LYS C 70 -4.88 46.85 -0.91
CA LYS C 70 -5.46 48.04 -0.22
C LYS C 70 -6.70 47.58 0.57
N LEU C 71 -6.96 48.16 1.75
CA LEU C 71 -8.30 48.21 2.41
C LEU C 71 -8.76 49.67 2.35
N PRO C 72 -9.96 49.99 1.81
CA PRO C 72 -10.93 49.00 1.33
C PRO C 72 -10.45 48.44 -0.02
N PRO C 73 -10.89 47.22 -0.42
CA PRO C 73 -10.31 46.53 -1.58
C PRO C 73 -10.56 47.29 -2.89
N VAL C 74 -9.55 47.37 -3.75
CA VAL C 74 -9.66 48.06 -5.06
C VAL C 74 -9.68 46.96 -6.12
N PRO C 75 -10.38 47.18 -7.26
CA PRO C 75 -10.24 46.26 -8.36
C PRO C 75 -8.80 46.34 -8.90
N ARG C 76 -8.25 45.25 -9.45
CA ARG C 76 -6.99 45.28 -10.23
C ARG C 76 -5.86 45.80 -9.33
N ASP C 77 -5.86 45.34 -8.08
CA ASP C 77 -4.93 45.88 -7.06
C ASP C 77 -3.51 45.78 -7.61
N PRO C 78 -2.74 46.89 -7.67
CA PRO C 78 -1.37 46.88 -8.20
C PRO C 78 -0.36 46.02 -7.42
N ALA C 79 -0.60 45.81 -6.12
CA ALA C 79 0.23 44.90 -5.28
C ALA C 79 0.04 43.46 -5.77
N LEU C 80 -1.14 43.09 -6.20
CA LEU C 80 -1.39 41.73 -6.67
C LEU C 80 -0.79 41.62 -8.06
N THR C 81 -0.88 42.66 -8.88
CA THR C 81 -0.33 42.64 -10.25
C THR C 81 1.17 42.36 -10.17
N GLU C 82 1.85 42.97 -9.19
CA GLU C 82 3.29 42.73 -9.08
C GLU C 82 3.57 41.31 -8.55
N LEU C 83 2.85 40.89 -7.53
CA LEU C 83 3.10 39.54 -6.89
C LEU C 83 2.83 38.42 -7.94
N ALA C 84 1.83 38.61 -8.78
CA ALA C 84 1.41 37.64 -9.81
C ALA C 84 2.44 37.40 -10.90
N GLU C 85 3.44 38.26 -11.08
CA GLU C 85 4.54 38.03 -12.07
C GLU C 85 5.29 36.72 -11.80
N GLY C 86 5.38 35.85 -12.83
CA GLY C 86 6.21 34.63 -12.77
C GLY C 86 5.55 33.53 -11.90
N VAL C 87 4.25 33.64 -11.64
CA VAL C 87 3.53 32.58 -10.86
C VAL C 87 3.13 31.48 -11.84
N ASP C 88 3.34 30.23 -11.46
CA ASP C 88 2.91 29.01 -12.17
C ASP C 88 1.51 28.53 -11.78
N VAL C 89 1.19 28.67 -10.47
CA VAL C 89 -0.06 28.14 -9.88
C VAL C 89 -0.66 29.19 -8.93
N PHE C 90 -1.90 29.54 -9.20
CA PHE C 90 -2.74 30.45 -8.37
C PHE C 90 -3.78 29.63 -7.66
N VAL C 91 -3.69 29.64 -6.35
CA VAL C 91 -4.77 28.98 -5.57
C VAL C 91 -5.67 30.10 -5.07
N ILE C 92 -6.92 30.14 -5.53
CA ILE C 92 -7.88 31.21 -5.17
C ILE C 92 -8.70 30.69 -4.00
N VAL C 93 -8.40 31.22 -2.81
CA VAL C 93 -9.11 30.86 -1.54
C VAL C 93 -9.62 32.12 -0.86
N ALA C 94 -9.98 33.13 -1.64
CA ALA C 94 -10.47 34.40 -1.07
C ALA C 94 -11.98 34.24 -0.91
N GLY C 95 -12.58 35.00 -0.02
CA GLY C 95 -14.04 34.93 0.20
C GLY C 95 -14.41 35.96 1.24
N VAL C 96 -15.67 36.37 1.28
CA VAL C 96 -16.20 37.26 2.37
C VAL C 96 -17.42 36.57 2.98
N PRO C 97 -17.61 36.73 4.32
CA PRO C 97 -18.72 36.09 5.04
C PRO C 97 -20.07 36.76 4.73
N ARG C 98 -21.17 36.00 4.78
CA ARG C 98 -22.56 36.53 4.82
C ARG C 98 -22.68 37.29 6.15
N LYS C 99 -22.93 38.61 6.11
CA LYS C 99 -23.16 39.44 7.33
C LYS C 99 -24.68 39.46 7.63
N PRO C 100 -25.12 39.72 8.89
CA PRO C 100 -26.55 39.94 9.17
C PRO C 100 -27.16 40.93 8.16
N GLY C 101 -28.26 40.54 7.50
CA GLY C 101 -28.97 41.32 6.48
C GLY C 101 -28.56 41.03 5.04
N MET C 102 -27.45 40.32 4.78
CA MET C 102 -27.06 39.86 3.41
C MET C 102 -27.91 38.63 3.03
N THR C 103 -28.64 38.74 1.93
CA THR C 103 -29.34 37.58 1.28
C THR C 103 -28.29 36.57 0.76
N ARG C 104 -28.70 35.34 0.42
CA ARG C 104 -27.85 34.37 -0.31
C ARG C 104 -27.39 34.99 -1.65
N ASP C 105 -28.26 35.70 -2.37
CA ASP C 105 -27.90 36.30 -3.69
C ASP C 105 -26.74 37.30 -3.51
N ASP C 106 -26.80 38.11 -2.44
CA ASP C 106 -25.75 39.10 -2.04
C ASP C 106 -24.40 38.38 -1.79
N LEU C 107 -24.40 37.29 -0.99
CA LEU C 107 -23.18 36.48 -0.72
C LEU C 107 -22.63 35.99 -2.06
N PHE C 108 -23.48 35.36 -2.89
CA PHE C 108 -23.05 34.82 -4.20
C PHE C 108 -22.40 35.95 -4.98
N ASN C 109 -23.07 37.11 -5.03
CA ASN C 109 -22.65 38.23 -5.93
C ASN C 109 -21.29 38.78 -5.47
N VAL C 110 -21.15 38.85 -4.17
CA VAL C 110 -19.91 39.38 -3.53
C VAL C 110 -18.73 38.46 -3.87
N ASN C 111 -18.88 37.12 -3.73
CA ASN C 111 -17.77 36.16 -3.92
C ASN C 111 -17.55 35.95 -5.44
N ALA C 112 -18.60 35.92 -6.26
CA ALA C 112 -18.48 35.89 -7.73
C ALA C 112 -17.62 37.07 -8.19
N GLY C 113 -17.86 38.28 -7.66
CA GLY C 113 -17.13 39.47 -8.11
C GLY C 113 -15.69 39.40 -7.64
N ILE C 114 -15.45 38.80 -6.48
CA ILE C 114 -14.04 38.62 -6.04
C ILE C 114 -13.32 37.66 -6.97
N VAL C 115 -13.87 36.52 -7.31
CA VAL C 115 -13.21 35.55 -8.23
C VAL C 115 -12.94 36.23 -9.58
N MET C 116 -13.92 36.87 -10.18
CA MET C 116 -13.68 37.62 -11.44
C MET C 116 -12.50 38.58 -11.35
N ASP C 117 -12.47 39.43 -10.34
CA ASP C 117 -11.44 40.48 -10.15
C ASP C 117 -10.06 39.85 -9.96
N LEU C 118 -9.99 38.84 -9.11
CA LEU C 118 -8.71 38.17 -8.82
C LEU C 118 -8.20 37.45 -10.10
N VAL C 119 -9.04 36.75 -10.84
CA VAL C 119 -8.59 36.02 -12.05
C VAL C 119 -8.17 37.05 -13.12
N LEU C 120 -8.89 38.14 -13.27
CA LEU C 120 -8.50 39.21 -14.23
C LEU C 120 -7.10 39.72 -13.87
N THR C 121 -6.90 40.05 -12.60
CA THR C 121 -5.64 40.67 -12.15
C THR C 121 -4.50 39.67 -12.37
N CYS C 122 -4.64 38.45 -11.85
CA CYS C 122 -3.56 37.44 -11.97
C CYS C 122 -3.26 37.03 -13.44
N ALA C 123 -4.27 36.73 -14.23
CA ALA C 123 -4.13 36.17 -15.60
C ALA C 123 -3.63 37.24 -16.61
N SER C 124 -3.78 38.52 -16.30
CA SER C 124 -3.35 39.64 -17.17
C SER C 124 -1.83 39.69 -17.07
N VAL C 125 -1.26 39.16 -15.98
CA VAL C 125 0.21 39.12 -15.79
C VAL C 125 0.75 37.72 -16.08
N SER C 126 0.16 36.67 -15.53
CA SER C 126 0.62 35.27 -15.77
C SER C 126 -0.47 34.46 -16.42
N PRO C 127 -0.71 34.68 -17.74
CA PRO C 127 -1.78 34.00 -18.44
C PRO C 127 -1.54 32.52 -18.66
N ASN C 128 -0.32 32.01 -18.50
CA ASN C 128 -0.06 30.56 -18.70
C ASN C 128 -0.06 29.78 -17.37
N ALA C 129 -0.41 30.42 -16.26
CA ALA C 129 -0.49 29.78 -14.93
C ALA C 129 -1.67 28.80 -14.88
N CYS C 130 -1.60 27.84 -13.98
CA CYS C 130 -2.77 27.03 -13.63
C CYS C 130 -3.59 27.85 -12.63
N PHE C 131 -4.93 27.83 -12.73
CA PHE C 131 -5.83 28.44 -11.72
C PHE C 131 -6.57 27.33 -10.97
N CYS C 132 -6.38 27.27 -9.66
CA CYS C 132 -7.07 26.30 -8.78
C CYS C 132 -8.15 27.04 -7.99
N ILE C 133 -9.41 26.83 -8.29
CA ILE C 133 -10.50 27.62 -7.70
C ILE C 133 -11.05 26.86 -6.47
N VAL C 134 -10.92 27.45 -5.31
CA VAL C 134 -11.44 26.87 -4.02
C VAL C 134 -12.72 27.63 -3.63
N THR C 135 -12.75 28.93 -3.91
CA THR C 135 -13.80 29.89 -3.56
C THR C 135 -15.10 29.27 -4.03
N ASN C 136 -16.09 29.20 -3.13
CA ASN C 136 -17.43 28.59 -3.39
C ASN C 136 -18.37 29.65 -3.87
N PRO C 137 -19.48 29.28 -4.54
CA PRO C 137 -19.74 27.90 -4.92
C PRO C 137 -18.94 27.52 -6.18
N VAL C 138 -18.07 26.50 -6.03
CA VAL C 138 -17.21 25.93 -7.11
C VAL C 138 -18.00 25.65 -8.39
N ASN C 139 -19.19 25.08 -8.30
CA ASN C 139 -19.92 24.72 -9.54
C ASN C 139 -20.08 25.96 -10.44
N SER C 140 -20.24 27.14 -9.84
CA SER C 140 -20.43 28.48 -10.46
C SER C 140 -19.16 29.31 -10.57
N THR C 141 -18.28 29.36 -9.56
CA THR C 141 -17.06 30.19 -9.64
C THR C 141 -16.09 29.65 -10.71
N THR C 142 -16.02 28.33 -10.93
CA THR C 142 -15.17 27.78 -12.00
C THR C 142 -15.57 28.41 -13.34
N PRO C 143 -16.82 28.28 -13.79
CA PRO C 143 -17.18 28.78 -15.12
C PRO C 143 -17.13 30.31 -15.15
N ILE C 144 -17.29 31.00 -14.01
CA ILE C 144 -17.03 32.47 -13.98
C ILE C 144 -15.54 32.69 -14.34
N ALA C 145 -14.63 31.96 -13.69
CA ALA C 145 -13.19 32.06 -13.99
C ALA C 145 -12.99 31.82 -15.50
N ALA C 146 -13.60 30.79 -16.10
CA ALA C 146 -13.36 30.49 -17.53
C ALA C 146 -13.80 31.71 -18.37
N GLN C 147 -14.94 32.32 -18.07
CA GLN C 147 -15.52 33.45 -18.83
C GLN C 147 -14.55 34.63 -18.74
N THR C 148 -13.97 34.82 -17.54
CA THR C 148 -13.00 35.89 -17.28
C THR C 148 -11.73 35.70 -18.10
N LEU C 149 -11.20 34.47 -18.11
CA LEU C 149 -10.05 34.10 -18.95
C LEU C 149 -10.42 34.30 -20.44
N ARG C 150 -11.61 33.89 -20.87
CA ARG C 150 -12.05 34.06 -22.31
C ARG C 150 -12.06 35.54 -22.69
N LYS C 151 -12.48 36.39 -21.75
CA LYS C 151 -12.61 37.85 -21.97
C LYS C 151 -11.25 38.48 -22.28
N ILE C 152 -10.17 38.03 -21.63
CA ILE C 152 -8.83 38.60 -21.95
C ILE C 152 -8.19 37.80 -23.08
N GLY C 153 -8.77 36.70 -23.55
CA GLY C 153 -8.26 35.91 -24.69
C GLY C 153 -7.19 34.90 -24.31
N VAL C 154 -7.18 34.43 -23.04
CA VAL C 154 -6.10 33.52 -22.61
C VAL C 154 -6.66 32.22 -22.01
N TYR C 155 -7.92 31.87 -22.22
CA TYR C 155 -8.51 30.66 -21.61
C TYR C 155 -7.83 29.39 -22.14
N ASN C 156 -7.22 28.65 -21.21
CA ASN C 156 -6.62 27.34 -21.48
C ASN C 156 -7.42 26.32 -20.67
N LYS C 157 -8.31 25.60 -21.36
CA LYS C 157 -9.23 24.61 -20.74
C LYS C 157 -8.47 23.52 -19.95
N ASN C 158 -7.18 23.37 -20.13
CA ASN C 158 -6.37 22.35 -19.45
C ASN C 158 -5.75 22.94 -18.16
N LYS C 159 -5.98 24.21 -17.85
CA LYS C 159 -5.25 24.84 -16.74
C LYS C 159 -6.19 25.48 -15.75
N LEU C 160 -7.48 25.31 -15.90
CA LEU C 160 -8.50 25.79 -14.94
C LEU C 160 -9.06 24.58 -14.17
N LEU C 161 -8.93 24.57 -12.86
CA LEU C 161 -9.33 23.38 -12.06
C LEU C 161 -10.16 23.84 -10.88
N GLY C 162 -11.42 23.39 -10.82
CA GLY C 162 -12.32 23.54 -9.67
C GLY C 162 -11.99 22.51 -8.63
N VAL C 163 -11.63 22.98 -7.41
CA VAL C 163 -11.03 22.07 -6.39
C VAL C 163 -12.18 21.39 -5.67
N SER C 164 -12.38 20.09 -5.94
CA SER C 164 -13.52 19.34 -5.46
C SER C 164 -13.02 18.20 -4.58
N LEU C 165 -11.71 18.10 -4.33
CA LEU C 165 -11.09 16.94 -3.68
C LEU C 165 -11.64 16.77 -2.25
N LEU C 166 -12.12 17.80 -1.57
CA LEU C 166 -12.62 17.59 -0.19
C LEU C 166 -13.76 16.54 -0.19
N ASP C 167 -14.52 16.43 -1.24
CA ASP C 167 -15.55 15.37 -1.32
C ASP C 167 -14.98 13.95 -1.29
N GLY C 168 -13.95 13.72 -2.08
CA GLY C 168 -13.09 12.52 -2.13
C GLY C 168 -12.51 12.22 -0.76
N LEU C 169 -11.94 13.23 -0.06
CA LEU C 169 -11.43 12.99 1.31
C LEU C 169 -12.53 12.48 2.21
N ARG C 170 -13.67 13.13 2.20
CA ARG C 170 -14.80 12.70 3.04
C ARG C 170 -15.27 11.28 2.62
N ALA C 171 -15.47 11.07 1.35
CA ALA C 171 -16.06 9.78 0.85
C ALA C 171 -15.11 8.62 1.28
N THR C 172 -13.82 8.89 1.23
CA THR C 172 -12.79 7.93 1.58
C THR C 172 -12.83 7.71 3.10
N ARG C 173 -12.74 8.76 3.92
CA ARG C 173 -12.81 8.65 5.38
C ARG C 173 -14.04 7.79 5.77
N PHE C 174 -15.18 8.07 5.19
CA PHE C 174 -16.45 7.48 5.66
C PHE C 174 -16.52 6.00 5.25
N ILE C 175 -16.04 5.64 4.07
CA ILE C 175 -16.06 4.21 3.69
C ILE C 175 -14.99 3.46 4.47
N ASN C 176 -13.84 4.07 4.73
CA ASN C 176 -12.83 3.32 5.48
C ASN C 176 -13.36 3.12 6.92
N ASN C 177 -14.09 4.10 7.48
CA ASN C 177 -14.59 3.97 8.88
C ASN C 177 -15.59 2.80 8.85
N ALA C 178 -16.32 2.65 7.77
CA ALA C 178 -17.35 1.59 7.73
C ALA C 178 -16.69 0.21 7.49
N ARG C 179 -15.58 0.10 6.77
CA ARG C 179 -15.04 -1.21 6.28
C ARG C 179 -13.83 -1.68 7.08
N HIS C 180 -13.33 -0.87 8.02
CA HIS C 180 -12.14 -1.15 8.84
C HIS C 180 -12.12 -2.65 9.16
N PRO C 181 -11.05 -3.46 8.93
CA PRO C 181 -9.71 -2.96 8.60
C PRO C 181 -9.36 -2.82 7.10
N LEU C 182 -10.33 -3.05 6.22
CA LEU C 182 -10.16 -2.86 4.74
C LEU C 182 -10.10 -1.35 4.44
N VAL C 183 -8.97 -0.87 3.90
CA VAL C 183 -8.69 0.56 3.62
C VAL C 183 -8.54 0.79 2.12
N VAL C 184 -9.03 1.91 1.61
CA VAL C 184 -8.73 2.36 0.24
C VAL C 184 -8.14 3.77 0.36
N PRO C 185 -7.28 4.14 -0.63
CA PRO C 185 -6.64 5.47 -0.64
C PRO C 185 -7.49 6.59 -1.21
N TYR C 186 -8.55 6.33 -1.98
CA TYR C 186 -9.35 7.38 -2.63
C TYR C 186 -10.66 6.75 -3.11
N VAL C 187 -11.63 7.58 -3.34
CA VAL C 187 -12.97 7.16 -3.88
C VAL C 187 -13.28 8.13 -4.99
N PRO C 188 -13.59 7.69 -6.20
CA PRO C 188 -14.04 8.60 -7.25
C PRO C 188 -15.28 9.38 -6.77
N VAL C 189 -15.31 10.67 -7.01
CA VAL C 189 -16.47 11.54 -6.70
C VAL C 189 -16.71 12.43 -7.89
N VAL C 190 -17.86 12.27 -8.57
CA VAL C 190 -18.11 12.99 -9.84
C VAL C 190 -19.37 13.84 -9.73
N GLY C 191 -19.62 14.65 -10.74
CA GLY C 191 -20.79 15.51 -10.80
C GLY C 191 -20.45 16.93 -10.57
N GLY C 192 -20.79 17.45 -9.39
CA GLY C 192 -20.42 18.80 -8.99
C GLY C 192 -19.89 18.75 -7.60
N HIS C 193 -19.85 19.92 -7.00
CA HIS C 193 -19.17 20.13 -5.70
C HIS C 193 -20.16 20.62 -4.64
N SER C 194 -21.49 20.48 -4.77
CA SER C 194 -22.38 20.94 -3.65
C SER C 194 -23.57 20.01 -3.50
N ASP C 195 -24.01 19.73 -2.25
CA ASP C 195 -25.24 18.97 -1.91
C ASP C 195 -25.53 17.90 -2.97
N VAL C 196 -26.64 18.04 -3.69
CA VAL C 196 -27.17 16.95 -4.56
C VAL C 196 -26.27 16.72 -5.79
N THR C 197 -25.34 17.64 -6.10
CA THR C 197 -24.49 17.45 -7.29
C THR C 197 -23.30 16.52 -6.99
N ILE C 198 -23.12 16.20 -5.73
CA ILE C 198 -21.96 15.35 -5.31
C ILE C 198 -22.33 13.87 -5.43
N VAL C 199 -21.63 13.15 -6.30
CA VAL C 199 -21.91 11.73 -6.54
C VAL C 199 -20.69 10.85 -6.25
N PRO C 200 -20.55 10.28 -5.04
CA PRO C 200 -19.47 9.31 -4.75
C PRO C 200 -19.76 7.99 -5.51
N LEU C 201 -18.78 7.41 -6.14
CA LEU C 201 -18.89 6.12 -6.87
C LEU C 201 -18.21 4.99 -6.10
N TYR C 202 -18.87 4.51 -5.04
CA TYR C 202 -18.32 3.41 -4.24
C TYR C 202 -18.21 2.12 -5.06
N SER C 203 -19.00 1.94 -6.08
CA SER C 203 -18.95 0.73 -6.96
C SER C 203 -17.60 0.62 -7.63
N GLN C 204 -16.83 1.70 -7.75
CA GLN C 204 -15.52 1.66 -8.46
C GLN C 204 -14.36 1.47 -7.48
N ILE C 205 -14.58 1.16 -6.21
CA ILE C 205 -13.43 0.88 -5.32
C ILE C 205 -13.35 -0.62 -5.10
N PRO C 206 -12.20 -1.13 -4.72
CA PRO C 206 -12.08 -2.57 -4.53
C PRO C 206 -12.62 -3.11 -3.19
N GLY C 207 -12.98 -4.39 -3.20
CA GLY C 207 -13.44 -5.10 -1.98
C GLY C 207 -14.94 -5.02 -1.78
N PRO C 208 -15.48 -5.93 -0.97
CA PRO C 208 -16.93 -6.02 -0.73
C PRO C 208 -17.39 -4.73 -0.05
N LEU C 209 -18.52 -4.19 -0.53
CA LEU C 209 -19.13 -2.95 0.08
C LEU C 209 -20.09 -3.32 1.20
N PRO C 210 -20.38 -2.43 2.17
CA PRO C 210 -21.56 -2.64 3.02
C PRO C 210 -22.84 -2.69 2.16
N ASP C 211 -23.94 -3.10 2.79
CA ASP C 211 -25.25 -3.27 2.11
C ASP C 211 -25.64 -1.90 1.53
N GLU C 212 -26.40 -1.91 0.44
CA GLU C 212 -26.90 -0.70 -0.24
C GLU C 212 -27.62 0.28 0.74
N SER C 213 -28.30 -0.22 1.78
CA SER C 213 -28.99 0.69 2.74
C SER C 213 -27.93 1.57 3.42
N THR C 214 -26.85 0.96 3.92
CA THR C 214 -25.71 1.67 4.53
C THR C 214 -25.05 2.61 3.51
N LEU C 215 -24.79 2.16 2.28
CA LEU C 215 -24.22 3.06 1.22
C LEU C 215 -25.12 4.27 1.00
N LYS C 216 -26.45 4.14 0.94
CA LYS C 216 -27.27 5.37 0.74
C LYS C 216 -26.93 6.36 1.87
N GLU C 217 -26.76 5.84 3.08
CA GLU C 217 -26.56 6.77 4.24
C GLU C 217 -25.19 7.44 4.09
N ILE C 218 -24.18 6.65 3.75
CA ILE C 218 -22.81 7.22 3.62
C ILE C 218 -22.78 8.26 2.48
N ARG C 219 -23.38 7.96 1.34
CA ARG C 219 -23.34 8.86 0.16
C ARG C 219 -24.05 10.14 0.55
N LYS C 220 -25.18 10.00 1.24
CA LYS C 220 -25.92 11.20 1.69
C LYS C 220 -25.00 12.05 2.60
N ARG C 221 -24.32 11.38 3.52
CA ARG C 221 -23.40 12.06 4.47
C ARG C 221 -22.36 12.87 3.71
N VAL C 222 -21.77 12.31 2.64
CA VAL C 222 -20.83 13.07 1.77
C VAL C 222 -21.52 14.31 1.25
N GLN C 223 -22.73 14.20 0.69
CA GLN C 223 -23.50 15.35 0.15
C GLN C 223 -23.75 16.45 1.21
N VAL C 224 -24.02 16.12 2.48
CA VAL C 224 -24.41 17.16 3.48
C VAL C 224 -23.26 17.34 4.47
N ALA C 225 -22.09 16.85 4.14
CA ALA C 225 -20.93 16.90 5.08
C ALA C 225 -20.56 18.36 5.40
N GLY C 226 -20.61 19.25 4.40
CA GLY C 226 -20.33 20.68 4.67
C GLY C 226 -21.25 21.26 5.75
N THR C 227 -22.56 20.99 5.65
CA THR C 227 -23.53 21.39 6.67
C THR C 227 -23.24 20.73 8.02
N GLU C 228 -22.83 19.47 8.03
CA GLU C 228 -22.40 18.78 9.26
C GLU C 228 -21.31 19.64 9.95
N VAL C 229 -20.31 20.11 9.22
CA VAL C 229 -19.24 20.93 9.87
C VAL C 229 -19.74 22.34 10.23
N VAL C 230 -20.54 23.01 9.39
CA VAL C 230 -21.17 24.30 9.79
C VAL C 230 -21.92 24.18 11.14
N LYS C 231 -22.75 23.17 11.32
CA LYS C 231 -23.48 22.98 12.59
C LYS C 231 -22.51 22.74 13.77
N ALA C 232 -21.51 21.90 13.59
CA ALA C 232 -20.58 21.55 14.68
C ALA C 232 -19.81 22.81 15.04
N LYS C 233 -19.50 23.67 14.07
CA LYS C 233 -18.69 24.89 14.40
C LYS C 233 -19.54 25.96 15.12
N ALA C 234 -20.87 25.83 15.06
CA ALA C 234 -21.89 26.58 15.83
C ALA C 234 -21.64 28.09 15.71
N GLY C 235 -21.41 28.58 14.49
CA GLY C 235 -21.24 30.02 14.20
C GLY C 235 -19.84 30.37 13.68
N ARG C 236 -18.83 29.52 13.87
CA ARG C 236 -17.48 29.78 13.32
C ARG C 236 -17.39 29.46 11.83
N GLY C 237 -18.41 28.86 11.20
CA GLY C 237 -18.57 28.75 9.73
C GLY C 237 -18.21 27.40 9.15
N SER C 238 -17.63 27.39 7.96
CA SER C 238 -17.43 26.13 7.20
C SER C 238 -16.09 25.46 7.52
N ALA C 239 -15.83 24.32 6.93
CA ALA C 239 -14.54 23.60 7.07
C ALA C 239 -13.35 24.44 6.62
N THR C 240 -12.28 24.41 7.42
CA THR C 240 -11.05 25.17 7.17
C THR C 240 -9.89 24.18 7.12
N LEU C 241 -9.77 23.33 8.12
CA LEU C 241 -8.55 22.49 8.31
C LEU C 241 -8.65 21.34 7.31
N SER C 242 -9.82 20.75 7.07
CA SER C 242 -9.88 19.65 6.10
C SER C 242 -9.74 20.20 4.68
N MET C 243 -10.23 21.42 4.40
CA MET C 243 -10.01 22.14 3.11
C MET C 243 -8.56 22.55 2.95
N ALA C 244 -7.84 22.94 4.02
CA ALA C 244 -6.41 23.15 3.87
C ALA C 244 -5.79 21.85 3.40
N GLU C 245 -6.12 20.74 4.04
CA GLU C 245 -5.51 19.44 3.67
C GLU C 245 -5.80 19.12 2.21
N ALA C 246 -7.07 19.12 1.78
CA ALA C 246 -7.49 18.83 0.40
C ALA C 246 -6.82 19.79 -0.58
N GLY C 247 -6.83 21.09 -0.25
CA GLY C 247 -6.20 22.08 -1.12
C GLY C 247 -4.72 21.93 -1.28
N ALA C 248 -4.02 21.66 -0.21
CA ALA C 248 -2.56 21.44 -0.26
C ALA C 248 -2.25 20.18 -1.08
N ARG C 249 -2.94 19.11 -0.80
CA ARG C 249 -2.72 17.86 -1.58
C ARG C 249 -2.99 18.11 -3.07
N PHE C 250 -4.10 18.72 -3.46
CA PHE C 250 -4.46 19.03 -4.87
C PHE C 250 -3.40 19.91 -5.51
N THR C 251 -2.98 20.98 -4.84
CA THR C 251 -1.94 21.92 -5.30
C THR C 251 -0.65 21.12 -5.52
N MET C 252 -0.30 20.18 -4.63
CA MET C 252 0.98 19.45 -4.75
C MET C 252 0.88 18.45 -5.93
N HIS C 253 -0.31 17.91 -6.28
CA HIS C 253 -0.53 17.14 -7.52
C HIS C 253 -0.30 18.01 -8.77
N VAL C 254 -0.74 19.24 -8.74
CA VAL C 254 -0.51 20.17 -9.88
C VAL C 254 0.97 20.47 -10.02
N VAL C 255 1.57 20.93 -8.94
CA VAL C 255 2.99 21.26 -8.90
C VAL C 255 3.83 20.09 -9.42
N LYS C 256 3.63 18.88 -8.87
CA LYS C 256 4.46 17.76 -9.31
C LYS C 256 4.21 17.47 -10.79
N ALA C 257 3.00 17.60 -11.25
CA ALA C 257 2.69 17.38 -12.68
C ALA C 257 3.41 18.44 -13.53
N LEU C 258 3.39 19.70 -13.13
CA LEU C 258 4.05 20.80 -13.89
C LEU C 258 5.56 20.60 -13.91
N MET C 259 6.12 20.03 -12.85
CA MET C 259 7.59 19.79 -12.76
C MET C 259 8.03 18.47 -13.44
N GLY C 260 7.13 17.68 -13.98
CA GLY C 260 7.49 16.38 -14.59
C GLY C 260 7.81 15.32 -13.52
N LEU C 261 7.38 15.52 -12.27
CA LEU C 261 7.71 14.62 -11.12
C LEU C 261 6.57 13.63 -10.87
N ASP C 262 5.42 13.73 -11.57
CA ASP C 262 4.35 12.76 -11.45
C ASP C 262 3.41 13.01 -12.62
N THR C 263 2.62 12.01 -12.93
CA THR C 263 1.44 12.20 -13.82
C THR C 263 0.24 11.68 -13.06
N PRO C 264 -0.30 12.43 -12.08
CA PRO C 264 -1.29 11.88 -11.16
C PRO C 264 -2.70 11.83 -11.77
N MET C 265 -3.48 10.84 -11.41
CA MET C 265 -4.94 10.86 -11.77
C MET C 265 -5.66 11.54 -10.63
N VAL C 266 -6.42 12.60 -10.87
CA VAL C 266 -7.20 13.29 -9.80
C VAL C 266 -8.63 13.50 -10.23
N TYR C 267 -9.48 13.91 -9.31
CA TYR C 267 -10.90 14.25 -9.57
C TYR C 267 -10.94 15.76 -9.40
N ALA C 268 -11.46 16.46 -10.37
CA ALA C 268 -11.59 17.93 -10.28
C ALA C 268 -12.72 18.42 -11.17
N TYR C 269 -13.25 19.62 -10.87
CA TYR C 269 -14.42 20.20 -11.58
C TYR C 269 -13.85 21.01 -12.72
N VAL C 270 -13.92 20.42 -13.91
CA VAL C 270 -13.12 20.89 -15.08
C VAL C 270 -13.98 21.10 -16.30
N ASP C 271 -13.43 21.89 -17.23
CA ASP C 271 -14.05 22.01 -18.58
C ASP C 271 -14.09 20.60 -19.18
N THR C 272 -15.24 20.10 -19.62
CA THR C 272 -15.32 18.70 -20.10
C THR C 272 -14.85 18.62 -21.55
N ASP C 273 -14.65 19.75 -22.22
CA ASP C 273 -14.04 19.81 -23.57
C ASP C 273 -14.78 18.85 -24.53
N GLY C 274 -16.11 18.90 -24.63
CA GLY C 274 -16.88 18.01 -25.52
C GLY C 274 -16.98 16.56 -25.07
N GLU C 275 -16.28 16.09 -24.03
CA GLU C 275 -16.40 14.70 -23.48
C GLU C 275 -17.76 14.46 -22.80
N HIS C 276 -18.56 15.49 -22.56
CA HIS C 276 -19.86 15.35 -21.84
CA HIS C 276 -19.87 15.33 -21.84
C HIS C 276 -20.77 16.47 -22.29
N GLU C 277 -22.09 16.26 -22.26
CA GLU C 277 -23.15 17.28 -22.53
C GLU C 277 -22.94 18.45 -21.55
N CYS C 278 -22.72 18.16 -20.28
CA CYS C 278 -22.43 19.19 -19.26
C CYS C 278 -21.05 19.82 -19.52
N PRO C 279 -20.90 21.16 -19.70
CA PRO C 279 -19.61 21.76 -20.05
C PRO C 279 -18.58 21.84 -18.89
N PHE C 280 -19.03 21.77 -17.64
CA PHE C 280 -18.14 21.59 -16.46
C PHE C 280 -18.69 20.42 -15.62
N LEU C 281 -17.80 19.60 -15.13
CA LEU C 281 -18.18 18.38 -14.37
C LEU C 281 -16.96 17.93 -13.51
N ALA C 282 -17.21 17.37 -12.34
CA ALA C 282 -16.19 16.74 -11.51
C ALA C 282 -15.99 15.38 -12.19
N MET C 283 -14.77 15.11 -12.62
CA MET C 283 -14.46 13.95 -13.44
C MET C 283 -13.01 13.57 -13.23
N PRO C 284 -12.61 12.33 -13.56
CA PRO C 284 -11.21 11.95 -13.49
C PRO C 284 -10.37 12.57 -14.64
N VAL C 285 -9.20 13.08 -14.28
CA VAL C 285 -8.25 13.54 -15.30
C VAL C 285 -6.86 13.09 -14.86
N VAL C 286 -5.98 12.96 -15.82
CA VAL C 286 -4.53 12.87 -15.53
C VAL C 286 -3.90 14.22 -15.74
N LEU C 287 -2.99 14.62 -14.86
CA LEU C 287 -2.25 15.90 -14.97
C LEU C 287 -0.83 15.64 -15.48
N GLY C 288 -0.30 16.55 -16.31
CA GLY C 288 1.04 16.53 -16.89
C GLY C 288 1.66 17.92 -16.92
N LYS C 289 2.73 18.06 -17.67
CA LYS C 289 3.54 19.34 -17.65
C LYS C 289 2.76 20.55 -18.14
N ASN C 290 1.62 20.37 -18.82
CA ASN C 290 0.82 21.45 -19.43
C ASN C 290 -0.56 21.49 -18.78
N GLY C 291 -0.71 20.93 -17.56
CA GLY C 291 -2.03 20.88 -16.94
C GLY C 291 -2.71 19.62 -17.33
N ILE C 292 -3.99 19.66 -17.54
CA ILE C 292 -4.71 18.40 -17.82
C ILE C 292 -4.06 17.80 -19.08
N GLU C 293 -3.76 16.50 -19.03
CA GLU C 293 -3.11 15.75 -20.14
C GLU C 293 -4.11 14.77 -20.78
N ARG C 294 -5.00 14.19 -19.98
CA ARG C 294 -6.05 13.23 -20.42
CA ARG C 294 -6.06 13.27 -20.46
C ARG C 294 -7.34 13.45 -19.62
N ARG C 295 -8.49 13.45 -20.27
CA ARG C 295 -9.81 13.43 -19.61
C ARG C 295 -10.26 11.98 -19.67
N LEU C 296 -10.55 11.38 -18.52
CA LEU C 296 -10.84 9.95 -18.48
C LEU C 296 -12.36 9.88 -18.51
N PRO C 297 -12.94 8.77 -18.99
CA PRO C 297 -14.38 8.57 -18.81
C PRO C 297 -14.74 8.35 -17.32
N ILE C 298 -15.99 8.61 -16.95
CA ILE C 298 -16.55 8.39 -15.60
C ILE C 298 -16.36 6.91 -15.31
N GLY C 299 -16.60 6.06 -16.33
CA GLY C 299 -16.48 4.61 -16.29
C GLY C 299 -17.79 3.95 -15.84
N PRO C 300 -17.78 2.62 -15.60
CA PRO C 300 -19.00 1.89 -15.29
C PRO C 300 -19.56 2.22 -13.90
N ILE C 301 -20.88 2.43 -13.83
CA ILE C 301 -21.52 2.82 -12.57
C ILE C 301 -22.75 1.94 -12.43
N THR C 302 -23.23 1.82 -11.21
CA THR C 302 -24.49 1.06 -10.89
C THR C 302 -25.73 1.87 -11.26
N THR C 303 -26.93 1.25 -11.28
CA THR C 303 -28.15 2.02 -11.67
C THR C 303 -28.40 3.13 -10.63
N VAL C 304 -28.14 2.90 -9.34
CA VAL C 304 -28.31 3.90 -8.25
C VAL C 304 -27.41 5.10 -8.54
N GLU C 305 -26.15 4.84 -8.87
CA GLU C 305 -25.19 5.92 -9.21
C GLU C 305 -25.60 6.66 -10.48
N LYS C 306 -26.19 5.98 -11.48
CA LYS C 306 -26.59 6.64 -12.73
C LYS C 306 -27.75 7.60 -12.47
N GLU C 307 -28.69 7.18 -11.63
CA GLU C 307 -29.83 8.06 -11.25
C GLU C 307 -29.32 9.29 -10.52
N MET C 308 -28.45 9.06 -9.53
CA MET C 308 -27.86 10.20 -8.77
C MET C 308 -27.19 11.17 -9.75
N LEU C 309 -26.37 10.67 -10.65
CA LEU C 309 -25.65 11.48 -11.68
C LEU C 309 -26.62 12.25 -12.61
N GLU C 310 -27.70 11.62 -13.14
CA GLU C 310 -28.66 12.36 -14.00
C GLU C 310 -29.24 13.53 -13.20
N GLU C 311 -29.61 13.30 -11.95
CA GLU C 311 -30.18 14.38 -11.10
C GLU C 311 -29.11 15.48 -10.91
N ALA C 312 -27.90 15.07 -10.54
CA ALA C 312 -26.78 15.99 -10.30
C ALA C 312 -26.53 16.84 -11.55
N VAL C 313 -26.50 16.21 -12.72
CA VAL C 313 -26.09 16.97 -13.93
C VAL C 313 -27.11 18.08 -14.20
N GLY C 314 -28.40 17.82 -13.95
CA GLY C 314 -29.47 18.81 -14.13
C GLY C 314 -29.16 20.05 -13.32
N VAL C 315 -28.72 19.86 -12.08
CA VAL C 315 -28.46 21.00 -11.16
C VAL C 315 -27.14 21.69 -11.54
N VAL C 316 -26.15 20.90 -11.89
CA VAL C 316 -24.84 21.48 -12.34
C VAL C 316 -25.13 22.38 -13.54
N LYS C 317 -25.94 21.97 -14.52
CA LYS C 317 -26.16 22.83 -15.71
C LYS C 317 -26.78 24.16 -15.31
N LYS C 318 -27.65 24.17 -14.31
CA LYS C 318 -28.25 25.38 -13.72
C LYS C 318 -27.17 26.19 -12.97
N ASN C 319 -26.32 25.53 -12.22
CA ASN C 319 -25.21 26.22 -11.50
C ASN C 319 -24.33 26.96 -12.51
N ILE C 320 -23.98 26.29 -13.60
CA ILE C 320 -23.06 26.84 -14.62
C ILE C 320 -23.72 28.04 -15.25
N ALA C 321 -24.95 27.86 -15.77
CA ALA C 321 -25.73 28.96 -16.34
C ALA C 321 -25.74 30.14 -15.36
N LYS C 322 -26.01 29.92 -14.07
CA LYS C 322 -26.02 31.03 -13.09
C LYS C 322 -24.64 31.73 -13.08
N GLY C 323 -23.53 30.98 -13.18
CA GLY C 323 -22.18 31.58 -13.24
C GLY C 323 -21.97 32.44 -14.50
N GLU C 324 -22.26 31.88 -15.66
CA GLU C 324 -22.06 32.53 -16.97
C GLU C 324 -22.95 33.79 -17.08
N THR C 325 -24.18 33.74 -16.59
CA THR C 325 -25.12 34.88 -16.53
C THR C 325 -24.47 36.00 -15.71
N PHE C 326 -23.99 35.71 -14.50
CA PHE C 326 -23.28 36.71 -13.66
C PHE C 326 -22.10 37.28 -14.43
N ALA C 327 -21.28 36.43 -15.07
CA ALA C 327 -20.02 36.84 -15.74
C ALA C 327 -20.31 37.77 -16.94
N ARG C 328 -21.38 37.52 -17.68
CA ARG C 328 -21.70 38.28 -18.92
C ARG C 328 -22.37 39.61 -18.54
N SER C 329 -23.14 39.67 -17.46
CA SER C 329 -23.67 40.94 -16.90
C SER C 329 -22.54 41.89 -16.48
N LYS C 330 -21.38 41.40 -16.00
CA LYS C 330 -20.32 42.25 -15.38
C LYS C 330 -19.16 42.50 -16.35
N LEU C 331 -18.66 41.49 -17.07
CA LEU C 331 -17.43 41.57 -17.91
C LEU C 331 -17.62 42.59 -19.04
N MET D 9 11.19 -4.72 19.18
CA MET D 9 9.80 -4.94 18.70
C MET D 9 9.82 -6.07 17.67
N VAL D 10 10.15 -5.86 16.40
CA VAL D 10 10.07 -6.97 15.41
C VAL D 10 11.48 -7.55 15.12
N ASN D 11 11.56 -8.87 15.07
CA ASN D 11 12.76 -9.60 14.62
C ASN D 11 12.39 -10.37 13.33
N VAL D 12 12.99 -10.02 12.21
CA VAL D 12 12.74 -10.62 10.87
C VAL D 12 14.00 -11.41 10.49
N ALA D 13 13.85 -12.67 10.19
CA ALA D 13 14.94 -13.58 9.83
C ALA D 13 14.84 -13.85 8.31
N VAL D 14 15.89 -13.58 7.60
CA VAL D 14 15.99 -13.97 6.16
C VAL D 14 16.76 -15.28 6.07
N ILE D 15 16.07 -16.33 5.69
CA ILE D 15 16.60 -17.73 5.62
C ILE D 15 17.01 -18.01 4.16
N GLY D 16 18.32 -18.04 3.93
CA GLY D 16 18.89 -17.99 2.58
C GLY D 16 19.38 -16.59 2.30
N ALA D 17 19.94 -15.88 3.30
CA ALA D 17 20.25 -14.44 3.14
C ALA D 17 21.45 -14.23 2.20
N ALA D 18 22.24 -15.25 1.86
CA ALA D 18 23.48 -15.00 1.05
C ALA D 18 23.19 -15.25 -0.43
N GLY D 19 21.98 -15.57 -0.79
CA GLY D 19 21.65 -15.86 -2.17
C GLY D 19 21.50 -14.60 -2.98
N GLY D 20 21.19 -14.79 -4.26
CA GLY D 20 20.94 -13.66 -5.19
C GLY D 20 19.74 -12.85 -4.72
N ILE D 21 18.66 -13.50 -4.36
CA ILE D 21 17.51 -12.76 -3.79
C ILE D 21 17.82 -12.35 -2.33
N GLY D 22 18.33 -13.24 -1.48
CA GLY D 22 18.49 -13.00 -0.06
C GLY D 22 19.38 -11.77 0.17
N GLN D 23 20.40 -11.53 -0.64
CA GLN D 23 21.34 -10.43 -0.29
C GLN D 23 20.63 -9.09 -0.57
N SER D 24 19.98 -8.93 -1.70
CA SER D 24 19.32 -7.63 -1.98
C SER D 24 18.07 -7.49 -1.11
N LEU D 25 17.34 -8.56 -0.81
CA LEU D 25 16.16 -8.44 0.09
C LEU D 25 16.63 -7.95 1.45
N SER D 26 17.75 -8.46 1.91
CA SER D 26 18.29 -8.15 3.24
C SER D 26 18.65 -6.68 3.23
N LEU D 27 19.30 -6.23 2.16
CA LEU D 27 19.65 -4.81 2.07
C LEU D 27 18.39 -3.92 2.13
N LEU D 28 17.33 -4.23 1.40
CA LEU D 28 16.11 -3.38 1.41
C LEU D 28 15.47 -3.40 2.79
N LEU D 29 15.42 -4.53 3.49
CA LEU D 29 14.83 -4.60 4.83
C LEU D 29 15.70 -3.78 5.76
N LEU D 30 17.00 -3.86 5.61
CA LEU D 30 17.86 -3.06 6.52
C LEU D 30 17.55 -1.57 6.34
N ARG D 31 17.24 -1.13 5.15
CA ARG D 31 16.90 0.27 4.91
C ARG D 31 15.51 0.63 5.40
N GLU D 32 14.58 -0.31 5.43
CA GLU D 32 13.13 0.04 5.54
C GLU D 32 12.54 -0.45 6.87
N LEU D 33 13.11 -1.44 7.54
CA LEU D 33 12.55 -1.92 8.82
C LEU D 33 12.42 -0.78 9.84
N PRO D 34 11.33 -0.76 10.60
CA PRO D 34 11.14 0.25 11.66
C PRO D 34 12.31 0.28 12.64
N PHE D 35 12.69 1.46 13.02
CA PHE D 35 13.64 1.66 14.12
C PHE D 35 13.23 0.74 15.29
N GLY D 36 14.18 0.05 15.87
CA GLY D 36 14.01 -0.86 16.99
C GLY D 36 13.98 -2.32 16.56
N SER D 37 13.87 -2.60 15.24
CA SER D 37 13.83 -3.97 14.69
C SER D 37 15.18 -4.69 14.77
N THR D 38 15.14 -6.01 14.70
CA THR D 38 16.29 -6.90 14.45
C THR D 38 16.15 -7.49 13.06
N LEU D 39 17.27 -7.58 12.36
CA LEU D 39 17.36 -8.33 11.08
C LEU D 39 18.29 -9.53 11.32
N SER D 40 17.73 -10.72 11.26
CA SER D 40 18.46 -11.98 11.50
C SER D 40 18.74 -12.66 10.16
N LEU D 41 20.02 -12.95 9.92
CA LEU D 41 20.45 -13.52 8.61
C LEU D 41 21.04 -14.92 8.83
N TYR D 42 20.58 -15.85 8.02
CA TYR D 42 21.04 -17.26 8.01
C TYR D 42 21.29 -17.74 6.58
N ASP D 43 22.37 -18.51 6.46
CA ASP D 43 22.69 -19.25 5.24
C ASP D 43 23.67 -20.37 5.62
N VAL D 44 23.74 -21.37 4.77
CA VAL D 44 24.78 -22.43 4.90
C VAL D 44 26.10 -21.95 4.29
N VAL D 45 26.08 -20.85 3.52
CA VAL D 45 27.31 -20.33 2.92
C VAL D 45 27.18 -18.82 2.93
N GLY D 46 28.24 -18.12 3.28
CA GLY D 46 28.35 -16.64 3.06
C GLY D 46 27.68 -15.79 4.14
N ALA D 47 26.98 -16.34 5.13
CA ALA D 47 26.20 -15.50 6.07
C ALA D 47 27.10 -14.53 6.85
N PRO D 48 28.26 -14.93 7.39
CA PRO D 48 29.14 -14.00 8.11
C PRO D 48 29.56 -12.79 7.26
N GLY D 49 29.77 -13.01 5.97
CA GLY D 49 30.20 -11.98 5.02
C GLY D 49 29.09 -11.01 4.81
N VAL D 50 27.90 -11.54 4.57
CA VAL D 50 26.73 -10.70 4.27
C VAL D 50 26.41 -9.88 5.51
N ALA D 51 26.44 -10.50 6.68
CA ALA D 51 26.10 -9.80 7.93
C ALA D 51 27.15 -8.72 8.21
N ALA D 52 28.42 -8.98 7.99
CA ALA D 52 29.49 -7.98 8.23
C ALA D 52 29.25 -6.79 7.28
N ASP D 53 28.94 -7.06 6.02
CA ASP D 53 28.75 -6.03 4.95
C ASP D 53 27.56 -5.14 5.42
N LEU D 54 26.44 -5.77 5.77
CA LEU D 54 25.19 -5.01 6.09
C LEU D 54 25.33 -4.26 7.42
N SER D 55 26.10 -4.81 8.33
CA SER D 55 26.26 -4.28 9.72
C SER D 55 26.98 -2.96 9.70
N HIS D 56 27.62 -2.60 8.58
CA HIS D 56 28.41 -1.35 8.42
C HIS D 56 27.49 -0.20 8.00
N ILE D 57 26.29 -0.47 7.49
CA ILE D 57 25.37 0.62 7.10
C ILE D 57 24.90 1.38 8.35
N ASP D 58 24.77 2.69 8.22
CA ASP D 58 24.55 3.66 9.34
C ASP D 58 23.05 3.73 9.67
N ARG D 59 22.44 2.56 9.80
CA ARG D 59 21.00 2.50 10.16
C ARG D 59 20.88 2.44 11.69
N ALA D 60 20.76 3.57 12.34
CA ALA D 60 20.53 3.60 13.82
C ALA D 60 19.30 2.76 14.17
N GLY D 61 19.35 2.09 15.31
CA GLY D 61 18.12 1.46 15.83
C GLY D 61 17.91 0.06 15.28
N ILE D 62 18.66 -0.41 14.25
CA ILE D 62 18.47 -1.78 13.70
C ILE D 62 19.63 -2.67 14.18
N THR D 63 19.33 -3.83 14.75
CA THR D 63 20.36 -4.79 15.19
C THR D 63 20.50 -5.82 14.06
N VAL D 64 21.70 -6.19 13.70
CA VAL D 64 21.95 -7.18 12.63
C VAL D 64 22.53 -8.41 13.31
N LYS D 65 21.85 -9.55 13.20
CA LYS D 65 22.29 -10.82 13.79
C LYS D 65 22.52 -11.76 12.64
N HIS D 66 23.39 -12.74 12.83
CA HIS D 66 23.55 -13.80 11.82
C HIS D 66 23.91 -15.13 12.51
N ALA D 67 23.78 -16.18 11.72
CA ALA D 67 24.33 -17.49 12.03
C ALA D 67 24.71 -18.15 10.73
N ALA D 68 25.73 -19.00 10.80
CA ALA D 68 26.29 -19.76 9.68
C ALA D 68 25.98 -21.23 9.94
N GLY D 69 25.24 -21.87 9.02
CA GLY D 69 25.02 -23.31 8.94
C GLY D 69 26.29 -24.06 8.56
N LYS D 70 26.36 -25.32 8.93
CA LYS D 70 27.47 -26.24 8.57
C LYS D 70 27.33 -26.61 7.11
N LEU D 71 28.45 -27.00 6.51
CA LEU D 71 28.50 -27.68 5.20
C LEU D 71 29.17 -29.03 5.44
N PRO D 72 28.66 -30.16 4.93
CA PRO D 72 27.44 -30.19 4.13
C PRO D 72 26.20 -29.94 5.01
N PRO D 73 25.05 -29.54 4.41
CA PRO D 73 23.95 -28.99 5.19
C PRO D 73 23.38 -30.15 6.02
N VAL D 74 22.99 -29.92 7.25
CA VAL D 74 22.35 -31.01 8.06
C VAL D 74 20.87 -30.71 8.20
N PRO D 75 20.02 -31.71 8.51
CA PRO D 75 18.71 -31.39 9.03
C PRO D 75 18.85 -30.68 10.40
N ARG D 76 18.07 -29.65 10.58
CA ARG D 76 18.03 -28.93 11.87
C ARG D 76 19.43 -28.44 12.33
N ASP D 77 19.98 -27.45 11.64
CA ASP D 77 21.30 -26.93 12.00
C ASP D 77 21.20 -26.21 13.36
N PRO D 78 22.04 -26.51 14.38
CA PRO D 78 21.92 -25.84 15.67
C PRO D 78 22.19 -24.32 15.61
N ALA D 79 22.90 -23.85 14.57
CA ALA D 79 23.11 -22.40 14.42
C ALA D 79 21.75 -21.74 14.13
N LEU D 80 20.91 -22.43 13.35
CA LEU D 80 19.61 -21.90 12.98
C LEU D 80 18.69 -22.00 14.17
N THR D 81 18.71 -23.14 14.88
CA THR D 81 17.94 -23.27 16.13
C THR D 81 18.19 -22.05 17.04
N GLU D 82 19.42 -21.66 17.31
CA GLU D 82 19.69 -20.52 18.23
C GLU D 82 19.23 -19.18 17.59
N LEU D 83 19.36 -19.00 16.28
CA LEU D 83 19.02 -17.70 15.62
C LEU D 83 17.49 -17.50 15.59
N ALA D 84 16.74 -18.61 15.46
CA ALA D 84 15.27 -18.66 15.33
C ALA D 84 14.56 -18.26 16.61
N GLU D 85 15.24 -18.21 17.74
CA GLU D 85 14.62 -17.83 19.06
C GLU D 85 14.18 -16.35 18.96
N GLY D 86 12.91 -16.00 19.30
CA GLY D 86 12.37 -14.63 19.32
C GLY D 86 12.09 -14.02 17.93
N VAL D 87 12.00 -14.81 16.87
CA VAL D 87 11.82 -14.28 15.47
C VAL D 87 10.32 -14.18 15.25
N ASP D 88 9.87 -13.06 14.71
CA ASP D 88 8.43 -12.80 14.42
C ASP D 88 8.05 -13.16 12.97
N VAL D 89 8.98 -13.03 12.01
CA VAL D 89 8.72 -13.28 10.56
C VAL D 89 9.94 -14.00 10.01
N PHE D 90 9.74 -15.15 9.41
CA PHE D 90 10.74 -15.95 8.70
C PHE D 90 10.48 -15.75 7.21
N VAL D 91 11.46 -15.22 6.51
CA VAL D 91 11.33 -15.07 5.04
C VAL D 91 12.20 -16.17 4.45
N ILE D 92 11.57 -17.22 3.92
CA ILE D 92 12.29 -18.39 3.38
C ILE D 92 12.59 -18.17 1.88
N VAL D 93 13.84 -17.79 1.57
CA VAL D 93 14.36 -17.50 0.20
C VAL D 93 15.54 -18.47 -0.12
N ALA D 94 15.64 -19.55 0.62
CA ALA D 94 16.65 -20.59 0.47
C ALA D 94 16.18 -21.48 -0.68
N GLY D 95 17.09 -22.09 -1.38
CA GLY D 95 16.64 -23.01 -2.43
C GLY D 95 17.70 -23.16 -3.48
N VAL D 96 17.39 -23.95 -4.49
CA VAL D 96 18.29 -24.19 -5.62
C VAL D 96 17.52 -23.78 -6.87
N PRO D 97 17.76 -22.60 -7.47
CA PRO D 97 16.94 -22.17 -8.61
C PRO D 97 17.30 -22.94 -9.91
N ARG D 98 18.51 -23.47 -10.04
CA ARG D 98 18.87 -24.20 -11.29
C ARG D 98 20.07 -25.05 -10.94
N LYS D 99 20.32 -26.13 -11.70
CA LYS D 99 21.58 -26.89 -11.57
C LYS D 99 21.76 -27.72 -12.83
N PRO D 100 22.85 -27.55 -13.59
CA PRO D 100 23.10 -28.41 -14.78
C PRO D 100 22.88 -29.90 -14.44
N GLY D 101 22.03 -30.55 -15.24
CA GLY D 101 21.75 -32.01 -15.14
C GLY D 101 20.49 -32.30 -14.34
N MET D 102 19.88 -31.28 -13.73
CA MET D 102 18.64 -31.43 -12.95
C MET D 102 17.44 -30.90 -13.76
N THR D 103 16.39 -31.73 -13.86
CA THR D 103 15.08 -31.38 -14.47
C THR D 103 14.26 -30.57 -13.47
N ARG D 104 13.10 -30.10 -13.93
CA ARG D 104 12.16 -29.39 -13.06
C ARG D 104 11.66 -30.33 -11.91
N ASP D 105 11.49 -31.62 -12.17
CA ASP D 105 11.09 -32.60 -11.13
C ASP D 105 12.20 -32.75 -10.07
N ASP D 106 13.45 -32.81 -10.52
CA ASP D 106 14.60 -32.92 -9.60
C ASP D 106 14.67 -31.67 -8.69
N LEU D 107 14.52 -30.50 -9.29
CA LEU D 107 14.58 -29.20 -8.57
C LEU D 107 13.43 -29.14 -7.57
N PHE D 108 12.23 -29.65 -7.92
CA PHE D 108 11.08 -29.75 -7.01
C PHE D 108 11.49 -30.48 -5.72
N ASN D 109 12.04 -31.69 -5.87
CA ASN D 109 12.41 -32.55 -4.73
C ASN D 109 13.45 -31.80 -3.87
N VAL D 110 14.42 -31.17 -4.50
CA VAL D 110 15.48 -30.47 -3.74
C VAL D 110 14.82 -29.31 -2.94
N ASN D 111 14.03 -28.44 -3.58
CA ASN D 111 13.47 -27.20 -2.98
C ASN D 111 12.42 -27.58 -1.92
N ALA D 112 11.68 -28.67 -2.16
CA ALA D 112 10.67 -29.18 -1.23
C ALA D 112 11.34 -29.64 0.06
N GLY D 113 12.46 -30.36 -0.03
CA GLY D 113 13.18 -30.87 1.15
C GLY D 113 13.76 -29.69 1.90
N ILE D 114 14.24 -28.69 1.18
CA ILE D 114 14.87 -27.52 1.85
C ILE D 114 13.79 -26.77 2.67
N VAL D 115 12.60 -26.58 2.11
CA VAL D 115 11.50 -25.90 2.79
C VAL D 115 11.06 -26.75 4.00
N MET D 116 10.95 -28.07 3.89
CA MET D 116 10.57 -28.90 5.05
C MET D 116 11.57 -28.77 6.20
N ASP D 117 12.86 -28.91 5.94
CA ASP D 117 13.88 -28.87 7.00
C ASP D 117 13.88 -27.48 7.67
N LEU D 118 13.87 -26.41 6.87
CA LEU D 118 13.96 -25.04 7.41
C LEU D 118 12.68 -24.70 8.18
N VAL D 119 11.50 -25.05 7.66
CA VAL D 119 10.25 -24.68 8.38
C VAL D 119 10.17 -25.47 9.71
N LEU D 120 10.59 -26.73 9.71
CA LEU D 120 10.59 -27.56 10.94
C LEU D 120 11.54 -26.90 11.96
N THR D 121 12.76 -26.53 11.53
CA THR D 121 13.80 -25.99 12.46
C THR D 121 13.33 -24.69 13.10
N CYS D 122 12.91 -23.72 12.26
CA CYS D 122 12.36 -22.42 12.69
C CYS D 122 11.16 -22.55 13.64
N ALA D 123 10.14 -23.27 13.19
CA ALA D 123 8.84 -23.35 13.87
C ALA D 123 8.96 -24.19 15.18
N SER D 124 9.97 -25.03 15.33
CA SER D 124 10.24 -25.79 16.60
C SER D 124 10.70 -24.79 17.68
N VAL D 125 11.21 -23.61 17.29
CA VAL D 125 11.67 -22.59 18.26
C VAL D 125 10.69 -21.43 18.34
N SER D 126 10.17 -21.00 17.20
CA SER D 126 9.28 -19.82 17.11
C SER D 126 7.99 -20.22 16.37
N PRO D 127 7.11 -21.00 17.02
CA PRO D 127 5.89 -21.49 16.38
C PRO D 127 4.84 -20.40 16.09
N ASN D 128 4.93 -19.24 16.75
CA ASN D 128 3.95 -18.14 16.56
C ASN D 128 4.42 -17.16 15.48
N ALA D 129 5.52 -17.46 14.78
CA ALA D 129 6.05 -16.55 13.75
C ALA D 129 5.20 -16.63 12.50
N CYS D 130 5.20 -15.57 11.68
CA CYS D 130 4.64 -15.63 10.30
C CYS D 130 5.69 -16.26 9.39
N PHE D 131 5.25 -17.07 8.44
CA PHE D 131 6.16 -17.79 7.50
C PHE D 131 5.85 -17.27 6.10
N CYS D 132 6.79 -16.53 5.52
CA CYS D 132 6.68 -16.04 4.13
C CYS D 132 7.51 -16.95 3.22
N ILE D 133 6.86 -17.65 2.35
CA ILE D 133 7.54 -18.67 1.52
C ILE D 133 7.82 -18.03 0.14
N VAL D 134 9.08 -17.83 -0.17
CA VAL D 134 9.50 -17.33 -1.52
C VAL D 134 9.97 -18.51 -2.37
N THR D 135 10.61 -19.51 -1.75
CA THR D 135 11.19 -20.70 -2.42
C THR D 135 10.15 -21.29 -3.37
N ASN D 136 10.51 -21.47 -4.64
CA ASN D 136 9.64 -21.98 -5.72
C ASN D 136 9.75 -23.51 -5.75
N PRO D 137 8.73 -24.20 -6.34
CA PRO D 137 7.48 -23.58 -6.75
C PRO D 137 6.44 -23.35 -5.62
N VAL D 138 6.03 -22.09 -5.47
CA VAL D 138 5.18 -21.59 -4.37
C VAL D 138 3.87 -22.36 -4.29
N ASN D 139 3.33 -22.75 -5.41
CA ASN D 139 2.04 -23.47 -5.44
C ASN D 139 2.10 -24.77 -4.60
N SER D 140 3.28 -25.40 -4.53
CA SER D 140 3.61 -26.69 -3.89
C SER D 140 4.40 -26.43 -2.61
N THR D 141 5.29 -25.43 -2.55
CA THR D 141 6.11 -25.24 -1.34
C THR D 141 5.25 -24.67 -0.19
N THR D 142 4.22 -23.91 -0.49
CA THR D 142 3.34 -23.30 0.56
C THR D 142 2.58 -24.42 1.30
N PRO D 143 1.81 -25.29 0.60
CA PRO D 143 1.23 -26.46 1.29
C PRO D 143 2.25 -27.39 1.96
N ILE D 144 3.44 -27.54 1.39
CA ILE D 144 4.46 -28.37 2.07
C ILE D 144 4.82 -27.74 3.42
N ALA D 145 5.01 -26.42 3.47
CA ALA D 145 5.24 -25.73 4.75
C ALA D 145 4.05 -26.01 5.68
N ALA D 146 2.81 -25.96 5.20
CA ALA D 146 1.62 -26.21 6.05
C ALA D 146 1.72 -27.65 6.62
N GLN D 147 2.01 -28.65 5.79
CA GLN D 147 2.10 -30.04 6.28
C GLN D 147 3.21 -30.17 7.33
N THR D 148 4.30 -29.44 7.18
CA THR D 148 5.44 -29.46 8.14
C THR D 148 5.00 -28.82 9.47
N LEU D 149 4.32 -27.69 9.43
CA LEU D 149 3.80 -27.06 10.65
C LEU D 149 2.84 -28.04 11.41
N ARG D 150 1.93 -28.64 10.64
CA ARG D 150 0.94 -29.62 11.16
C ARG D 150 1.67 -30.73 11.86
N LYS D 151 2.77 -31.16 11.30
CA LYS D 151 3.47 -32.36 11.76
C LYS D 151 3.92 -32.07 13.20
N ILE D 152 4.27 -30.84 13.56
CA ILE D 152 4.61 -30.58 14.98
C ILE D 152 3.46 -29.89 15.70
N GLY D 153 2.26 -29.86 15.14
CA GLY D 153 1.10 -29.34 15.85
C GLY D 153 1.05 -27.83 16.04
N VAL D 154 1.66 -27.00 15.17
CA VAL D 154 1.65 -25.53 15.38
C VAL D 154 1.16 -24.83 14.13
N TYR D 155 0.41 -25.49 13.27
CA TYR D 155 -0.04 -24.83 12.02
C TYR D 155 -1.08 -23.76 12.33
N ASN D 156 -0.77 -22.52 11.99
CA ASN D 156 -1.73 -21.38 12.03
C ASN D 156 -2.00 -20.93 10.59
N LYS D 157 -3.19 -21.21 10.05
CA LYS D 157 -3.53 -20.90 8.64
C LYS D 157 -3.47 -19.37 8.35
N ASN D 158 -3.41 -18.53 9.37
CA ASN D 158 -3.39 -17.06 9.23
C ASN D 158 -1.96 -16.50 9.22
N LYS D 159 -0.98 -17.37 9.41
CA LYS D 159 0.42 -16.95 9.52
C LYS D 159 1.29 -17.62 8.47
N LEU D 160 0.72 -18.28 7.47
CA LEU D 160 1.55 -18.87 6.42
C LEU D 160 1.18 -18.08 5.15
N LEU D 161 2.18 -17.55 4.46
CA LEU D 161 1.93 -16.71 3.28
C LEU D 161 2.92 -17.10 2.16
N GLY D 162 2.42 -17.60 1.06
CA GLY D 162 3.17 -17.81 -0.17
C GLY D 162 3.31 -16.52 -0.97
N VAL D 163 4.57 -16.16 -1.22
CA VAL D 163 4.82 -14.81 -1.76
C VAL D 163 4.66 -14.80 -3.28
N SER D 164 3.54 -14.25 -3.76
CA SER D 164 3.11 -14.21 -5.19
C SER D 164 3.25 -12.78 -5.79
N LEU D 165 3.58 -11.77 -4.97
CA LEU D 165 3.56 -10.31 -5.31
C LEU D 165 4.40 -10.00 -6.56
N LEU D 166 5.42 -10.78 -6.91
CA LEU D 166 6.19 -10.50 -8.16
C LEU D 166 5.26 -10.48 -9.39
N ASP D 167 4.22 -11.28 -9.39
CA ASP D 167 3.24 -11.30 -10.52
C ASP D 167 2.46 -9.99 -10.59
N GLY D 168 2.07 -9.47 -9.44
CA GLY D 168 1.51 -8.12 -9.30
C GLY D 168 2.45 -7.04 -9.77
N LEU D 169 3.73 -7.02 -9.32
CA LEU D 169 4.64 -5.94 -9.81
C LEU D 169 4.69 -5.96 -11.36
N ARG D 170 4.90 -7.10 -11.97
CA ARG D 170 4.98 -7.27 -13.44
C ARG D 170 3.69 -6.84 -14.13
N ALA D 171 2.55 -7.33 -13.66
CA ALA D 171 1.22 -6.96 -14.21
C ALA D 171 1.00 -5.43 -14.16
N THR D 172 1.48 -4.78 -13.10
CA THR D 172 1.33 -3.34 -12.92
C THR D 172 2.25 -2.63 -13.92
N ARG D 173 3.53 -2.97 -13.89
CA ARG D 173 4.52 -2.39 -14.82
C ARG D 173 4.00 -2.51 -16.28
N PHE D 174 3.47 -3.64 -16.68
CA PHE D 174 3.20 -3.89 -18.13
C PHE D 174 1.95 -3.08 -18.50
N ILE D 175 0.98 -2.95 -17.58
CA ILE D 175 -0.27 -2.19 -17.90
C ILE D 175 0.05 -0.72 -17.85
N ASN D 176 0.94 -0.26 -16.93
CA ASN D 176 1.35 1.14 -16.87
C ASN D 176 2.15 1.46 -18.15
N ASN D 177 3.03 0.57 -18.61
CA ASN D 177 3.73 0.80 -19.91
C ASN D 177 2.72 0.99 -21.05
N ALA D 178 1.64 0.26 -21.06
CA ALA D 178 0.66 0.33 -22.15
C ALA D 178 -0.24 1.56 -22.05
N ARG D 179 -0.55 2.12 -20.86
CA ARG D 179 -1.58 3.17 -20.73
C ARG D 179 -0.96 4.53 -20.37
N HIS D 180 0.35 4.63 -20.27
CA HIS D 180 1.06 5.88 -19.92
C HIS D 180 0.31 7.04 -20.60
N PRO D 181 0.00 8.21 -19.98
CA PRO D 181 0.43 8.56 -18.63
C PRO D 181 -0.49 8.11 -17.48
N LEU D 182 -1.52 7.30 -17.71
CA LEU D 182 -2.43 6.85 -16.62
C LEU D 182 -1.73 5.78 -15.81
N VAL D 183 -1.52 5.96 -14.52
CA VAL D 183 -0.69 5.06 -13.68
C VAL D 183 -1.60 4.41 -12.66
N VAL D 184 -1.48 3.12 -12.41
CA VAL D 184 -2.12 2.51 -11.23
C VAL D 184 -1.06 1.93 -10.34
N PRO D 185 -1.29 1.83 -9.02
CA PRO D 185 -0.25 1.32 -8.11
C PRO D 185 -0.19 -0.19 -7.98
N TYR D 186 -1.23 -0.96 -8.41
CA TYR D 186 -1.22 -2.41 -8.25
C TYR D 186 -2.23 -2.97 -9.23
N VAL D 187 -2.15 -4.24 -9.47
CA VAL D 187 -3.14 -5.00 -10.26
C VAL D 187 -3.39 -6.26 -9.45
N PRO D 188 -4.67 -6.63 -9.18
CA PRO D 188 -5.02 -7.96 -8.65
C PRO D 188 -4.48 -9.11 -9.51
N VAL D 189 -3.81 -10.10 -8.90
CA VAL D 189 -3.35 -11.34 -9.57
C VAL D 189 -3.74 -12.53 -8.68
N VAL D 190 -4.57 -13.44 -9.22
CA VAL D 190 -5.20 -14.53 -8.42
C VAL D 190 -4.88 -15.86 -9.10
N GLY D 191 -5.15 -16.93 -8.40
CA GLY D 191 -4.92 -18.29 -8.90
C GLY D 191 -3.70 -18.86 -8.26
N GLY D 192 -2.65 -18.99 -9.01
CA GLY D 192 -1.39 -19.53 -8.48
C GLY D 192 -0.29 -18.65 -8.92
N HIS D 193 0.92 -19.17 -8.90
CA HIS D 193 2.12 -18.33 -9.04
C HIS D 193 3.03 -18.95 -10.08
N SER D 194 2.51 -19.74 -11.01
CA SER D 194 3.35 -20.26 -12.10
C SER D 194 2.58 -20.25 -13.41
N ASP D 195 3.24 -19.92 -14.52
CA ASP D 195 2.72 -20.13 -15.89
C ASP D 195 1.21 -19.96 -15.96
N VAL D 196 0.50 -20.99 -16.40
CA VAL D 196 -0.98 -20.94 -16.62
C VAL D 196 -1.76 -20.67 -15.31
N THR D 197 -1.17 -20.78 -14.11
CA THR D 197 -1.94 -20.59 -12.87
C THR D 197 -2.10 -19.09 -12.61
N ILE D 198 -1.23 -18.24 -13.18
CA ILE D 198 -1.21 -16.77 -12.92
C ILE D 198 -2.33 -16.11 -13.69
N VAL D 199 -3.26 -15.54 -12.95
CA VAL D 199 -4.43 -14.88 -13.57
C VAL D 199 -4.45 -13.42 -13.10
N PRO D 200 -3.93 -12.49 -13.95
CA PRO D 200 -4.11 -11.05 -13.71
C PRO D 200 -5.56 -10.66 -14.00
N LEU D 201 -6.13 -9.77 -13.17
CA LEU D 201 -7.53 -9.30 -13.33
C LEU D 201 -7.52 -7.82 -13.67
N TYR D 202 -7.14 -7.50 -14.90
CA TYR D 202 -7.12 -6.09 -15.40
C TYR D 202 -8.50 -5.48 -15.38
N SER D 203 -9.59 -6.26 -15.38
CA SER D 203 -10.95 -5.67 -15.30
C SER D 203 -11.18 -4.96 -13.96
N GLN D 204 -10.37 -5.23 -12.95
CA GLN D 204 -10.56 -4.70 -11.57
C GLN D 204 -9.70 -3.49 -11.33
N ILE D 205 -9.06 -2.93 -12.34
CA ILE D 205 -8.27 -1.67 -12.15
C ILE D 205 -9.02 -0.52 -12.75
N PRO D 206 -8.82 0.68 -12.25
CA PRO D 206 -9.42 1.86 -12.85
C PRO D 206 -9.02 2.17 -14.29
N GLY D 207 -9.91 2.89 -14.99
CA GLY D 207 -9.60 3.61 -16.24
C GLY D 207 -9.77 2.66 -17.42
N PRO D 208 -9.86 3.18 -18.65
CA PRO D 208 -9.97 2.36 -19.87
C PRO D 208 -8.78 1.42 -20.12
N LEU D 209 -9.11 0.22 -20.59
CA LEU D 209 -8.13 -0.85 -20.90
C LEU D 209 -7.86 -0.86 -22.39
N PRO D 210 -6.71 -1.38 -22.79
CA PRO D 210 -6.44 -1.67 -24.20
C PRO D 210 -7.42 -2.71 -24.74
N ASP D 211 -7.39 -2.99 -26.03
CA ASP D 211 -8.39 -3.93 -26.61
C ASP D 211 -8.09 -5.31 -26.03
N GLU D 212 -9.00 -6.25 -26.15
CA GLU D 212 -8.88 -7.59 -25.55
C GLU D 212 -7.68 -8.30 -26.19
N SER D 213 -7.36 -8.02 -27.45
CA SER D 213 -6.26 -8.72 -28.17
C SER D 213 -4.95 -8.29 -27.50
N THR D 214 -4.84 -7.01 -27.16
CA THR D 214 -3.65 -6.50 -26.42
C THR D 214 -3.65 -7.07 -25.01
N LEU D 215 -4.74 -6.99 -24.27
CA LEU D 215 -4.76 -7.55 -22.90
C LEU D 215 -4.36 -9.02 -22.96
N LYS D 216 -4.72 -9.75 -24.02
CA LYS D 216 -4.29 -11.16 -24.20
C LYS D 216 -2.76 -11.25 -24.11
N GLU D 217 -2.06 -10.37 -24.83
CA GLU D 217 -0.59 -10.43 -24.94
C GLU D 217 0.04 -10.03 -23.60
N ILE D 218 -0.55 -9.06 -22.92
CA ILE D 218 0.01 -8.55 -21.61
C ILE D 218 -0.19 -9.66 -20.56
N ARG D 219 -1.36 -10.28 -20.49
CA ARG D 219 -1.65 -11.33 -19.49
C ARG D 219 -0.66 -12.47 -19.74
N LYS D 220 -0.41 -12.80 -21.02
CA LYS D 220 0.51 -13.91 -21.34
C LYS D 220 1.96 -13.55 -20.94
N ARG D 221 2.37 -12.33 -21.18
CA ARG D 221 3.72 -11.88 -20.80
C ARG D 221 3.88 -11.99 -19.27
N VAL D 222 2.88 -11.63 -18.46
CA VAL D 222 2.93 -11.83 -16.99
C VAL D 222 3.18 -13.32 -16.75
N GLN D 223 2.47 -14.18 -17.45
CA GLN D 223 2.56 -15.64 -17.14
C GLN D 223 3.97 -16.16 -17.45
N VAL D 224 4.66 -15.65 -18.47
CA VAL D 224 5.97 -16.24 -18.91
C VAL D 224 7.10 -15.24 -18.59
N ALA D 225 6.80 -14.19 -17.81
CA ALA D 225 7.79 -13.13 -17.51
C ALA D 225 9.07 -13.73 -16.90
N GLY D 226 8.96 -14.75 -16.06
CA GLY D 226 10.14 -15.39 -15.44
C GLY D 226 11.11 -15.97 -16.50
N THR D 227 10.60 -16.67 -17.51
CA THR D 227 11.40 -17.14 -18.68
C THR D 227 12.03 -15.98 -19.46
N GLU D 228 11.37 -14.83 -19.52
CA GLU D 228 11.92 -13.65 -20.19
C GLU D 228 13.25 -13.25 -19.53
N VAL D 229 13.31 -13.30 -18.19
CA VAL D 229 14.58 -12.95 -17.49
C VAL D 229 15.59 -14.10 -17.70
N VAL D 230 15.16 -15.37 -17.60
CA VAL D 230 16.08 -16.54 -17.74
C VAL D 230 16.75 -16.49 -19.11
N LYS D 231 15.97 -16.17 -20.13
CA LYS D 231 16.48 -16.05 -21.52
C LYS D 231 17.51 -14.90 -21.60
N ALA D 232 17.20 -13.74 -21.02
CA ALA D 232 18.08 -12.55 -21.04
C ALA D 232 19.37 -12.84 -20.25
N LYS D 233 19.37 -13.79 -19.34
CA LYS D 233 20.57 -14.25 -18.60
C LYS D 233 21.15 -15.52 -19.23
N ALA D 234 20.82 -15.79 -20.50
CA ALA D 234 21.41 -16.90 -21.27
C ALA D 234 21.17 -18.24 -20.55
N GLY D 235 20.06 -18.41 -19.85
CA GLY D 235 19.76 -19.69 -19.19
C GLY D 235 20.54 -19.91 -17.91
N ARG D 236 21.33 -18.94 -17.46
CA ARG D 236 22.25 -19.14 -16.33
C ARG D 236 21.82 -18.34 -15.13
N GLY D 237 20.64 -17.78 -15.21
CA GLY D 237 20.19 -17.00 -14.04
C GLY D 237 18.73 -16.76 -14.14
N SER D 238 18.20 -16.01 -13.18
CA SER D 238 16.74 -15.86 -13.04
C SER D 238 16.51 -14.53 -12.33
N ALA D 239 15.25 -14.13 -12.14
CA ALA D 239 14.89 -12.83 -11.51
C ALA D 239 15.40 -12.85 -10.09
N THR D 240 16.28 -11.93 -9.75
CA THR D 240 16.75 -11.78 -8.37
C THR D 240 16.35 -10.38 -7.89
N LEU D 241 16.67 -9.33 -8.66
CA LEU D 241 16.45 -7.96 -8.10
C LEU D 241 14.98 -7.63 -8.00
N SER D 242 14.15 -8.05 -8.94
CA SER D 242 12.72 -7.77 -8.91
C SER D 242 12.07 -8.65 -7.84
N MET D 243 12.60 -9.83 -7.57
CA MET D 243 12.04 -10.64 -6.46
C MET D 243 12.48 -10.03 -5.15
N ALA D 244 13.65 -9.44 -5.08
CA ALA D 244 14.09 -8.85 -3.82
C ALA D 244 13.12 -7.70 -3.51
N GLU D 245 12.78 -6.89 -4.52
CA GLU D 245 11.85 -5.74 -4.43
C GLU D 245 10.50 -6.22 -3.97
N ALA D 246 10.01 -7.32 -4.57
CA ALA D 246 8.69 -7.84 -4.20
C ALA D 246 8.75 -8.41 -2.79
N GLY D 247 9.79 -9.17 -2.49
CA GLY D 247 9.98 -9.85 -1.21
C GLY D 247 10.00 -8.83 -0.11
N ALA D 248 10.74 -7.77 -0.31
CA ALA D 248 10.94 -6.74 0.73
C ALA D 248 9.63 -5.99 0.91
N ARG D 249 8.96 -5.72 -0.17
CA ARG D 249 7.69 -4.99 -0.04
C ARG D 249 6.70 -5.85 0.74
N PHE D 250 6.54 -7.11 0.33
CA PHE D 250 5.58 -8.00 1.02
C PHE D 250 5.95 -8.16 2.50
N THR D 251 7.23 -8.33 2.83
CA THR D 251 7.70 -8.50 4.21
C THR D 251 7.31 -7.25 5.01
N MET D 252 7.56 -6.07 4.45
CA MET D 252 7.21 -4.79 5.11
C MET D 252 5.70 -4.67 5.34
N HIS D 253 4.82 -5.17 4.48
CA HIS D 253 3.37 -5.24 4.80
C HIS D 253 3.13 -6.16 6.02
N VAL D 254 3.76 -7.32 6.09
CA VAL D 254 3.60 -8.26 7.25
C VAL D 254 4.09 -7.61 8.54
N VAL D 255 5.27 -7.00 8.50
CA VAL D 255 5.89 -6.32 9.64
C VAL D 255 4.97 -5.19 10.13
N LYS D 256 4.53 -4.30 9.27
CA LYS D 256 3.70 -3.19 9.74
C LYS D 256 2.38 -3.73 10.29
N ALA D 257 1.81 -4.75 9.65
CA ALA D 257 0.54 -5.38 10.10
C ALA D 257 0.73 -5.91 11.52
N LEU D 258 1.80 -6.66 11.75
CA LEU D 258 2.12 -7.23 13.08
C LEU D 258 2.33 -6.10 14.11
N MET D 259 2.87 -4.95 13.74
CA MET D 259 3.17 -3.86 14.70
C MET D 259 1.95 -2.98 14.90
N GLY D 260 0.87 -3.22 14.18
CA GLY D 260 -0.31 -2.34 14.16
C GLY D 260 -0.08 -1.02 13.47
N LEU D 261 0.91 -0.90 12.58
CA LEU D 261 1.20 0.38 11.86
C LEU D 261 0.48 0.36 10.51
N ASP D 262 -0.24 -0.71 10.16
CA ASP D 262 -1.03 -0.74 8.90
C ASP D 262 -1.97 -1.94 8.94
N THR D 263 -3.03 -1.89 8.17
CA THR D 263 -3.89 -3.09 7.91
C THR D 263 -3.96 -3.17 6.39
N PRO D 264 -2.90 -3.65 5.71
CA PRO D 264 -2.84 -3.60 4.27
C PRO D 264 -3.59 -4.74 3.57
N MET D 265 -4.10 -4.41 2.40
CA MET D 265 -4.70 -5.42 1.51
C MET D 265 -3.59 -5.86 0.56
N VAL D 266 -3.29 -7.15 0.53
CA VAL D 266 -2.24 -7.79 -0.27
C VAL D 266 -2.79 -9.02 -0.95
N TYR D 267 -2.18 -9.39 -2.08
CA TYR D 267 -2.47 -10.65 -2.79
C TYR D 267 -1.35 -11.61 -2.37
N ALA D 268 -1.68 -12.79 -1.90
CA ALA D 268 -0.71 -13.80 -1.50
C ALA D 268 -1.39 -15.16 -1.71
N TYR D 269 -0.58 -16.18 -1.84
CA TYR D 269 -0.99 -17.58 -1.97
C TYR D 269 -1.18 -18.13 -0.58
N VAL D 270 -2.42 -18.36 -0.21
CA VAL D 270 -2.73 -18.59 1.23
C VAL D 270 -3.70 -19.73 1.34
N ASP D 271 -3.72 -20.29 2.55
CA ASP D 271 -4.77 -21.29 2.92
C ASP D 271 -6.12 -20.59 2.79
N THR D 272 -7.03 -21.11 1.98
CA THR D 272 -8.31 -20.43 1.70
C THR D 272 -9.35 -20.64 2.84
N ASP D 273 -9.05 -21.51 3.82
CA ASP D 273 -9.82 -21.67 5.09
C ASP D 273 -11.30 -21.93 4.78
N GLY D 274 -11.60 -22.78 3.79
CA GLY D 274 -12.98 -23.10 3.36
C GLY D 274 -13.68 -21.98 2.59
N GLU D 275 -13.05 -20.85 2.26
CA GLU D 275 -13.66 -19.80 1.38
C GLU D 275 -13.62 -20.17 -0.10
N HIS D 276 -12.94 -21.26 -0.46
N HIS D 276 -12.93 -21.26 -0.48
CA HIS D 276 -12.79 -21.74 -1.86
CA HIS D 276 -12.80 -21.72 -1.88
C HIS D 276 -12.65 -23.27 -1.84
C HIS D 276 -12.64 -23.25 -1.86
N GLU D 277 -13.15 -23.95 -2.87
CA GLU D 277 -12.94 -25.42 -3.07
C GLU D 277 -11.44 -25.72 -3.03
N CYS D 278 -10.65 -24.92 -3.74
CA CYS D 278 -9.18 -25.05 -3.80
C CYS D 278 -8.58 -24.68 -2.43
N PRO D 279 -7.80 -25.58 -1.78
CA PRO D 279 -7.35 -25.38 -0.39
C PRO D 279 -6.26 -24.30 -0.21
N PHE D 280 -5.51 -24.02 -1.26
CA PHE D 280 -4.61 -22.83 -1.33
C PHE D 280 -4.87 -22.07 -2.61
N LEU D 281 -4.77 -20.73 -2.55
CA LEU D 281 -5.01 -19.88 -3.75
C LEU D 281 -4.35 -18.51 -3.52
N ALA D 282 -3.91 -17.87 -4.59
CA ALA D 282 -3.49 -16.44 -4.61
C ALA D 282 -4.79 -15.66 -4.62
N MET D 283 -5.06 -14.96 -3.55
CA MET D 283 -6.30 -14.19 -3.36
C MET D 283 -6.03 -12.97 -2.46
N PRO D 284 -6.95 -11.99 -2.42
CA PRO D 284 -6.82 -10.81 -1.62
C PRO D 284 -7.09 -11.09 -0.15
N VAL D 285 -6.20 -10.64 0.70
CA VAL D 285 -6.37 -10.73 2.17
C VAL D 285 -6.10 -9.37 2.76
N VAL D 286 -6.57 -9.13 3.95
CA VAL D 286 -6.13 -7.98 4.77
C VAL D 286 -5.28 -8.52 5.88
N LEU D 287 -4.12 -7.90 6.12
CA LEU D 287 -3.27 -8.36 7.23
C LEU D 287 -3.51 -7.50 8.48
N GLY D 288 -3.43 -8.11 9.65
CA GLY D 288 -3.46 -7.41 10.97
C GLY D 288 -2.43 -7.99 11.92
N LYS D 289 -2.67 -7.77 13.19
CA LYS D 289 -1.70 -8.08 14.26
C LYS D 289 -1.54 -9.62 14.43
N ASN D 290 -2.48 -10.40 13.96
CA ASN D 290 -2.37 -11.88 14.07
C ASN D 290 -2.22 -12.54 12.71
N GLY D 291 -1.74 -11.78 11.72
CA GLY D 291 -1.54 -12.22 10.33
C GLY D 291 -2.78 -11.96 9.50
N ILE D 292 -3.21 -12.93 8.73
CA ILE D 292 -4.43 -12.69 7.92
C ILE D 292 -5.57 -12.40 8.91
N GLU D 293 -6.19 -11.23 8.72
CA GLU D 293 -7.33 -10.73 9.50
C GLU D 293 -8.60 -11.00 8.68
N ARG D 294 -8.57 -10.85 7.36
CA ARG D 294 -9.79 -10.99 6.54
C ARG D 294 -9.41 -11.65 5.22
N ARG D 295 -10.23 -12.56 4.72
CA ARG D 295 -10.03 -13.16 3.39
C ARG D 295 -11.11 -12.58 2.51
N LEU D 296 -10.76 -11.82 1.47
CA LEU D 296 -11.74 -11.08 0.64
C LEU D 296 -12.13 -11.98 -0.53
N PRO D 297 -13.33 -11.77 -1.10
CA PRO D 297 -13.70 -12.53 -2.30
C PRO D 297 -12.80 -12.09 -3.49
N ILE D 298 -12.64 -12.99 -4.46
CA ILE D 298 -11.96 -12.64 -5.75
C ILE D 298 -12.67 -11.41 -6.30
N GLY D 299 -14.00 -11.37 -6.23
CA GLY D 299 -14.75 -10.24 -6.79
C GLY D 299 -15.14 -10.40 -8.27
N PRO D 300 -15.88 -9.44 -8.86
CA PRO D 300 -16.44 -9.60 -10.21
C PRO D 300 -15.31 -9.69 -11.23
N ILE D 301 -15.44 -10.63 -12.16
CA ILE D 301 -14.43 -10.89 -13.21
C ILE D 301 -15.14 -11.12 -14.53
N THR D 302 -14.44 -10.87 -15.62
CA THR D 302 -14.95 -10.99 -17.01
C THR D 302 -15.06 -12.48 -17.42
N THR D 303 -15.81 -12.85 -18.46
CA THR D 303 -15.92 -14.26 -18.92
C THR D 303 -14.54 -14.86 -19.24
N VAL D 304 -13.67 -14.11 -19.93
CA VAL D 304 -12.23 -14.50 -20.19
C VAL D 304 -11.46 -14.81 -18.90
N GLU D 305 -11.56 -13.93 -17.90
CA GLU D 305 -10.85 -14.12 -16.61
C GLU D 305 -11.46 -15.35 -15.91
N LYS D 306 -12.78 -15.53 -15.99
CA LYS D 306 -13.46 -16.71 -15.39
C LYS D 306 -12.86 -17.96 -16.02
N GLU D 307 -12.69 -17.95 -17.34
CA GLU D 307 -12.13 -19.11 -18.08
C GLU D 307 -10.69 -19.32 -17.64
N MET D 308 -9.93 -18.22 -17.51
CA MET D 308 -8.51 -18.38 -17.15
C MET D 308 -8.48 -18.98 -15.75
N LEU D 309 -9.30 -18.45 -14.85
CA LEU D 309 -9.30 -18.91 -13.45
C LEU D 309 -9.70 -20.40 -13.37
N GLU D 310 -10.65 -20.87 -14.20
CA GLU D 310 -11.09 -22.27 -14.08
C GLU D 310 -9.92 -23.18 -14.47
N GLU D 311 -9.24 -22.90 -15.57
CA GLU D 311 -8.03 -23.66 -15.98
C GLU D 311 -6.98 -23.61 -14.86
N ALA D 312 -6.72 -22.41 -14.30
CA ALA D 312 -5.68 -22.20 -13.29
C ALA D 312 -5.98 -23.06 -12.07
N VAL D 313 -7.21 -23.02 -11.59
CA VAL D 313 -7.61 -23.77 -10.35
C VAL D 313 -7.35 -25.26 -10.54
N GLY D 314 -7.68 -25.82 -11.72
CA GLY D 314 -7.44 -27.25 -11.98
C GLY D 314 -5.98 -27.60 -11.79
N VAL D 315 -5.10 -26.73 -12.29
CA VAL D 315 -3.63 -26.94 -12.18
C VAL D 315 -3.18 -26.69 -10.74
N VAL D 316 -3.69 -25.69 -10.07
CA VAL D 316 -3.29 -25.44 -8.64
C VAL D 316 -3.63 -26.68 -7.81
N LYS D 317 -4.79 -27.27 -8.01
CA LYS D 317 -5.19 -28.49 -7.25
C LYS D 317 -4.09 -29.59 -7.35
N LYS D 318 -3.65 -29.90 -8.58
CA LYS D 318 -2.55 -30.90 -8.84
C LYS D 318 -1.27 -30.46 -8.13
N ASN D 319 -0.92 -29.17 -8.25
CA ASN D 319 0.30 -28.68 -7.57
C ASN D 319 0.19 -28.88 -6.05
N ILE D 320 -0.96 -28.59 -5.45
CA ILE D 320 -1.13 -28.80 -3.98
C ILE D 320 -0.98 -30.28 -3.67
N ALA D 321 -1.69 -31.12 -4.42
CA ALA D 321 -1.66 -32.58 -4.22
C ALA D 321 -0.22 -33.08 -4.32
N LYS D 322 0.53 -32.63 -5.33
CA LYS D 322 1.96 -32.96 -5.51
C LYS D 322 2.79 -32.58 -4.29
N GLY D 323 2.62 -31.37 -3.75
CA GLY D 323 3.29 -30.96 -2.51
C GLY D 323 2.97 -31.89 -1.35
N GLU D 324 1.69 -32.16 -1.10
CA GLU D 324 1.21 -32.85 0.12
C GLU D 324 1.65 -34.30 0.09
N THR D 325 1.70 -34.91 -1.10
CA THR D 325 2.35 -36.23 -1.37
C THR D 325 3.82 -36.20 -0.98
N PHE D 326 4.62 -35.25 -1.51
CA PHE D 326 6.06 -35.19 -1.17
C PHE D 326 6.13 -35.21 0.37
N ALA D 327 5.40 -34.32 1.03
CA ALA D 327 5.52 -34.08 2.50
C ALA D 327 5.14 -35.38 3.23
N ARG D 328 4.17 -36.15 2.74
CA ARG D 328 3.72 -37.34 3.49
C ARG D 328 4.62 -38.55 3.19
N SER D 329 5.26 -38.59 2.02
CA SER D 329 6.20 -39.67 1.65
C SER D 329 7.53 -39.51 2.40
N LYS D 330 7.92 -38.26 2.67
CA LYS D 330 9.15 -37.99 3.44
C LYS D 330 8.81 -37.90 4.93
N MET E 9 -2.16 -19.62 31.70
CA MET E 9 -2.91 -20.83 32.11
C MET E 9 -4.39 -20.46 32.33
N VAL E 10 -4.77 -20.02 33.54
CA VAL E 10 -6.05 -19.30 33.76
C VAL E 10 -5.78 -18.18 34.79
N ASN E 11 -6.45 -17.05 34.62
CA ASN E 11 -6.45 -15.89 35.56
C ASN E 11 -7.90 -15.72 36.06
N VAL E 12 -8.13 -16.02 37.32
CA VAL E 12 -9.45 -15.91 38.01
C VAL E 12 -9.41 -14.69 38.93
N ALA E 13 -10.36 -13.78 38.76
CA ALA E 13 -10.47 -12.52 39.54
C ALA E 13 -11.64 -12.65 40.49
N VAL E 14 -11.40 -12.51 41.77
CA VAL E 14 -12.45 -12.40 42.83
C VAL E 14 -12.67 -10.91 43.10
N ILE E 15 -13.81 -10.39 42.66
CA ILE E 15 -14.24 -8.97 42.79
C ILE E 15 -15.08 -8.89 44.07
N GLY E 16 -14.49 -8.28 45.10
CA GLY E 16 -15.00 -8.31 46.46
C GLY E 16 -14.28 -9.32 47.34
N ALA E 17 -12.98 -9.48 47.15
CA ALA E 17 -12.17 -10.53 47.78
C ALA E 17 -11.99 -10.36 49.30
N ALA E 18 -12.26 -9.18 49.88
CA ALA E 18 -12.01 -8.94 51.32
C ALA E 18 -13.29 -9.19 52.12
N GLY E 19 -14.38 -9.62 51.48
CA GLY E 19 -15.64 -9.86 52.23
C GLY E 19 -15.66 -11.22 52.92
N GLY E 20 -16.75 -11.48 53.64
CA GLY E 20 -17.04 -12.74 54.36
C GLY E 20 -16.97 -13.88 53.38
N ILE E 21 -17.66 -13.78 52.23
CA ILE E 21 -17.56 -14.82 51.19
C ILE E 21 -16.24 -14.70 50.41
N GLY E 22 -15.85 -13.50 50.00
CA GLY E 22 -14.65 -13.32 49.16
C GLY E 22 -13.39 -13.95 49.79
N GLN E 23 -13.20 -13.84 51.12
CA GLN E 23 -11.89 -14.22 51.73
C GLN E 23 -11.81 -15.74 51.69
N SER E 24 -12.88 -16.39 52.15
CA SER E 24 -12.88 -17.85 52.28
C SER E 24 -12.85 -18.44 50.85
N LEU E 25 -13.56 -17.84 49.90
CA LEU E 25 -13.63 -18.31 48.49
C LEU E 25 -12.23 -18.19 47.88
N SER E 26 -11.55 -17.05 48.14
CA SER E 26 -10.17 -16.80 47.68
C SER E 26 -9.21 -17.87 48.23
N LEU E 27 -9.29 -18.25 49.51
CA LEU E 27 -8.47 -19.32 50.11
C LEU E 27 -8.73 -20.68 49.41
N LEU E 28 -9.98 -21.10 49.30
CA LEU E 28 -10.28 -22.38 48.61
C LEU E 28 -9.68 -22.35 47.20
N LEU E 29 -9.79 -21.24 46.48
CA LEU E 29 -9.30 -21.14 45.08
C LEU E 29 -7.77 -21.22 45.08
N LEU E 30 -7.15 -20.59 46.06
CA LEU E 30 -5.68 -20.64 46.08
C LEU E 30 -5.28 -22.11 46.23
N ARG E 31 -6.00 -22.86 47.06
CA ARG E 31 -5.68 -24.28 47.32
C ARG E 31 -6.07 -25.14 46.13
N GLU E 32 -7.06 -24.77 45.29
CA GLU E 32 -7.62 -25.70 44.24
C GLU E 32 -7.18 -25.35 42.80
N LEU E 33 -6.89 -24.08 42.46
CA LEU E 33 -6.60 -23.70 41.07
C LEU E 33 -5.44 -24.55 40.55
N PRO E 34 -5.49 -24.93 39.25
CA PRO E 34 -4.38 -25.61 38.61
C PRO E 34 -3.05 -24.85 38.75
N PHE E 35 -1.96 -25.59 38.98
CA PHE E 35 -0.57 -25.10 38.87
C PHE E 35 -0.48 -24.25 37.59
N GLY E 36 0.11 -23.06 37.67
CA GLY E 36 0.27 -22.15 36.53
C GLY E 36 -0.76 -21.02 36.52
N SER E 37 -1.77 -21.08 37.38
CA SER E 37 -2.89 -20.09 37.39
C SER E 37 -2.47 -18.80 38.13
N THR E 38 -3.18 -17.73 37.85
CA THR E 38 -3.15 -16.46 38.58
C THR E 38 -4.45 -16.28 39.36
N LEU E 39 -4.36 -15.93 40.63
CA LEU E 39 -5.54 -15.48 41.42
C LEU E 39 -5.47 -13.97 41.62
N SER E 40 -6.40 -13.24 41.03
CA SER E 40 -6.49 -11.77 41.08
C SER E 40 -7.54 -11.34 42.10
N LEU E 41 -7.17 -10.47 43.04
CA LEU E 41 -8.05 -10.05 44.16
C LEU E 41 -8.31 -8.53 44.06
N TYR E 42 -9.57 -8.13 44.13
CA TYR E 42 -9.99 -6.72 44.10
C TYR E 42 -11.03 -6.49 45.18
N ASP E 43 -10.86 -5.40 45.92
CA ASP E 43 -11.90 -4.86 46.81
C ASP E 43 -11.60 -3.38 47.03
N VAL E 44 -12.61 -2.64 47.43
CA VAL E 44 -12.48 -1.21 47.82
C VAL E 44 -12.02 -1.12 49.27
N VAL E 45 -12.03 -2.19 50.04
CA VAL E 45 -11.45 -2.20 51.41
C VAL E 45 -10.64 -3.48 51.57
N GLY E 46 -9.41 -3.41 52.07
CA GLY E 46 -8.73 -4.58 52.69
C GLY E 46 -8.07 -5.56 51.70
N ALA E 47 -8.00 -5.24 50.41
CA ALA E 47 -7.46 -6.15 49.37
C ALA E 47 -5.96 -6.39 49.58
N PRO E 48 -5.11 -5.36 49.83
CA PRO E 48 -3.70 -5.63 50.11
C PRO E 48 -3.50 -6.64 51.25
N GLY E 49 -4.31 -6.55 52.30
CA GLY E 49 -4.18 -7.39 53.52
C GLY E 49 -4.54 -8.85 53.24
N VAL E 50 -5.60 -9.06 52.46
CA VAL E 50 -6.03 -10.41 52.01
C VAL E 50 -4.93 -10.98 51.09
N ALA E 51 -4.45 -10.22 50.11
CA ALA E 51 -3.46 -10.66 49.11
C ALA E 51 -2.18 -11.05 49.84
N ALA E 52 -1.82 -10.31 50.90
CA ALA E 52 -0.60 -10.58 51.70
C ALA E 52 -0.75 -11.90 52.48
N ASP E 53 -1.87 -12.07 53.18
CA ASP E 53 -2.23 -13.30 53.93
C ASP E 53 -2.12 -14.51 52.98
N LEU E 54 -2.75 -14.42 51.80
CA LEU E 54 -2.80 -15.55 50.81
C LEU E 54 -1.46 -15.78 50.11
N SER E 55 -0.69 -14.72 49.84
CA SER E 55 0.62 -14.80 49.17
C SER E 55 1.60 -15.63 50.00
N HIS E 56 1.32 -15.85 51.29
CA HIS E 56 2.27 -16.51 52.22
C HIS E 56 2.12 -18.04 52.18
N ILE E 57 1.02 -18.52 51.60
CA ILE E 57 0.78 -19.98 51.52
C ILE E 57 1.73 -20.63 50.50
N ASP E 58 2.22 -21.84 50.80
CA ASP E 58 3.28 -22.55 50.03
C ASP E 58 2.67 -23.28 48.83
N ARG E 59 1.88 -22.58 48.04
CA ARG E 59 1.24 -23.15 46.84
C ARG E 59 2.10 -22.76 45.63
N ALA E 60 3.05 -23.59 45.27
CA ALA E 60 3.87 -23.35 44.07
C ALA E 60 3.01 -23.27 42.79
N GLY E 61 3.45 -22.42 41.87
CA GLY E 61 2.77 -22.27 40.58
C GLY E 61 1.58 -21.31 40.57
N ILE E 62 1.14 -20.78 41.73
CA ILE E 62 0.02 -19.81 41.79
C ILE E 62 0.58 -18.41 42.06
N THR E 63 0.31 -17.48 41.13
CA THR E 63 0.56 -16.04 41.28
C THR E 63 -0.65 -15.39 41.98
N VAL E 64 -0.41 -14.67 43.08
CA VAL E 64 -1.46 -13.86 43.74
C VAL E 64 -1.23 -12.41 43.34
N LYS E 65 -2.20 -11.80 42.69
CA LYS E 65 -2.18 -10.38 42.29
C LYS E 65 -3.27 -9.65 43.06
N HIS E 66 -3.18 -8.34 43.19
CA HIS E 66 -4.30 -7.59 43.80
C HIS E 66 -4.31 -6.16 43.30
N ALA E 67 -5.43 -5.51 43.57
CA ALA E 67 -5.65 -4.07 43.37
C ALA E 67 -6.66 -3.60 44.43
N ALA E 68 -6.35 -2.46 45.03
CA ALA E 68 -7.22 -1.72 45.96
C ALA E 68 -7.95 -0.65 45.17
N GLY E 69 -9.26 -0.66 45.19
CA GLY E 69 -10.08 0.41 44.61
C GLY E 69 -10.07 1.60 45.55
N LYS E 70 -10.59 2.73 45.07
CA LYS E 70 -10.74 4.00 45.84
C LYS E 70 -11.94 3.86 46.78
N LEU E 71 -11.75 4.35 48.00
CA LEU E 71 -12.81 4.69 48.99
C LEU E 71 -12.84 6.22 49.06
N PRO E 72 -13.94 6.92 48.76
CA PRO E 72 -15.21 6.29 48.38
C PRO E 72 -15.26 5.72 46.96
N PRO E 73 -16.10 4.67 46.71
CA PRO E 73 -16.10 3.96 45.42
C PRO E 73 -16.37 4.94 44.28
N VAL E 74 -15.62 4.82 43.19
CA VAL E 74 -15.78 5.66 41.97
C VAL E 74 -16.19 4.77 40.82
N PRO E 75 -17.08 5.21 39.92
CA PRO E 75 -17.38 4.45 38.71
C PRO E 75 -16.08 4.11 37.94
N ARG E 76 -16.06 2.97 37.24
CA ARG E 76 -14.94 2.54 36.38
C ARG E 76 -13.58 2.85 37.03
N ASP E 77 -13.35 2.31 38.24
CA ASP E 77 -12.09 2.47 39.01
C ASP E 77 -10.86 2.07 38.18
N PRO E 78 -9.84 2.94 38.02
CA PRO E 78 -8.67 2.60 37.20
C PRO E 78 -7.86 1.38 37.71
N ALA E 79 -7.83 1.15 39.02
CA ALA E 79 -7.10 -0.02 39.62
C ALA E 79 -7.79 -1.32 39.14
N LEU E 80 -9.12 -1.37 39.11
CA LEU E 80 -9.88 -2.52 38.57
C LEU E 80 -9.62 -2.69 37.07
N THR E 81 -9.68 -1.60 36.29
CA THR E 81 -9.45 -1.58 34.83
C THR E 81 -8.10 -2.28 34.62
N GLU E 82 -7.13 -1.98 35.47
CA GLU E 82 -5.76 -2.54 35.28
C GLU E 82 -5.79 -4.02 35.64
N LEU E 83 -6.30 -4.36 36.83
CA LEU E 83 -6.44 -5.77 37.29
C LEU E 83 -7.24 -6.64 36.29
N ALA E 84 -8.21 -6.11 35.57
CA ALA E 84 -9.10 -6.90 34.67
C ALA E 84 -8.41 -7.41 33.41
N GLU E 85 -7.30 -6.81 32.98
CA GLU E 85 -6.54 -7.20 31.75
C GLU E 85 -6.10 -8.67 31.85
N GLY E 86 -6.41 -9.49 30.81
CA GLY E 86 -6.05 -10.92 30.75
C GLY E 86 -6.79 -11.79 31.75
N VAL E 87 -7.95 -11.36 32.28
CA VAL E 87 -8.76 -12.20 33.22
C VAL E 87 -9.65 -13.11 32.40
N ASP E 88 -9.71 -14.40 32.79
CA ASP E 88 -10.56 -15.43 32.13
C ASP E 88 -11.93 -15.59 32.80
N VAL E 89 -11.96 -15.46 34.11
CA VAL E 89 -13.18 -15.67 34.94
C VAL E 89 -13.25 -14.59 35.99
N PHE E 90 -14.37 -13.89 36.06
CA PHE E 90 -14.65 -12.86 37.11
C PHE E 90 -15.68 -13.49 38.02
N VAL E 91 -15.34 -13.55 39.28
CA VAL E 91 -16.25 -14.07 40.34
C VAL E 91 -16.76 -12.86 41.09
N ILE E 92 -18.03 -12.45 40.86
CA ILE E 92 -18.54 -11.16 41.42
C ILE E 92 -19.21 -11.46 42.78
N VAL E 93 -18.53 -11.18 43.87
CA VAL E 93 -19.07 -11.45 45.24
C VAL E 93 -19.13 -10.14 46.04
N ALA E 94 -19.02 -9.01 45.37
CA ALA E 94 -19.06 -7.67 45.97
C ALA E 94 -20.53 -7.39 46.23
N GLY E 95 -20.84 -6.69 47.30
CA GLY E 95 -22.24 -6.31 47.53
C GLY E 95 -22.39 -5.86 48.95
N VAL E 96 -23.62 -5.62 49.33
CA VAL E 96 -23.97 -5.21 50.72
C VAL E 96 -25.07 -6.16 51.14
N PRO E 97 -24.80 -7.13 52.01
CA PRO E 97 -25.80 -8.16 52.35
C PRO E 97 -26.88 -7.68 53.34
N ARG E 98 -26.60 -6.67 54.10
CA ARG E 98 -27.56 -6.11 55.09
C ARG E 98 -27.08 -4.70 55.45
N LYS E 99 -27.96 -3.81 55.84
CA LYS E 99 -27.56 -2.54 56.53
C LYS E 99 -28.74 -2.07 57.37
N PRO E 100 -28.53 -1.79 58.67
CA PRO E 100 -29.60 -1.25 59.51
C PRO E 100 -30.25 -0.04 58.84
N GLY E 101 -31.58 -0.02 58.74
CA GLY E 101 -32.35 1.08 58.14
C GLY E 101 -32.75 0.83 56.70
N MET E 102 -32.13 -0.15 56.03
CA MET E 102 -32.39 -0.46 54.59
C MET E 102 -33.32 -1.68 54.49
N THR E 103 -34.36 -1.60 53.67
CA THR E 103 -35.23 -2.74 53.30
C THR E 103 -34.60 -3.57 52.18
N ARG E 104 -35.33 -4.57 51.67
CA ARG E 104 -34.90 -5.47 50.57
C ARG E 104 -34.90 -4.66 49.26
N ASP E 105 -35.75 -3.65 49.17
CA ASP E 105 -35.88 -2.77 47.98
C ASP E 105 -34.65 -1.82 47.89
N ASP E 106 -34.26 -1.23 49.01
CA ASP E 106 -33.03 -0.40 49.08
C ASP E 106 -31.78 -1.24 48.75
N LEU E 107 -31.64 -2.39 49.40
CA LEU E 107 -30.49 -3.30 49.21
C LEU E 107 -30.45 -3.70 47.74
N PHE E 108 -31.61 -3.96 47.11
CA PHE E 108 -31.67 -4.32 45.67
C PHE E 108 -30.96 -3.21 44.86
N ASN E 109 -31.29 -1.94 45.16
CA ASN E 109 -30.75 -0.81 44.36
C ASN E 109 -29.25 -0.75 44.51
N VAL E 110 -28.77 -0.82 45.76
CA VAL E 110 -27.31 -0.79 46.08
C VAL E 110 -26.55 -1.91 45.32
N ASN E 111 -26.93 -3.17 45.50
CA ASN E 111 -26.26 -4.35 44.88
C ASN E 111 -26.41 -4.31 43.36
N ALA E 112 -27.55 -3.95 42.79
CA ALA E 112 -27.74 -3.77 41.34
C ALA E 112 -26.78 -2.72 40.80
N GLY E 113 -26.51 -1.66 41.55
CA GLY E 113 -25.59 -0.61 41.09
C GLY E 113 -24.19 -1.11 41.17
N ILE E 114 -23.89 -1.95 42.16
CA ILE E 114 -22.51 -2.48 42.32
C ILE E 114 -22.20 -3.46 41.17
N VAL E 115 -23.11 -4.36 40.88
CA VAL E 115 -22.96 -5.33 39.76
C VAL E 115 -22.83 -4.59 38.42
N MET E 116 -23.69 -3.64 38.14
CA MET E 116 -23.56 -2.81 36.91
C MET E 116 -22.19 -2.16 36.76
N ASP E 117 -21.78 -1.37 37.74
CA ASP E 117 -20.45 -0.72 37.70
C ASP E 117 -19.34 -1.73 37.49
N LEU E 118 -19.30 -2.81 38.29
CA LEU E 118 -18.19 -3.80 38.22
C LEU E 118 -18.21 -4.54 36.89
N VAL E 119 -19.37 -4.89 36.33
CA VAL E 119 -19.43 -5.65 35.06
C VAL E 119 -18.99 -4.70 33.95
N LEU E 120 -19.46 -3.48 33.94
CA LEU E 120 -19.08 -2.45 32.92
C LEU E 120 -17.55 -2.32 32.88
N THR E 121 -16.93 -2.17 34.04
CA THR E 121 -15.48 -1.93 34.19
C THR E 121 -14.65 -3.13 33.72
N CYS E 122 -15.00 -4.31 34.20
CA CYS E 122 -14.25 -5.55 33.88
C CYS E 122 -14.40 -5.88 32.40
N ALA E 123 -15.61 -5.90 31.87
CA ALA E 123 -15.93 -6.34 30.50
C ALA E 123 -15.43 -5.34 29.46
N SER E 124 -15.25 -4.06 29.83
CA SER E 124 -14.69 -3.05 28.89
C SER E 124 -13.26 -3.46 28.53
N VAL E 125 -12.59 -4.20 29.41
CA VAL E 125 -11.18 -4.61 29.29
C VAL E 125 -11.11 -6.06 28.82
N SER E 126 -11.91 -6.94 29.41
CA SER E 126 -11.85 -8.40 29.16
C SER E 126 -13.23 -8.88 28.74
N PRO E 127 -13.69 -8.50 27.52
CA PRO E 127 -15.04 -8.82 27.07
C PRO E 127 -15.31 -10.32 26.89
N ASN E 128 -14.28 -11.15 26.70
CA ASN E 128 -14.46 -12.59 26.40
C ASN E 128 -14.27 -13.40 27.69
N ALA E 129 -14.27 -12.78 28.85
CA ALA E 129 -14.23 -13.47 30.18
C ALA E 129 -15.56 -14.16 30.51
N CYS E 130 -15.56 -15.19 31.34
CA CYS E 130 -16.81 -15.68 31.97
C CYS E 130 -17.13 -14.81 33.21
N PHE E 131 -18.41 -14.44 33.39
CA PHE E 131 -18.89 -13.65 34.56
C PHE E 131 -19.76 -14.59 35.41
N CYS E 132 -19.29 -14.90 36.60
CA CYS E 132 -19.99 -15.70 37.63
C CYS E 132 -20.58 -14.73 38.63
N ILE E 133 -21.87 -14.53 38.61
CA ILE E 133 -22.51 -13.55 39.53
C ILE E 133 -22.96 -14.26 40.81
N VAL E 134 -22.39 -13.92 41.96
CA VAL E 134 -22.89 -14.42 43.27
C VAL E 134 -23.66 -13.34 43.99
N THR E 135 -23.35 -12.07 43.73
CA THR E 135 -24.09 -10.92 44.32
C THR E 135 -25.60 -11.16 44.19
N ASN E 136 -26.30 -11.01 45.31
CA ASN E 136 -27.78 -11.20 45.32
C ASN E 136 -28.44 -9.85 45.16
N PRO E 137 -29.72 -9.83 44.71
CA PRO E 137 -30.45 -11.06 44.36
C PRO E 137 -30.17 -11.57 42.95
N VAL E 138 -29.65 -12.79 42.86
CA VAL E 138 -29.14 -13.41 41.61
C VAL E 138 -30.19 -13.31 40.51
N ASN E 139 -31.45 -13.55 40.85
CA ASN E 139 -32.55 -13.60 39.86
C ASN E 139 -32.60 -12.29 39.06
N SER E 140 -32.17 -11.18 39.67
CA SER E 140 -32.21 -9.83 39.06
CA SER E 140 -32.22 -9.83 39.05
C SER E 140 -30.81 -9.36 38.66
N THR E 141 -29.77 -9.69 39.42
CA THR E 141 -28.40 -9.22 39.14
C THR E 141 -27.84 -9.89 37.87
N THR E 142 -28.21 -11.13 37.61
CA THR E 142 -27.76 -11.81 36.37
C THR E 142 -28.27 -11.06 35.15
N PRO E 143 -29.59 -10.83 34.97
CA PRO E 143 -30.09 -10.06 33.82
C PRO E 143 -29.62 -8.60 33.82
N ILE E 144 -29.30 -8.02 35.00
CA ILE E 144 -28.65 -6.68 35.04
C ILE E 144 -27.28 -6.79 34.35
N ALA E 145 -26.51 -7.79 34.77
CA ALA E 145 -25.19 -8.03 34.17
C ALA E 145 -25.40 -8.21 32.65
N ALA E 146 -26.41 -8.95 32.19
CA ALA E 146 -26.68 -9.14 30.74
C ALA E 146 -26.97 -7.77 30.08
N GLN E 147 -27.81 -6.92 30.70
CA GLN E 147 -28.13 -5.58 30.08
C GLN E 147 -26.87 -4.72 29.98
N THR E 148 -25.97 -4.75 30.96
CA THR E 148 -24.73 -3.95 30.98
C THR E 148 -23.78 -4.40 29.87
N LEU E 149 -23.62 -5.71 29.71
CA LEU E 149 -22.86 -6.31 28.61
C LEU E 149 -23.48 -5.93 27.23
N ARG E 150 -24.81 -5.87 27.10
CA ARG E 150 -25.50 -5.51 25.83
C ARG E 150 -25.15 -4.04 25.52
N LYS E 151 -25.09 -3.21 26.55
CA LYS E 151 -24.84 -1.75 26.38
C LYS E 151 -23.47 -1.55 25.69
N ILE E 152 -22.43 -2.29 26.06
CA ILE E 152 -21.08 -2.11 25.46
C ILE E 152 -20.89 -3.05 24.27
N GLY E 153 -21.91 -3.81 23.85
CA GLY E 153 -21.90 -4.60 22.59
C GLY E 153 -21.15 -5.92 22.72
N VAL E 154 -21.02 -6.47 23.93
CA VAL E 154 -20.18 -7.69 24.12
C VAL E 154 -20.93 -8.75 24.93
N TYR E 155 -22.24 -8.74 24.91
CA TYR E 155 -22.98 -9.82 25.56
C TYR E 155 -22.74 -11.14 24.83
N ASN E 156 -22.20 -12.12 25.57
CA ASN E 156 -22.14 -13.56 25.21
C ASN E 156 -23.02 -14.36 26.19
N LYS E 157 -24.17 -14.81 25.70
CA LYS E 157 -25.19 -15.54 26.51
C LYS E 157 -24.59 -16.86 27.05
N ASN E 158 -23.44 -17.29 26.56
CA ASN E 158 -22.84 -18.56 27.00
C ASN E 158 -21.77 -18.32 28.07
N LYS E 159 -21.50 -17.08 28.48
CA LYS E 159 -20.38 -16.79 29.39
C LYS E 159 -20.87 -16.01 30.61
N LEU E 160 -22.19 -15.89 30.76
CA LEU E 160 -22.83 -15.27 31.94
C LEU E 160 -23.48 -16.39 32.75
N LEU E 161 -23.14 -16.53 34.03
CA LEU E 161 -23.63 -17.60 34.92
C LEU E 161 -24.00 -16.98 36.28
N GLY E 162 -25.25 -17.05 36.61
CA GLY E 162 -25.73 -16.74 37.95
C GLY E 162 -25.51 -17.92 38.86
N VAL E 163 -24.83 -17.70 39.99
CA VAL E 163 -24.36 -18.84 40.83
C VAL E 163 -25.43 -19.26 41.82
N SER E 164 -26.13 -20.36 41.47
CA SER E 164 -27.27 -20.88 42.23
C SER E 164 -26.93 -22.18 42.98
N LEU E 165 -25.70 -22.63 42.92
CA LEU E 165 -25.27 -23.98 43.44
C LEU E 165 -25.45 -24.11 44.98
N LEU E 166 -25.48 -23.06 45.75
CA LEU E 166 -25.73 -23.20 47.21
C LEU E 166 -27.08 -23.86 47.48
N ASP E 167 -28.10 -23.63 46.63
CA ASP E 167 -29.38 -24.35 46.69
C ASP E 167 -29.21 -25.87 46.54
N GLY E 168 -28.43 -26.31 45.56
CA GLY E 168 -28.03 -27.70 45.36
C GLY E 168 -27.34 -28.29 46.58
N LEU E 169 -26.37 -27.57 47.15
CA LEU E 169 -25.63 -28.08 48.30
C LEU E 169 -26.59 -28.36 49.45
N ARG E 170 -27.49 -27.42 49.71
CA ARG E 170 -28.51 -27.57 50.76
C ARG E 170 -29.49 -28.71 50.41
N ALA E 171 -30.05 -28.72 49.22
CA ALA E 171 -30.97 -29.84 48.84
C ALA E 171 -30.30 -31.21 49.01
N THR E 172 -29.05 -31.32 48.62
CA THR E 172 -28.26 -32.55 48.78
C THR E 172 -28.05 -32.89 50.28
N ARG E 173 -27.51 -31.97 51.04
CA ARG E 173 -27.35 -32.19 52.49
C ARG E 173 -28.67 -32.69 53.12
N PHE E 174 -29.81 -32.03 52.81
CA PHE E 174 -31.06 -32.30 53.57
C PHE E 174 -31.52 -33.70 53.18
N ILE E 175 -31.46 -34.03 51.89
CA ILE E 175 -31.99 -35.35 51.48
C ILE E 175 -31.03 -36.44 51.97
N ASN E 176 -29.72 -36.23 51.99
CA ASN E 176 -28.76 -37.20 52.54
C ASN E 176 -28.99 -37.36 54.05
N ASN E 177 -29.30 -36.30 54.78
CA ASN E 177 -29.63 -36.44 56.23
C ASN E 177 -30.87 -37.31 56.40
N ALA E 178 -31.90 -37.12 55.57
CA ALA E 178 -33.19 -37.86 55.59
C ALA E 178 -32.99 -39.31 55.18
N ARG E 179 -32.08 -39.64 54.24
CA ARG E 179 -32.07 -41.02 53.67
C ARG E 179 -30.86 -41.85 54.15
N HIS E 180 -30.00 -41.31 55.00
CA HIS E 180 -28.76 -41.96 55.46
C HIS E 180 -29.07 -43.43 55.65
N PRO E 181 -28.29 -44.45 55.22
CA PRO E 181 -26.98 -44.29 54.60
C PRO E 181 -26.98 -44.15 53.07
N LEU E 182 -28.14 -44.05 52.41
CA LEU E 182 -28.19 -43.83 50.93
C LEU E 182 -27.74 -42.37 50.69
N VAL E 183 -26.66 -42.17 49.95
CA VAL E 183 -26.08 -40.82 49.67
C VAL E 183 -26.19 -40.53 48.18
N VAL E 184 -26.43 -39.30 47.81
CA VAL E 184 -26.30 -38.81 46.41
C VAL E 184 -25.37 -37.63 46.42
N PRO E 185 -24.64 -37.42 45.31
CA PRO E 185 -23.69 -36.32 45.26
C PRO E 185 -24.32 -34.98 44.88
N TYR E 186 -25.54 -34.94 44.33
CA TYR E 186 -26.12 -33.68 43.88
C TYR E 186 -27.62 -33.85 43.76
N VAL E 187 -28.36 -32.76 43.75
CA VAL E 187 -29.83 -32.71 43.52
C VAL E 187 -30.09 -31.62 42.50
N PRO E 188 -30.78 -31.89 41.37
CA PRO E 188 -31.17 -30.81 40.45
C PRO E 188 -32.00 -29.78 41.24
N VAL E 189 -31.69 -28.51 41.08
CA VAL E 189 -32.52 -27.39 41.58
C VAL E 189 -32.74 -26.38 40.46
N VAL E 190 -34.02 -26.10 40.11
CA VAL E 190 -34.36 -25.31 38.91
C VAL E 190 -35.24 -24.14 39.35
N GLY E 191 -35.47 -23.23 38.42
CA GLY E 191 -36.30 -22.06 38.64
C GLY E 191 -35.45 -20.85 38.87
N GLY E 192 -35.45 -20.37 40.10
CA GLY E 192 -34.66 -19.21 40.48
C GLY E 192 -33.87 -19.53 41.70
N HIS E 193 -33.38 -18.49 42.36
CA HIS E 193 -32.40 -18.63 43.45
C HIS E 193 -32.91 -17.94 44.73
N SER E 194 -34.20 -17.67 44.89
CA SER E 194 -34.65 -17.13 46.19
C SER E 194 -36.02 -17.74 46.52
N ASP E 195 -36.29 -17.92 47.80
CA ASP E 195 -37.59 -18.31 48.43
C ASP E 195 -38.43 -19.18 47.52
N VAL E 196 -39.55 -18.63 47.01
CA VAL E 196 -40.53 -19.41 46.23
C VAL E 196 -39.95 -19.78 44.85
N THR E 197 -38.90 -19.13 44.35
CA THR E 197 -38.39 -19.48 42.99
C THR E 197 -37.54 -20.77 42.99
N ILE E 198 -37.20 -21.29 44.17
CA ILE E 198 -36.25 -22.42 44.28
C ILE E 198 -37.05 -23.71 44.17
N VAL E 199 -36.78 -24.51 43.16
CA VAL E 199 -37.53 -25.77 42.96
C VAL E 199 -36.57 -26.97 42.92
N PRO E 200 -36.37 -27.61 44.07
CA PRO E 200 -35.59 -28.86 44.16
C PRO E 200 -36.39 -29.93 43.43
N LEU E 201 -35.74 -30.77 42.64
CA LEU E 201 -36.39 -31.86 41.87
C LEU E 201 -35.97 -33.21 42.42
N TYR E 202 -36.38 -33.50 43.65
CA TYR E 202 -36.06 -34.79 44.30
C TYR E 202 -36.50 -36.01 43.48
N SER E 203 -37.57 -35.88 42.68
CA SER E 203 -38.05 -36.96 41.75
C SER E 203 -36.91 -37.40 40.79
N GLN E 204 -35.86 -36.59 40.59
CA GLN E 204 -34.82 -36.91 39.58
C GLN E 204 -33.61 -37.58 40.21
N ILE E 205 -33.61 -37.89 41.51
CA ILE E 205 -32.39 -38.48 42.14
C ILE E 205 -32.62 -39.99 42.28
N PRO E 206 -31.57 -40.82 42.31
CA PRO E 206 -31.77 -42.25 42.48
C PRO E 206 -32.34 -42.67 43.85
N GLY E 207 -33.13 -43.77 43.84
CA GLY E 207 -33.52 -44.48 45.08
C GLY E 207 -34.83 -43.96 45.64
N PRO E 208 -35.43 -44.71 46.58
CA PRO E 208 -36.72 -44.33 47.16
C PRO E 208 -36.68 -43.04 48.01
N LEU E 209 -37.74 -42.24 47.92
CA LEU E 209 -37.87 -40.95 48.64
C LEU E 209 -38.71 -41.08 49.89
N PRO E 210 -38.54 -40.18 50.87
CA PRO E 210 -39.51 -40.09 51.96
C PRO E 210 -40.90 -39.85 51.36
N ASP E 211 -41.94 -39.98 52.17
CA ASP E 211 -43.35 -39.75 51.76
C ASP E 211 -43.51 -38.27 51.43
N GLU E 212 -44.54 -37.93 50.67
CA GLU E 212 -44.72 -36.57 50.10
C GLU E 212 -44.75 -35.53 51.23
N SER E 213 -45.29 -35.84 52.43
CA SER E 213 -45.40 -34.85 53.55
C SER E 213 -43.99 -34.51 54.08
N THR E 214 -43.11 -35.48 54.20
CA THR E 214 -41.67 -35.18 54.52
C THR E 214 -41.01 -34.38 53.37
N LEU E 215 -41.23 -34.76 52.12
CA LEU E 215 -40.58 -34.05 50.97
C LEU E 215 -40.99 -32.56 50.92
N LYS E 216 -42.27 -32.25 51.19
CA LYS E 216 -42.77 -30.85 51.34
C LYS E 216 -41.97 -30.06 52.38
N GLU E 217 -41.76 -30.62 53.57
CA GLU E 217 -40.95 -29.96 54.63
C GLU E 217 -39.50 -29.78 54.14
N ILE E 218 -38.91 -30.77 53.48
CA ILE E 218 -37.48 -30.65 53.03
C ILE E 218 -37.38 -29.57 51.92
N ARG E 219 -38.26 -29.62 50.93
CA ARG E 219 -38.23 -28.63 49.83
C ARG E 219 -38.43 -27.26 50.44
N LYS E 220 -39.32 -27.16 51.44
CA LYS E 220 -39.62 -25.86 52.08
C LYS E 220 -38.35 -25.38 52.80
N ARG E 221 -37.69 -26.29 53.48
CA ARG E 221 -36.43 -25.97 54.19
C ARG E 221 -35.36 -25.44 53.19
N VAL E 222 -35.23 -26.01 52.00
CA VAL E 222 -34.25 -25.50 50.99
C VAL E 222 -34.65 -24.07 50.65
N GLN E 223 -35.94 -23.79 50.46
CA GLN E 223 -36.38 -22.42 50.08
C GLN E 223 -36.03 -21.39 51.16
N VAL E 224 -36.08 -21.73 52.44
CA VAL E 224 -35.95 -20.72 53.53
C VAL E 224 -34.62 -20.93 54.27
N ALA E 225 -33.72 -21.68 53.65
CA ALA E 225 -32.45 -22.11 54.28
C ALA E 225 -31.61 -20.89 54.63
N GLY E 226 -31.57 -19.87 53.77
CA GLY E 226 -30.79 -18.66 54.04
C GLY E 226 -31.25 -17.99 55.33
N THR E 227 -32.58 -17.92 55.52
CA THR E 227 -33.19 -17.29 56.72
C THR E 227 -32.83 -18.07 57.99
N GLU E 228 -32.68 -19.39 57.87
CA GLU E 228 -32.22 -20.27 58.97
C GLU E 228 -30.84 -19.78 59.44
N VAL E 229 -29.95 -19.45 58.51
CA VAL E 229 -28.58 -18.98 58.94
C VAL E 229 -28.69 -17.55 59.53
N VAL E 230 -29.50 -16.68 58.93
CA VAL E 230 -29.62 -15.28 59.42
C VAL E 230 -30.14 -15.32 60.87
N LYS E 231 -31.15 -16.13 61.12
CA LYS E 231 -31.73 -16.34 62.48
C LYS E 231 -30.63 -16.82 63.44
N ALA E 232 -29.84 -17.82 63.05
CA ALA E 232 -28.79 -18.41 63.92
C ALA E 232 -27.71 -17.37 64.21
N LYS E 233 -27.53 -16.41 63.28
CA LYS E 233 -26.57 -15.29 63.47
C LYS E 233 -27.30 -14.09 64.07
N ALA E 234 -28.45 -14.28 64.69
CA ALA E 234 -29.14 -13.19 65.44
C ALA E 234 -29.45 -12.00 64.51
N GLY E 235 -29.76 -12.28 63.25
CA GLY E 235 -30.16 -11.25 62.25
C GLY E 235 -29.02 -10.33 61.86
N ARG E 236 -27.78 -10.64 62.21
CA ARG E 236 -26.61 -9.76 61.98
C ARG E 236 -25.59 -10.38 61.04
N GLY E 237 -25.96 -11.48 60.40
CA GLY E 237 -25.08 -12.08 59.39
C GLY E 237 -25.86 -13.00 58.48
N SER E 238 -25.15 -13.69 57.61
CA SER E 238 -25.78 -14.52 56.58
C SER E 238 -24.76 -15.57 56.21
N ALA E 239 -25.19 -16.54 55.44
CA ALA E 239 -24.33 -17.64 54.94
C ALA E 239 -23.08 -17.04 54.29
N THR E 240 -21.89 -17.45 54.73
CA THR E 240 -20.61 -17.00 54.13
C THR E 240 -19.77 -18.22 53.78
N LEU E 241 -19.64 -19.16 54.72
CA LEU E 241 -18.71 -20.29 54.55
C LEU E 241 -19.31 -21.24 53.53
N SER E 242 -20.61 -21.45 53.59
CA SER E 242 -21.31 -22.40 52.71
C SER E 242 -21.33 -21.79 51.31
N MET E 243 -21.46 -20.46 51.23
CA MET E 243 -21.43 -19.80 49.92
C MET E 243 -19.99 -19.80 49.42
N ALA E 244 -18.98 -19.74 50.30
CA ALA E 244 -17.59 -19.82 49.82
C ALA E 244 -17.39 -21.19 49.18
N GLU E 245 -17.91 -22.23 49.82
CA GLU E 245 -17.74 -23.61 49.35
C GLU E 245 -18.42 -23.72 47.98
N ALA E 246 -19.66 -23.29 47.89
CA ALA E 246 -20.45 -23.38 46.63
C ALA E 246 -19.79 -22.56 45.51
N GLY E 247 -19.33 -21.34 45.81
CA GLY E 247 -18.62 -20.45 44.89
C GLY E 247 -17.34 -21.07 44.33
N ALA E 248 -16.44 -21.57 45.20
CA ALA E 248 -15.15 -22.23 44.86
C ALA E 248 -15.48 -23.40 43.95
N ARG E 249 -16.45 -24.21 44.36
CA ARG E 249 -16.77 -25.40 43.59
C ARG E 249 -17.22 -24.99 42.18
N PHE E 250 -18.13 -24.06 42.05
CA PHE E 250 -18.68 -23.63 40.76
C PHE E 250 -17.57 -23.01 39.90
N THR E 251 -16.73 -22.19 40.52
CA THR E 251 -15.67 -21.52 39.78
C THR E 251 -14.73 -22.58 39.24
N MET E 252 -14.40 -23.60 40.04
CA MET E 252 -13.45 -24.67 39.55
C MET E 252 -14.10 -25.50 38.40
N HIS E 253 -15.41 -25.73 38.38
CA HIS E 253 -16.07 -26.25 37.14
C HIS E 253 -15.88 -25.33 35.93
N VAL E 254 -16.02 -24.00 36.08
CA VAL E 254 -15.83 -23.06 34.95
C VAL E 254 -14.39 -23.15 34.48
N VAL E 255 -13.45 -23.03 35.42
CA VAL E 255 -12.01 -23.11 35.12
C VAL E 255 -11.65 -24.40 34.38
N LYS E 256 -12.07 -25.54 34.89
CA LYS E 256 -11.70 -26.78 34.22
C LYS E 256 -12.33 -26.82 32.81
N ALA E 257 -13.56 -26.35 32.68
CA ALA E 257 -14.28 -26.34 31.37
C ALA E 257 -13.51 -25.46 30.37
N LEU E 258 -13.00 -24.33 30.84
CA LEU E 258 -12.26 -23.35 30.02
C LEU E 258 -10.96 -24.00 29.61
N MET E 259 -10.40 -24.89 30.43
CA MET E 259 -9.06 -25.46 30.20
C MET E 259 -9.12 -26.80 29.43
N GLY E 260 -10.31 -27.26 29.12
CA GLY E 260 -10.51 -28.58 28.47
C GLY E 260 -10.20 -29.72 29.43
N LEU E 261 -10.24 -29.49 30.75
CA LEU E 261 -9.91 -30.51 31.80
C LEU E 261 -11.20 -31.14 32.30
N ASP E 262 -12.34 -30.70 31.78
CA ASP E 262 -13.64 -31.35 32.11
C ASP E 262 -14.70 -30.74 31.23
N THR E 263 -15.83 -31.44 31.11
CA THR E 263 -17.06 -30.89 30.51
C THR E 263 -18.18 -31.15 31.51
N PRO E 264 -18.22 -30.42 32.63
CA PRO E 264 -19.13 -30.71 33.73
C PRO E 264 -20.57 -30.25 33.47
N MET E 265 -21.50 -31.06 33.93
CA MET E 265 -22.91 -30.73 33.97
C MET E 265 -23.14 -30.00 35.30
N VAL E 266 -23.64 -28.76 35.29
CA VAL E 266 -23.89 -27.94 36.50
C VAL E 266 -25.26 -27.32 36.38
N TYR E 267 -25.82 -26.82 37.50
CA TYR E 267 -27.10 -26.08 37.57
C TYR E 267 -26.72 -24.64 37.87
N ALA E 268 -27.10 -23.75 36.98
CA ALA E 268 -26.80 -22.32 37.12
C ALA E 268 -27.99 -21.51 36.61
N TYR E 269 -28.04 -20.25 37.02
CA TYR E 269 -29.05 -19.28 36.56
C TYR E 269 -28.50 -18.59 35.33
N VAL E 270 -29.05 -18.95 34.18
CA VAL E 270 -28.48 -18.65 32.85
C VAL E 270 -29.55 -18.10 31.90
N ASP E 271 -29.08 -17.40 30.86
CA ASP E 271 -29.92 -16.99 29.72
C ASP E 271 -30.43 -18.27 29.09
N THR E 272 -31.73 -18.46 28.92
CA THR E 272 -32.25 -19.73 28.35
C THR E 272 -32.14 -19.77 26.82
N ASP E 273 -31.88 -18.64 26.14
CA ASP E 273 -31.52 -18.58 24.69
C ASP E 273 -32.64 -19.27 23.88
N GLY E 274 -33.91 -18.95 24.12
CA GLY E 274 -35.06 -19.55 23.43
C GLY E 274 -35.49 -20.92 23.94
N GLU E 275 -34.73 -21.62 24.80
CA GLU E 275 -35.06 -23.00 25.24
C GLU E 275 -36.23 -22.98 26.24
N HIS E 276 -36.61 -21.82 26.75
CA HIS E 276 -37.75 -21.66 27.69
C HIS E 276 -38.37 -20.29 27.45
N GLU E 277 -39.68 -20.13 27.67
CA GLU E 277 -40.39 -18.81 27.69
C GLU E 277 -39.62 -17.89 28.63
N CYS E 278 -39.38 -18.36 29.86
CA CYS E 278 -38.68 -17.56 30.88
C CYS E 278 -37.28 -17.26 30.38
N PRO E 279 -36.89 -15.98 30.21
CA PRO E 279 -35.63 -15.67 29.51
C PRO E 279 -34.36 -16.00 30.32
N PHE E 280 -34.45 -16.05 31.65
CA PHE E 280 -33.36 -16.52 32.55
C PHE E 280 -33.97 -17.58 33.46
N LEU E 281 -33.22 -18.64 33.73
CA LEU E 281 -33.73 -19.77 34.55
C LEU E 281 -32.55 -20.57 35.09
N ALA E 282 -32.68 -21.07 36.31
CA ALA E 282 -31.74 -22.06 36.88
C ALA E 282 -32.07 -23.39 36.24
N MET E 283 -31.14 -23.91 35.51
CA MET E 283 -31.37 -25.10 34.65
C MET E 283 -30.07 -25.85 34.46
N PRO E 284 -30.12 -27.09 33.97
CA PRO E 284 -28.89 -27.85 33.73
C PRO E 284 -28.22 -27.41 32.41
N VAL E 285 -26.93 -27.17 32.48
CA VAL E 285 -26.07 -26.89 31.31
C VAL E 285 -24.85 -27.81 31.39
N VAL E 286 -24.19 -27.96 30.25
CA VAL E 286 -22.83 -28.51 30.15
C VAL E 286 -21.88 -27.40 29.79
N LEU E 287 -20.81 -27.26 30.57
CA LEU E 287 -19.78 -26.28 30.28
C LEU E 287 -18.68 -26.90 29.39
N GLY E 288 -18.14 -26.11 28.46
CA GLY E 288 -16.95 -26.46 27.67
C GLY E 288 -16.02 -25.27 27.53
N LYS E 289 -15.18 -25.32 26.53
CA LYS E 289 -14.12 -24.30 26.31
C LYS E 289 -14.71 -22.91 25.99
N ASN E 290 -15.95 -22.78 25.56
CA ASN E 290 -16.49 -21.43 25.27
C ASN E 290 -17.60 -21.04 26.26
N GLY E 291 -17.65 -21.62 27.45
CA GLY E 291 -18.74 -21.45 28.42
C GLY E 291 -19.79 -22.52 28.23
N ILE E 292 -21.04 -22.09 28.23
CA ILE E 292 -22.20 -23.00 28.07
C ILE E 292 -22.08 -23.64 26.66
N GLU E 293 -22.06 -24.96 26.63
CA GLU E 293 -21.87 -25.78 25.42
C GLU E 293 -23.22 -26.42 25.08
N ARG E 294 -23.99 -26.80 26.10
CA ARG E 294 -25.32 -27.41 25.88
C ARG E 294 -26.29 -26.87 26.95
N ARG E 295 -27.47 -26.48 26.54
CA ARG E 295 -28.60 -26.25 27.46
C ARG E 295 -29.42 -27.55 27.51
N LEU E 296 -29.53 -28.16 28.69
CA LEU E 296 -30.27 -29.44 28.76
C LEU E 296 -31.73 -29.15 29.14
N PRO E 297 -32.71 -29.99 28.72
CA PRO E 297 -34.08 -29.82 29.22
C PRO E 297 -34.17 -30.09 30.72
N ILE E 298 -35.15 -29.50 31.40
CA ILE E 298 -35.37 -29.69 32.86
C ILE E 298 -35.57 -31.20 33.12
N GLY E 299 -36.25 -31.89 32.20
CA GLY E 299 -36.51 -33.33 32.25
C GLY E 299 -37.86 -33.63 32.90
N PRO E 300 -38.21 -34.92 33.04
CA PRO E 300 -39.51 -35.28 33.59
C PRO E 300 -39.59 -34.88 35.07
N ILE E 301 -40.73 -34.32 35.44
CA ILE E 301 -41.05 -33.88 36.81
C ILE E 301 -42.43 -34.35 37.24
N THR E 302 -42.63 -34.45 38.54
CA THR E 302 -43.96 -34.80 39.09
C THR E 302 -44.92 -33.60 38.98
N THR E 303 -46.20 -33.85 39.19
CA THR E 303 -47.22 -32.79 39.12
C THR E 303 -46.98 -31.79 40.25
N VAL E 304 -46.62 -32.22 41.47
CA VAL E 304 -46.22 -31.29 42.57
C VAL E 304 -45.06 -30.40 42.11
N GLU E 305 -44.06 -30.96 41.48
CA GLU E 305 -42.86 -30.19 41.01
C GLU E 305 -43.29 -29.24 39.89
N LYS E 306 -44.21 -29.71 39.03
CA LYS E 306 -44.75 -28.96 37.87
C LYS E 306 -45.43 -27.70 38.41
N GLU E 307 -46.23 -27.87 39.45
CA GLU E 307 -46.97 -26.76 40.11
C GLU E 307 -45.98 -25.82 40.76
N MET E 308 -44.98 -26.32 41.49
CA MET E 308 -43.99 -25.39 42.11
C MET E 308 -43.28 -24.56 41.03
N LEU E 309 -42.88 -25.18 39.91
CA LEU E 309 -42.10 -24.56 38.83
C LEU E 309 -42.96 -23.51 38.14
N GLU E 310 -44.25 -23.76 37.93
CA GLU E 310 -45.15 -22.72 37.34
C GLU E 310 -45.18 -21.49 38.25
N GLU E 311 -45.41 -21.67 39.54
CA GLU E 311 -45.46 -20.52 40.48
C GLU E 311 -44.07 -19.87 40.45
N ALA E 312 -43.00 -20.65 40.40
CA ALA E 312 -41.64 -20.09 40.43
C ALA E 312 -41.37 -19.25 39.17
N VAL E 313 -41.73 -19.74 38.00
CA VAL E 313 -41.44 -19.03 36.71
C VAL E 313 -42.12 -17.65 36.75
N GLY E 314 -43.38 -17.61 37.20
CA GLY E 314 -44.17 -16.36 37.33
C GLY E 314 -43.38 -15.30 38.08
N VAL E 315 -42.73 -15.69 39.16
CA VAL E 315 -42.01 -14.72 40.03
C VAL E 315 -40.66 -14.41 39.42
N VAL E 316 -39.97 -15.41 38.87
CA VAL E 316 -38.67 -15.19 38.19
C VAL E 316 -38.82 -14.12 37.08
N LYS E 317 -39.88 -14.18 36.27
CA LYS E 317 -40.16 -13.20 35.20
C LYS E 317 -40.30 -11.82 35.80
N LYS E 318 -40.93 -11.67 36.95
CA LYS E 318 -41.05 -10.33 37.60
C LYS E 318 -39.67 -9.88 38.09
N ASN E 319 -38.90 -10.79 38.63
CA ASN E 319 -37.54 -10.46 39.12
C ASN E 319 -36.64 -10.06 37.95
N ILE E 320 -36.73 -10.71 36.80
CA ILE E 320 -35.87 -10.35 35.65
C ILE E 320 -36.25 -8.92 35.23
N ALA E 321 -37.56 -8.69 35.03
CA ALA E 321 -38.07 -7.39 34.52
C ALA E 321 -37.62 -6.25 35.45
N LYS E 322 -37.67 -6.51 36.74
CA LYS E 322 -37.26 -5.53 37.77
C LYS E 322 -35.77 -5.19 37.61
N GLY E 323 -34.93 -6.21 37.44
CA GLY E 323 -33.53 -6.01 37.05
C GLY E 323 -33.42 -5.09 35.83
N GLU E 324 -34.05 -5.47 34.72
CA GLU E 324 -33.88 -4.79 33.41
C GLU E 324 -34.44 -3.37 33.47
N THR E 325 -35.49 -3.14 34.26
CA THR E 325 -36.07 -1.79 34.53
C THR E 325 -35.00 -0.98 35.26
N PHE E 326 -34.35 -1.54 36.29
CA PHE E 326 -33.27 -0.83 37.02
C PHE E 326 -32.14 -0.44 36.05
N ALA E 327 -31.61 -1.38 35.29
CA ALA E 327 -30.48 -1.16 34.35
C ALA E 327 -30.83 -0.10 33.28
N ARG E 328 -31.99 -0.22 32.62
CA ARG E 328 -32.51 0.70 31.57
C ARG E 328 -32.55 2.12 32.16
N SER E 329 -32.76 2.27 33.46
CA SER E 329 -32.86 3.59 34.13
C SER E 329 -31.47 4.20 34.45
N LYS E 330 -30.44 3.36 34.55
CA LYS E 330 -29.11 3.85 35.00
C LYS E 330 -28.00 3.68 33.96
N LEU E 331 -28.27 3.07 32.82
CA LEU E 331 -27.18 2.81 31.85
C LEU E 331 -27.04 3.98 30.89
N MET F 9 14.78 39.51 -23.60
CA MET F 9 13.86 40.47 -24.31
C MET F 9 12.87 39.64 -25.16
N VAL F 10 13.21 39.27 -26.39
CA VAL F 10 12.51 38.20 -27.14
C VAL F 10 13.57 37.28 -27.73
N ASN F 11 13.21 36.02 -27.93
CA ASN F 11 14.05 35.02 -28.62
C ASN F 11 13.25 34.52 -29.83
N VAL F 12 13.70 34.82 -31.03
CA VAL F 12 13.00 34.42 -32.29
C VAL F 12 13.85 33.34 -32.94
N ALA F 13 13.23 32.24 -33.28
CA ALA F 13 13.93 31.07 -33.84
C ALA F 13 13.47 30.93 -35.30
N VAL F 14 14.43 30.98 -36.22
CA VAL F 14 14.17 30.66 -37.65
C VAL F 14 14.48 29.18 -37.90
N ILE F 15 13.45 28.39 -38.22
CA ILE F 15 13.56 26.94 -38.44
C ILE F 15 13.63 26.71 -39.96
N GLY F 16 14.82 26.37 -40.45
CA GLY F 16 15.14 26.34 -41.89
C GLY F 16 15.96 27.56 -42.26
N ALA F 17 16.87 27.98 -41.37
CA ALA F 17 17.65 29.23 -41.46
C ALA F 17 18.65 29.26 -42.63
N ALA F 18 19.04 28.13 -43.21
CA ALA F 18 20.08 28.12 -44.27
C ALA F 18 19.42 28.06 -45.66
N GLY F 19 18.09 28.16 -45.71
CA GLY F 19 17.34 28.10 -46.98
C GLY F 19 17.37 29.41 -47.74
N GLY F 20 16.75 29.34 -48.92
CA GLY F 20 16.52 30.51 -49.79
C GLY F 20 15.82 31.63 -49.00
N ILE F 21 14.72 31.33 -48.35
CA ILE F 21 14.01 32.32 -47.54
C ILE F 21 14.77 32.51 -46.22
N GLY F 22 15.21 31.45 -45.58
CA GLY F 22 15.68 31.57 -44.21
C GLY F 22 16.89 32.47 -44.11
N GLN F 23 17.79 32.42 -45.07
CA GLN F 23 19.05 33.19 -44.95
C GLN F 23 18.71 34.67 -45.03
N SER F 24 17.89 35.09 -45.98
CA SER F 24 17.55 36.54 -46.17
C SER F 24 16.67 37.00 -45.01
N LEU F 25 15.70 36.16 -44.60
CA LEU F 25 14.86 36.46 -43.41
C LEU F 25 15.76 36.63 -42.18
N SER F 26 16.75 35.78 -42.00
CA SER F 26 17.64 35.83 -40.82
C SER F 26 18.43 37.13 -40.80
N LEU F 27 18.88 37.54 -41.98
CA LEU F 27 19.57 38.83 -42.16
C LEU F 27 18.67 40.00 -41.77
N LEU F 28 17.43 40.03 -42.26
CA LEU F 28 16.51 41.15 -41.93
C LEU F 28 16.18 41.17 -40.44
N LEU F 29 15.98 40.03 -39.79
CA LEU F 29 15.70 39.96 -38.35
C LEU F 29 16.90 40.46 -37.55
N LEU F 30 18.10 40.14 -38.00
CA LEU F 30 19.34 40.61 -37.31
C LEU F 30 19.35 42.13 -37.30
N ARG F 31 18.95 42.72 -38.39
CA ARG F 31 18.91 44.19 -38.57
C ARG F 31 17.80 44.80 -37.72
N GLU F 32 16.61 44.18 -37.67
CA GLU F 32 15.38 44.87 -37.20
C GLU F 32 15.05 44.48 -35.74
N LEU F 33 15.51 43.36 -35.22
CA LEU F 33 15.02 42.92 -33.90
C LEU F 33 15.46 43.92 -32.83
N PRO F 34 14.65 44.23 -31.82
CA PRO F 34 15.08 45.20 -30.83
C PRO F 34 16.35 44.75 -30.11
N PHE F 35 17.19 45.71 -29.80
CA PHE F 35 18.35 45.54 -28.90
C PHE F 35 17.93 44.68 -27.69
N GLY F 36 18.74 43.68 -27.34
CA GLY F 36 18.52 42.80 -26.18
C GLY F 36 17.92 41.47 -26.60
N SER F 37 17.57 41.31 -27.90
CA SER F 37 16.93 40.06 -28.41
C SER F 37 17.96 38.99 -28.77
N THR F 38 17.43 37.78 -28.87
CA THR F 38 18.17 36.59 -29.35
C THR F 38 17.61 36.20 -30.70
N LEU F 39 18.49 35.87 -31.64
CA LEU F 39 18.07 35.21 -32.90
C LEU F 39 18.61 33.77 -32.91
N SER F 40 17.74 32.79 -32.96
CA SER F 40 18.12 31.37 -32.85
C SER F 40 18.01 30.75 -34.24
N LEU F 41 19.04 30.11 -34.74
CA LEU F 41 19.02 29.61 -36.15
C LEU F 41 19.17 28.10 -36.13
N TYR F 42 18.26 27.40 -36.79
CA TYR F 42 18.32 25.95 -36.84
C TYR F 42 18.15 25.51 -38.30
N ASP F 43 18.95 24.56 -38.69
CA ASP F 43 18.78 23.86 -39.98
C ASP F 43 19.43 22.48 -39.85
N VAL F 44 19.07 21.56 -40.76
CA VAL F 44 19.72 20.23 -40.88
C VAL F 44 21.02 20.34 -41.67
N VAL F 45 21.21 21.40 -42.44
CA VAL F 45 22.49 21.68 -43.14
C VAL F 45 22.70 23.18 -43.17
N GLY F 46 23.92 23.64 -42.93
CA GLY F 46 24.26 25.05 -43.17
C GLY F 46 24.13 25.97 -41.96
N ALA F 47 23.52 25.58 -40.85
CA ALA F 47 23.17 26.58 -39.83
C ALA F 47 24.43 27.16 -39.18
N PRO F 48 25.50 26.39 -38.92
CA PRO F 48 26.73 26.96 -38.37
C PRO F 48 27.29 28.03 -39.32
N GLY F 49 27.26 27.81 -40.63
CA GLY F 49 27.81 28.77 -41.62
C GLY F 49 27.02 30.07 -41.64
N VAL F 50 25.69 29.97 -41.63
CA VAL F 50 24.79 31.16 -41.57
C VAL F 50 24.98 31.92 -40.25
N ALA F 51 25.06 31.20 -39.14
CA ALA F 51 25.27 31.81 -37.79
C ALA F 51 26.62 32.52 -37.77
N ALA F 52 27.66 31.92 -38.37
CA ALA F 52 29.02 32.51 -38.43
C ALA F 52 28.93 33.81 -39.24
N ASP F 53 28.31 33.77 -40.42
CA ASP F 53 28.19 34.91 -41.35
C ASP F 53 27.49 36.06 -40.59
N LEU F 54 26.30 35.80 -40.03
CA LEU F 54 25.50 36.83 -39.32
C LEU F 54 26.17 37.32 -38.04
N SER F 55 26.91 36.48 -37.32
CA SER F 55 27.61 36.88 -36.07
C SER F 55 28.62 38.00 -36.36
N HIS F 56 28.99 38.21 -37.61
CA HIS F 56 30.09 39.17 -37.96
C HIS F 56 29.55 40.59 -38.12
N ILE F 57 28.24 40.72 -38.26
CA ILE F 57 27.61 42.05 -38.48
C ILE F 57 27.69 42.86 -37.15
N ASP F 58 28.01 44.14 -37.27
CA ASP F 58 28.22 45.08 -36.11
C ASP F 58 26.88 45.53 -35.48
N ARG F 59 25.99 44.59 -35.16
CA ARG F 59 24.70 44.90 -34.49
C ARG F 59 24.82 44.65 -32.99
N ALA F 60 25.01 45.71 -32.21
CA ALA F 60 25.11 45.61 -30.73
C ALA F 60 23.77 45.19 -30.13
N GLY F 61 23.81 44.37 -29.08
CA GLY F 61 22.61 43.94 -28.33
C GLY F 61 21.94 42.69 -28.91
N ILE F 62 22.41 42.11 -30.01
CA ILE F 62 21.73 40.89 -30.54
C ILE F 62 22.68 39.71 -30.35
N THR F 63 22.15 38.67 -29.74
CA THR F 63 22.82 37.37 -29.54
C THR F 63 22.40 36.47 -30.71
N VAL F 64 23.35 35.93 -31.45
CA VAL F 64 23.06 34.88 -32.45
C VAL F 64 23.40 33.54 -31.84
N LYS F 65 22.42 32.65 -31.82
CA LYS F 65 22.50 31.22 -31.40
C LYS F 65 22.20 30.36 -32.61
N HIS F 66 22.75 29.15 -32.65
CA HIS F 66 22.41 28.18 -33.68
C HIS F 66 22.48 26.77 -33.12
N ALA F 67 21.85 25.84 -33.82
CA ALA F 67 22.05 24.40 -33.66
C ALA F 67 21.92 23.75 -35.03
N ALA F 68 22.65 22.67 -35.23
CA ALA F 68 22.60 21.87 -36.47
C ALA F 68 21.88 20.58 -36.18
N GLY F 69 20.91 20.18 -37.00
CA GLY F 69 20.35 18.83 -36.88
C GLY F 69 21.26 17.82 -37.58
N LYS F 70 20.96 16.53 -37.46
CA LYS F 70 21.70 15.46 -38.18
C LYS F 70 21.24 15.45 -39.64
N LEU F 71 22.11 15.02 -40.55
CA LEU F 71 21.81 14.73 -41.98
C LEU F 71 22.35 13.33 -42.27
N PRO F 72 21.52 12.26 -42.26
CA PRO F 72 20.10 12.34 -42.61
C PRO F 72 19.23 12.84 -41.46
N PRO F 73 18.14 13.58 -41.74
CA PRO F 73 17.36 14.23 -40.68
C PRO F 73 16.69 13.15 -39.81
N VAL F 74 16.78 13.26 -38.48
CA VAL F 74 16.06 12.35 -37.54
C VAL F 74 14.85 13.07 -36.95
N PRO F 75 13.75 12.36 -36.64
CA PRO F 75 12.66 13.00 -35.92
C PRO F 75 13.11 13.49 -34.53
N ARG F 76 12.46 14.53 -34.04
CA ARG F 76 12.61 14.98 -32.65
C ARG F 76 14.11 15.20 -32.43
N ASP F 77 14.79 15.87 -33.35
CA ASP F 77 16.26 16.11 -33.22
C ASP F 77 16.57 16.72 -31.86
N PRO F 78 17.46 16.15 -31.02
CA PRO F 78 17.83 16.77 -29.73
C PRO F 78 18.48 18.14 -29.84
N ALA F 79 19.18 18.47 -30.95
CA ALA F 79 19.81 19.79 -31.09
C ALA F 79 18.72 20.86 -31.21
N LEU F 80 17.62 20.55 -31.88
CA LEU F 80 16.47 21.48 -31.95
C LEU F 80 15.80 21.55 -30.58
N THR F 81 15.61 20.44 -29.89
CA THR F 81 14.96 20.46 -28.56
C THR F 81 15.68 21.43 -27.63
N GLU F 82 17.02 21.42 -27.61
CA GLU F 82 17.79 22.37 -26.76
C GLU F 82 17.64 23.81 -27.27
N LEU F 83 17.77 24.08 -28.57
CA LEU F 83 17.64 25.44 -29.19
C LEU F 83 16.26 26.03 -28.87
N ALA F 84 15.19 25.22 -28.94
CA ALA F 84 13.79 25.59 -28.73
C ALA F 84 13.51 26.07 -27.28
N GLU F 85 14.38 25.85 -26.31
CA GLU F 85 14.13 26.34 -24.92
C GLU F 85 14.16 27.88 -24.92
N GLY F 86 13.17 28.50 -24.26
CA GLY F 86 13.03 29.95 -24.05
C GLY F 86 12.74 30.72 -25.33
N VAL F 87 12.23 30.04 -26.36
CA VAL F 87 11.85 30.70 -27.65
C VAL F 87 10.44 31.26 -27.51
N ASP F 88 10.23 32.53 -27.86
CA ASP F 88 8.92 33.18 -27.93
C ASP F 88 8.24 33.02 -29.30
N VAL F 89 9.00 33.03 -30.38
CA VAL F 89 8.43 32.99 -31.75
C VAL F 89 9.24 31.99 -32.58
N PHE F 90 8.56 31.02 -33.19
CA PHE F 90 9.13 30.06 -34.17
C PHE F 90 8.63 30.44 -35.55
N VAL F 91 9.57 30.70 -36.44
CA VAL F 91 9.26 30.94 -37.88
C VAL F 91 9.65 29.66 -38.62
N ILE F 92 8.64 28.92 -39.08
CA ILE F 92 8.82 27.62 -39.75
C ILE F 92 8.89 27.90 -41.26
N VAL F 93 10.11 27.91 -41.79
CA VAL F 93 10.44 28.16 -43.22
C VAL F 93 11.27 26.97 -43.75
N ALA F 94 11.11 25.77 -43.21
CA ALA F 94 11.82 24.55 -43.68
C ALA F 94 11.04 23.96 -44.84
N GLY F 95 11.70 23.19 -45.71
CA GLY F 95 11.09 22.64 -46.94
C GLY F 95 12.08 21.73 -47.64
N VAL F 96 11.60 20.74 -48.37
CA VAL F 96 12.48 19.94 -49.29
C VAL F 96 11.87 20.11 -50.68
N PRO F 97 12.71 20.23 -51.75
CA PRO F 97 12.21 20.27 -53.13
C PRO F 97 11.64 18.95 -53.69
N ARG F 98 10.81 19.06 -54.71
CA ARG F 98 10.54 17.96 -55.69
C ARG F 98 11.80 17.72 -56.54
N LYS F 99 12.54 16.63 -56.28
CA LYS F 99 13.50 15.96 -57.23
C LYS F 99 12.70 15.21 -58.32
N PRO F 100 13.32 14.71 -59.42
CA PRO F 100 12.67 13.77 -60.34
C PRO F 100 12.32 12.42 -59.69
N GLY F 101 11.11 11.91 -59.97
CA GLY F 101 10.55 10.67 -59.38
C GLY F 101 9.38 10.99 -58.46
N MET F 102 9.44 12.14 -57.76
CA MET F 102 8.42 12.59 -56.78
C MET F 102 7.16 13.10 -57.51
N THR F 103 6.00 12.74 -56.97
CA THR F 103 4.65 13.23 -57.38
C THR F 103 4.30 14.45 -56.51
N ARG F 104 3.19 15.13 -56.81
CA ARG F 104 2.62 16.25 -56.00
C ARG F 104 2.21 15.77 -54.59
N ASP F 105 1.60 14.57 -54.48
CA ASP F 105 1.20 13.92 -53.19
C ASP F 105 2.45 13.55 -52.38
N ASP F 106 3.54 13.17 -53.06
CA ASP F 106 4.85 12.92 -52.43
C ASP F 106 5.42 14.24 -51.90
N LEU F 107 5.30 15.36 -52.63
CA LEU F 107 5.79 16.68 -52.15
C LEU F 107 5.04 17.08 -50.89
N PHE F 108 3.70 17.08 -51.00
CA PHE F 108 2.80 17.48 -49.90
C PHE F 108 3.19 16.64 -48.69
N ASN F 109 3.35 15.32 -48.89
CA ASN F 109 3.64 14.35 -47.80
C ASN F 109 4.97 14.66 -47.11
N VAL F 110 6.03 14.91 -47.85
CA VAL F 110 7.35 15.18 -47.19
C VAL F 110 7.25 16.54 -46.45
N ASN F 111 6.61 17.58 -47.01
CA ASN F 111 6.54 18.90 -46.33
C ASN F 111 5.58 18.88 -45.12
N ALA F 112 4.41 18.25 -45.27
CA ALA F 112 3.45 18.00 -44.17
C ALA F 112 4.17 17.31 -43.01
N GLY F 113 4.99 16.32 -43.30
CA GLY F 113 5.63 15.55 -42.24
C GLY F 113 6.75 16.37 -41.60
N ILE F 114 7.36 17.30 -42.36
CA ILE F 114 8.43 18.16 -41.81
C ILE F 114 7.79 19.11 -40.79
N VAL F 115 6.63 19.68 -41.13
CA VAL F 115 5.91 20.70 -40.32
C VAL F 115 5.44 20.02 -39.02
N MET F 116 4.83 18.86 -39.17
CA MET F 116 4.38 18.05 -38.00
C MET F 116 5.54 17.81 -37.02
N ASP F 117 6.66 17.26 -37.54
CA ASP F 117 7.85 16.94 -36.74
C ASP F 117 8.36 18.21 -36.07
N LEU F 118 8.55 19.31 -36.83
CA LEU F 118 9.15 20.53 -36.27
C LEU F 118 8.22 21.08 -35.20
N VAL F 119 6.92 21.16 -35.44
CA VAL F 119 5.97 21.73 -34.45
C VAL F 119 5.93 20.83 -33.18
N LEU F 120 6.03 19.54 -33.32
CA LEU F 120 6.04 18.61 -32.18
C LEU F 120 7.30 18.88 -31.36
N THR F 121 8.46 18.96 -32.02
CA THR F 121 9.74 19.14 -31.32
C THR F 121 9.72 20.48 -30.58
N CYS F 122 9.44 21.59 -31.26
CA CYS F 122 9.47 22.93 -30.64
C CYS F 122 8.39 23.09 -29.55
N ALA F 123 7.13 22.76 -29.83
CA ALA F 123 5.97 22.94 -28.92
C ALA F 123 6.17 22.10 -27.64
N SER F 124 6.80 20.94 -27.73
CA SER F 124 7.12 20.09 -26.56
C SER F 124 8.03 20.83 -25.57
N VAL F 125 8.82 21.81 -26.00
CA VAL F 125 9.75 22.53 -25.07
C VAL F 125 9.19 23.91 -24.75
N SER F 126 8.63 24.59 -25.74
CA SER F 126 8.08 25.96 -25.61
C SER F 126 6.65 26.01 -26.12
N PRO F 127 5.67 25.45 -25.37
CA PRO F 127 4.27 25.41 -25.81
C PRO F 127 3.58 26.77 -25.79
N ASN F 128 4.14 27.78 -25.15
CA ASN F 128 3.52 29.12 -25.14
C ASN F 128 4.08 30.03 -26.24
N ALA F 129 4.91 29.53 -27.13
CA ALA F 129 5.50 30.32 -28.25
C ALA F 129 4.45 30.57 -29.32
N CYS F 130 4.68 31.62 -30.11
CA CYS F 130 3.92 31.90 -31.33
C CYS F 130 4.55 31.06 -32.44
N PHE F 131 3.73 30.42 -33.23
CA PHE F 131 4.16 29.60 -34.40
C PHE F 131 3.72 30.34 -35.64
N CYS F 132 4.69 30.77 -36.45
CA CYS F 132 4.45 31.39 -37.76
C CYS F 132 4.78 30.37 -38.87
N ILE F 133 3.78 29.84 -39.53
CA ILE F 133 3.99 28.81 -40.57
C ILE F 133 4.16 29.51 -41.91
N VAL F 134 5.35 29.36 -42.50
CA VAL F 134 5.64 29.84 -43.88
C VAL F 134 5.58 28.65 -44.83
N THR F 135 5.99 27.49 -44.34
CA THR F 135 6.13 26.26 -45.12
C THR F 135 4.81 26.02 -45.84
N ASN F 136 4.86 25.77 -47.16
CA ASN F 136 3.64 25.60 -47.98
C ASN F 136 3.32 24.12 -48.08
N PRO F 137 2.05 23.79 -48.44
CA PRO F 137 0.98 24.77 -48.68
C PRO F 137 0.33 25.24 -47.34
N VAL F 138 0.45 26.55 -47.05
CA VAL F 138 -0.05 27.22 -45.81
C VAL F 138 -1.51 26.80 -45.51
N ASN F 139 -2.36 26.64 -46.54
CA ASN F 139 -3.80 26.38 -46.31
C ASN F 139 -3.96 25.08 -45.48
N SER F 140 -3.10 24.08 -45.74
CA SER F 140 -3.08 22.70 -45.14
C SER F 140 -2.08 22.58 -43.99
N THR F 141 -0.94 23.27 -44.06
CA THR F 141 0.15 23.08 -43.07
C THR F 141 -0.23 23.79 -41.77
N THR F 142 -0.99 24.89 -41.85
CA THR F 142 -1.48 25.59 -40.65
C THR F 142 -2.38 24.64 -39.85
N PRO F 143 -3.46 24.08 -40.43
CA PRO F 143 -4.27 23.11 -39.72
C PRO F 143 -3.51 21.82 -39.33
N ILE F 144 -2.47 21.44 -40.04
CA ILE F 144 -1.56 20.34 -39.60
C ILE F 144 -0.90 20.75 -38.28
N ALA F 145 -0.41 21.96 -38.22
CA ALA F 145 0.25 22.48 -37.01
C ALA F 145 -0.75 22.47 -35.86
N ALA F 146 -1.98 22.90 -36.09
CA ALA F 146 -3.02 22.97 -35.06
C ALA F 146 -3.28 21.53 -34.54
N GLN F 147 -3.45 20.54 -35.41
CA GLN F 147 -3.68 19.14 -34.92
C GLN F 147 -2.50 18.62 -34.12
N THR F 148 -1.27 18.92 -34.52
CA THR F 148 0.00 18.54 -33.84
C THR F 148 0.00 19.12 -32.42
N LEU F 149 -0.36 20.39 -32.29
CA LEU F 149 -0.43 21.09 -31.00
C LEU F 149 -1.56 20.48 -30.13
N ARG F 150 -2.70 20.12 -30.72
CA ARG F 150 -3.87 19.54 -29.99
C ARG F 150 -3.47 18.19 -29.44
N LYS F 151 -2.76 17.42 -30.25
CA LYS F 151 -2.22 16.11 -29.87
C LYS F 151 -1.43 16.23 -28.56
N ILE F 152 -0.47 17.14 -28.44
CA ILE F 152 0.30 17.17 -27.16
C ILE F 152 -0.44 17.99 -26.11
N GLY F 153 -1.60 18.60 -26.38
CA GLY F 153 -2.47 19.25 -25.39
C GLY F 153 -2.15 20.70 -25.12
N VAL F 154 -1.53 21.42 -26.07
CA VAL F 154 -1.12 22.82 -25.84
C VAL F 154 -1.61 23.76 -26.96
N TYR F 155 -2.54 23.36 -27.82
CA TYR F 155 -3.04 24.25 -28.89
C TYR F 155 -3.61 25.55 -28.31
N ASN F 156 -3.05 26.69 -28.71
CA ASN F 156 -3.59 28.02 -28.38
C ASN F 156 -4.00 28.65 -29.72
N LYS F 157 -5.31 28.70 -30.00
CA LYS F 157 -5.84 29.25 -31.26
C LYS F 157 -5.31 30.69 -31.54
N ASN F 158 -4.83 31.42 -30.53
CA ASN F 158 -4.36 32.83 -30.69
C ASN F 158 -2.86 32.90 -31.00
N LYS F 159 -2.15 31.77 -31.07
CA LYS F 159 -0.69 31.80 -31.19
C LYS F 159 -0.26 30.99 -32.41
N LEU F 160 -1.21 30.59 -33.24
CA LEU F 160 -0.82 29.89 -34.49
C LEU F 160 -1.21 30.81 -35.67
N LEU F 161 -0.24 31.10 -36.52
CA LEU F 161 -0.38 32.15 -37.56
C LEU F 161 0.23 31.59 -38.86
N GLY F 162 -0.64 31.30 -39.80
CA GLY F 162 -0.28 31.00 -41.20
C GLY F 162 0.12 32.30 -41.91
N VAL F 163 1.34 32.37 -42.44
CA VAL F 163 1.89 33.63 -42.97
C VAL F 163 1.50 33.82 -44.43
N SER F 164 0.51 34.70 -44.66
CA SER F 164 -0.15 34.96 -45.95
C SER F 164 0.21 36.36 -46.46
N LEU F 165 0.94 37.20 -45.69
CA LEU F 165 1.18 38.62 -46.01
C LEU F 165 1.79 38.81 -47.41
N LEU F 166 2.58 37.90 -47.94
CA LEU F 166 3.15 38.08 -49.31
C LEU F 166 2.05 38.39 -50.33
N ASP F 167 0.85 37.84 -50.19
CA ASP F 167 -0.32 38.19 -51.02
C ASP F 167 -0.68 39.67 -50.89
N GLY F 168 -0.66 40.21 -49.66
CA GLY F 168 -0.88 41.65 -49.41
C GLY F 168 0.19 42.48 -50.05
N LEU F 169 1.47 42.10 -49.83
CA LEU F 169 2.61 42.77 -50.47
C LEU F 169 2.37 42.86 -51.98
N ARG F 170 2.03 41.75 -52.61
CA ARG F 170 1.82 41.77 -54.07
C ARG F 170 0.61 42.65 -54.46
N ALA F 171 -0.52 42.47 -53.78
CA ALA F 171 -1.77 43.20 -54.03
C ALA F 171 -1.50 44.70 -53.94
N THR F 172 -0.67 45.12 -52.97
CA THR F 172 -0.32 46.54 -52.70
C THR F 172 0.55 47.04 -53.83
N ARG F 173 1.58 46.26 -54.17
CA ARG F 173 2.54 46.67 -55.20
C ARG F 173 1.73 46.87 -56.50
N PHE F 174 0.88 45.91 -56.83
CA PHE F 174 0.20 45.91 -58.16
C PHE F 174 -0.81 47.04 -58.27
N ILE F 175 -1.59 47.34 -57.20
CA ILE F 175 -2.57 48.45 -57.22
C ILE F 175 -1.81 49.79 -57.24
N ASN F 176 -0.68 49.84 -56.57
CA ASN F 176 0.07 51.10 -56.52
C ASN F 176 0.66 51.34 -57.91
N ASN F 177 1.16 50.30 -58.55
CA ASN F 177 1.70 50.42 -59.91
C ASN F 177 0.62 50.94 -60.84
N ALA F 178 -0.64 50.52 -60.66
CA ALA F 178 -1.81 50.91 -61.52
C ALA F 178 -2.30 52.33 -61.21
N ARG F 179 -2.28 52.77 -59.96
CA ARG F 179 -2.88 54.08 -59.61
C ARG F 179 -1.87 55.20 -59.33
N HIS F 180 -0.59 55.01 -59.65
CA HIS F 180 0.41 56.02 -59.23
C HIS F 180 -0.01 57.38 -59.86
N PRO F 181 0.07 58.50 -59.15
CA PRO F 181 0.80 58.60 -57.88
C PRO F 181 0.01 58.40 -56.56
N LEU F 182 -1.21 57.86 -56.62
CA LEU F 182 -2.00 57.51 -55.41
C LEU F 182 -1.43 56.20 -54.91
N VAL F 183 -0.95 56.21 -53.69
CA VAL F 183 -0.22 55.13 -53.00
C VAL F 183 -1.07 54.70 -51.81
N VAL F 184 -1.16 53.41 -51.53
CA VAL F 184 -1.73 52.88 -50.26
C VAL F 184 -0.67 52.01 -49.61
N PRO F 185 -0.69 51.90 -48.27
CA PRO F 185 0.34 51.13 -47.57
C PRO F 185 -0.01 49.64 -47.53
N TYR F 186 -1.27 49.24 -47.77
CA TYR F 186 -1.66 47.82 -47.56
C TYR F 186 -2.98 47.63 -48.29
N VAL F 187 -3.25 46.40 -48.62
CA VAL F 187 -4.52 45.96 -49.24
C VAL F 187 -4.98 44.75 -48.47
N PRO F 188 -6.22 44.69 -47.97
CA PRO F 188 -6.74 43.48 -47.34
C PRO F 188 -6.79 42.31 -48.34
N VAL F 189 -6.32 41.15 -47.90
CA VAL F 189 -6.38 39.93 -48.71
C VAL F 189 -6.93 38.83 -47.79
N VAL F 190 -8.02 38.17 -48.20
CA VAL F 190 -8.76 37.21 -47.33
C VAL F 190 -8.94 35.91 -48.11
N GLY F 191 -9.47 34.89 -47.41
CA GLY F 191 -9.75 33.56 -47.96
C GLY F 191 -8.63 32.61 -47.57
N GLY F 192 -7.77 32.31 -48.53
CA GLY F 192 -6.62 31.42 -48.32
C GLY F 192 -5.36 31.99 -48.95
N HIS F 193 -4.36 31.15 -49.12
CA HIS F 193 -3.00 31.56 -49.53
C HIS F 193 -2.54 30.86 -50.82
N SER F 194 -3.47 30.39 -51.65
CA SER F 194 -3.03 29.69 -52.89
C SER F 194 -3.96 30.05 -54.05
N ASP F 195 -3.41 30.33 -55.23
CA ASP F 195 -4.16 30.44 -56.52
C ASP F 195 -5.58 30.90 -56.22
N VAL F 196 -6.58 30.05 -56.35
CA VAL F 196 -7.99 30.53 -56.39
C VAL F 196 -8.46 30.94 -54.98
N THR F 197 -7.77 30.54 -53.90
CA THR F 197 -8.28 30.90 -52.55
C THR F 197 -7.88 32.34 -52.20
N ILE F 198 -7.03 32.96 -52.98
CA ILE F 198 -6.54 34.33 -52.64
C ILE F 198 -7.58 35.34 -53.13
N VAL F 199 -8.10 36.18 -52.24
CA VAL F 199 -9.16 37.16 -52.58
C VAL F 199 -8.73 38.54 -52.10
N PRO F 200 -8.03 39.33 -52.94
CA PRO F 200 -7.73 40.72 -52.62
C PRO F 200 -9.03 41.53 -52.56
N LEU F 201 -9.16 42.45 -51.60
CA LEU F 201 -10.38 43.30 -51.46
C LEU F 201 -10.01 44.76 -51.76
N TYR F 202 -9.86 45.08 -53.04
CA TYR F 202 -9.57 46.48 -53.44
C TYR F 202 -10.70 47.45 -53.07
N SER F 203 -11.96 47.01 -53.05
CA SER F 203 -13.09 47.89 -52.61
C SER F 203 -12.79 48.48 -51.22
N GLN F 204 -11.87 47.94 -50.42
CA GLN F 204 -11.73 48.35 -48.99
C GLN F 204 -10.53 49.30 -48.86
N ILE F 205 -9.92 49.75 -49.95
CA ILE F 205 -8.80 50.73 -49.88
C ILE F 205 -9.34 52.08 -50.33
N PRO F 206 -8.69 53.14 -49.87
CA PRO F 206 -9.11 54.48 -50.26
C PRO F 206 -8.95 54.76 -51.76
N GLY F 207 -9.77 55.63 -52.30
CA GLY F 207 -9.52 56.34 -53.56
C GLY F 207 -10.16 55.61 -54.73
N PRO F 208 -10.30 56.30 -55.87
CA PRO F 208 -10.97 55.66 -57.00
C PRO F 208 -10.15 54.47 -57.53
N LEU F 209 -10.82 53.43 -58.04
CA LEU F 209 -10.18 52.17 -58.57
C LEU F 209 -10.12 52.19 -60.08
N PRO F 210 -9.20 51.47 -60.71
CA PRO F 210 -9.27 51.32 -62.17
C PRO F 210 -10.61 50.66 -62.53
N ASP F 211 -10.93 50.57 -63.83
CA ASP F 211 -12.10 49.84 -64.38
C ASP F 211 -12.08 48.35 -63.99
N GLU F 212 -13.26 47.77 -63.89
CA GLU F 212 -13.46 46.41 -63.33
C GLU F 212 -12.67 45.40 -64.21
N SER F 213 -12.55 45.64 -65.54
CA SER F 213 -11.75 44.74 -66.43
C SER F 213 -10.29 44.75 -65.94
N THR F 214 -9.75 45.92 -65.76
CA THR F 214 -8.38 46.06 -65.23
C THR F 214 -8.29 45.43 -63.82
N LEU F 215 -9.25 45.69 -62.94
CA LEU F 215 -9.26 45.09 -61.56
C LEU F 215 -9.25 43.58 -61.65
N LYS F 216 -10.02 43.00 -62.55
CA LYS F 216 -10.03 41.54 -62.67
C LYS F 216 -8.59 41.07 -63.00
N GLU F 217 -7.87 41.79 -63.87
CA GLU F 217 -6.52 41.32 -64.29
C GLU F 217 -5.56 41.45 -63.09
N ILE F 218 -5.68 42.53 -62.36
CA ILE F 218 -4.82 42.77 -61.16
C ILE F 218 -5.08 41.68 -60.11
N ARG F 219 -6.32 41.35 -59.82
CA ARG F 219 -6.71 40.32 -58.82
C ARG F 219 -6.15 38.97 -59.30
N LYS F 220 -6.27 38.67 -60.61
CA LYS F 220 -5.74 37.42 -61.18
C LYS F 220 -4.22 37.39 -60.99
N ARG F 221 -3.58 38.49 -61.24
CA ARG F 221 -2.13 38.55 -61.13
C ARG F 221 -1.70 38.20 -59.70
N VAL F 222 -2.37 38.70 -58.65
CA VAL F 222 -2.08 38.35 -57.24
C VAL F 222 -2.26 36.84 -57.08
N GLN F 223 -3.31 36.26 -57.67
CA GLN F 223 -3.59 34.81 -57.49
C GLN F 223 -2.54 33.93 -58.16
N VAL F 224 -2.01 34.35 -59.29
CA VAL F 224 -1.06 33.51 -60.05
C VAL F 224 0.35 34.09 -59.89
N ALA F 225 0.57 35.04 -58.97
CA ALA F 225 1.91 35.64 -58.74
C ALA F 225 2.99 34.61 -58.37
N GLY F 226 2.73 33.59 -57.52
CA GLY F 226 3.69 32.51 -57.23
C GLY F 226 4.14 31.80 -58.52
N THR F 227 3.22 31.43 -59.38
CA THR F 227 3.57 30.78 -60.69
C THR F 227 4.40 31.74 -61.57
N GLU F 228 4.10 33.04 -61.62
CA GLU F 228 4.86 34.05 -62.41
C GLU F 228 6.32 34.02 -61.92
N VAL F 229 6.60 33.91 -60.63
CA VAL F 229 8.02 33.90 -60.13
C VAL F 229 8.69 32.54 -60.44
N VAL F 230 8.02 31.41 -60.20
CA VAL F 230 8.52 30.06 -60.58
C VAL F 230 8.91 30.04 -62.08
N LYS F 231 8.04 30.53 -62.95
CA LYS F 231 8.29 30.62 -64.42
C LYS F 231 9.51 31.53 -64.67
N ALA F 232 9.60 32.68 -64.02
CA ALA F 232 10.72 33.64 -64.26
C ALA F 232 12.04 33.04 -63.74
N LYS F 233 11.99 32.26 -62.65
CA LYS F 233 13.18 31.64 -62.02
C LYS F 233 13.64 30.41 -62.84
N ALA F 234 12.79 29.94 -63.75
CA ALA F 234 13.09 28.94 -64.79
C ALA F 234 13.86 27.78 -64.22
N GLY F 235 13.45 27.21 -63.08
CA GLY F 235 14.10 26.04 -62.49
C GLY F 235 14.63 26.31 -61.10
N ARG F 236 14.87 27.57 -60.72
CA ARG F 236 15.52 27.92 -59.44
C ARG F 236 14.48 27.97 -58.30
N GLY F 237 13.19 27.76 -58.57
CA GLY F 237 12.16 27.57 -57.52
C GLY F 237 11.21 28.75 -57.38
N SER F 238 10.60 28.90 -56.20
CA SER F 238 9.58 29.95 -55.89
C SER F 238 10.26 31.21 -55.32
N ALA F 239 9.48 32.21 -55.01
CA ALA F 239 9.93 33.48 -54.43
C ALA F 239 10.71 33.23 -53.11
N THR F 240 11.81 33.96 -52.95
CA THR F 240 12.69 33.82 -51.78
C THR F 240 12.83 35.23 -51.20
N LEU F 241 13.17 36.25 -51.98
CA LEU F 241 13.57 37.56 -51.43
C LEU F 241 12.33 38.33 -50.96
N SER F 242 11.22 38.21 -51.71
CA SER F 242 9.96 38.88 -51.37
C SER F 242 9.33 38.15 -50.20
N MET F 243 9.51 36.85 -50.09
CA MET F 243 8.98 36.13 -48.91
C MET F 243 9.88 36.50 -47.71
N ALA F 244 11.18 36.69 -47.86
CA ALA F 244 12.02 37.09 -46.71
C ALA F 244 11.48 38.42 -46.19
N GLU F 245 11.24 39.36 -47.09
CA GLU F 245 10.67 40.68 -46.77
C GLU F 245 9.35 40.55 -46.03
N ALA F 246 8.37 39.84 -46.60
CA ALA F 246 7.07 39.63 -45.94
C ALA F 246 7.25 38.93 -44.56
N GLY F 247 8.08 37.89 -44.49
CA GLY F 247 8.26 37.06 -43.31
C GLY F 247 8.89 37.85 -42.17
N ALA F 248 9.88 38.66 -42.50
CA ALA F 248 10.54 39.56 -41.53
C ALA F 248 9.53 40.60 -41.05
N ARG F 249 8.73 41.18 -41.94
CA ARG F 249 7.77 42.22 -41.55
C ARG F 249 6.74 41.60 -40.61
N PHE F 250 6.22 40.44 -40.95
CA PHE F 250 5.21 39.76 -40.11
C PHE F 250 5.83 39.43 -38.75
N THR F 251 7.03 38.82 -38.72
CA THR F 251 7.66 38.37 -37.48
C THR F 251 7.78 39.63 -36.65
N MET F 252 8.15 40.77 -37.25
CA MET F 252 8.39 41.97 -36.42
C MET F 252 7.08 42.50 -35.84
N HIS F 253 5.95 42.34 -36.51
CA HIS F 253 4.63 42.65 -35.93
C HIS F 253 4.37 41.74 -34.70
N VAL F 254 4.68 40.45 -34.85
CA VAL F 254 4.44 39.49 -33.74
C VAL F 254 5.34 39.88 -32.56
N VAL F 255 6.58 40.11 -32.85
CA VAL F 255 7.60 40.53 -31.84
C VAL F 255 7.13 41.81 -31.12
N LYS F 256 6.81 42.87 -31.86
CA LYS F 256 6.37 44.12 -31.20
C LYS F 256 5.10 43.86 -30.39
N ALA F 257 4.13 43.11 -30.90
CA ALA F 257 2.89 42.78 -30.16
C ALA F 257 3.23 42.07 -28.81
N LEU F 258 4.12 41.10 -28.84
CA LEU F 258 4.48 40.27 -27.68
C LEU F 258 5.17 41.18 -26.66
N MET F 259 5.89 42.19 -27.13
CA MET F 259 6.69 43.08 -26.24
C MET F 259 5.81 44.25 -25.75
N GLY F 260 4.60 44.39 -26.25
CA GLY F 260 3.79 45.57 -25.87
C GLY F 260 4.28 46.86 -26.53
N LEU F 261 5.08 46.77 -27.58
CA LEU F 261 5.57 47.93 -28.40
C LEU F 261 4.65 48.24 -29.60
N ASP F 262 3.56 47.52 -29.79
CA ASP F 262 2.55 47.84 -30.83
C ASP F 262 1.37 46.92 -30.62
N THR F 263 0.21 47.27 -31.19
CA THR F 263 -1.01 46.40 -31.30
C THR F 263 -1.41 46.48 -32.76
N PRO F 264 -0.64 45.81 -33.66
CA PRO F 264 -0.84 45.94 -35.10
C PRO F 264 -2.02 45.10 -35.61
N MET F 265 -2.75 45.68 -36.56
CA MET F 265 -3.74 44.94 -37.40
C MET F 265 -2.98 44.31 -38.57
N VAL F 266 -3.13 43.01 -38.76
CA VAL F 266 -2.46 42.24 -39.83
C VAL F 266 -3.47 41.28 -40.44
N TYR F 267 -3.13 40.74 -41.58
CA TYR F 267 -3.92 39.71 -42.27
C TYR F 267 -3.08 38.46 -42.15
N ALA F 268 -3.67 37.36 -41.68
CA ALA F 268 -2.97 36.08 -41.53
C ALA F 268 -3.99 34.93 -41.57
N TYR F 269 -3.53 33.76 -41.95
CA TYR F 269 -4.33 32.54 -42.07
C TYR F 269 -4.39 31.90 -40.67
N VAL F 270 -5.54 32.05 -40.02
CA VAL F 270 -5.71 31.80 -38.56
C VAL F 270 -6.93 30.96 -38.32
N ASP F 271 -6.93 30.32 -37.13
CA ASP F 271 -8.13 29.65 -36.58
C ASP F 271 -9.21 30.73 -36.50
N THR F 272 -10.38 30.52 -37.08
CA THR F 272 -11.42 31.56 -37.07
C THR F 272 -12.21 31.56 -35.75
N ASP F 273 -12.09 30.52 -34.92
CA ASP F 273 -12.65 30.40 -33.55
C ASP F 273 -14.15 30.63 -33.56
N GLY F 274 -14.90 30.00 -34.47
CA GLY F 274 -16.35 30.15 -34.63
C GLY F 274 -16.76 31.53 -35.09
N GLU F 275 -15.89 32.30 -35.75
CA GLU F 275 -16.33 33.58 -36.37
C GLU F 275 -16.73 33.35 -37.83
N HIS F 276 -16.45 32.16 -38.37
N HIS F 276 -16.42 32.18 -38.38
CA HIS F 276 -16.70 31.81 -39.79
CA HIS F 276 -16.69 31.79 -39.78
C HIS F 276 -16.93 30.29 -39.83
C HIS F 276 -16.95 30.28 -39.81
N GLU F 277 -17.83 29.85 -40.71
CA GLU F 277 -18.10 28.41 -40.98
C GLU F 277 -16.77 27.72 -41.28
N CYS F 278 -15.92 28.36 -42.09
CA CYS F 278 -14.58 27.82 -42.44
C CYS F 278 -13.67 27.87 -41.23
N PRO F 279 -13.05 26.76 -40.73
CA PRO F 279 -12.33 26.81 -39.46
C PRO F 279 -10.96 27.51 -39.50
N PHE F 280 -10.38 27.72 -40.70
CA PHE F 280 -9.16 28.54 -40.91
C PHE F 280 -9.38 29.42 -42.12
N LEU F 281 -8.97 30.67 -42.02
CA LEU F 281 -9.24 31.69 -43.04
C LEU F 281 -8.17 32.78 -42.90
N ALA F 282 -7.74 33.33 -44.04
CA ALA F 282 -6.97 34.60 -44.01
C ALA F 282 -7.94 35.72 -43.70
N MET F 283 -7.73 36.40 -42.61
CA MET F 283 -8.71 37.38 -42.12
C MET F 283 -7.95 38.43 -41.32
N PRO F 284 -8.51 39.62 -41.07
CA PRO F 284 -7.82 40.63 -40.30
C PRO F 284 -7.86 40.28 -38.82
N VAL F 285 -6.72 40.49 -38.17
CA VAL F 285 -6.67 40.33 -36.70
C VAL F 285 -5.83 41.45 -36.10
N VAL F 286 -6.01 41.70 -34.84
CA VAL F 286 -5.13 42.60 -34.07
C VAL F 286 -4.29 41.69 -33.19
N LEU F 287 -3.00 41.98 -33.11
CA LEU F 287 -2.06 41.23 -32.26
C LEU F 287 -1.76 42.01 -30.98
N GLY F 288 -1.56 41.26 -29.89
CA GLY F 288 -1.22 41.75 -28.56
C GLY F 288 -0.20 40.90 -27.85
N LYS F 289 -0.14 41.07 -26.54
CA LYS F 289 0.87 40.44 -25.67
C LYS F 289 0.68 38.92 -25.68
N ASN F 290 -0.51 38.45 -25.98
CA ASN F 290 -0.94 37.03 -25.92
C ASN F 290 -1.25 36.48 -27.33
N GLY F 291 -0.66 37.07 -28.38
CA GLY F 291 -0.95 36.60 -29.73
C GLY F 291 -2.17 37.34 -30.23
N ILE F 292 -3.02 36.69 -30.99
CA ILE F 292 -4.26 37.33 -31.47
C ILE F 292 -5.07 37.84 -30.25
N GLU F 293 -5.47 39.10 -30.28
CA GLU F 293 -6.26 39.81 -29.24
C GLU F 293 -7.69 40.02 -29.76
N ARG F 294 -7.86 40.23 -31.07
CA ARG F 294 -9.21 40.42 -31.67
C ARG F 294 -9.26 39.82 -33.05
N ARG F 295 -10.38 39.20 -33.38
CA ARG F 295 -10.60 38.72 -34.74
C ARG F 295 -11.62 39.72 -35.32
N LEU F 296 -11.23 40.46 -36.35
CA LEU F 296 -12.13 41.47 -36.97
C LEU F 296 -12.96 40.79 -38.06
N PRO F 297 -14.14 41.34 -38.36
CA PRO F 297 -14.90 40.87 -39.51
C PRO F 297 -14.22 41.26 -40.83
N ILE F 298 -14.45 40.43 -41.84
CA ILE F 298 -14.01 40.68 -43.23
C ILE F 298 -14.49 42.08 -43.65
N GLY F 299 -15.73 42.42 -43.29
CA GLY F 299 -16.33 43.74 -43.52
C GLY F 299 -16.95 43.80 -44.91
N PRO F 300 -17.45 44.99 -45.30
CA PRO F 300 -18.26 45.13 -46.50
C PRO F 300 -17.43 44.80 -47.75
N ILE F 301 -17.98 44.01 -48.68
CA ILE F 301 -17.36 43.64 -49.97
C ILE F 301 -18.36 43.77 -51.13
N THR F 302 -17.87 43.81 -52.36
CA THR F 302 -18.72 43.92 -53.57
C THR F 302 -19.26 42.55 -53.92
N THR F 303 -20.25 42.50 -54.82
CA THR F 303 -20.83 41.21 -55.26
C THR F 303 -19.69 40.45 -55.95
N VAL F 304 -18.84 41.10 -56.73
CA VAL F 304 -17.76 40.33 -57.41
C VAL F 304 -16.81 39.74 -56.36
N GLU F 305 -16.46 40.50 -55.32
CA GLU F 305 -15.58 40.00 -54.24
C GLU F 305 -16.30 38.85 -53.53
N LYS F 306 -17.62 38.94 -53.34
CA LYS F 306 -18.42 37.88 -52.64
C LYS F 306 -18.38 36.58 -53.45
N GLU F 307 -18.51 36.66 -54.76
CA GLU F 307 -18.43 35.50 -55.69
C GLU F 307 -17.06 34.82 -55.51
N MET F 308 -15.98 35.62 -55.56
CA MET F 308 -14.57 35.14 -55.41
C MET F 308 -14.39 34.46 -54.06
N LEU F 309 -14.96 35.01 -53.01
CA LEU F 309 -14.78 34.49 -51.63
C LEU F 309 -15.60 33.21 -51.43
N GLU F 310 -16.79 33.15 -52.02
CA GLU F 310 -17.62 31.93 -52.00
C GLU F 310 -16.83 30.80 -52.67
N GLU F 311 -16.23 31.05 -53.83
CA GLU F 311 -15.42 30.01 -54.50
C GLU F 311 -14.24 29.68 -53.61
N ALA F 312 -13.52 30.70 -53.09
CA ALA F 312 -12.29 30.50 -52.30
C ALA F 312 -12.60 29.64 -51.07
N VAL F 313 -13.65 29.94 -50.34
CA VAL F 313 -13.94 29.22 -49.07
C VAL F 313 -14.25 27.76 -49.41
N GLY F 314 -14.88 27.49 -50.56
CA GLY F 314 -15.16 26.09 -50.94
C GLY F 314 -13.87 25.30 -51.02
N VAL F 315 -12.83 25.87 -51.65
CA VAL F 315 -11.53 25.17 -51.82
C VAL F 315 -10.75 25.13 -50.49
N VAL F 316 -10.75 26.19 -49.73
CA VAL F 316 -10.06 26.23 -48.40
C VAL F 316 -10.58 25.10 -47.51
N LYS F 317 -11.88 24.86 -47.46
CA LYS F 317 -12.47 23.75 -46.66
C LYS F 317 -11.87 22.39 -47.07
N LYS F 318 -11.63 22.18 -48.37
CA LYS F 318 -10.99 20.97 -48.90
C LYS F 318 -9.51 20.93 -48.48
N ASN F 319 -8.82 22.05 -48.61
CA ASN F 319 -7.41 22.12 -48.21
C ASN F 319 -7.26 21.79 -46.73
N ILE F 320 -8.12 22.33 -45.88
CA ILE F 320 -8.10 22.09 -44.40
C ILE F 320 -8.37 20.60 -44.14
N ALA F 321 -9.41 20.00 -44.72
CA ALA F 321 -9.69 18.55 -44.59
C ALA F 321 -8.49 17.69 -45.06
N LYS F 322 -7.84 18.01 -46.19
CA LYS F 322 -6.63 17.29 -46.65
C LYS F 322 -5.54 17.33 -45.55
N GLY F 323 -5.32 18.48 -44.95
CA GLY F 323 -4.33 18.60 -43.87
C GLY F 323 -4.74 17.79 -42.64
N GLU F 324 -6.00 17.89 -42.24
CA GLU F 324 -6.46 17.22 -41.00
C GLU F 324 -6.44 15.70 -41.22
N THR F 325 -6.77 15.21 -42.42
CA THR F 325 -6.69 13.77 -42.80
C THR F 325 -5.25 13.27 -42.67
N PHE F 326 -4.29 14.02 -43.18
CA PHE F 326 -2.85 13.69 -43.08
C PHE F 326 -2.45 13.63 -41.61
N ALA F 327 -2.79 14.66 -40.83
CA ALA F 327 -2.42 14.76 -39.40
C ALA F 327 -2.95 13.52 -38.66
N ARG F 328 -4.19 13.12 -38.97
CA ARG F 328 -4.91 11.99 -38.31
C ARG F 328 -4.28 10.67 -38.77
N SER F 329 -3.74 10.59 -39.98
CA SER F 329 -3.06 9.36 -40.46
C SER F 329 -1.78 9.11 -39.64
N LYS F 330 -1.09 10.14 -39.13
CA LYS F 330 0.29 10.03 -38.58
C LYS F 330 0.33 10.24 -37.06
N LEU F 331 -0.58 11.01 -36.48
CA LEU F 331 -0.51 11.47 -35.05
C LEU F 331 -1.00 10.33 -34.15
N MET G 9 -4.53 -32.24 23.24
CA MET G 9 -3.99 -31.77 24.57
C MET G 9 -2.64 -32.43 24.89
N VAL G 10 -2.61 -33.69 25.34
CA VAL G 10 -1.37 -34.51 25.24
C VAL G 10 -1.77 -35.89 24.65
N ASN G 11 -0.92 -36.42 23.82
CA ASN G 11 -1.04 -37.80 23.26
C ASN G 11 0.19 -38.55 23.71
N VAL G 12 0.00 -39.58 24.51
CA VAL G 12 1.12 -40.41 25.03
C VAL G 12 1.01 -41.80 24.36
N ALA G 13 2.10 -42.23 23.75
CA ALA G 13 2.17 -43.53 23.06
C ALA G 13 3.00 -44.48 23.91
N VAL G 14 2.39 -45.61 24.14
CA VAL G 14 3.07 -46.75 24.83
C VAL G 14 3.51 -47.75 23.76
N ILE G 15 4.82 -47.83 23.55
CA ILE G 15 5.40 -48.60 22.41
C ILE G 15 5.83 -49.94 23.01
N GLY G 16 5.04 -50.97 22.71
CA GLY G 16 5.16 -52.30 23.37
C GLY G 16 4.14 -52.44 24.49
N ALA G 17 2.95 -51.99 24.17
CA ALA G 17 1.83 -51.84 25.12
C ALA G 17 1.32 -53.21 25.54
N ALA G 18 1.61 -54.31 24.81
CA ALA G 18 1.05 -55.66 25.15
C ALA G 18 1.98 -56.39 26.14
N GLY G 19 3.08 -55.80 26.50
CA GLY G 19 4.06 -56.51 27.34
C GLY G 19 3.65 -56.63 28.82
N GLY G 20 4.49 -57.30 29.61
CA GLY G 20 4.23 -57.39 31.07
C GLY G 20 4.18 -55.97 31.64
N ILE G 21 5.19 -55.17 31.36
CA ILE G 21 5.20 -53.76 31.85
C ILE G 21 4.15 -52.94 31.06
N GLY G 22 4.11 -53.08 29.74
CA GLY G 22 3.28 -52.21 28.86
C GLY G 22 1.80 -52.25 29.24
N GLN G 23 1.31 -53.43 29.66
CA GLN G 23 -0.13 -53.60 29.93
C GLN G 23 -0.49 -52.82 31.20
N SER G 24 0.25 -53.02 32.28
CA SER G 24 -0.09 -52.41 33.57
C SER G 24 0.23 -50.92 33.50
N LEU G 25 1.28 -50.57 32.75
CA LEU G 25 1.70 -49.16 32.60
C LEU G 25 0.55 -48.45 31.87
N SER G 26 -0.03 -49.09 30.84
CA SER G 26 -1.06 -48.47 30.00
C SER G 26 -2.28 -48.26 30.90
N LEU G 27 -2.61 -49.26 31.72
CA LEU G 27 -3.74 -49.15 32.66
C LEU G 27 -3.54 -48.02 33.65
N LEU G 28 -2.36 -47.87 34.25
CA LEU G 28 -2.16 -46.75 35.19
C LEU G 28 -2.19 -45.40 34.43
N LEU G 29 -1.68 -45.32 33.20
CA LEU G 29 -1.79 -44.02 32.45
C LEU G 29 -3.26 -43.73 32.08
N LEU G 30 -4.03 -44.74 31.78
CA LEU G 30 -5.45 -44.51 31.42
C LEU G 30 -6.19 -43.96 32.62
N ARG G 31 -5.79 -44.40 33.81
CA ARG G 31 -6.41 -43.94 35.05
C ARG G 31 -5.98 -42.51 35.34
N GLU G 32 -4.75 -42.11 35.02
CA GLU G 32 -4.10 -40.92 35.62
C GLU G 32 -3.99 -39.80 34.57
N LEU G 33 -4.00 -40.06 33.27
CA LEU G 33 -3.79 -38.95 32.29
C LEU G 33 -4.88 -37.89 32.44
N PRO G 34 -4.57 -36.59 32.27
CA PRO G 34 -5.61 -35.57 32.34
C PRO G 34 -6.72 -35.72 31.29
N PHE G 35 -7.94 -35.39 31.71
CA PHE G 35 -9.11 -35.32 30.79
C PHE G 35 -8.63 -34.55 29.56
N GLY G 36 -8.98 -34.99 28.35
CA GLY G 36 -8.61 -34.35 27.07
C GLY G 36 -7.47 -35.09 26.41
N SER G 37 -6.82 -36.03 27.11
CA SER G 37 -5.60 -36.73 26.63
C SER G 37 -5.96 -37.86 25.66
N THR G 38 -4.98 -38.32 24.94
CA THR G 38 -5.06 -39.51 24.08
C THR G 38 -4.05 -40.51 24.61
N LEU G 39 -4.44 -41.78 24.70
CA LEU G 39 -3.46 -42.85 25.00
C LEU G 39 -3.30 -43.64 23.70
N SER G 40 -2.09 -43.77 23.20
CA SER G 40 -1.82 -44.49 21.93
C SER G 40 -1.03 -45.76 22.24
N LEU G 41 -1.54 -46.89 21.76
CA LEU G 41 -0.90 -48.19 22.11
C LEU G 41 -0.44 -48.88 20.82
N TYR G 42 0.80 -49.29 20.84
CA TYR G 42 1.42 -50.06 19.73
C TYR G 42 2.15 -51.32 20.25
N ASP G 43 2.05 -52.39 19.49
CA ASP G 43 2.88 -53.59 19.73
C ASP G 43 2.84 -54.40 18.44
N VAL G 44 3.80 -55.30 18.29
CA VAL G 44 3.81 -56.28 17.15
C VAL G 44 2.98 -57.51 17.50
N VAL G 45 2.59 -57.69 18.77
CA VAL G 45 1.56 -58.71 19.11
C VAL G 45 0.58 -58.17 20.17
N GLY G 46 -0.72 -58.40 19.97
CA GLY G 46 -1.77 -58.28 21.00
C GLY G 46 -2.25 -56.86 21.26
N ALA G 47 -1.85 -55.88 20.43
CA ALA G 47 -2.23 -54.46 20.59
C ALA G 47 -3.74 -54.23 20.43
N PRO G 48 -4.41 -54.79 19.42
CA PRO G 48 -5.88 -54.74 19.35
C PRO G 48 -6.62 -55.23 20.60
N GLY G 49 -6.19 -56.38 21.13
CA GLY G 49 -6.75 -56.87 22.39
C GLY G 49 -6.58 -55.94 23.55
N VAL G 50 -5.38 -55.43 23.76
CA VAL G 50 -5.12 -54.56 24.93
C VAL G 50 -5.97 -53.28 24.80
N ALA G 51 -6.03 -52.74 23.60
CA ALA G 51 -6.77 -51.50 23.30
C ALA G 51 -8.25 -51.77 23.48
N ALA G 52 -8.76 -52.92 23.04
CA ALA G 52 -10.22 -53.22 23.20
C ALA G 52 -10.51 -53.26 24.71
N ASP G 53 -9.65 -53.96 25.46
CA ASP G 53 -9.76 -54.13 26.95
C ASP G 53 -9.81 -52.71 27.60
N LEU G 54 -8.77 -51.91 27.38
CA LEU G 54 -8.63 -50.58 28.01
C LEU G 54 -9.75 -49.62 27.59
N SER G 55 -10.27 -49.75 26.38
CA SER G 55 -11.27 -48.82 25.79
C SER G 55 -12.60 -48.97 26.53
N HIS G 56 -12.86 -50.08 27.23
CA HIS G 56 -14.10 -50.30 27.98
C HIS G 56 -14.10 -49.56 29.31
N ILE G 57 -12.96 -49.13 29.85
CA ILE G 57 -12.95 -48.38 31.13
C ILE G 57 -13.68 -47.03 30.96
N ASP G 58 -14.46 -46.62 31.96
CA ASP G 58 -15.34 -45.43 31.92
C ASP G 58 -14.55 -44.16 32.27
N ARG G 59 -13.47 -43.92 31.56
CA ARG G 59 -12.65 -42.71 31.81
C ARG G 59 -13.10 -41.68 30.79
N ALA G 60 -13.92 -40.74 31.24
CA ALA G 60 -14.45 -39.71 30.34
C ALA G 60 -13.29 -38.82 29.89
N GLY G 61 -13.33 -38.41 28.63
CA GLY G 61 -12.34 -37.46 28.10
C GLY G 61 -11.04 -38.08 27.68
N ILE G 62 -10.90 -39.42 27.73
CA ILE G 62 -9.64 -40.07 27.27
C ILE G 62 -9.92 -40.85 25.98
N THR G 63 -9.18 -40.55 24.91
CA THR G 63 -9.27 -41.33 23.66
C THR G 63 -8.23 -42.45 23.73
N VAL G 64 -8.63 -43.68 23.43
CA VAL G 64 -7.67 -44.82 23.28
C VAL G 64 -7.50 -45.09 21.79
N LYS G 65 -6.30 -45.04 21.35
CA LYS G 65 -5.97 -45.42 19.95
C LYS G 65 -4.97 -46.56 19.96
N HIS G 66 -4.94 -47.33 18.87
CA HIS G 66 -3.95 -48.40 18.75
C HIS G 66 -3.57 -48.64 17.28
N ALA G 67 -2.49 -49.32 17.11
CA ALA G 67 -2.04 -49.88 15.82
C ALA G 67 -1.33 -51.19 16.11
N ALA G 68 -1.42 -52.14 15.19
CA ALA G 68 -0.78 -53.47 15.32
C ALA G 68 0.37 -53.53 14.32
N GLY G 69 1.62 -53.74 14.77
CA GLY G 69 2.79 -54.00 13.91
C GLY G 69 2.63 -55.29 13.13
N LYS G 70 3.34 -55.46 12.00
CA LYS G 70 3.36 -56.75 11.25
C LYS G 70 4.23 -57.73 12.01
N LEU G 71 3.93 -59.03 11.95
CA LEU G 71 4.88 -60.13 12.25
C LEU G 71 5.23 -60.84 10.94
N PRO G 72 6.50 -61.20 10.72
CA PRO G 72 7.60 -60.85 11.62
C PRO G 72 7.85 -59.35 11.58
N PRO G 73 8.55 -58.75 12.59
CA PRO G 73 8.63 -57.31 12.72
C PRO G 73 9.41 -56.72 11.53
N VAL G 74 8.89 -55.67 10.89
CA VAL G 74 9.53 -54.98 9.72
C VAL G 74 10.09 -53.65 10.22
N PRO G 75 11.24 -53.16 9.69
CA PRO G 75 11.70 -51.82 10.03
C PRO G 75 10.71 -50.74 9.58
N ARG G 76 10.55 -49.66 10.35
CA ARG G 76 9.70 -48.52 9.97
C ARG G 76 8.29 -49.03 9.61
N ASP G 77 7.67 -49.73 10.54
CA ASP G 77 6.32 -50.30 10.34
C ASP G 77 5.35 -49.16 9.95
N PRO G 78 4.66 -49.25 8.78
CA PRO G 78 3.64 -48.26 8.40
C PRO G 78 2.47 -48.05 9.41
N ALA G 79 2.06 -49.10 10.13
CA ALA G 79 1.08 -49.02 11.24
C ALA G 79 1.58 -48.05 12.34
N LEU G 80 2.85 -48.17 12.74
CA LEU G 80 3.46 -47.27 13.75
C LEU G 80 3.56 -45.83 13.22
N THR G 81 4.07 -45.72 11.97
CA THR G 81 4.25 -44.38 11.35
C THR G 81 2.96 -43.61 11.56
N GLU G 82 1.82 -44.19 11.21
CA GLU G 82 0.47 -43.57 11.30
C GLU G 82 0.08 -43.28 12.76
N LEU G 83 0.28 -44.26 13.66
CA LEU G 83 0.00 -44.13 15.13
C LEU G 83 0.85 -42.99 15.71
N ALA G 84 2.09 -42.83 15.25
CA ALA G 84 3.06 -41.86 15.85
C ALA G 84 2.76 -40.39 15.48
N GLU G 85 1.81 -40.12 14.56
CA GLU G 85 1.33 -38.74 14.20
C GLU G 85 0.80 -38.01 15.45
N GLY G 86 1.36 -36.84 15.78
CA GLY G 86 0.83 -35.93 16.83
C GLY G 86 1.03 -36.48 18.26
N VAL G 87 2.01 -37.36 18.46
CA VAL G 87 2.37 -37.93 19.78
C VAL G 87 3.35 -36.96 20.44
N ASP G 88 3.08 -36.61 21.70
CA ASP G 88 3.89 -35.72 22.57
C ASP G 88 4.90 -36.49 23.40
N VAL G 89 4.59 -37.75 23.74
CA VAL G 89 5.48 -38.56 24.61
C VAL G 89 5.45 -40.02 24.16
N PHE G 90 6.62 -40.59 23.95
CA PHE G 90 6.78 -41.99 23.52
C PHE G 90 7.38 -42.70 24.71
N VAL G 91 6.65 -43.70 25.22
CA VAL G 91 7.16 -44.54 26.33
C VAL G 91 7.57 -45.88 25.67
N ILE G 92 8.87 -46.07 25.52
CA ILE G 92 9.46 -47.25 24.85
C ILE G 92 9.62 -48.35 25.90
N VAL G 93 8.73 -49.34 25.90
CA VAL G 93 8.84 -50.48 26.86
C VAL G 93 8.92 -51.79 26.08
N ALA G 94 9.22 -51.71 24.79
CA ALA G 94 9.31 -52.85 23.87
C ALA G 94 10.66 -53.48 24.18
N GLY G 95 10.82 -54.77 23.97
CA GLY G 95 12.14 -55.36 24.20
C GLY G 95 11.97 -56.83 24.50
N VAL G 96 13.05 -57.45 24.90
CA VAL G 96 13.08 -58.91 25.14
C VAL G 96 13.77 -59.08 26.49
N PRO G 97 13.05 -59.31 27.62
CA PRO G 97 13.73 -59.37 28.91
C PRO G 97 14.63 -60.62 29.07
N ARG G 98 14.36 -61.66 28.28
CA ARG G 98 15.09 -62.96 28.46
C ARG G 98 14.78 -63.88 27.27
N LYS G 99 15.67 -64.82 26.98
CA LYS G 99 15.44 -65.83 25.93
C LYS G 99 16.35 -67.03 26.23
N PRO G 100 15.80 -68.20 26.56
CA PRO G 100 16.64 -69.38 26.79
C PRO G 100 17.68 -69.54 25.67
N GLY G 101 18.98 -69.67 25.98
CA GLY G 101 20.08 -69.80 25.00
C GLY G 101 20.72 -68.47 24.63
N MET G 102 20.27 -67.38 25.22
CA MET G 102 20.79 -66.03 24.85
C MET G 102 21.54 -65.48 26.06
N THR G 103 22.79 -65.09 25.86
CA THR G 103 23.65 -64.43 26.86
C THR G 103 23.15 -62.99 27.05
N ARG G 104 23.70 -62.30 28.05
CA ARG G 104 23.43 -60.87 28.27
C ARG G 104 23.87 -60.09 27.02
N ASP G 105 24.97 -60.49 26.37
CA ASP G 105 25.44 -59.77 25.16
C ASP G 105 24.46 -59.97 23.99
N ASP G 106 23.86 -61.16 23.84
CA ASP G 106 22.88 -61.42 22.76
C ASP G 106 21.67 -60.48 22.97
N LEU G 107 21.18 -60.41 24.20
CA LEU G 107 20.02 -59.60 24.63
C LEU G 107 20.28 -58.11 24.40
N PHE G 108 21.47 -57.65 24.73
CA PHE G 108 21.98 -56.31 24.34
C PHE G 108 21.66 -56.01 22.87
N ASN G 109 22.11 -56.83 21.91
CA ASN G 109 22.01 -56.50 20.47
C ASN G 109 20.55 -56.51 20.04
N VAL G 110 19.77 -57.42 20.59
CA VAL G 110 18.33 -57.52 20.20
C VAL G 110 17.58 -56.28 20.73
N ASN G 111 17.84 -55.87 21.97
CA ASN G 111 17.14 -54.72 22.61
C ASN G 111 17.61 -53.43 21.95
N ALA G 112 18.91 -53.30 21.69
CA ALA G 112 19.48 -52.16 20.95
C ALA G 112 18.80 -51.98 19.59
N GLY G 113 18.66 -53.03 18.79
CA GLY G 113 18.02 -52.97 17.45
C GLY G 113 16.55 -52.61 17.54
N ILE G 114 15.82 -53.16 18.52
CA ILE G 114 14.43 -52.73 18.82
C ILE G 114 14.39 -51.21 19.12
N VAL G 115 15.22 -50.70 20.00
CA VAL G 115 15.21 -49.26 20.36
C VAL G 115 15.45 -48.44 19.08
N MET G 116 16.51 -48.74 18.34
CA MET G 116 16.84 -48.02 17.09
C MET G 116 15.64 -48.01 16.13
N ASP G 117 15.11 -49.16 15.76
CA ASP G 117 14.02 -49.17 14.75
C ASP G 117 12.84 -48.32 15.26
N LEU G 118 12.49 -48.44 16.55
CA LEU G 118 11.29 -47.78 17.14
C LEU G 118 11.53 -46.26 17.17
N VAL G 119 12.64 -45.81 17.78
CA VAL G 119 12.96 -44.37 17.83
C VAL G 119 12.94 -43.77 16.41
N LEU G 120 13.54 -44.42 15.41
CA LEU G 120 13.65 -43.89 14.03
C LEU G 120 12.23 -43.73 13.47
N THR G 121 11.39 -44.71 13.74
CA THR G 121 10.04 -44.76 13.10
C THR G 121 9.17 -43.68 13.74
N CYS G 122 9.31 -43.51 15.06
CA CYS G 122 8.52 -42.53 15.85
C CYS G 122 8.98 -41.08 15.58
N ALA G 123 10.26 -40.79 15.74
CA ALA G 123 10.86 -39.45 15.56
C ALA G 123 10.69 -38.95 14.11
N SER G 124 10.67 -39.84 13.13
CA SER G 124 10.48 -39.47 11.71
C SER G 124 9.09 -38.83 11.53
N VAL G 125 8.14 -39.16 12.41
CA VAL G 125 6.73 -38.65 12.29
C VAL G 125 6.47 -37.53 13.31
N SER G 126 7.03 -37.64 14.52
CA SER G 126 6.84 -36.66 15.64
C SER G 126 8.19 -36.30 16.20
N PRO G 127 8.95 -35.44 15.49
CA PRO G 127 10.33 -35.21 15.87
C PRO G 127 10.48 -34.47 17.22
N ASN G 128 9.45 -33.76 17.67
CA ASN G 128 9.60 -32.90 18.88
C ASN G 128 9.00 -33.59 20.12
N ALA G 129 8.63 -34.85 19.98
CA ALA G 129 8.16 -35.71 21.10
C ALA G 129 9.29 -35.92 22.09
N CYS G 130 8.95 -36.06 23.37
CA CYS G 130 9.82 -36.59 24.43
C CYS G 130 9.84 -38.12 24.25
N PHE G 131 10.98 -38.73 24.56
CA PHE G 131 11.25 -40.19 24.45
C PHE G 131 11.62 -40.63 25.86
N CYS G 132 10.80 -41.51 26.43
CA CYS G 132 11.11 -42.12 27.75
C CYS G 132 11.62 -43.53 27.49
N ILE G 133 12.86 -43.83 27.81
CA ILE G 133 13.46 -45.16 27.48
C ILE G 133 13.38 -46.03 28.73
N VAL G 134 12.54 -47.06 28.71
CA VAL G 134 12.54 -48.06 29.81
C VAL G 134 13.25 -49.33 29.34
N THR G 135 13.26 -49.62 28.03
CA THR G 135 13.95 -50.80 27.44
C THR G 135 15.38 -50.89 27.99
N ASN G 136 15.79 -52.04 28.54
CA ASN G 136 17.12 -52.24 29.17
C ASN G 136 18.10 -52.81 28.15
N PRO G 137 19.43 -52.73 28.39
CA PRO G 137 20.02 -51.99 29.52
C PRO G 137 20.02 -50.47 29.29
N VAL G 138 19.32 -49.71 30.13
CA VAL G 138 19.14 -48.21 29.97
C VAL G 138 20.47 -47.45 29.77
N ASN G 139 21.59 -47.85 30.40
CA ASN G 139 22.89 -47.10 30.26
C ASN G 139 23.35 -47.06 28.80
N SER G 140 22.98 -48.06 27.99
CA SER G 140 23.37 -48.16 26.58
C SER G 140 22.21 -47.81 25.64
N THR G 141 20.95 -48.16 26.00
CA THR G 141 19.80 -47.95 25.09
C THR G 141 19.55 -46.45 24.95
N THR G 142 19.74 -45.69 26.03
CA THR G 142 19.45 -44.24 26.01
C THR G 142 20.37 -43.56 24.98
N PRO G 143 21.71 -43.73 25.07
CA PRO G 143 22.60 -43.14 24.06
C PRO G 143 22.40 -43.71 22.65
N ILE G 144 21.92 -44.94 22.54
CA ILE G 144 21.59 -45.50 21.19
C ILE G 144 20.43 -44.68 20.59
N ALA G 145 19.42 -44.38 21.44
CA ALA G 145 18.30 -43.48 21.10
C ALA G 145 18.90 -42.15 20.67
N ALA G 146 19.87 -41.61 21.43
CA ALA G 146 20.46 -40.30 21.08
C ALA G 146 21.06 -40.39 19.66
N GLN G 147 21.89 -41.41 19.38
CA GLN G 147 22.58 -41.54 18.07
C GLN G 147 21.52 -41.68 16.99
N THR G 148 20.43 -42.39 17.26
CA THR G 148 19.35 -42.57 16.26
C THR G 148 18.74 -41.20 15.97
N LEU G 149 18.40 -40.44 17.00
CA LEU G 149 17.79 -39.09 16.86
C LEU G 149 18.75 -38.19 16.04
N ARG G 150 20.06 -38.25 16.33
CA ARG G 150 21.13 -37.50 15.61
C ARG G 150 21.13 -37.90 14.14
N LYS G 151 20.97 -39.19 13.86
CA LYS G 151 21.05 -39.71 12.47
C LYS G 151 19.90 -39.13 11.66
N ILE G 152 18.72 -38.85 12.25
CA ILE G 152 17.63 -38.14 11.49
C ILE G 152 17.82 -36.63 11.65
N GLY G 153 18.69 -36.17 12.55
CA GLY G 153 19.00 -34.76 12.80
C GLY G 153 17.94 -34.02 13.62
N VAL G 154 17.25 -34.67 14.55
CA VAL G 154 16.23 -34.00 15.40
C VAL G 154 16.56 -34.22 16.88
N TYR G 155 17.80 -34.54 17.22
CA TYR G 155 18.16 -34.86 18.63
C TYR G 155 18.00 -33.59 19.47
N ASN G 156 17.07 -33.64 20.43
CA ASN G 156 16.94 -32.67 21.55
C ASN G 156 17.38 -33.36 22.85
N LYS G 157 18.56 -32.99 23.36
CA LYS G 157 19.16 -33.52 24.59
C LYS G 157 18.28 -33.25 25.82
N ASN G 158 17.26 -32.40 25.67
CA ASN G 158 16.31 -32.09 26.77
C ASN G 158 15.07 -32.96 26.69
N LYS G 159 14.93 -33.77 25.65
CA LYS G 159 13.67 -34.52 25.42
C LYS G 159 13.93 -36.01 25.32
N LEU G 160 15.10 -36.48 25.71
CA LEU G 160 15.44 -37.93 25.80
C LEU G 160 15.70 -38.26 27.29
N LEU G 161 14.88 -39.15 27.87
CA LEU G 161 14.93 -39.52 29.31
C LEU G 161 15.05 -41.06 29.49
N GLY G 162 16.16 -41.54 30.06
CA GLY G 162 16.33 -42.93 30.52
C GLY G 162 15.62 -43.14 31.84
N VAL G 163 14.69 -44.12 31.92
CA VAL G 163 13.80 -44.19 33.10
C VAL G 163 14.46 -45.05 34.18
N SER G 164 14.99 -44.41 35.21
CA SER G 164 15.77 -45.07 36.27
C SER G 164 15.06 -45.04 37.63
N LEU G 165 13.84 -44.46 37.69
CA LEU G 165 13.05 -44.25 38.95
C LEU G 165 12.85 -45.55 39.76
N LEU G 166 12.85 -46.73 39.14
CA LEU G 166 12.60 -48.00 39.90
C LEU G 166 13.67 -48.14 40.99
N ASP G 167 14.88 -47.67 40.72
CA ASP G 167 15.97 -47.67 41.73
C ASP G 167 15.54 -46.76 42.89
N GLY G 168 14.98 -45.61 42.56
CA GLY G 168 14.42 -44.68 43.56
C GLY G 168 13.30 -45.32 44.35
N LEU G 169 12.35 -45.98 43.69
CA LEU G 169 11.27 -46.61 44.50
C LEU G 169 11.90 -47.60 45.48
N ARG G 170 12.77 -48.49 45.00
CA ARG G 170 13.33 -49.54 45.89
C ARG G 170 14.12 -48.88 47.03
N ALA G 171 14.96 -47.89 46.72
CA ALA G 171 15.81 -47.24 47.75
C ALA G 171 14.92 -46.73 48.88
N THR G 172 13.79 -46.12 48.47
CA THR G 172 12.84 -45.45 49.36
C THR G 172 12.15 -46.54 50.16
N ARG G 173 11.62 -47.56 49.50
CA ARG G 173 10.90 -48.62 50.23
C ARG G 173 11.82 -49.20 51.31
N PHE G 174 13.08 -49.48 50.99
CA PHE G 174 14.01 -50.18 51.92
C PHE G 174 14.39 -49.29 53.13
N ILE G 175 14.73 -48.01 52.97
CA ILE G 175 15.05 -47.20 54.20
C ILE G 175 13.76 -47.02 54.99
N ASN G 176 12.62 -46.84 54.31
CA ASN G 176 11.35 -46.65 55.03
C ASN G 176 11.08 -47.92 55.85
N ASN G 177 11.29 -49.09 55.26
CA ASN G 177 11.20 -50.36 56.01
C ASN G 177 12.19 -50.34 57.18
N ALA G 178 13.39 -49.82 56.96
CA ALA G 178 14.48 -49.74 57.97
C ALA G 178 14.07 -48.79 59.10
N ARG G 179 13.53 -47.60 58.78
CA ARG G 179 13.47 -46.44 59.71
C ARG G 179 12.05 -46.23 60.26
N HIS G 180 11.08 -47.04 59.85
CA HIS G 180 9.64 -46.94 60.26
C HIS G 180 9.61 -46.61 61.75
N PRO G 181 8.76 -45.68 62.28
CA PRO G 181 7.77 -44.91 61.49
C PRO G 181 8.30 -43.63 60.79
N LEU G 182 9.62 -43.41 60.69
CA LEU G 182 10.15 -42.26 59.94
C LEU G 182 10.07 -42.56 58.43
N VAL G 183 9.31 -41.75 57.69
CA VAL G 183 8.98 -41.98 56.26
C VAL G 183 9.53 -40.84 55.42
N VAL G 184 10.24 -41.15 54.33
CA VAL G 184 10.58 -40.15 53.30
C VAL G 184 9.87 -40.51 52.00
N PRO G 185 9.56 -39.50 51.16
CA PRO G 185 8.85 -39.75 49.90
C PRO G 185 9.78 -40.15 48.75
N TYR G 186 11.10 -39.95 48.84
CA TYR G 186 12.01 -40.24 47.71
C TYR G 186 13.45 -40.32 48.24
N VAL G 187 14.32 -40.92 47.42
CA VAL G 187 15.80 -41.00 47.67
C VAL G 187 16.50 -40.72 46.36
N PRO G 188 17.46 -39.78 46.35
CA PRO G 188 18.28 -39.53 45.18
C PRO G 188 19.01 -40.84 44.86
N VAL G 189 19.02 -41.22 43.59
CA VAL G 189 19.82 -42.32 43.04
C VAL G 189 20.51 -41.79 41.81
N VAL G 190 21.83 -41.87 41.78
CA VAL G 190 22.60 -41.27 40.66
C VAL G 190 23.54 -42.34 40.07
N GLY G 191 24.19 -41.96 38.98
CA GLY G 191 25.16 -42.80 38.28
C GLY G 191 24.52 -43.46 37.09
N GLY G 192 24.21 -44.74 37.25
CA GLY G 192 23.67 -45.54 36.15
C GLY G 192 22.53 -46.36 36.66
N HIS G 193 21.98 -47.19 35.76
CA HIS G 193 20.74 -47.94 36.03
C HIS G 193 21.01 -49.45 36.13
N SER G 194 22.26 -49.90 36.19
CA SER G 194 22.59 -51.35 36.32
C SER G 194 23.49 -51.63 37.53
N ASP G 195 23.13 -52.63 38.34
CA ASP G 195 23.92 -53.22 39.46
C ASP G 195 24.94 -52.21 39.99
N VAL G 196 26.24 -52.31 39.65
CA VAL G 196 27.30 -51.47 40.30
C VAL G 196 27.06 -49.97 40.02
N THR G 197 26.58 -49.59 38.82
CA THR G 197 26.40 -48.16 38.41
C THR G 197 25.31 -47.47 39.27
N ILE G 198 24.52 -48.24 40.02
CA ILE G 198 23.42 -47.70 40.87
C ILE G 198 24.00 -47.18 42.19
N VAL G 199 23.91 -45.88 42.38
CA VAL G 199 24.41 -45.19 43.61
C VAL G 199 23.29 -44.41 44.29
N PRO G 200 22.66 -45.06 45.29
CA PRO G 200 21.68 -44.43 46.15
C PRO G 200 22.44 -43.44 47.02
N LEU G 201 21.88 -42.25 47.32
CA LEU G 201 22.56 -41.19 48.13
C LEU G 201 21.73 -40.95 49.39
N TYR G 202 21.84 -41.86 50.35
CA TYR G 202 21.03 -41.82 51.61
C TYR G 202 21.44 -40.61 52.46
N SER G 203 22.64 -40.08 52.24
CA SER G 203 23.15 -38.89 52.99
C SER G 203 22.29 -37.66 52.64
N GLN G 204 21.58 -37.67 51.51
CA GLN G 204 20.81 -36.50 51.03
C GLN G 204 19.36 -36.51 51.52
N ILE G 205 18.91 -37.50 52.29
CA ILE G 205 17.51 -37.53 52.81
C ILE G 205 17.48 -37.07 54.27
N PRO G 206 16.32 -36.56 54.76
CA PRO G 206 16.16 -36.11 56.14
C PRO G 206 16.22 -37.22 57.20
N GLY G 207 16.62 -36.87 58.42
CA GLY G 207 16.46 -37.73 59.61
C GLY G 207 17.73 -38.54 59.87
N PRO G 208 17.91 -39.08 61.10
CA PRO G 208 19.01 -40.01 61.37
C PRO G 208 18.97 -41.30 60.52
N LEU G 209 20.12 -41.70 59.99
CA LEU G 209 20.32 -42.93 59.18
C LEU G 209 20.77 -44.06 60.12
N PRO G 210 20.46 -45.33 59.81
CA PRO G 210 21.08 -46.45 60.54
C PRO G 210 22.61 -46.51 60.29
N ASP G 211 23.32 -47.44 60.96
CA ASP G 211 24.82 -47.49 60.96
C ASP G 211 25.34 -47.68 59.54
N GLU G 212 26.57 -47.24 59.25
CA GLU G 212 27.19 -47.31 57.90
C GLU G 212 27.36 -48.78 57.49
N SER G 213 27.29 -49.72 58.44
CA SER G 213 27.30 -51.18 58.17
C SER G 213 25.96 -51.56 57.54
N THR G 214 24.85 -51.12 58.14
CA THR G 214 23.46 -51.36 57.68
C THR G 214 23.16 -50.61 56.38
N LEU G 215 23.66 -49.39 56.22
CA LEU G 215 23.54 -48.63 54.93
C LEU G 215 24.18 -49.44 53.78
N LYS G 216 25.30 -50.13 54.03
CA LYS G 216 26.08 -50.85 52.98
C LYS G 216 25.23 -52.02 52.42
N GLU G 217 24.53 -52.75 53.30
CA GLU G 217 23.59 -53.87 52.97
C GLU G 217 22.39 -53.33 52.18
N ILE G 218 21.74 -52.30 52.71
CA ILE G 218 20.57 -51.66 52.05
C ILE G 218 21.00 -51.23 50.64
N ARG G 219 22.17 -50.59 50.52
CA ARG G 219 22.62 -50.02 49.23
C ARG G 219 22.85 -51.16 48.25
N LYS G 220 23.42 -52.25 48.76
CA LYS G 220 23.72 -53.47 47.99
C LYS G 220 22.36 -54.04 47.53
N ARG G 221 21.40 -54.10 48.45
CA ARG G 221 20.06 -54.65 48.13
C ARG G 221 19.40 -53.88 46.98
N VAL G 222 19.51 -52.54 46.96
CA VAL G 222 19.05 -51.69 45.82
C VAL G 222 19.76 -52.15 44.54
N GLN G 223 21.09 -52.27 44.58
CA GLN G 223 21.90 -52.67 43.39
C GLN G 223 21.46 -54.06 42.87
N VAL G 224 21.10 -55.03 43.72
CA VAL G 224 20.79 -56.43 43.25
C VAL G 224 19.27 -56.71 43.33
N ALA G 225 18.45 -55.67 43.46
CA ALA G 225 17.00 -55.84 43.69
C ALA G 225 16.33 -56.56 42.50
N GLY G 226 16.73 -56.27 41.27
CA GLY G 226 16.21 -56.91 40.03
C GLY G 226 16.34 -58.42 40.13
N THR G 227 17.51 -58.88 40.62
CA THR G 227 17.83 -60.34 40.74
C THR G 227 16.94 -60.98 41.81
N GLU G 228 16.59 -60.24 42.87
CA GLU G 228 15.70 -60.75 43.94
C GLU G 228 14.36 -61.22 43.32
N VAL G 229 13.85 -60.45 42.38
CA VAL G 229 12.53 -60.73 41.76
C VAL G 229 12.70 -61.82 40.69
N VAL G 230 13.78 -61.81 39.92
CA VAL G 230 14.10 -62.92 38.98
C VAL G 230 14.07 -64.25 39.77
N LYS G 231 14.74 -64.31 40.91
CA LYS G 231 14.90 -65.55 41.71
C LYS G 231 13.52 -65.97 42.27
N ALA G 232 12.76 -65.03 42.85
CA ALA G 232 11.35 -65.26 43.28
C ALA G 232 10.48 -65.73 42.10
N LYS G 233 10.79 -65.33 40.87
CA LYS G 233 10.08 -65.83 39.66
C LYS G 233 10.80 -67.07 39.08
N ALA G 234 11.63 -67.76 39.88
CA ALA G 234 12.34 -69.01 39.52
C ALA G 234 13.10 -68.83 38.19
N GLY G 235 13.72 -67.68 37.96
CA GLY G 235 14.53 -67.43 36.76
C GLY G 235 13.69 -67.22 35.52
N ARG G 236 12.37 -67.20 35.58
CA ARG G 236 11.61 -67.16 34.30
C ARG G 236 10.75 -65.91 34.19
N GLY G 237 10.97 -64.95 35.07
CA GLY G 237 10.31 -63.65 35.02
C GLY G 237 11.16 -62.58 35.64
N SER G 238 10.72 -61.34 35.53
CA SER G 238 11.41 -60.13 36.02
C SER G 238 10.34 -59.18 36.56
N ALA G 239 10.80 -58.12 37.20
CA ALA G 239 9.96 -57.03 37.74
C ALA G 239 9.11 -56.47 36.60
N THR G 240 7.79 -56.50 36.80
CA THR G 240 6.83 -55.92 35.84
C THR G 240 5.96 -54.92 36.56
N LEU G 241 5.28 -55.31 37.64
CA LEU G 241 4.28 -54.41 38.29
C LEU G 241 5.01 -53.21 38.92
N SER G 242 6.17 -53.40 39.55
CA SER G 242 6.92 -52.25 40.15
C SER G 242 7.45 -51.34 39.03
N MET G 243 7.77 -51.91 37.87
CA MET G 243 8.26 -51.09 36.74
C MET G 243 7.05 -50.42 36.10
N ALA G 244 5.85 -51.01 36.13
CA ALA G 244 4.68 -50.29 35.60
C ALA G 244 4.40 -49.06 36.45
N GLU G 245 4.52 -49.23 37.76
CA GLU G 245 4.32 -48.12 38.71
C GLU G 245 5.36 -47.03 38.46
N ALA G 246 6.64 -47.40 38.41
CA ALA G 246 7.70 -46.38 38.22
C ALA G 246 7.48 -45.69 36.86
N GLY G 247 7.18 -46.47 35.85
CA GLY G 247 7.01 -46.02 34.45
C GLY G 247 5.88 -45.01 34.33
N ALA G 248 4.76 -45.32 34.96
CA ALA G 248 3.53 -44.46 34.99
C ALA G 248 3.83 -43.17 35.77
N ARG G 249 4.39 -43.29 36.96
CA ARG G 249 4.71 -42.09 37.74
C ARG G 249 5.66 -41.18 36.92
N PHE G 250 6.68 -41.73 36.31
CA PHE G 250 7.66 -40.92 35.56
C PHE G 250 6.97 -40.27 34.36
N THR G 251 6.25 -41.05 33.57
CA THR G 251 5.45 -40.53 32.45
C THR G 251 4.55 -39.38 32.92
N MET G 252 3.86 -39.52 34.03
CA MET G 252 2.96 -38.45 34.56
C MET G 252 3.74 -37.17 34.90
N HIS G 253 4.95 -37.26 35.47
CA HIS G 253 5.82 -36.07 35.68
C HIS G 253 6.17 -35.36 34.34
N VAL G 254 6.51 -36.11 33.31
CA VAL G 254 6.78 -35.58 31.94
C VAL G 254 5.53 -34.90 31.39
N VAL G 255 4.39 -35.57 31.50
CA VAL G 255 3.11 -35.07 30.96
C VAL G 255 2.74 -33.75 31.67
N LYS G 256 2.84 -33.71 32.98
CA LYS G 256 2.38 -32.52 33.69
C LYS G 256 3.33 -31.38 33.30
N ALA G 257 4.60 -31.67 33.13
CA ALA G 257 5.61 -30.63 32.79
C ALA G 257 5.28 -30.07 31.40
N LEU G 258 5.11 -30.97 30.41
CA LEU G 258 4.73 -30.56 29.04
C LEU G 258 3.47 -29.68 29.10
N MET G 259 2.51 -29.95 29.99
CA MET G 259 1.23 -29.16 30.02
C MET G 259 1.35 -27.92 30.93
N GLY G 260 2.46 -27.68 31.63
CA GLY G 260 2.57 -26.51 32.52
C GLY G 260 1.84 -26.70 33.83
N LEU G 261 1.48 -27.95 34.12
CA LEU G 261 0.72 -28.31 35.35
C LEU G 261 1.72 -28.64 36.49
N ASP G 262 2.99 -28.67 36.22
CA ASP G 262 4.02 -28.88 37.27
C ASP G 262 5.39 -28.59 36.66
N THR G 263 6.37 -28.30 37.52
CA THR G 263 7.82 -28.26 37.20
C THR G 263 8.56 -29.18 38.17
N PRO G 264 8.41 -30.53 38.02
CA PRO G 264 8.87 -31.48 39.03
C PRO G 264 10.38 -31.74 38.92
N MET G 265 10.94 -32.03 40.09
CA MET G 265 12.32 -32.52 40.24
C MET G 265 12.31 -34.05 40.22
N VAL G 266 12.99 -34.65 39.24
CA VAL G 266 13.09 -36.13 39.07
C VAL G 266 14.52 -36.56 38.88
N TYR G 267 14.78 -37.84 39.16
CA TYR G 267 16.05 -38.52 38.82
C TYR G 267 15.81 -39.29 37.54
N ALA G 268 16.68 -39.09 36.56
CA ALA G 268 16.64 -39.81 35.28
C ALA G 268 18.03 -39.81 34.62
N TYR G 269 18.22 -40.81 33.76
CA TYR G 269 19.46 -41.06 33.04
C TYR G 269 19.38 -40.23 31.78
N VAL G 270 20.16 -39.17 31.73
CA VAL G 270 19.97 -38.09 30.71
C VAL G 270 21.33 -37.68 30.15
N ASP G 271 21.32 -37.12 28.94
CA ASP G 271 22.48 -36.41 28.32
C ASP G 271 22.93 -35.33 29.32
N THR G 272 24.17 -35.35 29.78
CA THR G 272 24.62 -34.36 30.81
C THR G 272 25.01 -33.01 30.19
N ASP G 273 25.02 -32.84 28.86
CA ASP G 273 25.11 -31.52 28.17
C ASP G 273 26.26 -30.67 28.80
N GLY G 274 27.45 -31.29 28.98
CA GLY G 274 28.68 -30.67 29.52
C GLY G 274 28.69 -30.42 31.04
N GLU G 275 27.64 -30.73 31.79
CA GLU G 275 27.60 -30.60 33.27
C GLU G 275 28.43 -31.68 34.00
N HIS G 276 28.90 -32.72 33.30
CA HIS G 276 29.72 -33.84 33.85
C HIS G 276 30.64 -34.38 32.75
N GLU G 277 31.68 -35.10 33.14
CA GLU G 277 32.65 -35.72 32.20
C GLU G 277 31.86 -36.79 31.43
N CYS G 278 31.20 -37.67 32.18
CA CYS G 278 30.34 -38.80 31.70
C CYS G 278 29.20 -38.22 30.86
N PRO G 279 29.09 -38.54 29.54
CA PRO G 279 28.09 -37.88 28.70
C PRO G 279 26.62 -38.25 28.98
N PHE G 280 26.36 -39.34 29.69
CA PHE G 280 24.98 -39.70 30.13
C PHE G 280 25.08 -40.12 31.59
N LEU G 281 24.16 -39.66 32.41
CA LEU G 281 24.20 -39.97 33.87
C LEU G 281 22.80 -39.90 34.48
N ALA G 282 22.55 -40.76 35.45
CA ALA G 282 21.37 -40.64 36.34
C ALA G 282 21.68 -39.49 37.27
N MET G 283 20.89 -38.41 37.18
CA MET G 283 21.13 -37.14 37.89
C MET G 283 19.80 -36.41 38.05
N PRO G 284 19.75 -35.45 39.00
CA PRO G 284 18.56 -34.64 39.20
C PRO G 284 18.39 -33.59 38.09
N VAL G 285 17.17 -33.52 37.60
CA VAL G 285 16.73 -32.52 36.60
C VAL G 285 15.40 -31.93 37.09
N VAL G 286 15.05 -30.76 36.56
CA VAL G 286 13.72 -30.14 36.76
C VAL G 286 13.08 -30.17 35.38
N LEU G 287 11.86 -30.71 35.26
CA LEU G 287 11.18 -30.77 33.95
C LEU G 287 10.31 -29.52 33.75
N GLY G 288 10.06 -29.15 32.49
CA GLY G 288 9.20 -28.00 32.17
C GLY G 288 8.48 -28.23 30.86
N LYS G 289 8.00 -27.13 30.29
CA LYS G 289 7.24 -27.14 29.03
C LYS G 289 8.08 -27.69 27.87
N ASN G 290 9.40 -27.64 27.91
CA ASN G 290 10.24 -28.07 26.75
C ASN G 290 11.14 -29.23 27.12
N GLY G 291 10.69 -30.06 28.06
CA GLY G 291 11.49 -31.18 28.59
C GLY G 291 12.36 -30.77 29.76
N ILE G 292 13.61 -31.19 29.77
CA ILE G 292 14.52 -30.81 30.87
C ILE G 292 14.69 -29.28 30.84
N GLU G 293 14.31 -28.62 31.92
CA GLU G 293 14.43 -27.16 32.04
C GLU G 293 15.74 -26.86 32.81
N ARG G 294 16.12 -27.63 33.82
CA ARG G 294 17.40 -27.38 34.59
C ARG G 294 18.07 -28.71 34.89
N ARG G 295 19.39 -28.80 34.70
CA ARG G 295 20.22 -29.92 35.21
C ARG G 295 20.79 -29.51 36.57
N LEU G 296 20.45 -30.20 37.64
CA LEU G 296 20.95 -29.88 38.99
C LEU G 296 22.27 -30.60 39.22
N PRO G 297 23.15 -30.03 40.06
CA PRO G 297 24.37 -30.73 40.49
C PRO G 297 23.98 -31.93 41.36
N ILE G 298 24.81 -32.97 41.44
CA ILE G 298 24.47 -34.13 42.31
C ILE G 298 24.53 -33.70 43.79
N GLY G 299 25.19 -32.60 44.13
CA GLY G 299 25.17 -32.02 45.49
C GLY G 299 26.14 -32.71 46.44
N PRO G 300 26.13 -32.35 47.75
CA PRO G 300 27.08 -32.88 48.71
C PRO G 300 26.87 -34.38 48.91
N ILE G 301 27.94 -35.18 48.86
CA ILE G 301 27.90 -36.66 49.00
C ILE G 301 28.95 -37.09 50.03
N THR G 302 28.77 -38.27 50.60
CA THR G 302 29.66 -38.83 51.66
C THR G 302 30.83 -39.59 51.03
N THR G 303 31.83 -39.93 51.84
CA THR G 303 33.07 -40.61 51.41
C THR G 303 32.74 -41.85 50.58
N VAL G 304 32.05 -42.80 51.20
CA VAL G 304 31.61 -44.06 50.55
C VAL G 304 30.86 -43.73 49.25
N GLU G 305 30.02 -42.68 49.22
CA GLU G 305 29.16 -42.39 48.04
C GLU G 305 30.04 -41.89 46.88
N LYS G 306 31.02 -41.05 47.19
CA LYS G 306 31.98 -40.52 46.18
C LYS G 306 32.78 -41.69 45.59
N GLU G 307 33.11 -42.69 46.40
CA GLU G 307 33.92 -43.86 45.94
C GLU G 307 33.04 -44.72 45.04
N MET G 308 31.86 -45.08 45.55
CA MET G 308 30.82 -45.81 44.78
C MET G 308 30.65 -45.10 43.44
N LEU G 309 30.49 -43.76 43.42
CA LEU G 309 30.15 -43.01 42.18
C LEU G 309 31.33 -42.97 41.20
N GLU G 310 32.57 -42.89 41.69
CA GLU G 310 33.75 -42.95 40.81
C GLU G 310 33.78 -44.33 40.14
N GLU G 311 33.58 -45.40 40.90
CA GLU G 311 33.47 -46.77 40.32
C GLU G 311 32.38 -46.79 39.24
N ALA G 312 31.17 -46.32 39.60
CA ALA G 312 29.97 -46.32 38.74
C ALA G 312 30.26 -45.61 37.43
N VAL G 313 30.90 -44.43 37.50
CA VAL G 313 31.09 -43.56 36.30
C VAL G 313 32.02 -44.33 35.37
N GLY G 314 33.02 -45.03 35.93
CA GLY G 314 33.92 -45.94 35.20
C GLY G 314 33.11 -46.86 34.29
N VAL G 315 32.15 -47.56 34.85
CA VAL G 315 31.38 -48.58 34.07
C VAL G 315 30.35 -47.88 33.17
N VAL G 316 29.72 -46.79 33.63
CA VAL G 316 28.76 -46.04 32.78
C VAL G 316 29.47 -45.67 31.47
N LYS G 317 30.71 -45.17 31.55
CA LYS G 317 31.44 -44.69 30.34
C LYS G 317 31.59 -45.84 29.34
N LYS G 318 31.89 -47.04 29.82
CA LYS G 318 32.00 -48.21 28.91
C LYS G 318 30.63 -48.60 28.36
N ASN G 319 29.61 -48.52 29.22
CA ASN G 319 28.22 -48.88 28.82
C ASN G 319 27.83 -47.95 27.68
N ILE G 320 28.13 -46.66 27.80
CA ILE G 320 27.82 -45.65 26.76
C ILE G 320 28.60 -45.99 25.47
N ALA G 321 29.90 -46.24 25.58
CA ALA G 321 30.74 -46.43 24.39
C ALA G 321 30.26 -47.68 23.64
N LYS G 322 29.89 -48.73 24.37
CA LYS G 322 29.24 -49.94 23.80
C LYS G 322 28.00 -49.59 22.98
N GLY G 323 27.11 -48.73 23.52
CA GLY G 323 25.94 -48.21 22.79
C GLY G 323 26.30 -47.48 21.50
N GLU G 324 27.24 -46.56 21.53
CA GLU G 324 27.58 -45.75 20.32
C GLU G 324 28.18 -46.66 19.26
N THR G 325 29.02 -47.63 19.65
CA THR G 325 29.61 -48.65 18.75
C THR G 325 28.50 -49.36 17.96
N PHE G 326 27.47 -49.88 18.66
CA PHE G 326 26.32 -50.57 18.05
C PHE G 326 25.64 -49.62 17.04
N ALA G 327 25.34 -48.39 17.44
CA ALA G 327 24.58 -47.43 16.62
C ALA G 327 25.37 -47.08 15.37
N ARG G 328 26.68 -46.89 15.56
CA ARG G 328 27.66 -46.62 14.47
C ARG G 328 27.69 -47.80 13.49
N SER G 329 27.71 -49.03 14.00
CA SER G 329 27.79 -50.29 13.22
C SER G 329 26.51 -50.49 12.39
N LYS G 330 25.33 -50.06 12.87
CA LYS G 330 24.08 -50.23 12.07
C LYS G 330 23.97 -49.05 11.11
N LEU G 331 22.87 -48.30 11.15
CA LEU G 331 22.70 -47.09 10.31
C LEU G 331 23.47 -45.95 11.01
N MET H 9 -43.67 -27.54 -44.66
CA MET H 9 -42.43 -26.83 -45.06
C MET H 9 -42.14 -25.79 -43.97
N VAL H 10 -41.22 -24.87 -44.25
CA VAL H 10 -40.76 -23.80 -43.31
C VAL H 10 -41.78 -22.67 -43.21
N ASN H 11 -41.75 -22.02 -42.06
CA ASN H 11 -42.51 -20.79 -41.75
C ASN H 11 -41.46 -19.68 -41.56
N VAL H 12 -41.44 -18.71 -42.47
CA VAL H 12 -40.51 -17.54 -42.40
C VAL H 12 -41.30 -16.33 -41.89
N ALA H 13 -40.83 -15.72 -40.80
CA ALA H 13 -41.45 -14.49 -40.25
C ALA H 13 -40.61 -13.29 -40.65
N VAL H 14 -41.26 -12.31 -41.28
CA VAL H 14 -40.70 -10.96 -41.55
C VAL H 14 -41.21 -9.98 -40.48
N ILE H 15 -40.28 -9.43 -39.69
CA ILE H 15 -40.59 -8.49 -38.55
C ILE H 15 -40.23 -7.10 -38.99
N GLY H 16 -41.23 -6.25 -39.13
CA GLY H 16 -41.10 -4.95 -39.81
C GLY H 16 -41.54 -5.00 -41.26
N ALA H 17 -42.47 -5.91 -41.59
CA ALA H 17 -42.98 -6.27 -42.95
C ALA H 17 -43.61 -5.09 -43.72
N ALA H 18 -44.11 -4.04 -43.06
CA ALA H 18 -44.68 -2.85 -43.73
C ALA H 18 -43.63 -1.77 -44.03
N GLY H 19 -42.39 -1.98 -43.63
CA GLY H 19 -41.30 -1.02 -43.91
C GLY H 19 -40.87 -1.00 -45.39
N GLY H 20 -39.98 -0.04 -45.68
CA GLY H 20 -39.30 0.16 -46.97
C GLY H 20 -38.63 -1.12 -47.43
N ILE H 21 -37.81 -1.74 -46.61
CA ILE H 21 -37.18 -3.04 -46.94
C ILE H 21 -38.26 -4.10 -46.82
N GLY H 22 -39.03 -4.09 -45.72
CA GLY H 22 -39.96 -5.17 -45.35
C GLY H 22 -40.92 -5.55 -46.47
N GLN H 23 -41.50 -4.55 -47.15
CA GLN H 23 -42.57 -4.73 -48.14
C GLN H 23 -41.98 -5.43 -49.38
N SER H 24 -40.87 -4.93 -49.93
CA SER H 24 -40.28 -5.53 -51.15
C SER H 24 -39.65 -6.89 -50.79
N LEU H 25 -39.15 -7.03 -49.57
CA LEU H 25 -38.53 -8.30 -49.10
C LEU H 25 -39.63 -9.37 -49.02
N SER H 26 -40.79 -9.00 -48.56
CA SER H 26 -41.94 -9.93 -48.38
C SER H 26 -42.47 -10.35 -49.74
N LEU H 27 -42.46 -9.45 -50.74
CA LEU H 27 -42.86 -9.74 -52.12
C LEU H 27 -41.88 -10.75 -52.68
N LEU H 28 -40.58 -10.58 -52.49
CA LEU H 28 -39.57 -11.46 -53.11
C LEU H 28 -39.66 -12.83 -52.43
N LEU H 29 -39.90 -12.86 -51.12
CA LEU H 29 -40.05 -14.15 -50.38
C LEU H 29 -41.36 -14.83 -50.88
N LEU H 30 -42.43 -14.09 -51.07
CA LEU H 30 -43.69 -14.72 -51.53
C LEU H 30 -43.38 -15.39 -52.85
N ARG H 31 -42.58 -14.76 -53.70
CA ARG H 31 -42.33 -15.35 -55.04
C ARG H 31 -41.40 -16.54 -54.95
N GLU H 32 -40.41 -16.56 -54.05
CA GLU H 32 -39.29 -17.56 -54.11
C GLU H 32 -39.44 -18.67 -53.05
N LEU H 33 -40.21 -18.50 -51.99
CA LEU H 33 -40.33 -19.61 -51.00
C LEU H 33 -40.84 -20.90 -51.63
N PRO H 34 -40.33 -22.07 -51.20
CA PRO H 34 -40.85 -23.32 -51.70
C PRO H 34 -42.34 -23.48 -51.44
N PHE H 35 -43.02 -24.11 -52.41
CA PHE H 35 -44.42 -24.56 -52.31
C PHE H 35 -44.58 -25.32 -50.99
N GLY H 36 -45.61 -24.99 -50.23
CA GLY H 36 -45.85 -25.60 -48.90
C GLY H 36 -45.39 -24.72 -47.76
N SER H 37 -44.65 -23.66 -48.03
CA SER H 37 -44.15 -22.70 -47.00
C SER H 37 -45.24 -21.75 -46.52
N THR H 38 -44.97 -21.13 -45.36
CA THR H 38 -45.83 -20.09 -44.76
C THR H 38 -44.99 -18.81 -44.66
N LEU H 39 -45.58 -17.69 -45.04
CA LEU H 39 -44.91 -16.38 -44.89
C LEU H 39 -45.69 -15.64 -43.80
N SER H 40 -45.01 -15.28 -42.71
CA SER H 40 -45.63 -14.59 -41.54
C SER H 40 -45.18 -13.12 -41.51
N LEU H 41 -46.13 -12.19 -41.53
CA LEU H 41 -45.82 -10.75 -41.59
C LEU H 41 -46.23 -10.09 -40.25
N TYR H 42 -45.32 -9.40 -39.60
CA TYR H 42 -45.61 -8.62 -38.36
C TYR H 42 -45.13 -7.19 -38.56
N ASP H 43 -45.95 -6.23 -38.13
CA ASP H 43 -45.55 -4.82 -37.99
C ASP H 43 -46.47 -4.15 -36.94
N VAL H 44 -45.97 -3.11 -36.29
CA VAL H 44 -46.80 -2.30 -35.35
C VAL H 44 -47.78 -1.46 -36.17
N VAL H 45 -47.48 -1.17 -37.44
CA VAL H 45 -48.39 -0.47 -38.38
C VAL H 45 -48.26 -1.02 -39.80
N GLY H 46 -49.38 -1.32 -40.45
CA GLY H 46 -49.43 -1.63 -41.89
C GLY H 46 -49.51 -3.11 -42.21
N ALA H 47 -49.39 -4.02 -41.23
CA ALA H 47 -49.21 -5.48 -41.50
C ALA H 47 -50.46 -6.05 -42.17
N PRO H 48 -51.70 -5.73 -41.72
CA PRO H 48 -52.90 -6.18 -42.41
C PRO H 48 -52.90 -5.79 -43.90
N GLY H 49 -52.48 -4.55 -44.18
CA GLY H 49 -52.45 -4.02 -45.55
C GLY H 49 -51.50 -4.81 -46.45
N VAL H 50 -50.28 -5.04 -46.01
CA VAL H 50 -49.26 -5.79 -46.79
C VAL H 50 -49.73 -7.24 -46.93
N ALA H 51 -50.37 -7.81 -45.92
CA ALA H 51 -50.80 -9.23 -45.99
C ALA H 51 -51.92 -9.30 -47.00
N ALA H 52 -52.92 -8.41 -46.91
CA ALA H 52 -54.01 -8.38 -47.90
C ALA H 52 -53.44 -8.30 -49.35
N ASP H 53 -52.55 -7.35 -49.58
CA ASP H 53 -51.96 -7.05 -50.92
C ASP H 53 -51.27 -8.35 -51.42
N LEU H 54 -50.38 -8.92 -50.62
CA LEU H 54 -49.60 -10.13 -50.97
C LEU H 54 -50.48 -11.37 -51.14
N SER H 55 -51.58 -11.46 -50.39
CA SER H 55 -52.47 -12.64 -50.36
C SER H 55 -53.22 -12.74 -51.69
N HIS H 56 -53.21 -11.70 -52.55
CA HIS H 56 -53.97 -11.74 -53.82
C HIS H 56 -53.07 -12.28 -54.95
N ILE H 57 -51.78 -12.40 -54.71
CA ILE H 57 -50.89 -12.94 -55.76
C ILE H 57 -51.22 -14.43 -55.93
N ASP H 58 -51.22 -14.90 -57.18
CA ASP H 58 -51.56 -16.29 -57.56
C ASP H 58 -50.39 -17.26 -57.32
N ARG H 59 -49.80 -17.23 -56.15
CA ARG H 59 -48.74 -18.17 -55.71
C ARG H 59 -49.39 -19.34 -54.97
N ALA H 60 -49.64 -20.42 -55.70
CA ALA H 60 -50.16 -21.65 -55.07
C ALA H 60 -49.17 -22.17 -54.01
N GLY H 61 -49.71 -22.76 -52.96
CA GLY H 61 -48.88 -23.51 -52.03
C GLY H 61 -48.33 -22.63 -50.96
N ILE H 62 -48.46 -21.28 -51.03
CA ILE H 62 -47.93 -20.35 -49.99
C ILE H 62 -49.09 -19.82 -49.11
N THR H 63 -48.91 -19.90 -47.81
CA THR H 63 -49.87 -19.41 -46.83
C THR H 63 -49.32 -18.09 -46.32
N VAL H 64 -50.12 -17.04 -46.42
CA VAL H 64 -49.79 -15.73 -45.86
C VAL H 64 -50.56 -15.58 -44.54
N LYS H 65 -49.84 -15.32 -43.47
CA LYS H 65 -50.38 -15.02 -42.15
C LYS H 65 -49.83 -13.66 -41.71
N HIS H 66 -50.52 -13.01 -40.76
CA HIS H 66 -50.04 -11.69 -40.28
C HIS H 66 -50.52 -11.45 -38.85
N ALA H 67 -49.81 -10.57 -38.15
CA ALA H 67 -50.21 -10.05 -36.83
C ALA H 67 -49.99 -8.54 -36.83
N ALA H 68 -50.89 -7.81 -36.19
CA ALA H 68 -50.72 -6.37 -35.97
C ALA H 68 -50.37 -6.17 -34.49
N GLY H 69 -49.26 -5.49 -34.24
CA GLY H 69 -48.88 -5.06 -32.89
C GLY H 69 -49.74 -3.90 -32.46
N LYS H 70 -49.66 -3.50 -31.20
CA LYS H 70 -50.39 -2.30 -30.68
C LYS H 70 -49.58 -1.05 -31.10
N LEU H 71 -50.26 0.09 -31.33
CA LEU H 71 -49.63 1.41 -31.54
C LEU H 71 -50.17 2.39 -30.50
N PRO H 72 -49.37 2.97 -29.57
CA PRO H 72 -47.91 2.90 -29.59
C PRO H 72 -47.39 1.52 -29.18
N PRO H 73 -46.14 1.16 -29.53
CA PRO H 73 -45.63 -0.19 -29.27
C PRO H 73 -45.56 -0.56 -27.79
N VAL H 74 -45.94 -1.80 -27.46
CA VAL H 74 -45.77 -2.38 -26.09
C VAL H 74 -44.66 -3.44 -26.15
N PRO H 75 -43.92 -3.73 -25.06
CA PRO H 75 -42.99 -4.86 -25.06
C PRO H 75 -43.76 -6.17 -25.02
N ARG H 76 -43.09 -7.29 -25.35
CA ARG H 76 -43.69 -8.65 -25.32
C ARG H 76 -45.05 -8.57 -26.01
N ASP H 77 -45.15 -7.82 -27.11
CA ASP H 77 -46.43 -7.64 -27.83
C ASP H 77 -47.08 -9.03 -27.97
N PRO H 78 -48.31 -9.27 -27.46
CA PRO H 78 -48.91 -10.60 -27.51
C PRO H 78 -49.33 -11.03 -28.92
N ALA H 79 -49.44 -10.09 -29.85
CA ALA H 79 -49.72 -10.39 -31.27
C ALA H 79 -48.51 -11.13 -31.85
N LEU H 80 -47.29 -10.64 -31.60
CA LEU H 80 -46.03 -11.29 -32.07
C LEU H 80 -45.93 -12.66 -31.42
N THR H 81 -46.21 -12.74 -30.12
CA THR H 81 -46.13 -13.99 -29.34
C THR H 81 -46.96 -15.07 -30.08
N GLU H 82 -48.21 -14.79 -30.44
CA GLU H 82 -49.08 -15.79 -31.11
C GLU H 82 -48.55 -16.10 -32.53
N LEU H 83 -48.00 -15.10 -33.25
CA LEU H 83 -47.48 -15.27 -34.65
C LEU H 83 -46.20 -16.13 -34.62
N ALA H 84 -45.30 -15.91 -33.64
CA ALA H 84 -43.94 -16.49 -33.55
C ALA H 84 -43.99 -18.00 -33.39
N GLU H 85 -45.12 -18.55 -32.96
CA GLU H 85 -45.40 -20.01 -32.91
C GLU H 85 -45.01 -20.65 -34.25
N GLY H 86 -44.08 -21.63 -34.20
CA GLY H 86 -43.70 -22.50 -35.33
C GLY H 86 -42.91 -21.78 -36.42
N VAL H 87 -42.31 -20.63 -36.12
CA VAL H 87 -41.44 -19.89 -37.07
C VAL H 87 -40.05 -20.52 -37.03
N ASP H 88 -39.47 -20.72 -38.22
CA ASP H 88 -38.18 -21.41 -38.40
C ASP H 88 -37.11 -20.34 -38.68
N VAL H 89 -37.49 -19.20 -39.24
CA VAL H 89 -36.55 -18.10 -39.59
C VAL H 89 -37.25 -16.78 -39.28
N PHE H 90 -36.63 -15.93 -38.44
CA PHE H 90 -37.06 -14.54 -38.19
C PHE H 90 -36.11 -13.61 -38.94
N VAL H 91 -36.66 -12.77 -39.85
CA VAL H 91 -35.92 -11.69 -40.55
C VAL H 91 -36.29 -10.35 -39.88
N ILE H 92 -35.34 -9.75 -39.14
CA ILE H 92 -35.56 -8.50 -38.34
C ILE H 92 -35.21 -7.30 -39.22
N VAL H 93 -36.23 -6.67 -39.83
CA VAL H 93 -36.06 -5.48 -40.72
C VAL H 93 -36.74 -4.26 -40.06
N ALA H 94 -36.92 -4.33 -38.74
CA ALA H 94 -37.59 -3.27 -37.94
C ALA H 94 -36.61 -2.11 -37.74
N GLY H 95 -37.11 -0.89 -37.67
CA GLY H 95 -36.23 0.29 -37.62
C GLY H 95 -36.99 1.59 -37.58
N VAL H 96 -36.43 2.57 -36.91
CA VAL H 96 -37.08 3.89 -36.68
C VAL H 96 -36.16 4.94 -37.28
N PRO H 97 -36.70 5.97 -37.99
CA PRO H 97 -35.84 6.98 -38.61
C PRO H 97 -35.48 8.09 -37.60
N ARG H 98 -34.55 8.97 -37.97
CA ARG H 98 -34.23 10.19 -37.18
C ARG H 98 -35.46 11.10 -37.23
N LYS H 99 -36.07 11.38 -36.08
CA LYS H 99 -37.02 12.52 -35.94
C LYS H 99 -36.24 13.82 -36.18
N PRO H 100 -36.90 14.93 -36.58
CA PRO H 100 -36.22 16.22 -36.63
C PRO H 100 -35.68 16.65 -35.25
N GLY H 101 -35.92 15.87 -34.19
CA GLY H 101 -35.64 16.31 -32.80
C GLY H 101 -34.39 15.74 -32.14
N MET H 102 -34.02 14.47 -32.35
CA MET H 102 -32.99 13.81 -31.49
C MET H 102 -31.66 13.56 -32.22
N THR H 103 -30.72 12.88 -31.53
CA THR H 103 -29.30 12.72 -31.96
C THR H 103 -29.09 11.42 -32.75
N ARG H 104 -27.86 11.19 -33.23
CA ARG H 104 -27.43 9.91 -33.86
C ARG H 104 -26.89 8.97 -32.79
N ASP H 105 -26.91 9.38 -31.53
CA ASP H 105 -26.62 8.51 -30.35
C ASP H 105 -27.94 7.99 -29.76
N ASP H 106 -29.04 8.68 -30.03
CA ASP H 106 -30.43 8.29 -29.62
C ASP H 106 -31.05 7.38 -30.67
N LEU H 107 -30.66 7.53 -31.94
CA LEU H 107 -31.06 6.65 -33.08
C LEU H 107 -30.60 5.21 -32.79
N PHE H 108 -29.32 5.03 -32.47
CA PHE H 108 -28.74 3.72 -32.04
C PHE H 108 -29.53 3.21 -30.83
N ASN H 109 -29.77 4.07 -29.85
CA ASN H 109 -30.36 3.67 -28.55
C ASN H 109 -31.76 3.06 -28.79
N VAL H 110 -32.52 3.62 -29.73
CA VAL H 110 -33.92 3.17 -29.98
C VAL H 110 -33.90 1.90 -30.83
N ASN H 111 -33.07 1.83 -31.88
CA ASN H 111 -33.03 0.69 -32.84
C ASN H 111 -32.41 -0.53 -32.15
N ALA H 112 -31.50 -0.30 -31.21
CA ALA H 112 -30.93 -1.33 -30.31
C ALA H 112 -32.05 -1.90 -29.42
N GLY H 113 -32.90 -1.05 -28.86
CA GLY H 113 -33.97 -1.50 -27.94
C GLY H 113 -35.01 -2.33 -28.70
N ILE H 114 -35.26 -1.95 -29.93
CA ILE H 114 -36.26 -2.67 -30.78
C ILE H 114 -35.75 -4.11 -31.01
N VAL H 115 -34.48 -4.23 -31.38
CA VAL H 115 -33.88 -5.56 -31.68
C VAL H 115 -34.08 -6.44 -30.46
N MET H 116 -33.61 -5.97 -29.30
CA MET H 116 -33.66 -6.71 -28.02
C MET H 116 -35.08 -7.20 -27.74
N ASP H 117 -36.06 -6.28 -27.70
CA ASP H 117 -37.48 -6.60 -27.41
C ASP H 117 -38.02 -7.65 -28.40
N LEU H 118 -37.81 -7.44 -29.71
CA LEU H 118 -38.36 -8.36 -30.76
C LEU H 118 -37.78 -9.77 -30.55
N VAL H 119 -36.44 -9.87 -30.51
CA VAL H 119 -35.71 -11.14 -30.29
C VAL H 119 -36.19 -11.79 -28.99
N LEU H 120 -36.37 -11.00 -27.93
CA LEU H 120 -36.88 -11.55 -26.64
C LEU H 120 -38.23 -12.23 -26.89
N THR H 121 -39.14 -11.56 -27.57
CA THR H 121 -40.53 -12.06 -27.72
C THR H 121 -40.54 -13.27 -28.66
N CYS H 122 -39.75 -13.21 -29.73
CA CYS H 122 -39.69 -14.29 -30.76
C CYS H 122 -39.03 -15.57 -30.19
N ALA H 123 -37.84 -15.43 -29.58
CA ALA H 123 -37.04 -16.57 -29.06
C ALA H 123 -37.71 -17.18 -27.82
N SER H 124 -38.59 -16.44 -27.13
CA SER H 124 -39.33 -16.95 -25.96
C SER H 124 -40.40 -17.97 -26.39
N VAL H 125 -40.78 -18.00 -27.67
CA VAL H 125 -41.84 -18.93 -28.19
C VAL H 125 -41.20 -19.98 -29.14
N SER H 126 -40.18 -19.58 -29.90
CA SER H 126 -39.49 -20.43 -30.91
C SER H 126 -37.97 -20.31 -30.75
N PRO H 127 -37.40 -20.93 -29.69
CA PRO H 127 -35.98 -20.78 -29.41
C PRO H 127 -35.06 -21.39 -30.49
N ASN H 128 -35.49 -22.43 -31.19
CA ASN H 128 -34.63 -23.16 -32.15
C ASN H 128 -34.64 -22.46 -33.53
N ALA H 129 -35.24 -21.28 -33.65
CA ALA H 129 -35.35 -20.58 -34.95
C ALA H 129 -34.06 -19.84 -35.31
N CYS H 130 -33.77 -19.65 -36.60
CA CYS H 130 -32.66 -18.79 -37.12
C CYS H 130 -33.07 -17.32 -37.01
N PHE H 131 -32.11 -16.45 -36.70
CA PHE H 131 -32.27 -14.99 -36.55
C PHE H 131 -31.33 -14.28 -37.52
N CYS H 132 -31.92 -13.65 -38.54
CA CYS H 132 -31.23 -12.85 -39.58
C CYS H 132 -31.44 -11.39 -39.22
N ILE H 133 -30.40 -10.70 -38.72
CA ILE H 133 -30.53 -9.29 -38.28
C ILE H 133 -30.12 -8.40 -39.45
N VAL H 134 -31.04 -7.58 -39.94
CA VAL H 134 -30.68 -6.58 -40.99
C VAL H 134 -30.73 -5.19 -40.34
N THR H 135 -31.47 -5.06 -39.24
CA THR H 135 -31.52 -3.83 -38.38
C THR H 135 -30.09 -3.37 -38.06
N ASN H 136 -29.78 -2.13 -38.51
CA ASN H 136 -28.46 -1.46 -38.40
C ASN H 136 -28.36 -0.73 -37.06
N PRO H 137 -27.15 -0.46 -36.53
CA PRO H 137 -25.88 -0.92 -37.11
C PRO H 137 -25.63 -2.42 -36.87
N VAL H 138 -25.54 -3.26 -37.92
CA VAL H 138 -25.34 -4.73 -37.70
C VAL H 138 -24.02 -5.01 -36.96
N ASN H 139 -22.95 -4.20 -37.12
CA ASN H 139 -21.69 -4.44 -36.38
C ASN H 139 -22.06 -4.53 -34.89
N SER H 140 -23.01 -3.70 -34.44
CA SER H 140 -23.42 -3.60 -33.00
C SER H 140 -24.71 -4.40 -32.74
N THR H 141 -25.72 -4.35 -33.61
CA THR H 141 -27.02 -5.00 -33.28
C THR H 141 -26.91 -6.53 -33.29
N THR H 142 -25.94 -7.14 -33.98
CA THR H 142 -25.88 -8.62 -33.96
C THR H 142 -25.37 -9.10 -32.60
N PRO H 143 -24.27 -8.58 -32.02
CA PRO H 143 -23.91 -8.94 -30.63
C PRO H 143 -24.99 -8.65 -29.56
N ILE H 144 -25.77 -7.55 -29.73
CA ILE H 144 -26.98 -7.22 -28.91
C ILE H 144 -27.96 -8.39 -28.94
N ALA H 145 -28.29 -8.93 -30.11
CA ALA H 145 -29.25 -10.05 -30.20
C ALA H 145 -28.70 -11.28 -29.46
N ALA H 146 -27.39 -11.52 -29.63
CA ALA H 146 -26.62 -12.62 -29.00
C ALA H 146 -26.76 -12.54 -27.47
N GLN H 147 -26.56 -11.35 -26.91
CA GLN H 147 -26.63 -11.12 -25.42
C GLN H 147 -28.07 -11.25 -24.96
N THR H 148 -29.05 -10.91 -25.80
CA THR H 148 -30.48 -11.10 -25.48
C THR H 148 -30.76 -12.60 -25.42
N LEU H 149 -30.27 -13.36 -26.40
CA LEU H 149 -30.51 -14.82 -26.50
C LEU H 149 -29.86 -15.53 -25.30
N ARG H 150 -28.73 -15.00 -24.83
CA ARG H 150 -28.01 -15.54 -23.64
C ARG H 150 -28.90 -15.41 -22.40
N LYS H 151 -29.67 -14.32 -22.25
CA LYS H 151 -30.47 -14.05 -21.01
C LYS H 151 -31.65 -15.01 -20.88
N ILE H 152 -32.03 -15.71 -21.94
CA ILE H 152 -33.08 -16.77 -21.90
C ILE H 152 -32.37 -18.12 -21.93
N GLY H 153 -31.03 -18.11 -21.95
CA GLY H 153 -30.17 -19.27 -22.16
C GLY H 153 -30.67 -20.09 -23.34
N VAL H 154 -30.73 -19.49 -24.53
CA VAL H 154 -31.02 -20.21 -25.81
C VAL H 154 -30.04 -19.77 -26.90
N TYR H 155 -28.89 -19.20 -26.57
CA TYR H 155 -27.98 -18.61 -27.58
C TYR H 155 -27.28 -19.74 -28.31
N ASN H 156 -27.72 -19.99 -29.54
CA ASN H 156 -27.05 -20.91 -30.49
C ASN H 156 -26.21 -20.06 -31.44
N LYS H 157 -24.89 -20.09 -31.30
CA LYS H 157 -23.95 -19.29 -32.12
C LYS H 157 -24.07 -19.68 -33.61
N ASN H 158 -24.73 -20.78 -33.96
CA ASN H 158 -24.87 -21.27 -35.35
C ASN H 158 -26.19 -20.82 -35.97
N LYS H 159 -26.95 -19.98 -35.25
CA LYS H 159 -28.32 -19.60 -35.68
C LYS H 159 -28.52 -18.09 -35.60
N LEU H 160 -27.44 -17.31 -35.51
CA LEU H 160 -27.48 -15.84 -35.52
C LEU H 160 -26.63 -15.31 -36.68
N LEU H 161 -27.21 -14.50 -37.57
CA LEU H 161 -26.51 -14.00 -38.77
C LEU H 161 -26.86 -12.53 -38.99
N GLY H 162 -25.86 -11.66 -38.81
CA GLY H 162 -25.87 -10.27 -39.29
C GLY H 162 -25.78 -10.25 -40.80
N VAL H 163 -26.72 -9.59 -41.46
CA VAL H 163 -26.86 -9.71 -42.94
C VAL H 163 -25.98 -8.64 -43.57
N SER H 164 -24.86 -9.05 -44.21
CA SER H 164 -23.84 -8.14 -44.78
C SER H 164 -23.76 -8.23 -46.30
N LEU H 165 -24.55 -9.08 -46.96
CA LEU H 165 -24.29 -9.36 -48.40
C LEU H 165 -24.43 -8.11 -49.23
N LEU H 166 -25.18 -7.10 -48.78
CA LEU H 166 -25.37 -5.88 -49.59
C LEU H 166 -23.96 -5.43 -50.03
N ASP H 167 -22.96 -5.56 -49.16
CA ASP H 167 -21.56 -5.17 -49.49
C ASP H 167 -20.98 -6.04 -50.59
N GLY H 168 -21.21 -7.36 -50.55
CA GLY H 168 -20.88 -8.27 -51.66
C GLY H 168 -21.59 -7.87 -52.94
N LEU H 169 -22.88 -7.58 -52.88
CA LEU H 169 -23.61 -7.17 -54.10
C LEU H 169 -22.88 -5.99 -54.75
N ARG H 170 -22.61 -4.94 -53.98
CA ARG H 170 -21.99 -3.73 -54.54
C ARG H 170 -20.59 -4.06 -55.06
N ALA H 171 -19.83 -4.81 -54.26
CA ALA H 171 -18.44 -5.22 -54.59
C ALA H 171 -18.39 -5.90 -55.95
N THR H 172 -19.31 -6.86 -56.16
CA THR H 172 -19.48 -7.67 -57.39
C THR H 172 -19.93 -6.74 -58.50
N ARG H 173 -20.89 -5.86 -58.24
CA ARG H 173 -21.45 -4.97 -59.30
C ARG H 173 -20.31 -4.06 -59.80
N PHE H 174 -19.54 -3.54 -58.88
CA PHE H 174 -18.53 -2.51 -59.25
C PHE H 174 -17.35 -3.10 -60.02
N ILE H 175 -16.83 -4.25 -59.58
CA ILE H 175 -15.74 -4.96 -60.32
C ILE H 175 -16.28 -5.47 -61.66
N ASN H 176 -17.54 -5.90 -61.74
CA ASN H 176 -18.08 -6.37 -63.04
C ASN H 176 -18.18 -5.16 -63.97
N ASN H 177 -18.65 -4.00 -63.49
CA ASN H 177 -18.71 -2.77 -64.32
C ASN H 177 -17.31 -2.42 -64.87
N ALA H 178 -16.27 -2.61 -64.08
CA ALA H 178 -14.87 -2.28 -64.45
C ALA H 178 -14.23 -3.30 -65.41
N ARG H 179 -14.59 -4.60 -65.37
CA ARG H 179 -13.85 -5.70 -66.07
C ARG H 179 -14.67 -6.23 -67.26
N HIS H 180 -15.85 -5.72 -67.48
CA HIS H 180 -16.71 -6.13 -68.63
CA HIS H 180 -16.70 -6.14 -68.64
C HIS H 180 -15.87 -6.31 -69.91
N PRO H 181 -15.97 -7.47 -70.60
CA PRO H 181 -16.99 -8.49 -70.32
C PRO H 181 -16.70 -9.63 -69.32
N LEU H 182 -15.62 -9.56 -68.55
CA LEU H 182 -15.29 -10.58 -67.52
C LEU H 182 -16.21 -10.38 -66.32
N VAL H 183 -17.06 -11.37 -66.03
CA VAL H 183 -18.08 -11.32 -64.93
C VAL H 183 -17.73 -12.34 -63.86
N VAL H 184 -17.80 -11.96 -62.59
CA VAL H 184 -17.76 -12.91 -61.44
C VAL H 184 -19.11 -12.93 -60.75
N PRO H 185 -19.51 -14.07 -60.17
CA PRO H 185 -20.80 -14.19 -59.46
C PRO H 185 -20.78 -13.61 -58.04
N TYR H 186 -19.63 -13.49 -57.42
CA TYR H 186 -19.59 -12.94 -56.05
C TYR H 186 -18.21 -12.39 -55.80
N VAL H 187 -18.10 -11.65 -54.72
CA VAL H 187 -16.80 -11.07 -54.26
C VAL H 187 -16.76 -11.23 -52.75
N PRO H 188 -15.71 -11.86 -52.18
CA PRO H 188 -15.63 -12.06 -50.74
C PRO H 188 -15.55 -10.68 -50.07
N VAL H 189 -16.26 -10.51 -48.96
CA VAL H 189 -16.26 -9.22 -48.23
C VAL H 189 -16.18 -9.58 -46.76
N VAL H 190 -15.13 -9.09 -46.08
CA VAL H 190 -14.85 -9.49 -44.68
C VAL H 190 -14.68 -8.22 -43.81
N GLY H 191 -14.74 -8.50 -42.50
CA GLY H 191 -14.60 -7.52 -41.42
C GLY H 191 -15.96 -7.17 -40.81
N GLY H 192 -16.43 -5.97 -41.15
CA GLY H 192 -17.71 -5.48 -40.64
C GLY H 192 -18.57 -5.01 -41.79
N HIS H 193 -19.56 -4.21 -41.46
CA HIS H 193 -20.63 -3.72 -42.36
C HIS H 193 -20.74 -2.19 -42.27
N SER H 194 -19.67 -1.43 -42.00
CA SER H 194 -19.75 0.05 -41.83
C SER H 194 -18.50 0.76 -42.33
N ASP H 195 -18.65 1.65 -43.33
CA ASP H 195 -17.57 2.54 -43.82
C ASP H 195 -16.24 1.76 -43.90
N VAL H 196 -15.26 2.05 -43.01
CA VAL H 196 -13.84 1.56 -43.09
C VAL H 196 -13.73 0.08 -42.68
N THR H 197 -14.73 -0.47 -41.96
CA THR H 197 -14.77 -1.87 -41.47
C THR H 197 -15.09 -2.85 -42.62
N ILE H 198 -15.50 -2.34 -43.79
CA ILE H 198 -15.86 -3.16 -44.98
C ILE H 198 -14.59 -3.39 -45.80
N VAL H 199 -14.17 -4.65 -45.87
CA VAL H 199 -12.95 -4.99 -46.62
C VAL H 199 -13.34 -6.02 -47.67
N PRO H 200 -13.48 -5.57 -48.93
CA PRO H 200 -13.63 -6.48 -50.05
C PRO H 200 -12.25 -7.11 -50.38
N LEU H 201 -12.27 -8.34 -50.89
CA LEU H 201 -11.01 -9.10 -51.20
C LEU H 201 -10.96 -9.42 -52.71
N TYR H 202 -10.64 -8.39 -53.48
CA TYR H 202 -10.61 -8.55 -54.95
C TYR H 202 -9.47 -9.46 -55.37
N SER H 203 -8.47 -9.68 -54.51
CA SER H 203 -7.37 -10.66 -54.75
C SER H 203 -7.92 -12.10 -54.86
N GLN H 204 -9.09 -12.40 -54.26
CA GLN H 204 -9.63 -13.79 -54.10
C GLN H 204 -10.62 -14.13 -55.22
N ILE H 205 -10.79 -13.28 -56.21
CA ILE H 205 -11.72 -13.56 -57.36
C ILE H 205 -10.89 -13.91 -58.60
N PRO H 206 -11.43 -14.66 -59.54
CA PRO H 206 -10.66 -15.00 -60.75
C PRO H 206 -10.36 -13.85 -61.73
N GLY H 207 -9.30 -14.01 -62.53
CA GLY H 207 -8.97 -13.14 -63.68
C GLY H 207 -8.12 -11.92 -63.32
N PRO H 208 -7.56 -11.22 -64.34
CA PRO H 208 -6.73 -10.04 -64.14
C PRO H 208 -7.55 -8.88 -63.54
N LEU H 209 -6.96 -8.19 -62.56
CA LEU H 209 -7.55 -7.04 -61.84
C LEU H 209 -7.09 -5.72 -62.48
N PRO H 210 -7.87 -4.62 -62.37
CA PRO H 210 -7.36 -3.31 -62.74
C PRO H 210 -6.14 -2.98 -61.85
N ASP H 211 -5.44 -1.88 -62.19
CA ASP H 211 -4.33 -1.25 -61.40
C ASP H 211 -4.69 -1.19 -59.90
N GLU H 212 -3.70 -1.19 -59.00
CA GLU H 212 -3.97 -0.95 -57.55
C GLU H 212 -4.58 0.46 -57.34
N SER H 213 -4.28 1.45 -58.20
CA SER H 213 -4.80 2.85 -58.07
C SER H 213 -6.30 2.88 -58.43
N THR H 214 -6.72 2.12 -59.45
CA THR H 214 -8.15 1.98 -59.80
C THR H 214 -8.81 1.13 -58.71
N LEU H 215 -8.14 0.07 -58.23
CA LEU H 215 -8.73 -0.84 -57.20
C LEU H 215 -9.01 -0.07 -55.91
N LYS H 216 -8.14 0.86 -55.54
CA LYS H 216 -8.33 1.71 -54.33
C LYS H 216 -9.67 2.47 -54.40
N GLU H 217 -9.95 3.10 -55.55
CA GLU H 217 -11.20 3.87 -55.77
C GLU H 217 -12.42 2.93 -55.69
N ILE H 218 -12.36 1.77 -56.31
CA ILE H 218 -13.48 0.78 -56.28
C ILE H 218 -13.69 0.31 -54.83
N ARG H 219 -12.62 0.00 -54.09
CA ARG H 219 -12.75 -0.56 -52.72
C ARG H 219 -13.41 0.50 -51.85
N LYS H 220 -12.96 1.74 -52.01
CA LYS H 220 -13.48 2.94 -51.28
C LYS H 220 -14.98 3.06 -51.59
N ARG H 221 -15.36 2.96 -52.87
CA ARG H 221 -16.76 3.15 -53.32
C ARG H 221 -17.66 2.14 -52.60
N VAL H 222 -17.17 0.90 -52.40
CA VAL H 222 -17.90 -0.13 -51.61
C VAL H 222 -18.05 0.35 -50.17
N GLN H 223 -17.00 0.91 -49.59
CA GLN H 223 -17.02 1.37 -48.18
C GLN H 223 -18.08 2.46 -47.96
N VAL H 224 -18.18 3.40 -48.91
CA VAL H 224 -19.02 4.64 -48.82
C VAL H 224 -20.29 4.52 -49.70
N ALA H 225 -20.62 3.33 -50.19
CA ALA H 225 -21.79 3.08 -51.07
C ALA H 225 -23.12 3.41 -50.34
N GLY H 226 -23.19 3.09 -49.05
CA GLY H 226 -24.37 3.34 -48.20
C GLY H 226 -24.68 4.84 -48.16
N THR H 227 -23.63 5.66 -48.17
CA THR H 227 -23.76 7.14 -48.15
C THR H 227 -24.10 7.68 -49.55
N GLU H 228 -23.47 7.06 -50.57
CA GLU H 228 -23.77 7.39 -51.99
C GLU H 228 -25.30 7.38 -52.18
N VAL H 229 -26.01 6.43 -51.53
CA VAL H 229 -27.48 6.19 -51.76
C VAL H 229 -28.28 7.19 -50.91
N VAL H 230 -27.92 7.32 -49.63
CA VAL H 230 -28.56 8.34 -48.74
C VAL H 230 -28.57 9.67 -49.46
N LYS H 231 -27.43 10.06 -50.03
CA LYS H 231 -27.26 11.36 -50.73
C LYS H 231 -28.11 11.40 -51.99
N ALA H 232 -28.09 10.36 -52.84
CA ALA H 232 -28.95 10.32 -54.05
C ALA H 232 -30.45 10.34 -53.67
N LYS H 233 -30.82 9.81 -52.49
CA LYS H 233 -32.23 9.74 -52.02
C LYS H 233 -32.65 11.08 -51.38
N ALA H 234 -31.73 12.05 -51.24
CA ALA H 234 -32.05 13.45 -50.91
C ALA H 234 -33.17 13.54 -49.86
N GLY H 235 -33.06 12.77 -48.77
CA GLY H 235 -33.97 12.81 -47.60
C GLY H 235 -34.85 11.56 -47.46
N ARG H 236 -34.97 10.71 -48.50
CA ARG H 236 -35.87 9.52 -48.40
C ARG H 236 -35.14 8.38 -47.66
N GLY H 237 -33.86 8.53 -47.34
CA GLY H 237 -33.14 7.65 -46.39
C GLY H 237 -32.20 6.69 -47.09
N SER H 238 -31.99 5.52 -46.46
CA SER H 238 -31.00 4.48 -46.85
C SER H 238 -31.58 3.52 -47.90
N ALA H 239 -30.80 2.49 -48.21
CA ALA H 239 -31.07 1.54 -49.29
C ALA H 239 -32.28 0.71 -48.89
N THR H 240 -33.20 0.47 -49.85
CA THR H 240 -34.41 -0.32 -49.58
C THR H 240 -34.46 -1.47 -50.59
N LEU H 241 -34.44 -1.17 -51.90
CA LEU H 241 -34.67 -2.21 -52.94
C LEU H 241 -33.47 -3.15 -52.96
N SER H 242 -32.25 -2.62 -52.91
CA SER H 242 -31.06 -3.49 -53.03
C SER H 242 -30.94 -4.32 -51.75
N MET H 243 -31.43 -3.83 -50.60
CA MET H 243 -31.40 -4.57 -49.31
C MET H 243 -32.52 -5.62 -49.29
N ALA H 244 -33.66 -5.36 -49.92
CA ALA H 244 -34.73 -6.36 -50.07
C ALA H 244 -34.16 -7.52 -50.88
N GLU H 245 -33.46 -7.24 -51.99
CA GLU H 245 -32.78 -8.26 -52.83
C GLU H 245 -31.77 -9.05 -51.97
N ALA H 246 -30.85 -8.37 -51.27
CA ALA H 246 -29.82 -9.04 -50.47
C ALA H 246 -30.49 -9.85 -49.36
N GLY H 247 -31.46 -9.25 -48.65
CA GLY H 247 -32.20 -9.93 -47.56
C GLY H 247 -32.93 -11.17 -48.09
N ALA H 248 -33.58 -11.08 -49.24
CA ALA H 248 -34.37 -12.21 -49.78
C ALA H 248 -33.44 -13.36 -50.18
N ARG H 249 -32.32 -13.03 -50.86
CA ARG H 249 -31.34 -14.01 -51.32
C ARG H 249 -30.69 -14.67 -50.09
N PHE H 250 -30.42 -13.94 -49.03
CA PHE H 250 -29.79 -14.52 -47.83
C PHE H 250 -30.80 -15.41 -47.14
N THR H 251 -32.01 -14.89 -46.97
CA THR H 251 -33.10 -15.66 -46.33
C THR H 251 -33.30 -16.98 -47.08
N MET H 252 -33.25 -16.98 -48.41
CA MET H 252 -33.48 -18.22 -49.21
C MET H 252 -32.31 -19.21 -49.04
N HIS H 253 -31.09 -18.70 -48.85
CA HIS H 253 -29.90 -19.55 -48.54
C HIS H 253 -30.18 -20.26 -47.21
N VAL H 254 -30.61 -19.49 -46.22
CA VAL H 254 -30.95 -20.06 -44.89
C VAL H 254 -32.05 -21.09 -45.05
N VAL H 255 -33.13 -20.76 -45.74
CA VAL H 255 -34.33 -21.64 -45.93
C VAL H 255 -33.86 -22.95 -46.60
N LYS H 256 -33.13 -22.86 -47.69
CA LYS H 256 -32.72 -24.07 -48.43
C LYS H 256 -31.80 -24.92 -47.52
N ALA H 257 -30.86 -24.30 -46.81
CA ALA H 257 -29.95 -24.97 -45.85
C ALA H 257 -30.77 -25.73 -44.80
N LEU H 258 -31.76 -25.06 -44.17
CA LEU H 258 -32.66 -25.66 -43.14
C LEU H 258 -33.47 -26.81 -43.76
N MET H 259 -33.87 -26.74 -45.03
CA MET H 259 -34.74 -27.82 -45.58
C MET H 259 -33.89 -28.97 -46.15
N GLY H 260 -32.56 -28.84 -46.18
CA GLY H 260 -31.67 -29.84 -46.79
C GLY H 260 -31.73 -29.83 -48.30
N LEU H 261 -32.01 -28.67 -48.88
CA LEU H 261 -32.08 -28.44 -50.34
C LEU H 261 -30.81 -27.73 -50.82
N ASP H 262 -29.85 -27.43 -49.94
CA ASP H 262 -28.56 -26.79 -50.31
C ASP H 262 -27.62 -26.75 -49.10
N THR H 263 -26.33 -26.65 -49.34
CA THR H 263 -25.33 -26.42 -48.28
C THR H 263 -24.48 -25.23 -48.72
N PRO H 264 -25.09 -24.02 -48.77
CA PRO H 264 -24.45 -22.90 -49.45
C PRO H 264 -23.32 -22.22 -48.63
N MET H 265 -22.30 -21.68 -49.32
CA MET H 265 -21.23 -20.82 -48.76
C MET H 265 -21.67 -19.36 -48.84
N VAL H 266 -21.87 -18.75 -47.69
CA VAL H 266 -22.33 -17.35 -47.54
C VAL H 266 -21.34 -16.59 -46.69
N TYR H 267 -21.22 -15.29 -46.94
CA TYR H 267 -20.48 -14.31 -46.11
C TYR H 267 -21.52 -13.58 -45.26
N ALA H 268 -21.34 -13.60 -43.95
CA ALA H 268 -22.31 -13.00 -42.99
C ALA H 268 -21.55 -12.57 -41.73
N TYR H 269 -22.10 -11.59 -41.00
CA TYR H 269 -21.59 -11.13 -39.70
C TYR H 269 -22.04 -12.13 -38.61
N VAL H 270 -21.10 -12.96 -38.16
CA VAL H 270 -21.41 -14.10 -37.25
C VAL H 270 -20.43 -14.12 -36.08
N ASP H 271 -20.89 -14.73 -35.00
CA ASP H 271 -20.07 -15.22 -33.87
C ASP H 271 -18.93 -16.07 -34.45
N THR H 272 -17.66 -15.72 -34.17
CA THR H 272 -16.48 -16.36 -34.79
C THR H 272 -16.19 -17.70 -34.10
N ASP H 273 -16.83 -17.96 -32.96
CA ASP H 273 -16.62 -19.18 -32.14
C ASP H 273 -15.11 -19.40 -31.92
N GLY H 274 -14.45 -18.35 -31.40
CA GLY H 274 -12.98 -18.27 -31.21
C GLY H 274 -12.21 -18.79 -32.41
N GLU H 275 -12.46 -18.23 -33.59
CA GLU H 275 -11.70 -18.53 -34.84
C GLU H 275 -10.74 -17.37 -35.14
N HIS H 276 -11.14 -16.14 -34.80
CA HIS H 276 -10.32 -14.91 -35.00
C HIS H 276 -10.29 -14.13 -33.70
N GLU H 277 -9.55 -13.03 -33.66
CA GLU H 277 -9.50 -12.19 -32.43
C GLU H 277 -10.91 -11.64 -32.23
N CYS H 278 -11.53 -11.03 -33.26
CA CYS H 278 -12.91 -10.47 -33.17
C CYS H 278 -13.91 -11.56 -32.74
N PRO H 279 -14.76 -11.38 -31.68
CA PRO H 279 -15.78 -12.38 -31.33
C PRO H 279 -16.94 -12.40 -32.37
N PHE H 280 -17.08 -11.35 -33.18
CA PHE H 280 -18.02 -11.22 -34.32
C PHE H 280 -17.25 -10.70 -35.54
N LEU H 281 -17.53 -11.25 -36.71
CA LEU H 281 -16.84 -10.85 -37.97
C LEU H 281 -17.68 -11.32 -39.17
N ALA H 282 -17.66 -10.52 -40.24
CA ALA H 282 -18.17 -10.87 -41.57
C ALA H 282 -17.11 -11.76 -42.21
N MET H 283 -17.38 -13.08 -42.20
CA MET H 283 -16.43 -14.12 -42.64
C MET H 283 -17.18 -15.13 -43.50
N PRO H 284 -16.48 -15.91 -44.36
CA PRO H 284 -17.14 -16.98 -45.11
C PRO H 284 -17.59 -18.10 -44.17
N VAL H 285 -18.81 -18.62 -44.40
CA VAL H 285 -19.42 -19.78 -43.67
C VAL H 285 -20.17 -20.68 -44.64
N VAL H 286 -20.34 -21.92 -44.23
CA VAL H 286 -21.23 -22.89 -44.93
C VAL H 286 -22.43 -23.12 -44.03
N LEU H 287 -23.64 -23.01 -44.57
CA LEU H 287 -24.89 -23.29 -43.84
C LEU H 287 -25.37 -24.70 -44.17
N GLY H 288 -26.11 -25.29 -43.24
CA GLY H 288 -26.71 -26.62 -43.38
C GLY H 288 -27.95 -26.69 -42.52
N LYS H 289 -28.38 -27.89 -42.16
CA LYS H 289 -29.71 -28.13 -41.55
C LYS H 289 -29.74 -27.60 -40.12
N ASN H 290 -28.57 -27.37 -39.47
CA ASN H 290 -28.53 -26.76 -38.11
C ASN H 290 -27.91 -25.35 -38.18
N GLY H 291 -28.09 -24.65 -39.29
CA GLY H 291 -27.54 -23.28 -39.43
C GLY H 291 -26.08 -23.38 -39.81
N ILE H 292 -25.21 -22.54 -39.26
CA ILE H 292 -23.75 -22.59 -39.54
C ILE H 292 -23.25 -24.03 -39.30
N GLU H 293 -22.68 -24.65 -40.33
CA GLU H 293 -22.16 -26.03 -40.33
C GLU H 293 -20.64 -25.97 -40.20
N ARG H 294 -20.01 -24.99 -40.86
CA ARG H 294 -18.53 -24.88 -40.96
C ARG H 294 -18.13 -23.41 -41.05
N ARG H 295 -17.20 -22.94 -40.22
CA ARG H 295 -16.62 -21.59 -40.37
C ARG H 295 -15.36 -21.69 -41.23
N LEU H 296 -15.24 -20.90 -42.30
CA LEU H 296 -14.05 -20.97 -43.19
C LEU H 296 -13.06 -19.86 -42.81
N PRO H 297 -11.77 -20.08 -43.13
CA PRO H 297 -10.75 -19.05 -42.99
C PRO H 297 -10.98 -17.88 -43.97
N ILE H 298 -10.53 -16.68 -43.64
CA ILE H 298 -10.51 -15.52 -44.59
C ILE H 298 -9.70 -15.92 -45.84
N GLY H 299 -8.58 -16.65 -45.68
CA GLY H 299 -7.70 -17.07 -46.78
C GLY H 299 -6.60 -16.04 -47.06
N PRO H 300 -5.77 -16.26 -48.10
CA PRO H 300 -4.70 -15.34 -48.47
C PRO H 300 -5.21 -13.98 -48.97
N ILE H 301 -4.46 -12.92 -48.60
CA ILE H 301 -4.74 -11.48 -48.86
C ILE H 301 -3.44 -10.75 -49.25
N THR H 302 -3.57 -9.71 -50.09
CA THR H 302 -2.46 -8.81 -50.51
C THR H 302 -2.12 -7.94 -49.31
N THR H 303 -0.93 -7.31 -49.28
CA THR H 303 -0.50 -6.55 -48.07
C THR H 303 -1.46 -5.35 -47.94
N VAL H 304 -1.83 -4.70 -49.07
CA VAL H 304 -2.79 -3.54 -49.07
C VAL H 304 -4.12 -4.00 -48.45
N GLU H 305 -4.56 -5.23 -48.70
CA GLU H 305 -5.86 -5.74 -48.16
C GLU H 305 -5.66 -6.01 -46.66
N LYS H 306 -4.51 -6.56 -46.26
CA LYS H 306 -4.25 -6.84 -44.83
C LYS H 306 -4.10 -5.55 -44.00
N GLU H 307 -3.55 -4.49 -44.61
CA GLU H 307 -3.51 -3.12 -44.01
C GLU H 307 -4.95 -2.63 -43.82
N MET H 308 -5.79 -2.75 -44.85
CA MET H 308 -7.24 -2.38 -44.75
C MET H 308 -7.90 -3.19 -43.62
N LEU H 309 -7.67 -4.49 -43.60
CA LEU H 309 -8.35 -5.39 -42.63
C LEU H 309 -7.95 -5.04 -41.20
N GLU H 310 -6.68 -4.61 -41.01
CA GLU H 310 -6.14 -4.21 -39.69
C GLU H 310 -6.93 -3.02 -39.12
N GLU H 311 -6.98 -1.90 -39.85
CA GLU H 311 -7.73 -0.69 -39.43
C GLU H 311 -9.19 -1.08 -39.22
N ALA H 312 -9.74 -1.94 -40.10
CA ALA H 312 -11.17 -2.37 -40.10
C ALA H 312 -11.47 -3.11 -38.80
N VAL H 313 -10.64 -4.07 -38.44
CA VAL H 313 -10.87 -4.90 -37.23
C VAL H 313 -10.74 -4.03 -35.97
N GLY H 314 -10.02 -2.91 -36.07
CA GLY H 314 -9.81 -1.99 -34.95
C GLY H 314 -11.09 -1.25 -34.65
N VAL H 315 -11.79 -0.82 -35.71
CA VAL H 315 -13.09 -0.12 -35.58
C VAL H 315 -14.16 -1.17 -35.23
N VAL H 316 -14.09 -2.37 -35.83
CA VAL H 316 -15.09 -3.43 -35.52
C VAL H 316 -15.03 -3.71 -34.02
N LYS H 317 -13.84 -4.04 -33.52
CA LYS H 317 -13.66 -4.17 -32.06
C LYS H 317 -14.28 -2.90 -31.46
N LYS H 318 -15.16 -3.03 -30.48
CA LYS H 318 -15.73 -1.85 -29.77
C LYS H 318 -16.94 -1.27 -30.52
N ASN H 319 -17.13 -1.53 -31.83
CA ASN H 319 -18.50 -1.47 -32.43
C ASN H 319 -19.30 -2.50 -31.65
N ILE H 320 -18.64 -3.64 -31.38
CA ILE H 320 -19.23 -4.80 -30.66
C ILE H 320 -19.30 -4.48 -29.17
N ALA H 321 -18.28 -3.82 -28.61
CA ALA H 321 -18.30 -3.42 -27.18
C ALA H 321 -19.46 -2.46 -26.93
N LYS H 322 -19.64 -1.42 -27.78
CA LYS H 322 -20.80 -0.47 -27.77
C LYS H 322 -22.15 -1.22 -27.72
N GLY H 323 -22.27 -2.36 -28.42
CA GLY H 323 -23.47 -3.20 -28.37
C GLY H 323 -23.55 -3.97 -27.07
N GLU H 324 -22.48 -4.65 -26.69
CA GLU H 324 -22.43 -5.51 -25.48
C GLU H 324 -22.75 -4.69 -24.23
N THR H 325 -22.32 -3.42 -24.21
CA THR H 325 -22.50 -2.47 -23.07
C THR H 325 -23.99 -2.09 -23.04
N PHE H 326 -24.59 -1.83 -24.20
CA PHE H 326 -26.04 -1.53 -24.30
C PHE H 326 -26.82 -2.71 -23.72
N ALA H 327 -26.47 -3.94 -24.08
CA ALA H 327 -27.24 -5.16 -23.74
C ALA H 327 -27.08 -5.51 -22.25
N ARG H 328 -25.99 -5.10 -21.62
CA ARG H 328 -25.73 -5.41 -20.18
C ARG H 328 -26.47 -4.40 -19.30
N SER H 329 -26.58 -3.17 -19.81
CA SER H 329 -27.34 -2.10 -19.11
C SER H 329 -28.82 -2.42 -19.25
N LYS H 330 -29.31 -2.53 -20.49
CA LYS H 330 -30.71 -2.95 -20.67
C LYS H 330 -30.91 -4.29 -19.99
PA NAD I . -5.26 31.60 21.00
O1A NAD I . -5.96 32.54 21.93
O2A NAD I . -5.45 31.71 19.56
O5B NAD I . -5.60 30.12 21.43
C5B NAD I . -5.49 29.69 22.81
C4B NAD I . -6.62 28.72 23.05
O4B NAD I . -6.62 28.29 24.44
C3B NAD I . -8.02 29.27 22.78
O3B NAD I . -8.71 28.44 21.86
C2B NAD I . -8.69 29.31 24.15
O2B NAD I . -10.10 29.13 24.14
C1B NAD I . -7.97 28.15 24.81
N9A NAD I . -8.07 28.14 26.26
C8A NAD I . -8.02 29.19 27.14
N7A NAD I . -8.20 28.83 28.39
C5A NAD I . -8.41 27.47 28.34
C6A NAD I . -8.74 26.52 29.32
N6A NAD I . -8.86 26.83 30.61
N1A NAD I . -8.93 25.25 28.94
C2A NAD I . -8.85 24.97 27.64
N3A NAD I . -8.57 25.78 26.61
C4A NAD I . -8.37 27.03 27.03
O3 NAD I . -3.67 31.77 21.33
PN NAD I . -2.42 31.16 20.50
O1N NAD I . -2.79 29.87 19.91
O2N NAD I . -1.93 32.24 19.55
O5D NAD I . -1.32 30.99 21.62
C5D NAD I . -1.50 29.94 22.66
C4D NAD I . -0.40 30.06 23.66
O4D NAD I . 0.83 29.71 22.99
C3D NAD I . -0.16 31.43 24.30
O3D NAD I . 0.15 31.33 25.69
C2D NAD I . 1.06 31.91 23.54
O2D NAD I . 1.85 32.91 24.19
C1D NAD I . 1.84 30.60 23.47
N1N NAD I . 2.95 30.66 22.50
C2N NAD I . 4.09 29.91 22.71
C3N NAD I . 5.19 29.99 21.88
C7N NAD I . 6.40 29.14 22.21
O7N NAD I . 6.34 28.26 23.11
N7N NAD I . 7.50 29.29 21.48
C4N NAD I . 5.09 30.84 20.72
C5N NAD I . 3.86 31.43 20.39
C6N NAD I . 2.87 31.49 21.36
C1 GOL J . 33.43 21.87 7.87
O1 GOL J . 33.84 23.01 7.11
C2 GOL J . 33.26 22.21 9.35
O2 GOL J . 33.98 23.37 9.75
C3 GOL J . 33.55 21.07 10.29
O3 GOL J . 32.37 20.29 10.55
C1 GOL K . 27.17 20.28 21.36
O1 GOL K . 26.63 20.03 20.07
C2 GOL K . 27.13 18.98 22.10
O2 GOL K . 28.34 18.82 22.80
C3 GOL K . 25.89 18.78 22.94
O3 GOL K . 26.11 17.89 24.04
PA NAD L . 32.43 -7.32 -9.43
O1A NAD L . 33.59 -8.01 -10.06
O2A NAD L . 31.45 -8.07 -8.64
O5B NAD L . 31.70 -6.43 -10.50
C5B NAD L . 32.47 -5.64 -11.38
C4B NAD L . 31.74 -5.55 -12.68
O4B NAD L . 32.47 -4.71 -13.60
C3B NAD L . 31.57 -6.92 -13.38
O3B NAD L . 30.18 -7.07 -13.62
C2B NAD L . 32.40 -6.77 -14.66
O2B NAD L . 31.83 -7.46 -15.75
C1B NAD L . 32.29 -5.27 -14.89
N9A NAD L . 33.29 -4.76 -15.83
C8A NAD L . 34.60 -5.10 -15.97
N7A NAD L . 35.18 -4.48 -16.97
C5A NAD L . 34.24 -3.66 -17.49
C6A NAD L . 34.24 -2.77 -18.59
N6A NAD L . 35.31 -2.53 -19.33
N1A NAD L . 33.09 -2.09 -18.86
C2A NAD L . 32.03 -2.30 -18.07
N3A NAD L . 31.90 -3.17 -17.07
C4A NAD L . 33.05 -3.81 -16.80
O3 NAD L . 33.13 -6.24 -8.46
PN NAD L . 32.48 -5.35 -7.25
O1N NAD L . 32.52 -6.20 -6.00
O2N NAD L . 31.12 -4.96 -7.71
O5D NAD L . 33.53 -4.17 -7.08
C5D NAD L . 33.62 -3.22 -8.17
C4D NAD L . 34.65 -2.17 -7.85
O4D NAD L . 34.22 -1.40 -6.71
C3D NAD L . 36.03 -2.74 -7.49
O3D NAD L . 37.07 -1.91 -7.96
C2D NAD L . 36.01 -2.67 -5.96
O2D NAD L . 37.32 -2.70 -5.42
C1D NAD L . 35.36 -1.30 -5.80
N1N NAD L . 34.92 -1.02 -4.41
C2N NAD L . 34.81 0.30 -4.07
C3N NAD L . 34.57 0.69 -2.78
C7N NAD L . 34.58 2.17 -2.44
O7N NAD L . 34.30 2.46 -1.29
N7N NAD L . 34.74 3.12 -3.40
C4N NAD L . 34.18 -0.34 -1.84
C5N NAD L . 33.96 -1.66 -2.29
C6N NAD L . 34.51 -2.02 -3.51
C1 GOL M . 35.78 -7.72 -6.85
O1 GOL M . 35.75 -6.71 -5.84
C2 GOL M . 36.83 -7.40 -7.89
O2 GOL M . 36.30 -7.21 -9.20
C3 GOL M . 37.70 -6.22 -7.53
O3 GOL M . 38.29 -5.59 -8.68
PA NAD N . -12.06 33.41 5.45
O1A NAD N . -13.12 34.50 5.42
O2A NAD N . -11.51 32.83 6.67
O5B NAD N . -10.90 33.78 4.46
C5B NAD N . -11.10 34.42 3.20
C4B NAD N . -9.89 35.31 3.05
O4B NAD N . -9.97 35.95 1.76
C3B NAD N . -9.77 36.42 4.09
O3B NAD N . -8.43 36.43 4.59
C2B NAD N . -10.10 37.70 3.30
O2B NAD N . -9.42 38.83 3.77
C1B NAD N . -9.58 37.28 1.92
N9A NAD N . -10.11 38.07 0.82
C8A NAD N . -11.35 38.69 0.70
N7A NAD N . -11.45 39.41 -0.42
C5A NAD N . -10.18 39.32 -1.00
C6A NAD N . -9.63 39.89 -2.16
N6A NAD N . -10.31 40.68 -2.94
N1A NAD N . -8.33 39.64 -2.45
C2A NAD N . -7.69 38.75 -1.64
N3A NAD N . -8.10 38.18 -0.51
C4A NAD N . -9.35 38.50 -0.24
O3 NAD N . -12.75 32.25 4.54
PN NAD N . -12.42 30.64 4.43
O1N NAD N . -13.10 29.91 5.53
O2N NAD N . -10.96 30.50 4.40
O5D NAD N . -13.16 30.26 3.06
C5D NAD N . -12.65 30.83 1.82
C4D NAD N . -13.42 30.35 0.64
O4D NAD N . -13.19 28.93 0.49
C3D NAD N . -14.94 30.53 0.74
O3D NAD N . -15.51 30.86 -0.50
C2D NAD N . -15.37 29.12 1.20
O2D NAD N . -16.76 28.87 0.93
C1D NAD N . -14.46 28.31 0.29
N1N NAD N . -14.45 26.88 0.67
C2N NAD N . -14.36 26.00 -0.31
C3N NAD N . -14.46 24.64 -0.08
C7N NAD N . -14.26 23.70 -1.24
O7N NAD N . -14.38 22.50 -1.01
N7N NAD N . -13.90 24.13 -2.43
C4N NAD N . -14.66 24.18 1.25
C5N NAD N . -14.58 25.08 2.31
C6N NAD N . -14.64 26.43 1.99
C1 GOL O . -18.11 21.61 2.33
O1 GOL O . -17.79 21.56 0.96
C2 GOL O . -17.76 22.91 3.05
O2 GOL O . -18.90 23.83 3.03
C3 GOL O . -17.31 22.67 4.47
O3 GOL O . -18.16 23.21 5.51
C1 GOL P . -17.07 32.41 3.12
O1 GOL P . -17.37 33.27 2.03
C2 GOL P . -16.56 33.16 4.37
O2 GOL P . -15.63 34.17 4.06
C3 GOL P . -16.03 32.32 5.51
O3 GOL P . -16.04 30.93 5.23
C1 GOL Q . -11.59 -7.95 -3.99
O1 GOL Q . -12.29 -8.29 -2.79
C2 GOL Q . -12.30 -6.90 -4.83
O2 GOL Q . -13.71 -6.99 -4.76
C3 GOL Q . -11.83 -6.77 -6.24
O3 GOL Q . -10.93 -5.66 -6.34
PA NAD R . 20.51 -18.57 -4.96
O1A NAD R . 21.04 -19.92 -5.23
O2A NAD R . 21.20 -17.34 -5.45
O5B NAD R . 20.28 -18.42 -3.39
C5B NAD R . 19.69 -19.47 -2.62
C4B NAD R . 20.37 -19.46 -1.28
O4B NAD R . 19.75 -20.51 -0.46
C3B NAD R . 21.90 -19.75 -1.32
O3B NAD R . 22.61 -18.67 -0.68
C2B NAD R . 22.01 -21.11 -0.62
O2B NAD R . 23.25 -21.28 0.09
C1B NAD R . 20.80 -21.06 0.30
N9A NAD R . 20.39 -22.33 0.84
C8A NAD R . 20.21 -23.54 0.20
N7A NAD R . 19.92 -24.51 1.06
C5A NAD R . 19.90 -23.91 2.31
C6A NAD R . 19.67 -24.40 3.61
N6A NAD R . 19.40 -25.68 3.85
N1A NAD R . 19.73 -23.56 4.65
C2A NAD R . 20.03 -22.29 4.40
N3A NAD R . 20.30 -21.71 3.22
C4A NAD R . 20.22 -22.58 2.20
O3 NAD R . 19.05 -18.55 -5.57
PN NAD R . 18.00 -17.32 -5.81
O1N NAD R . 18.12 -16.84 -7.22
O2N NAD R . 18.19 -16.38 -4.65
O5D NAD R . 16.59 -18.00 -5.69
C5D NAD R . 16.18 -18.42 -4.35
C4D NAD R . 14.85 -19.11 -4.44
O4D NAD R . 13.85 -18.12 -4.75
C3D NAD R . 14.68 -20.20 -5.50
O3D NAD R . 13.77 -21.24 -5.11
C2D NAD R . 13.95 -19.44 -6.58
O2D NAD R . 13.29 -20.35 -7.44
C1D NAD R . 12.96 -18.67 -5.73
N1N NAD R . 12.27 -17.61 -6.48
C2N NAD R . 11.00 -17.32 -6.19
C3N NAD R . 10.29 -16.39 -6.87
C7N NAD R . 8.89 -16.06 -6.40
O7N NAD R . 8.41 -16.44 -5.26
N7N NAD R . 8.23 -15.31 -7.23
C4N NAD R . 10.91 -15.78 -8.00
C5N NAD R . 12.29 -15.89 -8.15
C6N NAD R . 12.93 -16.92 -7.46
PA NAD S . -19.55 -8.74 52.91
O1A NAD S . -20.06 -7.36 53.13
O2A NAD S . -18.87 -9.49 53.99
O5B NAD S . -18.55 -8.71 51.64
C5B NAD S . -18.89 -7.86 50.52
C4B NAD S . -17.63 -7.25 49.99
O4B NAD S . -17.88 -6.48 48.76
C3B NAD S . -16.96 -6.29 50.99
O3B NAD S . -15.62 -6.73 51.19
C2B NAD S . -17.11 -4.92 50.30
O2B NAD S . -16.05 -4.05 50.62
C1B NAD S . -17.09 -5.31 48.83
N9A NAD S . -17.60 -4.29 47.91
C8A NAD S . -18.70 -3.49 48.07
N7A NAD S . -18.84 -2.61 47.11
C5A NAD S . -17.78 -2.86 46.26
C6A NAD S . -17.37 -2.25 45.06
N6A NAD S . -18.03 -1.23 44.53
N1A NAD S . -16.24 -2.71 44.46
C2A NAD S . -15.60 -3.73 45.04
N3A NAD S . -15.88 -4.37 46.17
C4A NAD S . -17.00 -3.88 46.75
O3 NAD S . -20.80 -9.55 52.29
PN NAD S . -20.91 -11.14 52.00
O1N NAD S . -21.55 -11.88 53.16
O2N NAD S . -19.60 -11.68 51.64
O5D NAD S . -21.94 -11.17 50.79
C5D NAD S . -21.57 -10.67 49.48
C4D NAD S . -22.71 -10.88 48.51
O4D NAD S . -22.94 -12.31 48.35
C3D NAD S . -24.08 -10.26 48.85
O3D NAD S . -24.89 -9.79 47.75
C2D NAD S . -24.82 -11.46 49.41
O2D NAD S . -26.24 -11.31 49.44
C1D NAD S . -24.33 -12.47 48.36
N1N NAD S . -24.68 -13.85 48.68
C2N NAD S . -25.00 -14.64 47.63
C3N NAD S . -25.35 -15.94 47.79
C7N NAD S . -25.66 -16.75 46.55
O7N NAD S . -25.36 -16.38 45.37
N7N NAD S . -26.23 -17.89 46.82
C4N NAD S . -25.47 -16.44 49.13
C5N NAD S . -24.95 -15.70 50.19
C6N NAD S . -24.81 -14.33 50.01
PA NAD T . 14.84 25.97 -49.52
O1A NAD T . 14.87 24.53 -49.93
O2A NAD T . 15.77 26.92 -50.18
O5B NAD T . 15.09 26.09 -47.94
C5B NAD T . 14.44 25.16 -47.03
C4B NAD T . 15.39 24.90 -45.89
O4B NAD T . 14.76 23.99 -44.93
C3B NAD T . 16.74 24.26 -46.27
O3B NAD T . 17.88 24.99 -45.77
C2B NAD T . 16.63 22.86 -45.64
O2B NAD T . 17.87 22.30 -45.25
C1B NAD T . 15.73 23.11 -44.44
N9A NAD T . 15.09 21.91 -43.87
C8A NAD T . 14.58 20.82 -44.52
N7A NAD T . 14.10 19.90 -43.68
C5A NAD T . 14.35 20.41 -42.42
C6A NAD T . 14.09 19.90 -41.13
N6A NAD T . 13.55 18.71 -40.90
N1A NAD T . 14.43 20.68 -40.06
C2A NAD T . 14.93 21.90 -40.33
N3A NAD T . 15.25 22.46 -41.51
C4A NAD T . 14.94 21.65 -42.52
O3 NAD T . 13.31 26.44 -49.68
PN NAD T . 12.72 27.97 -49.70
O1N NAD T . 12.68 28.49 -51.06
O2N NAD T . 13.51 28.72 -48.68
O5D NAD T . 11.24 27.80 -49.22
C5D NAD T . 11.02 27.24 -47.92
C4D NAD T . 9.54 26.97 -47.77
O4D NAD T . 8.81 28.21 -47.82
C3D NAD T . 8.89 26.06 -48.82
O3D NAD T . 7.83 25.33 -48.21
C2D NAD T . 8.20 27.07 -49.72
O2D NAD T . 7.10 26.47 -50.37
C1D NAD T . 7.69 28.05 -48.67
N1N NAD T . 7.20 29.33 -49.24
C2N NAD T . 6.25 30.02 -48.58
C3N NAD T . 5.69 31.19 -49.05
C7N NAD T . 4.53 31.79 -48.32
O7N NAD T . 4.05 32.80 -48.82
N7N NAD T . 4.08 31.25 -47.17
C4N NAD T . 6.25 31.76 -50.24
C5N NAD T . 7.31 31.13 -50.85
C6N NAD T . 7.70 29.86 -50.44
C1 GOL U . -11.38 58.35 -49.24
O1 GOL U . -11.05 57.18 -48.51
C2 GOL U . -11.03 58.16 -50.69
O2 GOL U . -12.03 57.36 -51.32
C3 GOL U . -10.77 59.46 -51.40
O3 GOL U . -10.93 59.37 -52.81
PA NAD V . 7.66 -58.45 27.74
O1A NAD V . 6.50 -58.96 28.51
O2A NAD V . 8.48 -59.33 26.86
O5B NAD V . 7.06 -57.29 26.85
C5B NAD V . 7.86 -56.70 25.81
C4B NAD V . 6.94 -56.32 24.70
O4B NAD V . 7.69 -55.63 23.62
C3B NAD V . 6.18 -57.51 24.08
O3B NAD V . 4.78 -57.25 24.05
C2B NAD V . 6.80 -57.55 22.67
O2B NAD V . 5.86 -58.02 21.73
C1B NAD V . 7.10 -56.08 22.42
N9A NAD V . 7.99 -55.84 21.29
C8A NAD V . 9.14 -56.51 20.97
N7A NAD V . 9.72 -56.04 19.90
C5A NAD V . 8.84 -55.09 19.44
C6A NAD V . 8.89 -54.28 18.31
N6A NAD V . 9.89 -54.34 17.43
N1A NAD V . 7.86 -53.44 18.09
C2A NAD V . 6.89 -53.38 19.01
N3A NAD V . 6.75 -54.09 20.13
C4A NAD V . 7.78 -54.95 20.28
O3 NAD V . 8.79 -57.76 28.61
PN NAD V . 8.75 -56.82 29.88
O1N NAD V . 7.53 -56.00 29.73
O2N NAD V . 8.86 -57.70 31.11
O5D NAD V . 10.07 -55.90 29.72
C5D NAD V . 10.18 -54.97 28.58
C4D NAD V . 11.50 -54.23 28.68
O4D NAD V . 11.55 -53.52 29.94
C3D NAD V . 12.77 -55.10 28.67
O3D NAD V . 13.91 -54.54 28.03
C2D NAD V . 13.12 -55.13 30.17
O2D NAD V . 14.46 -55.45 30.51
C1D NAD V . 12.85 -53.68 30.52
N1N NAD V . 12.86 -53.40 31.97
C2N NAD V . 13.35 -52.15 32.40
C3N NAD V . 13.45 -51.82 33.75
C7N NAD V . 13.98 -50.43 34.07
O7N NAD V . 14.28 -49.64 33.16
N7N NAD V . 14.13 -50.09 35.33
C4N NAD V . 13.04 -52.81 34.70
C5N NAD V . 12.27 -53.90 34.26
C6N NAD V . 12.40 -54.30 32.93
PA NAD W . -38.53 1.81 -42.50
O1A NAD W . -38.66 2.86 -41.45
O2A NAD W . -39.00 2.06 -43.89
O5B NAD W . -39.26 0.53 -41.98
C5B NAD W . -39.00 0.00 -40.69
C4B NAD W . -40.26 -0.70 -40.28
O4B NAD W . -40.09 -1.26 -38.96
C3B NAD W . -41.52 0.17 -40.23
O3B NAD W . -42.56 -0.46 -41.00
C2B NAD W . -41.84 0.24 -38.73
O2B NAD W . -43.20 0.33 -38.41
C1B NAD W . -41.32 -1.12 -38.29
N9A NAD W . -41.14 -1.25 -36.86
C8A NAD W . -40.57 -0.33 -36.01
N7A NAD W . -40.54 -0.74 -34.77
C5A NAD W . -41.14 -1.99 -34.79
C6A NAD W . -41.41 -2.94 -33.79
N6A NAD W . -41.10 -2.76 -32.52
N1A NAD W . -41.99 -4.10 -34.17
C2A NAD W . -42.29 -4.27 -35.45
N3A NAD W . -42.11 -3.44 -36.48
C4A NAD W . -41.50 -2.31 -36.09
O3 NAD W . -37.03 1.32 -42.49
PN NAD W . -36.09 0.62 -43.58
O1N NAD W . -35.60 1.64 -44.57
O2N NAD W . -36.92 -0.51 -44.07
O5D NAD W . -34.88 0.08 -42.74
C5D NAD W . -35.17 -0.88 -41.72
C4D NAD W . -33.90 -1.20 -41.00
O4D NAD W . -32.96 -1.75 -41.96
C3D NAD W . -33.17 -0.02 -40.33
O3D NAD W . -32.57 -0.41 -39.10
C2D NAD W . -32.09 0.28 -41.38
O2D NAD W . -31.01 1.02 -40.86
C1D NAD W . -31.69 -1.15 -41.75
N1N NAD W . -30.88 -1.27 -43.00
C2N NAD W . -30.04 -2.36 -43.16
C3N NAD W . -29.14 -2.44 -44.21
C7N NAD W . -28.10 -3.56 -44.18
O7N NAD W . -27.18 -3.60 -44.99
N7N NAD W . -28.25 -4.52 -43.25
C4N NAD W . -29.32 -1.53 -45.28
C5N NAD W . -30.33 -0.57 -45.19
C6N NAD W . -30.96 -0.35 -43.98
#